data_7CZT
#
_entry.id   7CZT
#
_cell.length_a   1.00
_cell.length_b   1.00
_cell.length_c   1.00
_cell.angle_alpha   90.00
_cell.angle_beta   90.00
_cell.angle_gamma   90.00
#
_symmetry.space_group_name_H-M   'P 1'
#
loop_
_entity.id
_entity.type
_entity.pdbx_description
1 polymer 'Spike glycoprotein'
2 polymer 'Immunoglobulin heavy variable 3-33,chainH of P5A-2G9,Immunoglobulin gamma-1 heavy chain'
3 polymer 'IG c689_light_IGLV5-37_IGLJ3,IGL@ protein'
4 branched 2-acetamido-2-deoxy-beta-D-glucopyranose-(1-4)-2-acetamido-2-deoxy-beta-D-glucopyranose
5 non-polymer 2-acetamido-2-deoxy-beta-D-glucopyranose
#
loop_
_entity_poly.entity_id
_entity_poly.type
_entity_poly.pdbx_seq_one_letter_code
_entity_poly.pdbx_strand_id
1 'polypeptide(L)'
;MFVFLVLLPLVSSQCVNLTTRTQLPPAYTNSFTRGVYYPDKVFRSSVLHSTQDLFLPFFSNVTWFHAIHVSGTNGTKRFD
NPVLPFNDGVYFASTEKSNIIRGWIFGTTLDSKTQSLLIVNNATNVVIKVCEFQFCNDPFLGVYYHKNNKSWMESEFRVY
SSANNCTFEYVSQPFLMDLEGKQGNFKNLREFVFKNIDGYFKIYSKHTPINLVRDLPQGFSALEPLVDLPIGINITRFQT
LLALHRSYLTPGDSSSGWTAGAAAYYVGYLQPRTFLLKYNENGTITDAVDCALDPLSETKCTLKSFTVEKGIYQTSNFRV
QPTESIVRFPNITNLCPFGEVFNATRFASVYAWNRKRISNCVADYSVLYNSASFSTFKCYGVSPTKLNDLCFTNVYADSF
VIRGDEVRQIAPGQTGKIADYNYKLPDDFTGCVIAWNSNNLDSKVGGNYNYLYRLFRKSNLKPFERDISTEIYQAGSTPC
NGVEGFNCYFPLQSYGFQPTNGVGYQPYRVVVLSFELLHAPATVCGPKKSTNLVKNKCVNFNFNGLTGTGVLTESNKKFL
PFQQFGRDIADTTDAVRDPQTLEILDITPCSFGGVSVITPGTNTSNQVAVLYQDVNCTEVPVAIHADQLTPTWRVYSTGS
NVFQTRAGCLIGAEHVNNSYECDIPIGAGICASYQTQTNSPRRARSVASQSIIAYTMSLGAENSVAYSNNSIAIPTNFTI
SVTTEILPVSMTKTSVDCTMYICGDSTECSNLLLQYGSFCTQLNRALTGIAVEQDKNTQEVFAQVKQIYKTPPIKDFGGF
NFSQILPDPSKPSKRSFIEDLLFNKVTLADAGFIKQYGDCLGDIAARDLICAQKFNGLTVLPPLLTDEMIAQYTSALLAG
TITSGWTFGAGAALQIPFAMQMAYRFNGIGVTQNVLYENQKLIANQFNSAIGKIQDSLSSTASALGKLQDVVNQNAQALN
TLVKQLSSNFGAISSVLNDILSRLDPPEAEVQIDRLITGRLQSLQTYVTQQLIRAAEIRASANLAATKMSECVLGQSKRV
DFCGKGYHLMSFPQSAPHGVVFLHVTYVPAQEKNFTTAPAICHDGKAHFPREGVFVSNGTHWFVTQRNFYEPQIITTDNT
FVSGNCDVVIGIVNNTVYDPLQPELDSFKEELDKYFKNHTSPDVDLGDISGINASVVNIQKEIDRLNEVAKNLNESLIDL
QELGKYEQYIKWPWYIWLGFIAGLIAIVMVTIMLCCMTSCCSCLKGCCSCGSCCKFDEDDSEPVLKGVKLHYTLEDYKDD
DDK
;
A,B,C
2 'polypeptide(L)'
;QVQLVESGGGVVQPGRSLRLSCAASGFTFSSYGMHWVRQAPGKGLEWVAVIWYDGSNKYYADSVKGRFTISRDNSKNTLY
LQMNSLRAEDTAVYYCARWFHTGGYFDYWGQGTLVTVSSASTKGPSVFPLAPSSKSTSGGTAALGCLVKDYFPEPVTVSW
NSGALTSGVHTFPAVLQSSGLYSLSSVVTVPSSSLGTQTYICNVNHKPSNTKVDKKVEPKSCDKTHTCPPCPAPELLGGP
SVFLFPPKPKDTLMISRTPEVTCVVVDVSHEDPEVKFNWYVDGVEVHNAKTKPREEQYNSTYRVVSVLTVLHQDWLNGKE
YKCKVSNKALPAPIEKTISKAKGQPREPQVYTLPPSRDELTKNQVSLTCLVKGFYPSDIAVEWESNGQPENNYKTTPPVL
DSDGSFFLYSKLTVDKSRWQQGNVFSCSVMHEALHNHYTQKSLSLSPGK
;
H,I
3 'polypeptide(L)'
;QPVLTQPPSSSASPGESARLTCTLPSDINVSSYNIYWYQQKPGSPPRYLLYYYSDSDKGQGSGVPSRFSGSKDASANTGI
LLISGLQSEDEADYYCMIWPSNALYVFGTGTKVTVLGQPKAAPSVTLFPPSSEELQANKATLVCLISDFYPGAVTVAWKA
DSSPVKAGVETTTPSKQSNNKYAASSYLSLTPEQWKSHRSYSCQVTHEGSTVEKTVAPTECS
;
L,M
#
# COMPACT_ATOMS: atom_id res chain seq x y z
N ALA A 27 30.44 27.76 -36.09
CA ALA A 27 31.56 27.43 -35.22
C ALA A 27 31.08 26.75 -33.95
N TYR A 28 32.00 26.05 -33.29
CA TYR A 28 31.75 25.44 -32.00
C TYR A 28 32.93 25.77 -31.11
N THR A 29 32.70 25.80 -29.81
CA THR A 29 33.75 26.17 -28.87
C THR A 29 33.60 25.29 -27.63
N ASN A 30 34.57 25.39 -26.74
CA ASN A 30 34.70 24.56 -25.57
C ASN A 30 34.55 25.43 -24.34
N SER A 31 33.49 25.16 -23.56
CA SER A 31 33.39 25.72 -22.21
C SER A 31 34.51 25.12 -21.38
N PHE A 32 34.89 25.73 -20.27
CA PHE A 32 35.84 25.01 -19.46
C PHE A 32 35.20 24.60 -18.13
N THR A 33 34.82 25.59 -17.33
CA THR A 33 34.06 25.35 -16.10
C THR A 33 33.08 26.52 -16.02
N ARG A 34 31.91 26.31 -16.61
CA ARG A 34 30.96 27.39 -16.83
C ARG A 34 29.55 26.85 -16.65
N GLY A 35 28.67 27.69 -16.13
CA GLY A 35 27.28 27.31 -15.99
C GLY A 35 26.98 26.61 -14.69
N VAL A 36 27.56 27.11 -13.60
CA VAL A 36 27.27 26.63 -12.25
C VAL A 36 26.37 27.65 -11.57
N TYR A 37 25.25 27.20 -11.05
CA TYR A 37 24.31 28.06 -10.36
C TYR A 37 24.02 27.49 -8.98
N TYR A 38 23.63 28.37 -8.08
CA TYR A 38 23.21 27.96 -6.74
C TYR A 38 21.90 27.21 -6.84
N PRO A 39 21.85 25.95 -6.49
CA PRO A 39 20.65 25.16 -6.77
C PRO A 39 19.58 25.25 -5.70
N ASP A 40 19.78 26.09 -4.68
CA ASP A 40 18.80 26.27 -3.63
C ASP A 40 19.14 27.53 -2.85
N LYS A 41 18.27 27.87 -1.91
CA LYS A 41 18.40 29.07 -1.11
C LYS A 41 19.24 28.87 0.14
N VAL A 42 19.85 27.69 0.30
CA VAL A 42 20.46 27.34 1.56
C VAL A 42 21.87 27.90 1.64
N PHE A 43 22.16 28.60 2.72
CA PHE A 43 23.50 29.05 3.03
C PHE A 43 24.34 27.88 3.52
N ARG A 44 25.63 27.91 3.22
CA ARG A 44 26.57 26.90 3.68
C ARG A 44 27.91 27.57 3.91
N SER A 45 28.52 27.28 5.06
CA SER A 45 29.85 27.77 5.38
C SER A 45 30.86 26.81 4.78
N SER A 46 32.09 26.82 5.27
CA SER A 46 33.21 26.16 4.58
C SER A 46 32.98 24.65 4.57
N VAL A 47 32.38 24.15 3.49
CA VAL A 47 32.08 22.73 3.33
C VAL A 47 32.21 22.34 1.86
N LEU A 48 32.03 21.05 1.60
CA LEU A 48 31.98 20.49 0.26
C LEU A 48 30.66 19.73 0.15
N HIS A 49 29.74 20.25 -0.63
CA HIS A 49 28.39 19.70 -0.70
C HIS A 49 28.12 19.06 -2.06
N SER A 50 27.44 17.94 -2.05
CA SER A 50 27.20 17.15 -3.26
C SER A 50 25.76 17.27 -3.69
N THR A 51 25.54 17.55 -4.98
CA THR A 51 24.20 17.73 -5.51
C THR A 51 23.98 16.92 -6.78
N GLN A 52 22.72 16.57 -7.02
CA GLN A 52 22.23 16.02 -8.28
C GLN A 52 21.25 17.01 -8.87
N ASP A 53 21.50 17.44 -10.11
CA ASP A 53 20.63 18.45 -10.73
C ASP A 53 20.91 18.49 -12.23
N LEU A 54 20.39 19.52 -12.88
CA LEU A 54 20.62 19.75 -14.31
C LEU A 54 21.72 20.79 -14.46
N PHE A 55 22.85 20.36 -14.99
CA PHE A 55 24.00 21.23 -15.13
C PHE A 55 24.52 21.16 -16.56
N LEU A 56 25.40 22.10 -16.88
CA LEU A 56 26.14 22.07 -18.13
C LEU A 56 27.45 21.35 -17.89
N PRO A 57 27.64 20.16 -18.47
CA PRO A 57 28.85 19.38 -18.18
C PRO A 57 30.13 20.14 -18.47
N PHE A 58 31.19 19.86 -17.73
CA PHE A 58 32.44 20.55 -17.95
C PHE A 58 33.03 20.17 -19.29
N PHE A 59 33.72 21.12 -19.92
CA PHE A 59 34.37 20.90 -21.20
C PHE A 59 33.36 20.38 -22.22
N SER A 60 32.39 21.22 -22.56
CA SER A 60 31.29 20.83 -23.43
C SER A 60 31.45 21.49 -24.79
N ASN A 61 30.54 21.12 -25.68
CA ASN A 61 30.54 21.52 -27.08
C ASN A 61 29.45 22.56 -27.28
N VAL A 62 29.80 23.83 -27.16
CA VAL A 62 28.81 24.91 -27.17
C VAL A 62 28.84 25.56 -28.55
N THR A 63 27.66 25.69 -29.16
CA THR A 63 27.54 26.35 -30.45
C THR A 63 28.06 27.78 -30.37
N TRP A 64 28.46 28.30 -31.52
CA TRP A 64 28.90 29.68 -31.61
C TRP A 64 28.04 30.37 -32.65
N PHE A 65 27.60 31.59 -32.33
CA PHE A 65 26.82 32.38 -33.26
C PHE A 65 27.44 33.77 -33.37
N HIS A 66 27.41 34.31 -34.57
CA HIS A 66 27.90 35.65 -34.85
C HIS A 66 26.73 36.50 -35.34
N ALA A 67 26.96 37.81 -35.32
CA ALA A 67 26.02 38.78 -35.86
C ALA A 67 26.77 40.07 -36.14
N ASN A 81 18.66 35.83 -35.37
CA ASN A 81 19.35 34.56 -35.51
C ASN A 81 18.33 33.43 -35.22
N PRO A 82 18.66 32.17 -35.52
CA PRO A 82 17.63 31.17 -35.79
C PRO A 82 16.89 30.63 -34.57
N VAL A 83 15.84 29.86 -34.87
CA VAL A 83 15.04 29.15 -33.89
C VAL A 83 15.83 27.95 -33.40
N LEU A 84 16.05 27.88 -32.10
CA LEU A 84 16.80 26.79 -31.48
C LEU A 84 15.86 25.86 -30.73
N PRO A 85 16.33 24.73 -30.22
CA PRO A 85 15.49 23.96 -29.29
C PRO A 85 15.71 24.36 -27.84
N PHE A 86 14.91 23.79 -26.93
CA PHE A 86 15.10 23.99 -25.50
C PHE A 86 15.44 22.69 -24.77
N ASN A 87 14.51 21.75 -24.80
CA ASN A 87 14.55 20.31 -24.50
C ASN A 87 14.94 19.99 -23.06
N ASP A 88 15.79 20.81 -22.43
CA ASP A 88 16.02 20.77 -21.00
C ASP A 88 16.93 21.94 -20.64
N GLY A 89 16.36 23.07 -20.24
CA GLY A 89 17.21 24.18 -19.84
C GLY A 89 18.21 24.66 -20.87
N VAL A 90 18.89 25.78 -20.59
CA VAL A 90 19.79 26.39 -21.55
C VAL A 90 20.80 27.25 -20.78
N TYR A 91 22.07 27.10 -21.13
CA TYR A 91 23.09 28.08 -20.80
C TYR A 91 23.21 29.06 -21.96
N PHE A 92 23.54 30.30 -21.64
CA PHE A 92 23.54 31.32 -22.67
C PHE A 92 24.45 32.46 -22.25
N ALA A 93 25.62 32.60 -22.85
CA ALA A 93 26.49 33.72 -22.58
C ALA A 93 26.47 34.68 -23.75
N SER A 94 27.09 35.85 -23.56
CA SER A 94 27.08 36.90 -24.58
C SER A 94 28.12 37.94 -24.19
N THR A 95 28.68 38.61 -25.20
CA THR A 95 29.78 39.54 -24.98
C THR A 95 29.63 40.79 -25.85
N GLU A 96 29.72 41.96 -25.22
CA GLU A 96 29.77 43.25 -25.91
C GLU A 96 29.92 44.42 -24.95
N LYS A 97 30.11 45.63 -25.49
CA LYS A 97 29.98 46.86 -24.71
C LYS A 97 28.69 47.61 -25.02
N SER A 98 28.32 47.73 -26.29
CA SER A 98 26.97 48.11 -26.68
C SER A 98 26.00 47.00 -26.28
N ASN A 99 24.73 47.14 -26.61
CA ASN A 99 23.75 46.13 -26.21
C ASN A 99 22.99 45.67 -27.44
N ILE A 100 23.51 44.62 -28.08
CA ILE A 100 22.92 44.06 -29.28
C ILE A 100 21.94 42.96 -28.88
N ILE A 101 22.27 42.23 -27.82
CA ILE A 101 21.40 41.19 -27.31
C ILE A 101 20.34 41.85 -26.45
N ARG A 102 19.09 41.77 -26.89
CA ARG A 102 17.99 42.49 -26.29
C ARG A 102 16.89 41.49 -25.93
N GLY A 103 17.27 40.41 -25.29
CA GLY A 103 16.31 39.47 -24.78
C GLY A 103 16.01 38.33 -25.73
N TRP A 104 15.20 37.43 -25.26
CA TRP A 104 14.91 36.16 -25.90
C TRP A 104 13.41 36.06 -26.08
N ILE A 105 12.97 35.06 -26.81
CA ILE A 105 11.55 34.73 -26.89
C ILE A 105 11.44 33.23 -26.82
N PHE A 106 10.42 32.73 -26.14
CA PHE A 106 10.35 31.32 -25.82
C PHE A 106 9.04 30.74 -26.33
N GLY A 107 8.88 29.43 -26.15
CA GLY A 107 7.59 28.82 -26.37
C GLY A 107 7.65 27.50 -27.13
N THR A 108 6.51 27.08 -27.68
CA THR A 108 6.48 25.87 -28.48
C THR A 108 6.35 26.21 -29.97
N THR A 109 5.46 27.14 -30.31
CA THR A 109 5.22 27.49 -31.71
C THR A 109 5.64 28.90 -32.08
N LEU A 110 5.87 29.77 -31.10
CA LEU A 110 6.30 31.15 -31.35
C LEU A 110 5.31 31.89 -32.24
N ASP A 111 4.02 31.64 -32.00
CA ASP A 111 2.97 32.29 -32.76
C ASP A 111 1.68 32.23 -31.94
N SER A 112 0.57 32.52 -32.62
CA SER A 112 -0.73 32.33 -32.02
C SER A 112 -1.11 30.85 -32.02
N LYS A 113 -2.32 30.57 -31.53
CA LYS A 113 -2.86 29.22 -31.37
C LYS A 113 -2.23 28.49 -30.18
N THR A 114 -1.16 29.05 -29.61
CA THR A 114 -0.62 28.56 -28.35
C THR A 114 0.19 29.68 -27.70
N GLN A 115 0.31 29.62 -26.38
CA GLN A 115 0.88 30.71 -25.59
C GLN A 115 2.40 30.63 -25.55
N SER A 116 3.03 31.79 -25.33
CA SER A 116 4.48 31.89 -25.30
C SER A 116 4.89 33.05 -24.40
N LEU A 117 6.16 33.06 -24.00
CA LEU A 117 6.75 34.12 -23.20
C LEU A 117 7.49 35.09 -24.12
N LEU A 118 7.72 36.30 -23.65
CA LEU A 118 8.47 37.30 -24.38
C LEU A 118 9.21 38.19 -23.39
N ILE A 119 10.53 38.23 -23.50
CA ILE A 119 11.37 39.01 -22.59
C ILE A 119 12.19 39.98 -23.41
N VAL A 120 11.95 41.27 -23.17
CA VAL A 120 12.47 42.30 -24.04
C VAL A 120 13.17 43.36 -23.21
N ASN A 121 14.02 44.16 -23.83
CA ASN A 121 14.65 45.30 -23.19
C ASN A 121 14.93 46.38 -24.23
N ASN A 122 14.11 47.43 -24.28
CA ASN A 122 14.48 48.59 -25.08
C ASN A 122 15.50 49.39 -24.28
N ALA A 123 15.84 50.60 -24.73
CA ALA A 123 16.85 51.38 -23.99
C ALA A 123 16.32 51.84 -22.64
N THR A 124 15.09 51.43 -22.29
CA THR A 124 14.50 51.84 -21.02
C THR A 124 14.76 50.85 -19.91
N ASN A 125 14.20 49.65 -20.04
CA ASN A 125 14.32 48.57 -19.07
C ASN A 125 13.51 47.36 -19.52
N VAL A 126 13.68 46.27 -18.77
CA VAL A 126 13.15 44.96 -19.08
C VAL A 126 11.63 44.98 -19.19
N VAL A 127 11.07 44.17 -20.09
CA VAL A 127 9.63 44.02 -20.23
C VAL A 127 9.28 42.54 -20.37
N ILE A 128 8.99 41.87 -19.27
CA ILE A 128 8.50 40.50 -19.39
C ILE A 128 7.04 40.58 -19.81
N LYS A 129 6.58 39.55 -20.53
CA LYS A 129 5.22 39.57 -21.05
C LYS A 129 4.83 38.16 -21.43
N VAL A 130 3.58 37.81 -21.17
CA VAL A 130 3.06 36.51 -21.60
C VAL A 130 1.68 36.67 -22.21
N CYS A 131 1.62 36.68 -23.54
CA CYS A 131 0.37 36.65 -24.28
C CYS A 131 0.41 35.51 -25.30
N GLU A 132 -0.58 35.51 -26.18
CA GLU A 132 -0.47 34.82 -27.45
C GLU A 132 -0.07 35.85 -28.50
N PHE A 133 1.00 35.57 -29.22
CA PHE A 133 1.58 36.57 -30.11
C PHE A 133 1.44 36.14 -31.56
N GLN A 134 1.89 37.01 -32.44
CA GLN A 134 2.21 36.66 -33.81
C GLN A 134 3.61 37.19 -34.06
N PHE A 135 4.58 36.29 -34.08
CA PHE A 135 5.98 36.66 -34.14
C PHE A 135 6.46 36.68 -35.58
N CYS A 136 7.18 37.74 -35.92
CA CYS A 136 7.92 37.74 -37.17
C CYS A 136 8.84 36.53 -37.21
N ASN A 137 8.90 35.87 -38.37
CA ASN A 137 9.84 34.76 -38.48
C ASN A 137 11.28 35.22 -38.36
N ASP A 138 11.56 36.50 -38.63
CA ASP A 138 12.85 37.11 -38.33
C ASP A 138 12.59 38.37 -37.52
N PRO A 139 12.33 38.23 -36.22
CA PRO A 139 11.93 39.38 -35.41
C PRO A 139 13.14 40.06 -34.78
N PHE A 140 13.08 41.38 -34.70
CA PHE A 140 14.21 42.15 -34.18
C PHE A 140 13.71 43.54 -33.80
N LEU A 141 14.64 44.40 -33.43
CA LEU A 141 14.35 45.80 -33.16
C LEU A 141 15.47 46.66 -33.73
N GLY A 142 15.10 47.85 -34.19
CA GLY A 142 16.01 48.72 -34.89
C GLY A 142 16.87 49.56 -33.98
N VAL A 143 17.39 50.66 -34.53
CA VAL A 143 18.16 51.64 -33.80
C VAL A 143 18.32 52.86 -34.70
N MET A 153 16.01 59.28 -34.38
CA MET A 153 15.23 58.15 -34.87
C MET A 153 15.09 57.10 -33.78
N GLU A 154 15.97 56.09 -33.81
CA GLU A 154 16.03 55.05 -32.79
C GLU A 154 14.68 54.39 -32.60
N SER A 155 14.02 54.07 -33.70
CA SER A 155 12.71 53.43 -33.72
C SER A 155 12.84 51.99 -34.18
N GLU A 156 12.01 51.13 -33.58
CA GLU A 156 12.38 49.73 -33.45
C GLU A 156 11.16 48.82 -33.37
N PHE A 157 11.38 47.61 -32.83
CA PHE A 157 10.32 46.67 -32.48
C PHE A 157 9.50 46.21 -33.66
N ARG A 158 10.15 45.54 -34.61
CA ARG A 158 9.41 44.78 -35.61
C ARG A 158 9.27 43.35 -35.12
N VAL A 159 9.20 43.17 -33.81
CA VAL A 159 9.29 41.83 -33.22
C VAL A 159 8.02 41.03 -33.52
N TYR A 160 6.88 41.47 -32.99
CA TYR A 160 5.64 40.75 -33.24
C TYR A 160 4.63 41.62 -33.97
N SER A 161 3.41 41.12 -34.14
CA SER A 161 2.31 41.92 -34.66
C SER A 161 0.99 41.59 -33.96
N SER A 162 1.06 41.00 -32.76
CA SER A 162 -0.13 40.56 -32.04
C SER A 162 0.23 40.42 -30.57
N ALA A 163 -0.73 40.77 -29.71
CA ALA A 163 -0.55 40.72 -28.27
C ALA A 163 -1.82 40.26 -27.55
N ASN A 164 -2.43 39.18 -28.02
CA ASN A 164 -3.77 38.81 -27.59
C ASN A 164 -3.72 38.00 -26.29
N ASN A 165 -4.81 38.10 -25.51
CA ASN A 165 -5.06 37.20 -24.40
C ASN A 165 -4.01 37.20 -23.30
N CYS A 166 -3.34 38.32 -23.08
CA CYS A 166 -2.21 38.40 -22.16
C CYS A 166 -2.58 37.91 -20.76
N THR A 167 -1.78 36.98 -20.24
CA THR A 167 -2.03 36.29 -18.98
C THR A 167 -0.99 36.67 -17.93
N PHE A 168 -0.06 37.54 -18.30
CA PHE A 168 0.98 38.01 -17.40
C PHE A 168 1.65 39.20 -18.04
N GLU A 169 1.83 40.28 -17.30
CA GLU A 169 2.57 41.41 -17.80
C GLU A 169 3.63 41.78 -16.78
N TYR A 170 4.54 42.66 -17.18
CA TYR A 170 5.49 43.31 -16.30
C TYR A 170 6.18 44.39 -17.10
N VAL A 171 6.40 45.55 -16.51
CA VAL A 171 7.25 46.57 -17.11
C VAL A 171 8.04 47.21 -15.98
N SER A 172 8.81 48.24 -16.29
CA SER A 172 9.49 49.03 -15.26
C SER A 172 9.85 50.41 -15.78
N LYS A 187 35.16 43.78 -22.56
CA LYS A 187 33.85 44.42 -22.49
C LYS A 187 33.00 43.85 -21.36
N ASN A 188 31.98 43.10 -21.73
CA ASN A 188 31.05 42.53 -20.75
C ASN A 188 30.81 41.08 -21.12
N LEU A 189 30.60 40.26 -20.09
CA LEU A 189 30.14 38.89 -20.25
C LEU A 189 28.91 38.70 -19.40
N ARG A 190 27.82 38.24 -20.00
CA ARG A 190 26.52 38.15 -19.34
C ARG A 190 25.97 36.76 -19.55
N GLU A 191 26.08 35.93 -18.52
CA GLU A 191 25.61 34.56 -18.57
C GLU A 191 24.21 34.41 -18.00
N PHE A 192 23.48 33.43 -18.53
CA PHE A 192 22.12 33.16 -18.10
C PHE A 192 21.87 31.66 -18.16
N VAL A 193 21.11 31.17 -17.19
CA VAL A 193 20.65 29.78 -17.20
C VAL A 193 19.14 29.82 -17.11
N PHE A 194 18.47 29.23 -18.09
CA PHE A 194 17.02 29.21 -18.16
C PHE A 194 16.54 27.78 -17.94
N LYS A 195 15.59 27.60 -17.04
CA LYS A 195 14.99 26.29 -16.86
C LYS A 195 13.51 26.44 -16.55
N ASN A 196 12.77 25.34 -16.66
CA ASN A 196 11.31 25.38 -16.65
C ASN A 196 10.78 24.10 -16.01
N ILE A 197 10.43 24.16 -14.73
CA ILE A 197 10.00 22.99 -13.98
C ILE A 197 8.72 23.31 -13.22
N ASP A 198 7.76 22.39 -13.32
CA ASP A 198 6.48 22.47 -12.60
C ASP A 198 5.83 23.83 -12.74
N GLY A 199 5.67 24.30 -13.98
CA GLY A 199 4.99 25.55 -14.24
C GLY A 199 5.73 26.78 -13.75
N TYR A 200 6.96 26.62 -13.29
CA TYR A 200 7.78 27.75 -12.90
C TYR A 200 8.91 27.87 -13.91
N PHE A 201 9.19 29.10 -14.32
CA PHE A 201 10.25 29.37 -15.28
C PHE A 201 11.35 30.12 -14.54
N LYS A 202 12.41 29.40 -14.19
CA LYS A 202 13.48 29.96 -13.37
C LYS A 202 14.58 30.50 -14.26
N ILE A 203 15.20 31.58 -13.80
CA ILE A 203 16.23 32.29 -14.53
C ILE A 203 17.34 32.63 -13.56
N TYR A 204 18.53 32.10 -13.81
CA TYR A 204 19.72 32.47 -13.07
C TYR A 204 20.58 33.31 -13.99
N SER A 205 21.44 34.13 -13.42
CA SER A 205 22.20 35.05 -14.23
C SER A 205 23.45 35.48 -13.49
N LYS A 206 24.39 36.05 -14.25
CA LYS A 206 25.61 36.62 -13.69
C LYS A 206 26.20 37.55 -14.72
N HIS A 207 26.80 38.64 -14.24
CA HIS A 207 27.43 39.64 -15.11
C HIS A 207 28.88 39.79 -14.66
N THR A 208 29.77 39.20 -15.41
CA THR A 208 31.19 39.35 -15.16
C THR A 208 31.80 40.30 -16.19
N PRO A 209 32.79 41.08 -15.80
CA PRO A 209 33.50 41.90 -16.80
C PRO A 209 34.66 41.15 -17.44
N ILE A 210 34.65 41.01 -18.76
CA ILE A 210 35.81 40.44 -19.45
C ILE A 210 36.85 41.53 -19.64
N ASN A 211 38.07 41.13 -19.99
CA ASN A 211 39.05 42.12 -20.44
C ASN A 211 39.36 41.86 -21.91
N LEU A 212 38.46 41.14 -22.57
CA LEU A 212 38.41 40.98 -24.01
C LEU A 212 37.15 41.69 -24.50
N VAL A 213 36.85 41.55 -25.79
CA VAL A 213 35.60 42.13 -26.29
C VAL A 213 34.55 41.05 -26.53
N ARG A 214 34.84 40.04 -27.37
CA ARG A 214 33.81 39.07 -27.74
C ARG A 214 34.28 37.62 -27.92
N ASP A 215 35.09 37.07 -27.02
CA ASP A 215 35.45 35.65 -27.05
C ASP A 215 35.18 35.03 -25.69
N LEU A 216 34.83 33.75 -25.68
CA LEU A 216 34.47 33.04 -24.45
C LEU A 216 35.72 32.81 -23.59
N PRO A 217 35.79 33.38 -22.40
CA PRO A 217 37.01 33.22 -21.58
C PRO A 217 37.02 31.93 -20.78
N GLN A 218 37.97 31.84 -19.86
CA GLN A 218 38.09 30.70 -18.96
C GLN A 218 38.01 31.19 -17.52
N GLY A 219 37.48 30.32 -16.66
CA GLY A 219 37.40 30.67 -15.25
C GLY A 219 36.19 30.08 -14.56
N PHE A 220 36.00 30.42 -13.29
CA PHE A 220 34.86 29.92 -12.52
C PHE A 220 34.07 31.09 -11.96
N SER A 221 32.74 31.04 -12.14
CA SER A 221 31.85 32.08 -11.66
C SER A 221 30.44 31.54 -11.53
N ALA A 222 29.93 31.40 -10.30
CA ALA A 222 28.63 30.79 -10.07
C ALA A 222 27.50 31.79 -10.29
N LEU A 223 26.38 31.29 -10.81
CA LEU A 223 25.27 32.12 -11.24
C LEU A 223 24.18 32.13 -10.19
N GLU A 224 23.69 33.37 -9.80
CA GLU A 224 22.74 33.61 -8.71
C GLU A 224 21.32 33.77 -9.24
N PRO A 225 20.34 33.17 -8.56
CA PRO A 225 18.96 33.18 -9.08
C PRO A 225 18.39 34.60 -9.15
N LEU A 226 17.61 34.84 -10.20
CA LEU A 226 17.10 36.19 -10.50
C LEU A 226 15.60 36.26 -10.33
N VAL A 227 14.88 35.38 -11.03
CA VAL A 227 13.45 35.50 -11.23
C VAL A 227 12.83 34.15 -10.95
N ASP A 228 11.49 34.15 -10.92
CA ASP A 228 10.65 32.98 -10.74
C ASP A 228 9.27 33.36 -11.31
N LEU A 229 8.77 32.62 -12.30
CA LEU A 229 7.48 33.00 -12.87
C LEU A 229 6.54 31.81 -12.86
N PRO A 230 5.46 31.87 -12.10
CA PRO A 230 4.47 30.76 -12.10
C PRO A 230 3.52 30.85 -13.30
N ILE A 231 4.02 30.44 -14.46
CA ILE A 231 3.28 30.61 -15.70
C ILE A 231 2.42 29.39 -15.98
N GLY A 232 3.07 28.25 -16.22
CA GLY A 232 2.36 27.05 -16.63
C GLY A 232 2.62 26.70 -18.08
N ILE A 233 3.16 27.68 -18.80
CA ILE A 233 3.53 27.62 -20.21
C ILE A 233 4.34 26.36 -20.54
N ASN A 234 4.08 25.77 -21.71
CA ASN A 234 4.91 24.74 -22.30
C ASN A 234 5.99 25.40 -23.16
N ILE A 235 7.19 24.83 -23.17
CA ILE A 235 8.28 25.38 -23.97
C ILE A 235 8.97 24.26 -24.72
N THR A 236 9.26 24.50 -26.00
CA THR A 236 10.02 23.57 -26.82
C THR A 236 11.02 24.31 -27.71
N ARG A 237 10.91 25.63 -27.81
CA ARG A 237 11.77 26.37 -28.73
C ARG A 237 12.04 27.75 -28.16
N PHE A 238 13.07 28.40 -28.67
CA PHE A 238 13.40 29.76 -28.24
C PHE A 238 14.24 30.43 -29.32
N GLN A 239 14.42 31.75 -29.17
CA GLN A 239 15.12 32.55 -30.16
C GLN A 239 15.96 33.61 -29.45
N THR A 240 16.39 34.61 -30.21
CA THR A 240 17.11 35.76 -29.67
C THR A 240 16.64 37.01 -30.39
N LEU A 241 17.01 38.17 -29.83
CA LEU A 241 16.59 39.47 -30.35
C LEU A 241 17.80 40.39 -30.43
N LEU A 242 17.94 41.10 -31.54
CA LEU A 242 19.12 41.92 -31.77
C LEU A 242 18.73 43.29 -32.28
N ALA A 243 19.57 44.28 -31.98
CA ALA A 243 19.36 45.67 -32.39
C ALA A 243 20.16 45.92 -33.68
N LEU A 244 19.43 46.17 -34.76
CA LEU A 244 20.02 46.28 -36.09
C LEU A 244 21.00 47.43 -36.24
N HIS A 245 21.58 47.52 -37.42
CA HIS A 245 22.41 48.62 -37.86
C HIS A 245 21.61 49.53 -38.81
N ARG A 246 21.40 50.78 -38.40
CA ARG A 246 20.70 51.69 -39.30
C ARG A 246 21.35 53.07 -39.37
N SER A 247 22.13 53.43 -38.36
CA SER A 247 22.77 54.74 -38.35
C SER A 247 24.28 54.63 -38.19
N ALA A 264 27.98 38.00 -30.98
CA ALA A 264 28.66 36.82 -30.49
C ALA A 264 27.93 36.25 -29.29
N TYR A 265 27.43 35.02 -29.43
CA TYR A 265 26.75 34.36 -28.33
C TYR A 265 26.73 32.85 -28.52
N TYR A 266 26.58 32.14 -27.41
CA TYR A 266 26.74 30.71 -27.31
C TYR A 266 25.46 30.09 -26.76
N VAL A 267 25.28 28.80 -26.99
CA VAL A 267 24.12 28.08 -26.47
C VAL A 267 24.53 26.69 -26.02
N GLY A 268 24.56 26.45 -24.71
CA GLY A 268 24.74 25.11 -24.18
C GLY A 268 23.40 24.52 -23.77
N TYR A 269 23.44 23.23 -23.42
CA TYR A 269 22.26 22.55 -22.94
C TYR A 269 22.60 21.86 -21.63
N LEU A 270 21.57 21.56 -20.85
CA LEU A 270 21.75 21.06 -19.50
C LEU A 270 21.28 19.61 -19.43
N GLN A 271 22.00 18.80 -18.67
CA GLN A 271 21.69 17.40 -18.48
C GLN A 271 21.73 17.09 -17.00
N PRO A 272 21.13 15.99 -16.59
CA PRO A 272 21.19 15.60 -15.18
C PRO A 272 22.56 15.05 -14.80
N ARG A 273 23.33 15.83 -14.06
CA ARG A 273 24.63 15.47 -13.57
C ARG A 273 24.66 15.50 -12.05
N THR A 274 25.80 15.11 -11.50
CA THR A 274 26.10 15.14 -10.07
C THR A 274 27.39 15.91 -9.88
N PHE A 275 27.35 16.96 -9.07
CA PHE A 275 28.51 17.81 -8.87
C PHE A 275 28.88 17.87 -7.40
N LEU A 276 30.10 18.34 -7.16
CA LEU A 276 30.63 18.56 -5.82
C LEU A 276 31.04 20.02 -5.73
N LEU A 277 30.28 20.81 -4.98
CA LEU A 277 30.51 22.25 -4.88
C LEU A 277 31.27 22.58 -3.62
N LYS A 278 32.27 23.43 -3.75
CA LYS A 278 33.06 23.90 -2.61
C LYS A 278 32.53 25.26 -2.18
N TYR A 279 32.13 25.36 -0.92
CA TYR A 279 31.55 26.59 -0.41
C TYR A 279 32.58 27.35 0.41
N ASN A 280 32.65 28.65 0.18
CA ASN A 280 33.49 29.55 0.93
C ASN A 280 32.95 29.72 2.35
N GLU A 281 33.65 30.49 3.16
CA GLU A 281 33.17 30.83 4.49
C GLU A 281 32.12 31.94 4.48
N ASN A 282 32.07 32.77 3.46
CA ASN A 282 30.94 33.67 3.28
C ASN A 282 29.74 32.98 2.66
N GLY A 283 29.92 31.79 2.11
CA GLY A 283 28.81 31.04 1.56
C GLY A 283 28.71 31.07 0.06
N THR A 284 29.77 31.46 -0.63
CA THR A 284 29.76 31.46 -2.08
C THR A 284 30.48 30.24 -2.62
N ILE A 285 30.04 29.79 -3.79
CA ILE A 285 30.64 28.65 -4.47
C ILE A 285 31.89 29.13 -5.19
N THR A 286 33.04 28.61 -4.80
CA THR A 286 34.30 29.06 -5.36
C THR A 286 34.89 28.05 -6.36
N ASP A 287 34.60 26.77 -6.16
CA ASP A 287 35.09 25.72 -7.05
C ASP A 287 34.07 24.61 -7.13
N ALA A 288 34.26 23.73 -8.12
CA ALA A 288 33.35 22.60 -8.29
C ALA A 288 34.09 21.44 -8.93
N VAL A 289 33.48 20.27 -8.87
CA VAL A 289 33.99 19.06 -9.50
C VAL A 289 32.82 18.38 -10.21
N ASP A 290 33.00 18.11 -11.49
CA ASP A 290 32.06 17.32 -12.27
C ASP A 290 32.48 15.87 -12.12
N CYS A 291 31.58 15.03 -11.60
CA CYS A 291 31.97 13.72 -11.08
C CYS A 291 31.81 12.63 -12.13
N ALA A 292 31.73 13.04 -13.38
CA ALA A 292 31.54 12.07 -14.45
C ALA A 292 32.45 12.40 -15.60
N LEU A 293 33.38 13.33 -15.39
CA LEU A 293 34.36 13.65 -16.40
C LEU A 293 35.35 12.50 -16.60
N ASP A 294 36.12 12.19 -15.58
CA ASP A 294 37.22 11.24 -15.71
C ASP A 294 37.38 10.43 -14.43
N PRO A 295 38.26 9.42 -14.38
CA PRO A 295 38.40 8.65 -13.15
C PRO A 295 38.85 9.46 -11.94
N LEU A 296 39.73 10.43 -12.12
CA LEU A 296 40.14 11.27 -10.99
C LEU A 296 38.96 12.00 -10.37
N SER A 297 38.04 12.51 -11.17
CA SER A 297 36.90 13.25 -10.64
C SER A 297 35.92 12.33 -9.93
N GLU A 298 35.70 11.14 -10.47
CA GLU A 298 34.88 10.15 -9.78
C GLU A 298 35.50 9.72 -8.45
N THR A 299 36.82 9.66 -8.36
CA THR A 299 37.46 9.39 -7.09
C THR A 299 37.26 10.54 -6.10
N LYS A 300 37.47 11.78 -6.57
CA LYS A 300 37.26 12.93 -5.70
C LYS A 300 35.83 12.97 -5.18
N CYS A 301 34.88 12.57 -6.01
CA CYS A 301 33.48 12.55 -5.58
C CYS A 301 33.23 11.43 -4.59
N THR A 302 33.82 10.26 -4.81
CA THR A 302 33.68 9.14 -3.88
C THR A 302 34.25 9.45 -2.51
N LEU A 303 35.38 10.16 -2.45
CA LEU A 303 35.99 10.53 -1.18
C LEU A 303 35.42 11.79 -0.57
N LYS A 304 34.70 12.62 -1.35
CA LYS A 304 34.21 13.93 -0.93
C LYS A 304 35.36 14.84 -0.52
N SER A 305 36.28 15.04 -1.46
CA SER A 305 37.43 15.88 -1.20
C SER A 305 37.97 16.41 -2.51
N PHE A 306 38.88 17.38 -2.40
CA PHE A 306 39.54 17.94 -3.56
C PHE A 306 41.00 17.51 -3.66
N THR A 307 41.53 16.85 -2.64
CA THR A 307 42.87 16.27 -2.69
C THR A 307 42.79 14.81 -2.28
N VAL A 308 43.14 13.92 -3.19
CA VAL A 308 43.25 12.50 -2.92
C VAL A 308 44.73 12.16 -2.72
N GLU A 309 45.02 11.45 -1.64
CA GLU A 309 46.35 10.95 -1.37
C GLU A 309 46.55 9.60 -2.04
N LYS A 310 47.81 9.22 -2.22
CA LYS A 310 48.10 8.02 -2.97
C LYS A 310 47.44 6.81 -2.33
N GLY A 311 47.02 5.89 -3.19
CA GLY A 311 46.30 4.74 -2.73
C GLY A 311 45.66 4.05 -3.90
N ILE A 312 44.64 3.26 -3.60
CA ILE A 312 43.79 2.67 -4.62
C ILE A 312 42.39 2.65 -4.07
N TYR A 313 41.44 3.13 -4.86
CA TYR A 313 40.10 3.42 -4.40
C TYR A 313 39.09 2.74 -5.28
N GLN A 314 38.10 2.10 -4.66
CA GLN A 314 36.99 1.53 -5.39
C GLN A 314 35.99 2.65 -5.68
N THR A 315 35.64 2.79 -6.94
CA THR A 315 34.99 4.03 -7.36
C THR A 315 33.60 3.75 -7.90
N SER A 316 33.40 2.59 -8.50
CA SER A 316 32.12 2.24 -9.10
C SER A 316 32.18 0.76 -9.50
N ASN A 317 31.11 0.30 -10.14
CA ASN A 317 31.09 -1.02 -10.74
C ASN A 317 31.02 -0.88 -12.25
N PHE A 318 31.20 -1.99 -12.93
CA PHE A 318 31.17 -2.06 -14.37
C PHE A 318 30.43 -3.33 -14.75
N ARG A 319 29.68 -3.26 -15.84
CA ARG A 319 28.91 -4.41 -16.28
C ARG A 319 28.62 -4.28 -17.77
N VAL A 320 28.77 -5.39 -18.47
CA VAL A 320 28.46 -5.45 -19.89
C VAL A 320 26.95 -5.52 -20.07
N GLN A 321 26.45 -4.89 -21.12
CA GLN A 321 25.02 -4.79 -21.30
C GLN A 321 24.53 -5.78 -22.36
N PRO A 322 23.32 -6.31 -22.19
CA PRO A 322 22.79 -7.28 -23.15
C PRO A 322 22.20 -6.60 -24.38
N THR A 323 22.36 -7.25 -25.52
CA THR A 323 21.75 -6.81 -26.78
C THR A 323 20.94 -7.97 -27.37
N GLU A 324 20.46 -7.79 -28.60
CA GLU A 324 20.08 -8.92 -29.44
C GLU A 324 19.09 -9.90 -28.80
N SER A 325 18.12 -9.41 -28.05
CA SER A 325 17.19 -10.25 -27.29
C SER A 325 16.57 -11.33 -28.18
N ILE A 326 16.62 -12.58 -27.70
CA ILE A 326 16.11 -13.72 -28.46
C ILE A 326 14.95 -14.37 -27.73
N VAL A 327 14.21 -15.19 -28.47
CA VAL A 327 13.05 -15.91 -27.99
C VAL A 327 12.99 -17.25 -28.72
N ARG A 328 12.72 -18.33 -27.99
CA ARG A 328 12.78 -19.66 -28.56
C ARG A 328 11.63 -20.52 -28.06
N PHE A 329 11.00 -21.24 -28.98
CA PHE A 329 9.83 -22.05 -28.71
C PHE A 329 9.86 -23.30 -29.58
N PRO A 330 9.06 -24.32 -29.29
CA PRO A 330 9.03 -25.50 -30.14
C PRO A 330 8.30 -25.27 -31.45
N ASN A 331 8.48 -26.22 -32.36
CA ASN A 331 7.86 -26.18 -33.69
C ASN A 331 6.34 -26.23 -33.61
N ILE A 332 5.68 -26.18 -34.77
CA ILE A 332 4.22 -26.19 -34.84
C ILE A 332 3.76 -27.39 -35.66
N THR A 333 2.89 -28.20 -35.06
CA THR A 333 2.30 -29.34 -35.77
C THR A 333 0.77 -29.29 -35.81
N ASN A 334 0.15 -29.19 -34.64
CA ASN A 334 -1.31 -29.25 -34.52
C ASN A 334 -1.93 -27.93 -34.91
N LEU A 335 -1.71 -27.47 -36.14
CA LEU A 335 -2.12 -26.12 -36.52
C LEU A 335 -3.59 -26.08 -36.89
N CYS A 336 -4.32 -27.14 -36.58
CA CYS A 336 -5.77 -27.14 -36.45
C CYS A 336 -6.54 -26.73 -37.71
N PRO A 337 -6.67 -27.62 -38.70
CA PRO A 337 -7.32 -27.26 -39.96
C PRO A 337 -8.66 -26.55 -39.82
N PHE A 338 -8.69 -25.30 -40.28
CA PHE A 338 -9.93 -24.57 -40.48
C PHE A 338 -10.38 -24.60 -41.93
N GLY A 339 -9.64 -25.27 -42.81
CA GLY A 339 -10.04 -25.56 -44.15
C GLY A 339 -11.00 -26.71 -44.30
N GLU A 340 -11.75 -27.05 -43.25
CA GLU A 340 -12.88 -27.95 -43.36
C GLU A 340 -14.19 -27.23 -43.05
N VAL A 341 -14.19 -26.32 -42.08
CA VAL A 341 -15.41 -25.58 -41.75
C VAL A 341 -15.52 -24.34 -42.63
N PHE A 342 -14.37 -23.73 -42.96
CA PHE A 342 -14.36 -22.60 -43.86
C PHE A 342 -14.15 -23.02 -45.31
N ASN A 343 -14.08 -24.32 -45.58
CA ASN A 343 -13.87 -24.83 -46.92
C ASN A 343 -14.73 -26.05 -47.22
N ALA A 344 -15.99 -26.03 -46.80
CA ALA A 344 -16.88 -27.16 -47.03
C ALA A 344 -17.57 -27.05 -48.38
N THR A 345 -17.93 -28.20 -48.94
CA THR A 345 -18.63 -28.22 -50.22
C THR A 345 -20.13 -27.99 -50.05
N ARG A 346 -20.69 -28.31 -48.89
CA ARG A 346 -22.11 -28.13 -48.63
C ARG A 346 -22.28 -27.71 -47.19
N PHE A 347 -22.84 -26.51 -46.98
CA PHE A 347 -23.06 -25.99 -45.64
C PHE A 347 -24.26 -26.66 -44.97
N ALA A 348 -24.71 -26.09 -43.87
CA ALA A 348 -25.86 -26.63 -43.14
C ALA A 348 -26.99 -25.62 -43.08
N SER A 349 -28.22 -26.13 -43.00
CA SER A 349 -29.41 -25.27 -42.94
C SER A 349 -29.27 -24.24 -41.82
N VAL A 350 -30.24 -23.32 -41.75
CA VAL A 350 -30.24 -22.28 -40.74
C VAL A 350 -31.02 -22.71 -39.50
N TYR A 351 -31.96 -23.63 -39.69
CA TYR A 351 -32.78 -24.13 -38.60
C TYR A 351 -32.18 -25.33 -37.92
N ALA A 352 -31.24 -26.02 -38.55
CA ALA A 352 -30.44 -27.04 -37.89
C ALA A 352 -28.98 -26.75 -38.20
N TRP A 353 -28.40 -25.79 -37.49
CA TRP A 353 -27.05 -25.37 -37.76
C TRP A 353 -26.10 -26.47 -37.37
N ASN A 354 -24.87 -26.38 -37.82
CA ASN A 354 -23.98 -27.42 -37.35
C ASN A 354 -23.29 -26.99 -36.07
N ARG A 355 -22.47 -27.86 -35.52
CA ARG A 355 -21.75 -27.50 -34.29
C ARG A 355 -20.48 -28.33 -34.21
N LYS A 356 -19.36 -27.73 -34.58
CA LYS A 356 -18.06 -28.41 -34.51
C LYS A 356 -17.37 -27.90 -33.26
N ARG A 357 -16.78 -28.81 -32.48
CA ARG A 357 -16.12 -28.41 -31.25
C ARG A 357 -14.63 -28.48 -31.46
N ILE A 358 -14.06 -27.40 -31.99
CA ILE A 358 -12.62 -27.31 -32.10
C ILE A 358 -12.01 -27.53 -30.73
N SER A 359 -10.86 -28.16 -30.69
CA SER A 359 -10.27 -28.60 -29.43
C SER A 359 -8.78 -28.32 -29.47
N ASN A 360 -8.03 -28.94 -28.54
CA ASN A 360 -6.60 -28.71 -28.39
C ASN A 360 -5.86 -28.73 -29.72
N CYS A 361 -5.24 -27.62 -30.06
CA CYS A 361 -4.69 -27.36 -31.39
C CYS A 361 -3.88 -26.07 -31.31
N VAL A 362 -3.34 -25.66 -32.45
CA VAL A 362 -2.72 -24.34 -32.59
C VAL A 362 -3.56 -23.55 -33.59
N ALA A 363 -4.34 -22.61 -33.08
CA ALA A 363 -5.25 -21.83 -33.90
C ALA A 363 -4.60 -20.52 -34.31
N ASP A 364 -4.68 -20.22 -35.60
CA ASP A 364 -4.08 -19.03 -36.18
C ASP A 364 -5.17 -18.15 -36.78
N TYR A 365 -5.77 -17.32 -35.94
CA TYR A 365 -6.84 -16.45 -36.40
C TYR A 365 -6.32 -15.35 -37.31
N SER A 366 -5.03 -15.29 -37.59
CA SER A 366 -4.55 -14.27 -38.51
C SER A 366 -4.88 -14.62 -39.95
N VAL A 367 -4.72 -15.89 -40.33
CA VAL A 367 -5.09 -16.31 -41.68
C VAL A 367 -6.56 -16.05 -41.92
N LEU A 368 -7.36 -16.08 -40.86
CA LEU A 368 -8.74 -15.65 -41.01
C LEU A 368 -8.83 -14.15 -41.13
N TYR A 369 -8.28 -13.43 -40.17
CA TYR A 369 -8.54 -12.00 -40.04
C TYR A 369 -8.11 -11.23 -41.27
N ASN A 370 -7.03 -11.64 -41.91
CA ASN A 370 -6.50 -10.87 -43.03
C ASN A 370 -6.86 -11.44 -44.38
N SER A 371 -7.75 -12.42 -44.43
CA SER A 371 -7.99 -13.09 -45.70
C SER A 371 -8.75 -12.22 -46.68
N ALA A 372 -9.37 -11.14 -46.22
CA ALA A 372 -10.00 -10.14 -47.07
C ALA A 372 -11.10 -10.72 -47.95
N SER A 373 -11.37 -12.02 -47.82
CA SER A 373 -12.46 -12.65 -48.54
C SER A 373 -13.77 -12.61 -47.77
N PHE A 374 -13.74 -12.16 -46.53
CA PHE A 374 -14.90 -12.15 -45.67
C PHE A 374 -15.58 -10.81 -45.76
N SER A 375 -16.88 -10.82 -45.99
CA SER A 375 -17.62 -9.58 -46.04
C SER A 375 -17.96 -9.06 -44.65
N THR A 376 -17.91 -9.90 -43.63
CA THR A 376 -18.24 -9.44 -42.29
C THR A 376 -17.37 -10.18 -41.30
N PHE A 377 -16.61 -9.46 -40.48
CA PHE A 377 -15.78 -10.10 -39.45
C PHE A 377 -15.89 -9.25 -38.20
N LYS A 378 -16.86 -9.54 -37.35
CA LYS A 378 -17.04 -8.77 -36.13
C LYS A 378 -16.60 -9.60 -34.95
N CYS A 379 -15.87 -8.99 -34.02
CA CYS A 379 -15.49 -9.66 -32.80
C CYS A 379 -16.07 -8.91 -31.62
N TYR A 380 -16.63 -9.63 -30.65
CA TYR A 380 -17.38 -8.99 -29.59
C TYR A 380 -16.71 -9.05 -28.24
N GLY A 381 -16.42 -10.23 -27.73
CA GLY A 381 -15.78 -10.29 -26.45
C GLY A 381 -14.39 -9.72 -26.51
N VAL A 382 -13.77 -9.79 -27.68
CA VAL A 382 -12.33 -9.55 -27.82
C VAL A 382 -12.01 -9.06 -29.22
N SER A 383 -11.32 -7.94 -29.32
CA SER A 383 -10.95 -7.39 -30.62
C SER A 383 -10.08 -8.39 -31.39
N PRO A 384 -10.12 -8.35 -32.72
CA PRO A 384 -9.58 -9.48 -33.50
C PRO A 384 -8.08 -9.66 -33.41
N THR A 385 -7.29 -8.59 -33.34
CA THR A 385 -5.84 -8.76 -33.45
C THR A 385 -5.24 -9.45 -32.25
N LYS A 386 -5.93 -9.46 -31.11
CA LYS A 386 -5.42 -10.09 -29.90
C LYS A 386 -5.89 -11.52 -29.74
N LEU A 387 -6.39 -12.14 -30.81
CA LEU A 387 -6.81 -13.53 -30.71
C LEU A 387 -5.62 -14.46 -30.73
N ASN A 388 -4.61 -14.14 -31.53
CA ASN A 388 -3.41 -14.96 -31.63
C ASN A 388 -2.44 -14.72 -30.48
N ASP A 389 -2.99 -14.39 -29.31
CA ASP A 389 -2.18 -14.12 -28.13
C ASP A 389 -2.91 -14.53 -26.85
N LEU A 390 -4.00 -15.27 -27.01
CA LEU A 390 -4.78 -15.73 -25.88
C LEU A 390 -5.06 -17.23 -25.95
N CYS A 391 -5.46 -17.81 -24.83
CA CYS A 391 -5.76 -19.23 -24.77
C CYS A 391 -7.05 -19.50 -24.00
N PHE A 392 -7.87 -20.40 -24.52
CA PHE A 392 -9.13 -20.75 -23.89
C PHE A 392 -9.22 -22.25 -23.62
N THR A 393 -10.42 -22.72 -23.30
CA THR A 393 -10.65 -24.13 -23.01
C THR A 393 -11.25 -24.84 -24.22
N ASN A 394 -12.22 -24.20 -24.86
CA ASN A 394 -12.87 -24.77 -26.02
C ASN A 394 -13.24 -23.66 -26.98
N VAL A 395 -13.23 -23.96 -28.26
CA VAL A 395 -13.76 -23.10 -29.29
C VAL A 395 -14.84 -23.88 -29.98
N TYR A 396 -16.00 -23.30 -30.13
CA TYR A 396 -17.03 -23.96 -30.91
C TYR A 396 -17.18 -23.20 -32.20
N ALA A 397 -17.53 -23.89 -33.27
CA ALA A 397 -17.78 -23.24 -34.54
C ALA A 397 -19.12 -23.69 -35.06
N ASP A 398 -20.04 -22.75 -35.24
CA ASP A 398 -21.35 -23.06 -35.79
C ASP A 398 -21.44 -22.57 -37.21
N SER A 399 -22.13 -23.32 -38.06
CA SER A 399 -22.13 -23.03 -39.49
C SER A 399 -23.54 -23.09 -40.03
N PHE A 400 -23.88 -22.14 -40.91
CA PHE A 400 -25.18 -22.21 -41.58
C PHE A 400 -25.20 -21.22 -42.74
N VAL A 401 -26.38 -21.10 -43.37
CA VAL A 401 -26.57 -20.29 -44.56
C VAL A 401 -27.85 -19.49 -44.41
N ILE A 402 -27.77 -18.18 -44.64
CA ILE A 402 -28.94 -17.31 -44.52
C ILE A 402 -29.00 -16.37 -45.70
N ARG A 403 -29.96 -15.47 -45.66
CA ARG A 403 -30.07 -14.43 -46.67
C ARG A 403 -28.94 -13.43 -46.51
N GLY A 404 -28.89 -12.46 -47.40
CA GLY A 404 -27.84 -11.47 -47.31
C GLY A 404 -28.10 -10.44 -46.25
N ASP A 405 -29.36 -10.05 -46.06
CA ASP A 405 -29.66 -8.97 -45.14
C ASP A 405 -30.13 -9.49 -43.79
N GLU A 406 -29.98 -10.76 -43.51
CA GLU A 406 -30.20 -11.29 -42.18
C GLU A 406 -28.90 -11.53 -41.44
N VAL A 407 -27.79 -11.03 -41.96
CA VAL A 407 -26.55 -11.18 -41.21
C VAL A 407 -26.49 -10.20 -40.06
N ARG A 408 -27.42 -9.26 -40.00
CA ARG A 408 -27.41 -8.33 -38.89
C ARG A 408 -28.21 -8.83 -37.71
N GLN A 409 -28.82 -10.00 -37.81
CA GLN A 409 -29.45 -10.59 -36.65
C GLN A 409 -28.57 -11.61 -35.96
N ILE A 410 -27.39 -11.88 -36.50
CA ILE A 410 -26.42 -12.75 -35.83
C ILE A 410 -25.52 -11.82 -35.02
N ALA A 411 -25.99 -11.47 -33.85
CA ALA A 411 -25.30 -10.53 -32.99
C ALA A 411 -25.99 -10.58 -31.64
N PRO A 412 -25.33 -10.23 -30.54
CA PRO A 412 -25.98 -10.34 -29.23
C PRO A 412 -27.05 -9.28 -29.09
N GLY A 413 -28.25 -9.70 -28.70
CA GLY A 413 -29.34 -8.78 -28.53
C GLY A 413 -29.97 -8.28 -29.80
N GLN A 414 -30.57 -9.16 -30.60
CA GLN A 414 -31.34 -8.78 -31.77
C GLN A 414 -32.66 -9.52 -31.77
N THR A 415 -33.53 -9.15 -32.71
CA THR A 415 -34.81 -9.80 -32.89
C THR A 415 -35.07 -9.97 -34.38
N GLY A 416 -36.04 -10.81 -34.69
CA GLY A 416 -36.31 -11.20 -36.06
C GLY A 416 -36.44 -12.70 -36.20
N LYS A 417 -36.97 -13.12 -37.35
CA LYS A 417 -37.32 -14.51 -37.52
C LYS A 417 -36.12 -15.42 -37.36
N ILE A 418 -34.92 -14.91 -37.60
CA ILE A 418 -33.74 -15.75 -37.47
C ILE A 418 -33.30 -15.82 -36.01
N ALA A 419 -33.13 -14.67 -35.37
CA ALA A 419 -32.62 -14.67 -34.01
C ALA A 419 -33.70 -15.09 -33.02
N ASP A 420 -34.96 -14.93 -33.37
CA ASP A 420 -36.00 -15.34 -32.46
C ASP A 420 -36.05 -16.86 -32.34
N TYR A 421 -36.39 -17.54 -33.42
CA TYR A 421 -36.35 -18.98 -33.41
C TYR A 421 -35.69 -19.52 -34.66
N ASN A 422 -34.38 -19.33 -34.78
CA ASN A 422 -33.54 -20.25 -35.53
C ASN A 422 -32.20 -20.44 -34.86
N TYR A 423 -31.62 -19.34 -34.38
CA TYR A 423 -30.27 -19.35 -33.83
C TYR A 423 -30.11 -18.12 -32.96
N LYS A 424 -30.01 -18.30 -31.65
CA LYS A 424 -29.94 -17.19 -30.72
C LYS A 424 -28.60 -17.19 -30.03
N LEU A 425 -27.94 -16.03 -30.00
CA LEU A 425 -26.65 -15.71 -29.39
C LEU A 425 -26.83 -15.11 -28.02
N PRO A 426 -26.14 -15.59 -26.99
CA PRO A 426 -26.37 -15.06 -25.65
C PRO A 426 -26.01 -13.59 -25.59
N ASP A 427 -26.37 -12.97 -24.48
CA ASP A 427 -26.23 -11.52 -24.39
C ASP A 427 -24.86 -11.08 -23.92
N ASP A 428 -24.01 -12.00 -23.49
CA ASP A 428 -22.62 -11.72 -23.18
C ASP A 428 -21.68 -12.54 -24.04
N PHE A 429 -21.96 -12.58 -25.34
CA PHE A 429 -21.19 -13.36 -26.27
C PHE A 429 -19.73 -13.03 -26.15
N THR A 430 -18.87 -13.96 -26.55
CA THR A 430 -17.44 -13.74 -26.46
C THR A 430 -16.69 -13.90 -27.78
N GLY A 431 -17.21 -14.63 -28.73
CA GLY A 431 -16.45 -15.01 -29.90
C GLY A 431 -16.45 -13.97 -30.99
N CYS A 432 -16.45 -14.44 -32.23
CA CYS A 432 -16.52 -13.60 -33.39
C CYS A 432 -17.46 -14.20 -34.42
N VAL A 433 -17.99 -13.36 -35.29
CA VAL A 433 -18.96 -13.75 -36.30
C VAL A 433 -18.35 -13.42 -37.64
N ILE A 434 -18.32 -14.40 -38.55
CA ILE A 434 -17.71 -14.25 -39.86
C ILE A 434 -18.74 -14.61 -40.91
N ALA A 435 -18.76 -13.87 -42.01
CA ALA A 435 -19.77 -14.11 -43.02
C ALA A 435 -19.27 -13.69 -44.38
N TRP A 436 -19.60 -14.48 -45.40
CA TRP A 436 -19.19 -14.12 -46.74
C TRP A 436 -20.22 -14.56 -47.76
N ASN A 437 -20.29 -13.83 -48.86
CA ASN A 437 -21.29 -14.11 -49.88
C ASN A 437 -20.94 -15.39 -50.62
N SER A 438 -21.96 -16.15 -50.97
CA SER A 438 -21.76 -17.40 -51.66
C SER A 438 -22.78 -17.60 -52.75
N ASN A 439 -23.00 -16.58 -53.57
CA ASN A 439 -24.06 -16.68 -54.56
C ASN A 439 -23.79 -17.78 -55.57
N ASN A 440 -22.55 -17.98 -55.97
CA ASN A 440 -22.27 -18.89 -57.05
C ASN A 440 -22.34 -20.34 -56.64
N LEU A 441 -22.20 -20.64 -55.37
CA LEU A 441 -22.21 -22.01 -54.89
C LEU A 441 -23.59 -22.51 -54.52
N ASP A 442 -24.42 -21.66 -53.92
CA ASP A 442 -25.65 -22.13 -53.29
C ASP A 442 -26.90 -21.79 -54.07
N SER A 443 -26.83 -20.87 -55.02
CA SER A 443 -28.00 -20.46 -55.77
C SER A 443 -27.96 -21.10 -57.14
N LYS A 444 -29.09 -21.69 -57.55
CA LYS A 444 -29.11 -22.38 -58.82
C LYS A 444 -30.36 -21.99 -59.59
N VAL A 445 -30.22 -21.93 -60.90
CA VAL A 445 -31.30 -21.49 -61.78
C VAL A 445 -32.52 -22.37 -61.54
N GLY A 446 -33.69 -21.76 -61.50
CA GLY A 446 -34.89 -22.44 -61.15
C GLY A 446 -35.19 -22.44 -59.66
N GLY A 447 -34.23 -22.04 -58.84
CA GLY A 447 -34.47 -21.93 -57.43
C GLY A 447 -33.94 -23.10 -56.64
N ASN A 448 -33.09 -22.82 -55.67
CA ASN A 448 -32.54 -23.86 -54.81
C ASN A 448 -33.44 -23.94 -53.59
N TYR A 449 -34.35 -24.92 -53.58
CA TYR A 449 -35.31 -25.06 -52.51
C TYR A 449 -34.86 -26.03 -51.43
N ASN A 450 -33.56 -26.16 -51.21
CA ASN A 450 -33.07 -27.07 -50.19
C ASN A 450 -32.62 -26.35 -48.93
N TYR A 451 -32.76 -25.04 -48.87
CA TYR A 451 -32.31 -24.26 -47.73
C TYR A 451 -33.52 -23.69 -47.02
N LEU A 452 -33.91 -24.30 -45.92
CA LEU A 452 -35.13 -23.95 -45.22
C LEU A 452 -34.82 -23.15 -43.97
N TYR A 453 -35.86 -22.57 -43.40
CA TYR A 453 -35.75 -21.89 -42.13
C TYR A 453 -37.09 -22.02 -41.42
N ARG A 454 -37.06 -21.90 -40.10
CA ARG A 454 -38.27 -22.01 -39.30
C ARG A 454 -38.87 -20.63 -39.16
N LEU A 455 -40.18 -20.53 -39.36
CA LEU A 455 -40.82 -19.24 -39.28
C LEU A 455 -41.95 -19.17 -38.27
N PHE A 456 -42.23 -20.25 -37.54
CA PHE A 456 -43.21 -20.23 -36.48
C PHE A 456 -42.70 -21.04 -35.31
N ARG A 457 -42.76 -20.48 -34.11
CA ARG A 457 -42.45 -21.26 -32.92
C ARG A 457 -43.25 -20.71 -31.76
N LYS A 458 -43.46 -21.57 -30.76
CA LYS A 458 -44.19 -21.16 -29.57
C LYS A 458 -43.47 -20.07 -28.81
N SER A 459 -42.16 -20.20 -28.63
CA SER A 459 -41.42 -19.26 -27.81
C SER A 459 -40.01 -19.14 -28.32
N ASN A 460 -39.44 -17.95 -28.18
CA ASN A 460 -38.11 -17.69 -28.65
C ASN A 460 -37.11 -18.62 -28.00
N LEU A 461 -36.01 -18.87 -28.72
CA LEU A 461 -35.04 -19.86 -28.28
C LEU A 461 -34.24 -19.34 -27.11
N LYS A 462 -33.80 -20.26 -26.26
CA LYS A 462 -32.73 -19.94 -25.35
C LYS A 462 -31.44 -19.84 -26.14
N PRO A 463 -30.46 -19.09 -25.66
CA PRO A 463 -29.22 -18.96 -26.41
C PRO A 463 -28.56 -20.31 -26.66
N PHE A 464 -28.17 -20.54 -27.91
CA PHE A 464 -27.48 -21.76 -28.32
C PHE A 464 -28.37 -22.99 -28.23
N GLU A 465 -29.68 -22.78 -28.24
CA GLU A 465 -30.62 -23.87 -28.24
C GLU A 465 -31.00 -24.21 -29.67
N ARG A 466 -31.41 -25.44 -29.89
CA ARG A 466 -31.61 -25.96 -31.25
C ARG A 466 -32.89 -26.78 -31.29
N ASP A 467 -33.63 -26.68 -32.40
CA ASP A 467 -34.98 -27.23 -32.48
C ASP A 467 -35.24 -27.72 -33.90
N ILE A 468 -35.17 -29.03 -34.11
CA ILE A 468 -35.34 -29.61 -35.43
C ILE A 468 -36.67 -30.32 -35.57
N SER A 469 -37.61 -30.09 -34.67
CA SER A 469 -38.89 -30.76 -34.78
C SER A 469 -39.68 -30.21 -35.96
N THR A 470 -40.72 -30.93 -36.33
CA THR A 470 -41.51 -30.58 -37.51
C THR A 470 -42.99 -30.75 -37.23
N GLU A 471 -43.43 -30.34 -36.05
CA GLU A 471 -44.84 -30.45 -35.70
C GLU A 471 -45.63 -29.33 -36.35
N ILE A 472 -46.86 -29.62 -36.70
CA ILE A 472 -47.73 -28.62 -37.30
C ILE A 472 -48.03 -27.54 -36.29
N TYR A 473 -47.69 -26.31 -36.63
CA TYR A 473 -47.89 -25.20 -35.72
C TYR A 473 -49.37 -24.86 -35.65
N GLN A 474 -49.79 -24.33 -34.52
CA GLN A 474 -51.20 -24.06 -34.25
C GLN A 474 -51.34 -22.60 -33.86
N ALA A 475 -51.77 -21.77 -34.80
CA ALA A 475 -51.88 -20.35 -34.51
C ALA A 475 -53.12 -20.05 -33.68
N GLY A 476 -54.29 -20.36 -34.21
CA GLY A 476 -55.53 -20.14 -33.52
C GLY A 476 -55.75 -21.13 -32.40
N SER A 477 -56.90 -20.99 -31.74
CA SER A 477 -57.22 -21.85 -30.61
C SER A 477 -57.65 -23.24 -31.03
N THR A 478 -58.11 -23.40 -32.26
CA THR A 478 -58.61 -24.68 -32.69
C THR A 478 -57.47 -25.69 -32.77
N PRO A 479 -57.63 -26.89 -32.21
CA PRO A 479 -56.58 -27.90 -32.34
C PRO A 479 -56.39 -28.33 -33.78
N CYS A 480 -55.20 -28.83 -34.08
CA CYS A 480 -54.80 -29.08 -35.45
C CYS A 480 -54.90 -30.53 -35.87
N ASN A 481 -54.60 -31.47 -34.98
CA ASN A 481 -54.67 -32.90 -35.29
C ASN A 481 -53.80 -33.27 -36.47
N GLY A 482 -52.63 -32.65 -36.57
CA GLY A 482 -51.65 -33.08 -37.55
C GLY A 482 -52.01 -32.86 -39.00
N VAL A 483 -53.04 -32.06 -39.30
CA VAL A 483 -53.37 -31.74 -40.67
C VAL A 483 -53.33 -30.24 -40.85
N GLU A 484 -53.01 -29.81 -42.05
CA GLU A 484 -52.92 -28.40 -42.37
C GLU A 484 -54.30 -27.78 -42.45
N GLY A 485 -54.31 -26.46 -42.64
CA GLY A 485 -55.56 -25.73 -42.72
C GLY A 485 -55.38 -24.34 -42.17
N PHE A 486 -56.48 -23.62 -42.09
CA PHE A 486 -56.43 -22.28 -41.52
C PHE A 486 -55.95 -22.36 -40.07
N ASN A 487 -54.98 -21.52 -39.73
CA ASN A 487 -54.43 -21.48 -38.38
C ASN A 487 -53.80 -22.80 -37.99
N CYS A 488 -53.42 -23.61 -38.97
CA CYS A 488 -52.64 -24.83 -38.75
C CYS A 488 -51.62 -24.90 -39.87
N TYR A 489 -50.41 -24.46 -39.59
CA TYR A 489 -49.40 -24.22 -40.60
C TYR A 489 -48.19 -25.13 -40.42
N PHE A 490 -47.67 -25.59 -41.53
CA PHE A 490 -46.36 -26.22 -41.52
C PHE A 490 -45.34 -25.19 -41.11
N PRO A 491 -44.37 -25.53 -40.24
CA PRO A 491 -43.53 -24.49 -39.65
C PRO A 491 -42.26 -24.17 -40.41
N LEU A 492 -41.97 -24.77 -41.55
CA LEU A 492 -40.72 -24.54 -42.25
C LEU A 492 -40.98 -23.97 -43.64
N GLN A 493 -40.22 -22.95 -44.00
CA GLN A 493 -40.30 -22.37 -45.33
C GLN A 493 -38.94 -22.51 -45.96
N SER A 494 -38.85 -22.28 -47.27
CA SER A 494 -37.60 -22.46 -47.97
C SER A 494 -37.26 -21.22 -48.76
N TYR A 495 -36.04 -20.73 -48.59
CA TYR A 495 -35.49 -19.72 -49.48
C TYR A 495 -35.48 -20.32 -50.87
N GLY A 496 -36.11 -19.68 -51.83
CA GLY A 496 -35.85 -20.14 -53.17
C GLY A 496 -34.78 -19.28 -53.77
N PHE A 497 -33.53 -19.69 -53.66
CA PHE A 497 -32.44 -18.85 -54.12
C PHE A 497 -32.30 -18.95 -55.62
N GLN A 498 -32.06 -17.82 -56.26
CA GLN A 498 -31.89 -17.82 -57.70
C GLN A 498 -30.77 -16.88 -58.06
N PRO A 499 -29.98 -17.19 -59.09
CA PRO A 499 -28.76 -16.43 -59.33
C PRO A 499 -29.01 -15.00 -59.74
N THR A 500 -30.19 -14.69 -60.27
CA THR A 500 -30.50 -13.30 -60.61
C THR A 500 -31.27 -12.61 -59.50
N ASN A 501 -30.77 -12.68 -58.27
CA ASN A 501 -31.37 -12.00 -57.14
C ASN A 501 -30.51 -10.81 -56.76
N GLY A 502 -31.16 -9.71 -56.46
CA GLY A 502 -30.43 -8.57 -55.94
C GLY A 502 -29.70 -8.92 -54.67
N VAL A 503 -28.58 -8.24 -54.43
CA VAL A 503 -27.84 -8.46 -53.20
C VAL A 503 -28.77 -8.22 -52.03
N GLY A 504 -28.53 -8.91 -50.93
CA GLY A 504 -29.49 -8.90 -49.86
C GLY A 504 -30.58 -9.92 -50.05
N TYR A 505 -30.62 -10.61 -51.17
CA TYR A 505 -31.37 -11.83 -51.31
C TYR A 505 -30.53 -12.99 -51.78
N GLN A 506 -29.25 -12.82 -51.91
CA GLN A 506 -28.38 -13.91 -52.29
C GLN A 506 -27.85 -14.59 -51.04
N PRO A 507 -27.50 -15.86 -51.15
CA PRO A 507 -27.14 -16.61 -49.95
C PRO A 507 -25.80 -16.20 -49.39
N TYR A 508 -25.74 -16.08 -48.08
CA TYR A 508 -24.50 -15.78 -47.39
C TYR A 508 -24.20 -16.96 -46.49
N ARG A 509 -22.95 -17.36 -46.41
CA ARG A 509 -22.57 -18.40 -45.48
C ARG A 509 -21.97 -17.78 -44.24
N VAL A 510 -22.32 -18.31 -43.09
CA VAL A 510 -21.98 -17.72 -41.80
C VAL A 510 -21.32 -18.76 -40.92
N VAL A 511 -20.29 -18.35 -40.21
CA VAL A 511 -19.59 -19.18 -39.22
C VAL A 511 -19.46 -18.35 -37.96
N VAL A 512 -19.90 -18.89 -36.84
CA VAL A 512 -19.88 -18.18 -35.57
C VAL A 512 -18.91 -18.92 -34.67
N LEU A 513 -17.79 -18.29 -34.36
CA LEU A 513 -16.83 -18.87 -33.43
C LEU A 513 -17.14 -18.40 -32.03
N SER A 514 -17.21 -19.32 -31.10
CA SER A 514 -17.56 -18.99 -29.73
C SER A 514 -16.50 -19.56 -28.81
N PHE A 515 -15.67 -18.71 -28.23
CA PHE A 515 -14.64 -19.17 -27.33
C PHE A 515 -15.23 -19.28 -25.94
N GLU A 516 -15.08 -20.43 -25.32
CA GLU A 516 -15.59 -20.59 -23.98
C GLU A 516 -14.48 -20.99 -23.03
N LEU A 517 -14.65 -20.64 -21.76
CA LEU A 517 -13.66 -20.95 -20.75
C LEU A 517 -14.30 -21.55 -19.50
N LEU A 518 -14.47 -22.87 -19.49
CA LEU A 518 -15.06 -23.55 -18.36
C LEU A 518 -14.21 -23.37 -17.10
N HIS A 519 -13.50 -24.42 -16.72
CA HIS A 519 -12.64 -24.38 -15.54
C HIS A 519 -11.58 -25.47 -15.59
N ALA A 520 -11.14 -25.81 -16.79
CA ALA A 520 -10.12 -26.84 -16.97
C ALA A 520 -8.73 -26.30 -16.66
N PRO A 521 -7.70 -27.00 -17.12
CA PRO A 521 -6.32 -26.58 -16.85
C PRO A 521 -5.71 -25.77 -18.00
N ALA A 522 -6.28 -25.91 -19.19
CA ALA A 522 -5.82 -25.20 -20.37
C ALA A 522 -6.38 -25.82 -21.65
N THR A 523 -6.00 -25.25 -22.78
CA THR A 523 -6.46 -25.74 -24.08
C THR A 523 -5.85 -24.95 -25.23
N VAL A 524 -6.46 -25.06 -26.41
CA VAL A 524 -5.97 -24.35 -27.59
C VAL A 524 -5.50 -22.93 -27.33
N CYS A 525 -4.38 -22.55 -27.95
CA CYS A 525 -3.91 -21.18 -27.98
C CYS A 525 -3.21 -20.87 -29.31
N GLY A 526 -2.88 -19.59 -29.49
CA GLY A 526 -2.25 -19.12 -30.70
C GLY A 526 -0.79 -19.51 -30.80
N PRO A 527 -0.24 -19.51 -32.02
CA PRO A 527 1.11 -20.04 -32.23
C PRO A 527 2.19 -19.14 -31.64
N LYS A 528 3.25 -19.76 -31.14
CA LYS A 528 4.38 -19.04 -30.56
C LYS A 528 5.49 -18.94 -31.58
N LYS A 529 5.86 -17.71 -31.94
CA LYS A 529 6.88 -17.48 -32.96
C LYS A 529 8.24 -17.33 -32.28
N SER A 530 9.30 -17.63 -33.03
CA SER A 530 10.64 -17.69 -32.52
C SER A 530 11.58 -16.89 -33.41
N THR A 531 12.56 -16.22 -32.80
CA THR A 531 13.64 -15.59 -33.51
C THR A 531 14.78 -16.60 -33.65
N ASN A 532 15.95 -16.13 -34.05
CA ASN A 532 17.13 -16.98 -34.12
C ASN A 532 17.88 -16.93 -32.80
N LEU A 533 18.63 -17.97 -32.52
CA LEU A 533 19.45 -18.02 -31.32
C LEU A 533 20.85 -17.57 -31.69
N VAL A 534 21.36 -16.61 -30.93
CA VAL A 534 22.72 -16.10 -31.13
C VAL A 534 23.61 -16.70 -30.06
N LYS A 535 24.91 -16.57 -30.23
CA LYS A 535 25.84 -17.14 -29.26
C LYS A 535 26.97 -16.16 -29.01
N ASN A 536 27.64 -16.35 -27.88
CA ASN A 536 28.85 -15.62 -27.51
C ASN A 536 28.62 -14.13 -27.34
N LYS A 537 27.41 -13.72 -26.96
CA LYS A 537 27.10 -12.32 -26.70
C LYS A 537 26.14 -12.25 -25.52
N CYS A 538 26.40 -11.33 -24.60
CA CYS A 538 25.46 -11.13 -23.49
C CYS A 538 24.11 -10.75 -24.08
N VAL A 539 23.11 -11.59 -23.84
CA VAL A 539 21.84 -11.52 -24.52
C VAL A 539 20.74 -11.68 -23.49
N ASN A 540 19.54 -11.29 -23.88
CA ASN A 540 18.34 -11.42 -23.06
C ASN A 540 17.50 -12.51 -23.72
N PHE A 541 17.36 -13.65 -23.06
CA PHE A 541 16.79 -14.81 -23.70
C PHE A 541 15.54 -15.30 -23.00
N ASN A 542 14.73 -16.03 -23.77
CA ASN A 542 13.53 -16.72 -23.27
C ASN A 542 13.45 -18.06 -24.00
N PHE A 543 13.57 -19.15 -23.24
CA PHE A 543 13.48 -20.51 -23.77
C PHE A 543 12.19 -21.14 -23.24
N ASN A 544 11.13 -21.06 -24.04
CA ASN A 544 9.79 -21.54 -23.73
C ASN A 544 9.42 -21.40 -22.26
N GLY A 545 9.65 -20.22 -21.70
CA GLY A 545 9.29 -19.99 -20.32
C GLY A 545 10.46 -19.54 -19.46
N LEU A 546 11.63 -20.12 -19.69
CA LEU A 546 12.83 -19.74 -18.96
C LEU A 546 13.27 -18.35 -19.41
N THR A 547 13.17 -17.37 -18.54
CA THR A 547 13.59 -16.01 -18.85
C THR A 547 14.92 -15.75 -18.17
N GLY A 548 15.90 -15.26 -18.93
CA GLY A 548 17.18 -14.95 -18.33
C GLY A 548 18.07 -14.03 -19.12
N THR A 549 19.30 -13.83 -18.65
CA THR A 549 20.29 -13.01 -19.32
C THR A 549 21.64 -13.70 -19.25
N GLY A 550 22.43 -13.55 -20.29
CA GLY A 550 23.78 -14.09 -20.26
C GLY A 550 24.28 -14.42 -21.63
N VAL A 551 25.50 -14.95 -21.64
CA VAL A 551 26.15 -15.48 -22.82
C VAL A 551 25.77 -16.93 -22.98
N LEU A 552 25.45 -17.32 -24.21
CA LEU A 552 25.08 -18.69 -24.57
C LEU A 552 26.26 -19.34 -25.28
N THR A 553 26.55 -20.58 -24.95
CA THR A 553 27.70 -21.25 -25.53
C THR A 553 27.38 -22.72 -25.82
N GLU A 554 28.00 -23.26 -26.87
CA GLU A 554 27.83 -24.68 -27.20
C GLU A 554 28.32 -25.55 -26.06
N SER A 555 27.52 -26.55 -25.70
CA SER A 555 27.83 -27.39 -24.56
C SER A 555 28.50 -28.68 -24.99
N ASN A 556 28.87 -29.47 -23.98
CA ASN A 556 29.33 -30.83 -24.21
C ASN A 556 28.80 -31.77 -23.13
N LYS A 557 27.77 -31.37 -22.40
CA LYS A 557 27.04 -32.25 -21.51
C LYS A 557 25.91 -32.95 -22.26
N LYS A 558 25.37 -33.99 -21.62
CA LYS A 558 24.34 -34.82 -22.24
C LYS A 558 23.19 -35.01 -21.26
N PHE A 559 22.08 -34.30 -21.50
CA PHE A 559 20.89 -34.46 -20.68
C PHE A 559 20.29 -35.84 -20.88
N LEU A 560 19.29 -36.18 -20.12
CA LEU A 560 18.48 -37.33 -20.51
C LEU A 560 17.36 -36.86 -21.41
N PRO A 561 16.88 -37.68 -22.33
CA PRO A 561 16.02 -37.14 -23.39
C PRO A 561 14.62 -36.83 -22.93
N PHE A 562 14.49 -36.29 -21.74
CA PHE A 562 13.26 -35.63 -21.32
C PHE A 562 13.54 -34.41 -20.46
N GLN A 563 14.82 -34.06 -20.25
CA GLN A 563 15.20 -32.95 -19.39
C GLN A 563 15.44 -31.72 -20.22
N GLN A 564 14.89 -30.59 -19.78
CA GLN A 564 14.94 -29.33 -20.52
C GLN A 564 16.14 -28.48 -20.15
N PHE A 565 16.33 -28.17 -18.88
CA PHE A 565 17.42 -27.33 -18.45
C PHE A 565 18.12 -27.94 -17.26
N GLY A 566 19.37 -27.52 -17.04
CA GLY A 566 20.17 -27.99 -15.94
C GLY A 566 20.42 -26.90 -14.91
N ARG A 567 20.60 -27.35 -13.68
CA ARG A 567 20.79 -26.45 -12.57
C ARG A 567 22.09 -26.76 -11.86
N ASP A 568 22.61 -25.77 -11.15
CA ASP A 568 23.83 -25.91 -10.37
C ASP A 568 23.48 -26.23 -8.92
N ILE A 569 24.51 -26.50 -8.13
CA ILE A 569 24.38 -26.49 -6.69
C ILE A 569 24.22 -25.04 -6.29
N ALA A 570 23.32 -24.77 -5.34
CA ALA A 570 22.81 -23.45 -5.01
C ALA A 570 21.72 -23.03 -5.99
N ASP A 571 21.35 -23.94 -6.89
CA ASP A 571 20.11 -23.83 -7.66
C ASP A 571 20.02 -22.62 -8.58
N THR A 572 20.91 -22.52 -9.55
CA THR A 572 20.80 -21.51 -10.60
C THR A 572 20.86 -22.20 -11.95
N THR A 573 19.99 -21.79 -12.87
CA THR A 573 19.97 -22.36 -14.21
C THR A 573 21.30 -22.11 -14.90
N ASP A 574 21.94 -23.16 -15.38
CA ASP A 574 23.21 -22.99 -16.05
C ASP A 574 23.32 -23.69 -17.39
N ALA A 575 22.32 -24.48 -17.78
CA ALA A 575 22.27 -25.05 -19.11
C ALA A 575 20.82 -25.08 -19.56
N VAL A 576 20.60 -25.04 -20.87
CA VAL A 576 19.28 -25.20 -21.45
C VAL A 576 19.40 -26.11 -22.66
N ARG A 577 18.25 -26.53 -23.17
CA ARG A 577 18.15 -27.28 -24.41
C ARG A 577 17.28 -26.47 -25.37
N ASP A 578 17.75 -26.28 -26.58
CA ASP A 578 16.99 -25.50 -27.54
C ASP A 578 15.83 -26.32 -28.05
N PRO A 579 14.60 -25.86 -27.91
CA PRO A 579 13.46 -26.70 -28.28
C PRO A 579 13.47 -27.15 -29.74
N GLN A 580 13.87 -26.28 -30.65
CA GLN A 580 13.76 -26.61 -32.07
C GLN A 580 14.84 -27.59 -32.51
N THR A 581 16.10 -27.30 -32.22
CA THR A 581 17.18 -28.16 -32.67
C THR A 581 17.61 -29.19 -31.62
N LEU A 582 17.21 -29.02 -30.36
CA LEU A 582 17.46 -29.98 -29.28
C LEU A 582 18.94 -30.17 -28.99
N GLU A 583 19.64 -29.05 -28.79
CA GLU A 583 21.04 -29.08 -28.39
C GLU A 583 21.23 -28.31 -27.10
N ILE A 584 22.18 -28.78 -26.31
CA ILE A 584 22.43 -28.25 -24.99
C ILE A 584 23.36 -27.05 -25.10
N LEU A 585 23.03 -25.98 -24.40
CA LEU A 585 23.80 -24.75 -24.42
C LEU A 585 24.02 -24.27 -22.99
N ASP A 586 25.26 -23.94 -22.65
CA ASP A 586 25.55 -23.39 -21.34
C ASP A 586 25.24 -21.91 -21.29
N ILE A 587 24.92 -21.45 -20.08
CA ILE A 587 24.51 -20.09 -19.81
C ILE A 587 25.50 -19.51 -18.82
N THR A 588 26.40 -18.69 -19.29
CA THR A 588 27.29 -18.02 -18.36
C THR A 588 26.88 -16.58 -18.19
N PRO A 589 27.04 -15.99 -17.01
CA PRO A 589 26.68 -14.58 -16.86
C PRO A 589 27.63 -13.69 -17.66
N CYS A 590 27.14 -12.51 -18.03
CA CYS A 590 28.00 -11.55 -18.68
C CYS A 590 28.66 -10.66 -17.65
N SER A 591 29.79 -10.07 -18.04
CA SER A 591 30.81 -9.65 -17.09
C SER A 591 30.37 -8.48 -16.23
N PHE A 592 30.69 -8.58 -14.95
CA PHE A 592 30.56 -7.49 -14.00
C PHE A 592 31.79 -7.48 -13.13
N GLY A 593 32.05 -6.34 -12.51
CA GLY A 593 33.19 -6.25 -11.61
C GLY A 593 33.43 -4.84 -11.13
N GLY A 594 34.18 -4.68 -10.06
CA GLY A 594 34.48 -3.35 -9.56
C GLY A 594 35.52 -2.64 -10.40
N VAL A 595 35.53 -1.33 -10.27
CA VAL A 595 36.51 -0.49 -10.93
C VAL A 595 37.27 0.28 -9.85
N SER A 596 38.59 0.20 -9.88
CA SER A 596 39.43 0.89 -8.92
C SER A 596 40.33 1.87 -9.64
N VAL A 597 40.66 2.96 -8.96
CA VAL A 597 41.50 4.01 -9.50
C VAL A 597 42.76 4.11 -8.68
N ILE A 598 43.91 4.03 -9.34
CA ILE A 598 45.23 4.09 -8.73
C ILE A 598 45.81 5.46 -9.02
N THR A 599 46.09 6.22 -7.97
CA THR A 599 46.61 7.57 -8.11
C THR A 599 47.84 7.77 -7.22
N PRO A 600 48.88 8.42 -7.74
CA PRO A 600 50.02 8.78 -6.89
C PRO A 600 49.73 9.90 -5.89
N GLY A 601 48.55 10.50 -5.92
CA GLY A 601 48.20 11.60 -5.04
C GLY A 601 48.20 12.89 -5.84
N THR A 602 47.17 13.70 -5.64
CA THR A 602 46.98 14.90 -6.44
C THR A 602 48.05 15.94 -6.17
N ASN A 603 48.81 15.77 -5.11
CA ASN A 603 49.93 16.63 -4.74
C ASN A 603 51.22 16.17 -5.40
N THR A 604 51.12 15.24 -6.33
CA THR A 604 52.27 14.71 -7.03
C THR A 604 52.03 14.77 -8.53
N SER A 605 50.80 14.48 -8.91
CA SER A 605 50.43 14.35 -10.31
C SER A 605 48.93 14.15 -10.38
N ASN A 606 48.39 14.28 -11.59
CA ASN A 606 46.98 14.04 -11.84
C ASN A 606 46.77 12.88 -12.79
N GLN A 607 47.83 12.16 -13.14
CA GLN A 607 47.69 10.94 -13.89
C GLN A 607 47.05 9.85 -13.04
N VAL A 608 46.53 8.83 -13.70
CA VAL A 608 45.70 7.84 -13.03
C VAL A 608 45.80 6.54 -13.81
N ALA A 609 45.69 5.42 -13.10
CA ALA A 609 45.55 4.12 -13.72
C ALA A 609 44.28 3.46 -13.22
N VAL A 610 43.76 2.50 -13.96
CA VAL A 610 42.44 1.96 -13.70
C VAL A 610 42.49 0.44 -13.72
N LEU A 611 41.95 -0.18 -12.68
CA LEU A 611 41.86 -1.63 -12.57
C LEU A 611 40.42 -2.06 -12.73
N TYR A 612 40.16 -2.92 -13.70
CA TYR A 612 38.88 -3.58 -13.87
C TYR A 612 39.03 -4.95 -13.24
N GLN A 613 38.32 -5.18 -12.13
CA GLN A 613 38.65 -6.32 -11.28
C GLN A 613 38.08 -7.60 -11.88
N ASP A 614 38.93 -8.62 -11.95
CA ASP A 614 38.70 -9.94 -12.54
C ASP A 614 37.80 -9.88 -13.79
N VAL A 615 38.16 -8.95 -14.66
CA VAL A 615 37.56 -8.86 -15.99
C VAL A 615 38.65 -9.15 -17.01
N ASN A 616 38.30 -9.97 -18.00
CA ASN A 616 39.25 -10.24 -19.06
C ASN A 616 39.46 -8.98 -19.87
N CYS A 617 40.72 -8.67 -20.15
CA CYS A 617 41.07 -7.34 -20.60
C CYS A 617 40.72 -7.10 -22.06
N THR A 618 39.94 -7.99 -22.67
CA THR A 618 39.55 -7.87 -24.07
C THR A 618 38.12 -7.36 -24.21
N GLU A 619 37.44 -7.24 -23.07
CA GLU A 619 36.04 -6.84 -23.08
C GLU A 619 35.83 -5.63 -22.18
N VAL A 620 36.81 -4.76 -22.12
CA VAL A 620 36.76 -3.60 -21.22
C VAL A 620 35.84 -2.51 -21.78
N PRO A 621 36.00 -2.06 -23.02
CA PRO A 621 35.08 -1.00 -23.44
C PRO A 621 33.90 -1.54 -24.23
N SER A 640 48.60 2.54 -26.17
CA SER A 640 48.42 2.62 -24.72
C SER A 640 48.89 1.36 -24.01
N ASN A 641 48.64 1.29 -22.71
CA ASN A 641 49.12 0.21 -21.87
C ASN A 641 47.94 -0.58 -21.34
N VAL A 642 47.69 -1.75 -21.90
CA VAL A 642 46.76 -2.70 -21.33
C VAL A 642 47.57 -3.90 -20.87
N PHE A 643 47.39 -4.27 -19.61
CA PHE A 643 48.20 -5.27 -18.95
C PHE A 643 47.27 -6.18 -18.19
N GLN A 644 47.44 -7.48 -18.36
CA GLN A 644 46.55 -8.44 -17.73
C GLN A 644 47.18 -8.97 -16.46
N THR A 645 46.38 -9.01 -15.41
CA THR A 645 46.81 -9.43 -14.09
C THR A 645 45.90 -10.56 -13.63
N ARG A 646 46.39 -11.34 -12.68
CA ARG A 646 45.53 -12.28 -11.97
C ARG A 646 44.42 -11.58 -11.19
N ALA A 647 44.50 -10.26 -11.05
CA ALA A 647 43.52 -9.47 -10.30
C ALA A 647 42.61 -8.65 -11.21
N GLY A 648 42.79 -8.72 -12.52
CA GLY A 648 41.98 -7.97 -13.45
C GLY A 648 42.81 -7.32 -14.54
N CYS A 649 42.17 -6.40 -15.26
CA CYS A 649 42.83 -5.70 -16.35
C CYS A 649 43.22 -4.29 -15.93
N LEU A 650 44.51 -3.98 -16.08
CA LEU A 650 45.08 -2.71 -15.67
C LEU A 650 45.33 -1.84 -16.89
N ILE A 651 44.86 -0.60 -16.86
CA ILE A 651 45.00 0.33 -17.97
C ILE A 651 45.66 1.60 -17.46
N GLY A 652 46.71 2.03 -18.15
CA GLY A 652 47.37 3.27 -17.82
C GLY A 652 48.66 3.15 -17.05
N ALA A 653 49.17 1.94 -16.87
CA ALA A 653 50.45 1.69 -16.24
C ALA A 653 51.23 0.75 -17.14
N GLU A 654 52.54 0.96 -17.21
CA GLU A 654 53.40 0.08 -17.99
C GLU A 654 54.05 -0.96 -17.09
N HIS A 655 54.22 -2.15 -17.65
CA HIS A 655 54.80 -3.27 -16.94
C HIS A 655 56.32 -3.29 -17.15
N VAL A 656 57.06 -3.27 -16.05
CA VAL A 656 58.51 -3.31 -16.09
C VAL A 656 58.98 -4.68 -15.58
N ASN A 657 60.28 -4.93 -15.71
CA ASN A 657 60.86 -6.20 -15.33
C ASN A 657 61.66 -6.14 -14.04
N ASN A 658 61.93 -4.95 -13.53
CA ASN A 658 62.58 -4.76 -12.25
C ASN A 658 61.68 -5.25 -11.13
N SER A 659 62.15 -5.20 -9.89
CA SER A 659 61.31 -5.52 -8.75
C SER A 659 61.71 -4.63 -7.59
N TYR A 660 60.76 -3.88 -7.06
CA TYR A 660 60.99 -2.93 -5.99
C TYR A 660 60.21 -3.38 -4.76
N GLU A 661 60.32 -2.58 -3.70
CA GLU A 661 59.46 -2.74 -2.55
C GLU A 661 58.07 -2.25 -2.88
N CYS A 662 57.05 -2.90 -2.30
CA CYS A 662 55.69 -2.62 -2.70
C CYS A 662 55.29 -1.21 -2.29
N ASP A 663 54.56 -0.54 -3.18
CA ASP A 663 54.16 0.84 -2.95
C ASP A 663 52.65 0.96 -2.82
N ILE A 664 51.94 0.61 -3.88
CA ILE A 664 50.49 0.59 -3.92
C ILE A 664 50.10 -0.85 -4.28
N PRO A 665 49.41 -1.56 -3.43
CA PRO A 665 49.17 -2.98 -3.68
C PRO A 665 48.03 -3.22 -4.64
N ILE A 666 48.32 -3.88 -5.76
CA ILE A 666 47.29 -4.27 -6.71
C ILE A 666 46.73 -5.62 -6.35
N GLY A 667 47.57 -6.62 -6.23
CA GLY A 667 47.11 -7.94 -5.81
C GLY A 667 47.86 -9.03 -6.52
N ALA A 668 47.77 -10.24 -5.96
CA ALA A 668 48.43 -11.44 -6.49
C ALA A 668 49.91 -11.20 -6.75
N GLY A 669 50.56 -10.46 -5.86
CA GLY A 669 51.96 -10.18 -6.00
C GLY A 669 52.34 -8.96 -6.79
N ILE A 670 51.38 -8.23 -7.34
CA ILE A 670 51.64 -7.09 -8.20
C ILE A 670 51.43 -5.81 -7.42
N CYS A 671 52.38 -4.89 -7.52
CA CYS A 671 52.21 -3.53 -7.00
C CYS A 671 52.45 -2.49 -8.09
N ALA A 672 52.13 -1.24 -7.78
CA ALA A 672 52.26 -0.13 -8.71
C ALA A 672 52.99 1.00 -8.03
N SER A 673 53.63 1.85 -8.83
CA SER A 673 54.30 3.02 -8.29
C SER A 673 54.34 4.10 -9.35
N TYR A 674 54.60 5.33 -8.91
CA TYR A 674 54.76 6.47 -9.80
C TYR A 674 56.23 6.76 -9.97
N GLN A 675 56.90 6.02 -10.83
CA GLN A 675 58.35 6.16 -10.84
C GLN A 675 58.96 6.42 -12.21
N THR A 676 58.58 5.61 -13.18
CA THR A 676 59.32 5.50 -14.42
C THR A 676 58.46 5.82 -15.62
N GLN A 690 57.37 10.14 -13.53
CA GLN A 690 57.21 10.29 -14.97
C GLN A 690 55.97 9.56 -15.45
N SER A 691 55.76 8.35 -14.94
CA SER A 691 54.55 7.60 -15.22
C SER A 691 54.37 6.51 -14.19
N ILE A 692 53.26 5.80 -14.31
CA ILE A 692 52.90 4.69 -13.43
C ILE A 692 53.50 3.42 -14.00
N ILE A 693 54.14 2.65 -13.13
CA ILE A 693 54.66 1.35 -13.49
C ILE A 693 54.01 0.30 -12.59
N ALA A 694 53.90 -0.90 -13.10
CA ALA A 694 53.42 -2.05 -12.36
C ALA A 694 54.50 -3.11 -12.41
N TYR A 695 54.75 -3.75 -11.27
CA TYR A 695 55.87 -4.68 -11.16
C TYR A 695 55.52 -5.77 -10.16
N THR A 696 56.30 -6.85 -10.20
CA THR A 696 56.25 -7.88 -9.17
C THR A 696 57.12 -7.48 -8.00
N MET A 697 56.55 -7.53 -6.79
CA MET A 697 57.21 -6.95 -5.65
C MET A 697 58.39 -7.80 -5.19
N SER A 698 59.33 -7.14 -4.53
CA SER A 698 60.50 -7.79 -3.96
C SER A 698 60.25 -7.98 -2.47
N LEU A 699 60.63 -9.15 -1.96
CA LEU A 699 60.46 -9.41 -0.53
C LEU A 699 61.63 -8.89 0.29
N GLY A 700 62.74 -8.55 -0.33
CA GLY A 700 63.90 -8.11 0.40
C GLY A 700 65.15 -8.41 -0.39
N ALA A 701 66.29 -8.17 0.25
CA ALA A 701 67.59 -8.36 -0.35
C ALA A 701 68.16 -9.70 0.06
N GLU A 702 68.63 -10.48 -0.89
CA GLU A 702 69.17 -11.79 -0.61
C GLU A 702 70.51 -11.68 0.11
N ASN A 703 70.80 -12.67 0.95
CA ASN A 703 71.97 -12.64 1.81
C ASN A 703 72.26 -14.07 2.22
N SER A 704 73.33 -14.65 1.71
CA SER A 704 73.79 -15.96 2.13
C SER A 704 74.80 -15.79 3.24
N VAL A 705 74.60 -16.47 4.34
CA VAL A 705 75.42 -16.34 5.53
C VAL A 705 76.63 -17.23 5.38
N ALA A 706 77.77 -16.73 5.83
CA ALA A 706 79.05 -17.44 5.69
C ALA A 706 79.18 -18.55 6.72
N TYR A 707 78.42 -19.60 6.51
CA TYR A 707 78.37 -20.71 7.46
C TYR A 707 79.45 -21.73 7.15
N SER A 708 80.30 -22.00 8.13
CA SER A 708 81.14 -23.19 8.12
C SER A 708 80.99 -23.85 9.47
N ASN A 709 81.68 -24.96 9.67
CA ASN A 709 81.54 -25.72 10.88
C ASN A 709 82.59 -25.39 11.93
N ASN A 710 83.42 -24.38 11.68
CA ASN A 710 84.29 -23.85 12.73
C ASN A 710 84.46 -22.35 12.64
N SER A 711 83.46 -21.64 12.14
CA SER A 711 83.52 -20.20 12.04
C SER A 711 82.47 -19.54 12.92
N ILE A 712 82.83 -18.41 13.52
CA ILE A 712 81.95 -17.67 14.40
C ILE A 712 82.16 -16.18 14.13
N ALA A 713 81.10 -15.41 14.32
CA ALA A 713 81.16 -13.96 14.26
C ALA A 713 80.77 -13.42 15.63
N ILE A 714 81.53 -12.45 16.11
CA ILE A 714 81.32 -11.87 17.44
C ILE A 714 81.31 -10.36 17.30
N PRO A 715 80.40 -9.65 17.97
CA PRO A 715 80.35 -8.20 17.82
C PRO A 715 81.41 -7.49 18.64
N THR A 716 81.89 -6.38 18.13
CA THR A 716 82.89 -5.59 18.83
C THR A 716 82.35 -4.26 19.34
N ASN A 717 81.12 -3.89 19.01
CA ASN A 717 80.57 -2.63 19.46
C ASN A 717 79.08 -2.81 19.66
N PHE A 718 78.38 -1.73 19.97
CA PHE A 718 76.93 -1.78 20.12
C PHE A 718 76.36 -0.40 19.81
N THR A 719 75.05 -0.37 19.59
CA THR A 719 74.30 0.85 19.55
C THR A 719 73.12 0.78 20.52
N ILE A 720 72.84 1.89 21.17
CA ILE A 720 71.65 2.07 21.97
C ILE A 720 70.57 2.63 21.07
N SER A 721 69.49 1.89 20.89
CA SER A 721 68.41 2.39 20.06
C SER A 721 67.14 2.54 20.88
N VAL A 722 66.28 3.46 20.47
CA VAL A 722 65.00 3.67 21.13
C VAL A 722 63.92 3.87 20.08
N THR A 723 62.84 3.11 20.20
CA THR A 723 61.74 3.14 19.25
C THR A 723 60.43 3.41 19.98
N THR A 724 59.38 3.70 19.21
CA THR A 724 58.07 3.96 19.79
C THR A 724 57.07 2.87 19.44
N GLU A 725 56.06 2.76 20.29
CA GLU A 725 54.92 1.89 20.02
C GLU A 725 53.66 2.56 20.53
N ILE A 726 52.65 2.68 19.66
CA ILE A 726 51.43 3.44 19.94
C ILE A 726 50.27 2.47 20.09
N LEU A 727 49.47 2.65 21.15
CA LEU A 727 48.35 1.75 21.36
C LEU A 727 47.10 2.50 21.81
N PRO A 728 45.95 2.25 21.19
CA PRO A 728 44.69 2.77 21.70
C PRO A 728 44.22 2.07 22.96
N VAL A 729 43.74 2.86 23.93
CA VAL A 729 43.19 2.24 25.12
C VAL A 729 41.70 2.51 25.25
N SER A 730 41.22 3.67 24.83
CA SER A 730 39.81 3.99 25.00
C SER A 730 39.21 4.54 23.72
N MET A 731 37.89 4.68 23.73
CA MET A 731 37.14 5.40 22.71
C MET A 731 36.10 6.24 23.44
N THR A 732 35.31 7.00 22.68
CA THR A 732 34.41 7.96 23.29
C THR A 732 33.12 7.32 23.77
N LYS A 733 32.68 7.75 24.94
CA LYS A 733 31.44 7.29 25.52
C LYS A 733 30.28 8.11 25.00
N THR A 734 29.38 7.46 24.28
CA THR A 734 28.22 8.13 23.72
C THR A 734 26.97 7.52 24.33
N SER A 735 25.94 8.34 24.41
CA SER A 735 24.63 7.88 24.83
C SER A 735 23.62 8.35 23.80
N VAL A 736 22.59 7.54 23.61
CA VAL A 736 21.46 7.92 22.78
C VAL A 736 20.21 7.84 23.63
N ASP A 737 19.22 8.62 23.24
CA ASP A 737 17.88 8.54 23.81
C ASP A 737 16.96 8.06 22.70
N CYS A 738 16.72 6.75 22.67
CA CYS A 738 15.86 6.11 21.68
C CYS A 738 14.64 6.94 21.31
N THR A 739 13.86 7.36 22.29
CA THR A 739 12.60 8.02 22.01
C THR A 739 12.82 9.36 21.33
N MET A 740 13.84 10.11 21.74
CA MET A 740 14.07 11.41 21.15
C MET A 740 14.67 11.30 19.76
N TYR A 741 15.27 10.16 19.44
CA TYR A 741 15.83 9.97 18.11
C TYR A 741 14.77 9.48 17.14
N ILE A 742 13.95 8.53 17.58
CA ILE A 742 12.97 7.93 16.68
C ILE A 742 11.78 8.87 16.48
N CYS A 743 11.33 9.53 17.55
CA CYS A 743 10.11 10.31 17.49
C CYS A 743 10.37 11.81 17.54
N GLY A 744 11.30 12.24 18.37
CA GLY A 744 11.61 13.65 18.45
C GLY A 744 10.50 14.45 19.08
N ASP A 745 10.04 14.03 20.25
CA ASP A 745 9.08 14.77 21.05
C ASP A 745 7.78 15.03 20.28
N SER A 746 7.08 13.92 19.99
CA SER A 746 5.76 13.96 19.39
C SER A 746 4.97 12.78 19.92
N THR A 747 3.83 13.05 20.55
CA THR A 747 3.11 12.01 21.29
C THR A 747 2.51 10.96 20.38
N GLU A 748 2.26 11.30 19.11
CA GLU A 748 1.70 10.31 18.20
C GLU A 748 2.69 9.20 17.93
N CYS A 749 3.92 9.55 17.55
CA CYS A 749 4.95 8.53 17.32
C CYS A 749 5.28 7.79 18.60
N SER A 750 5.27 8.49 19.74
CA SER A 750 5.69 7.88 20.98
C SER A 750 4.71 6.81 21.46
N ASN A 751 3.45 6.92 21.10
CA ASN A 751 2.49 5.90 21.49
C ASN A 751 2.56 4.68 20.61
N LEU A 752 2.79 4.87 19.32
CA LEU A 752 3.03 3.76 18.42
C LEU A 752 4.27 2.97 18.81
N LEU A 753 5.29 3.64 19.34
CA LEU A 753 6.55 3.02 19.72
C LEU A 753 6.39 2.04 20.87
N LEU A 754 5.47 2.30 21.79
CA LEU A 754 5.18 1.40 22.89
C LEU A 754 4.82 0.00 22.43
N GLN A 755 4.33 -0.15 21.20
CA GLN A 755 3.96 -1.45 20.69
C GLN A 755 5.15 -2.32 20.34
N TYR A 756 6.36 -1.79 20.42
CA TYR A 756 7.53 -2.56 20.05
C TYR A 756 8.21 -3.19 21.24
N GLY A 757 7.70 -2.99 22.42
CA GLY A 757 8.18 -3.73 23.57
C GLY A 757 9.29 -2.98 24.30
N SER A 758 10.45 -3.60 24.40
CA SER A 758 11.54 -3.07 25.20
C SER A 758 12.84 -2.98 24.41
N PHE A 759 12.76 -2.78 23.09
CA PHE A 759 13.98 -2.68 22.30
C PHE A 759 14.85 -1.52 22.76
N CYS A 760 14.23 -0.45 23.22
CA CYS A 760 14.97 0.75 23.51
C CYS A 760 15.48 0.80 24.94
N THR A 761 15.13 -0.18 25.76
CA THR A 761 15.82 -0.34 27.02
C THR A 761 17.05 -1.21 26.85
N GLN A 762 16.97 -2.18 25.93
CA GLN A 762 18.14 -2.97 25.57
C GLN A 762 19.22 -2.13 24.92
N LEU A 763 18.86 -1.27 23.98
CA LEU A 763 19.89 -0.45 23.34
C LEU A 763 20.64 0.41 24.35
N ASN A 764 19.92 1.02 25.28
CA ASN A 764 20.57 1.83 26.30
C ASN A 764 21.41 1.00 27.25
N ARG A 765 20.95 -0.19 27.61
CA ARG A 765 21.77 -1.07 28.43
C ARG A 765 23.08 -1.39 27.74
N ALA A 766 23.03 -1.67 26.44
CA ALA A 766 24.25 -1.98 25.71
C ALA A 766 25.22 -0.81 25.69
N LEU A 767 24.72 0.38 25.38
CA LEU A 767 25.60 1.54 25.32
C LEU A 767 26.16 1.91 26.69
N THR A 768 25.41 1.70 27.76
CA THR A 768 25.93 1.96 29.09
C THR A 768 27.00 0.96 29.47
N GLY A 769 26.80 -0.31 29.14
CA GLY A 769 27.80 -1.31 29.38
C GLY A 769 29.10 -1.06 28.64
N ILE A 770 29.05 -0.47 27.45
CA ILE A 770 30.31 -0.15 26.79
C ILE A 770 30.87 1.20 27.19
N ALA A 771 30.08 2.09 27.79
CA ALA A 771 30.67 3.32 28.29
C ALA A 771 31.32 3.15 29.66
N VAL A 772 30.94 2.14 30.43
CA VAL A 772 31.62 1.91 31.70
C VAL A 772 32.98 1.22 31.49
N GLU A 773 33.06 0.31 30.53
CA GLU A 773 34.31 -0.36 30.30
C GLU A 773 35.36 0.52 29.65
N GLN A 774 35.01 1.69 29.12
CA GLN A 774 36.04 2.59 28.62
C GLN A 774 36.85 3.19 29.75
N ASP A 775 36.22 3.46 30.88
CA ASP A 775 36.95 3.89 32.06
C ASP A 775 37.67 2.75 32.74
N LYS A 776 37.08 1.56 32.71
CA LYS A 776 37.84 0.41 33.19
C LYS A 776 39.09 0.15 32.35
N ASN A 777 39.06 0.43 31.05
CA ASN A 777 40.23 0.23 30.20
C ASN A 777 41.38 1.12 30.63
N THR A 778 41.11 2.39 30.91
CA THR A 778 42.16 3.33 31.31
C THR A 778 42.69 3.05 32.69
N GLN A 779 41.81 2.66 33.61
CA GLN A 779 42.25 2.41 34.97
C GLN A 779 43.28 1.29 35.04
N GLU A 780 43.18 0.29 34.18
CA GLU A 780 44.10 -0.83 34.27
C GLU A 780 45.39 -0.64 33.50
N VAL A 781 45.48 0.35 32.63
CA VAL A 781 46.75 0.67 32.01
C VAL A 781 47.54 1.63 32.89
N PHE A 782 46.87 2.59 33.51
CA PHE A 782 47.63 3.68 34.10
C PHE A 782 47.75 3.64 35.61
N ALA A 783 46.76 3.12 36.32
CA ALA A 783 46.84 3.06 37.79
C ALA A 783 47.60 1.80 38.17
N GLN A 784 48.88 1.77 37.85
CA GLN A 784 49.76 0.66 38.17
C GLN A 784 50.76 1.06 39.26
N VAL A 785 50.42 2.07 40.04
CA VAL A 785 51.23 2.55 41.14
C VAL A 785 50.31 2.78 42.31
N LYS A 786 50.85 2.64 43.52
CA LYS A 786 50.17 3.05 44.72
C LYS A 786 50.53 4.46 45.14
N GLN A 787 51.82 4.78 45.15
CA GLN A 787 52.30 6.11 45.47
C GLN A 787 52.47 6.93 44.21
N ILE A 788 52.41 8.24 44.37
CA ILE A 788 52.79 9.17 43.33
C ILE A 788 54.22 9.57 43.62
N TYR A 789 55.16 9.03 42.87
CA TYR A 789 56.55 9.30 43.11
C TYR A 789 56.97 10.57 42.40
N LYS A 790 57.84 11.33 43.05
CA LYS A 790 58.41 12.54 42.49
C LYS A 790 59.91 12.35 42.32
N THR A 791 60.45 13.04 41.34
CA THR A 791 61.87 12.93 41.05
C THR A 791 62.64 13.97 41.87
N PRO A 792 63.94 13.76 42.09
CA PRO A 792 64.68 14.69 42.94
C PRO A 792 64.92 16.01 42.24
N PRO A 793 65.11 17.08 43.00
CA PRO A 793 65.36 18.38 42.35
C PRO A 793 66.69 18.44 41.61
N ILE A 794 67.78 17.93 42.17
CA ILE A 794 69.07 17.90 41.50
C ILE A 794 69.20 16.55 40.79
N LYS A 795 69.27 16.60 39.46
CA LYS A 795 69.08 15.44 38.60
C LYS A 795 70.39 15.06 37.93
N ASP A 796 71.19 14.24 38.60
CA ASP A 796 72.41 13.72 37.98
C ASP A 796 72.29 12.21 37.88
N PHE A 797 71.98 11.73 36.69
CA PHE A 797 71.71 10.34 36.43
C PHE A 797 72.82 9.68 35.63
N GLY A 798 74.06 10.10 35.88
CA GLY A 798 75.21 9.48 35.25
C GLY A 798 75.51 9.91 33.84
N GLY A 799 74.99 11.05 33.41
CA GLY A 799 75.15 11.50 32.05
C GLY A 799 73.92 11.35 31.21
N PHE A 800 72.95 10.57 31.66
CA PHE A 800 71.69 10.40 30.96
C PHE A 800 70.80 11.60 31.23
N ASN A 801 70.04 12.00 30.22
CA ASN A 801 69.29 13.24 30.23
C ASN A 801 67.86 12.91 29.87
N PHE A 802 66.94 13.07 30.83
CA PHE A 802 65.55 12.72 30.63
C PHE A 802 64.65 13.95 30.53
N SER A 803 65.20 15.08 30.10
CA SER A 803 64.47 16.34 30.24
C SER A 803 63.31 16.48 29.26
N GLN A 804 63.34 15.79 28.13
CA GLN A 804 62.26 15.87 27.16
C GLN A 804 61.10 14.92 27.47
N ILE A 805 61.21 14.08 28.50
CA ILE A 805 60.13 13.20 28.90
C ILE A 805 59.73 13.38 30.35
N LEU A 806 60.30 14.23 31.00
CA LEU A 806 59.88 14.55 32.36
C LEU A 806 58.92 15.73 32.35
N PRO A 807 58.03 15.84 33.33
CA PRO A 807 57.01 16.89 33.29
C PRO A 807 57.61 18.29 33.26
N ASP A 808 56.89 19.20 32.63
CA ASP A 808 57.30 20.57 32.44
C ASP A 808 56.28 21.50 33.08
N PRO A 809 56.64 22.24 34.12
CA PRO A 809 55.61 23.04 34.82
C PRO A 809 55.06 24.19 34.01
N SER A 810 55.86 24.84 33.18
CA SER A 810 55.41 25.95 32.35
C SER A 810 54.56 25.53 31.17
N LYS A 811 54.24 24.24 31.03
CA LYS A 811 53.48 23.72 29.90
C LYS A 811 52.02 23.53 30.29
N PRO A 812 51.14 23.23 29.31
CA PRO A 812 49.73 22.97 29.65
C PRO A 812 49.52 21.59 30.25
N SER A 813 48.81 21.54 31.38
CA SER A 813 48.48 20.36 32.15
C SER A 813 49.70 19.70 32.77
N LYS A 814 50.84 20.39 32.84
CA LYS A 814 52.07 19.83 33.41
C LYS A 814 52.54 18.60 32.66
N ARG A 815 52.45 18.65 31.33
CA ARG A 815 52.89 17.56 30.49
C ARG A 815 54.37 17.67 30.19
N SER A 816 54.93 16.57 29.74
CA SER A 816 56.28 16.55 29.23
C SER A 816 56.33 17.19 27.85
N PHE A 817 57.54 17.43 27.37
CA PHE A 817 57.70 18.07 26.08
C PHE A 817 57.23 17.16 24.95
N ILE A 818 57.37 15.85 25.11
CA ILE A 818 56.97 14.93 24.05
C ILE A 818 55.49 14.59 24.18
N GLU A 819 54.92 14.70 25.37
CA GLU A 819 53.48 14.53 25.51
C GLU A 819 52.70 15.65 24.88
N ASP A 820 53.32 16.80 24.64
CA ASP A 820 52.68 17.90 23.94
C ASP A 820 52.64 17.68 22.44
N LEU A 821 53.76 17.30 21.83
CA LEU A 821 53.76 17.00 20.41
C LEU A 821 52.71 15.96 20.06
N LEU A 822 52.37 15.08 21.00
CA LEU A 822 51.37 14.06 20.74
C LEU A 822 49.97 14.61 20.83
N PHE A 823 49.69 15.53 21.75
CA PHE A 823 48.37 16.12 21.85
C PHE A 823 48.10 17.18 20.81
N ASN A 824 49.12 17.58 20.06
CA ASN A 824 48.95 18.50 18.96
C ASN A 824 48.80 17.81 17.63
N LYS A 825 49.20 16.55 17.52
CA LYS A 825 49.17 15.88 16.23
C LYS A 825 47.83 15.20 16.00
N VAL A 826 47.21 14.69 17.06
CA VAL A 826 45.89 14.07 16.95
C VAL A 826 44.91 14.73 17.90
N PHE A 855 22.75 16.50 19.73
CA PHE A 855 22.03 17.23 18.71
C PHE A 855 20.57 16.84 18.67
N ASN A 856 20.29 15.53 18.60
CA ASN A 856 18.92 15.08 18.83
C ASN A 856 18.91 13.71 19.48
N GLY A 857 18.94 13.69 20.81
CA GLY A 857 19.05 12.48 21.56
C GLY A 857 20.43 11.88 21.65
N LEU A 858 21.45 12.56 21.17
CA LEU A 858 22.81 12.07 21.16
C LEU A 858 23.66 12.90 22.10
N THR A 859 24.35 12.25 23.03
CA THR A 859 25.24 12.96 23.94
C THR A 859 26.56 12.22 24.08
N VAL A 860 27.57 12.96 24.54
CA VAL A 860 28.90 12.43 24.77
C VAL A 860 29.24 12.62 26.23
N LEU A 861 29.56 11.55 26.91
CA LEU A 861 29.90 11.60 28.32
C LEU A 861 31.40 11.78 28.51
N PRO A 862 31.81 12.53 29.51
CA PRO A 862 33.24 12.76 29.73
C PRO A 862 33.89 11.58 30.41
N PRO A 863 35.18 11.36 30.18
CA PRO A 863 35.87 10.29 30.89
C PRO A 863 36.12 10.63 32.34
N LEU A 864 36.23 9.59 33.16
CA LEU A 864 36.34 9.77 34.60
C LEU A 864 37.68 10.38 34.99
N LEU A 865 38.76 9.91 34.38
CA LEU A 865 40.08 10.49 34.56
C LEU A 865 40.29 11.59 33.53
N THR A 866 40.66 12.77 34.00
CA THR A 866 41.00 13.87 33.10
C THR A 866 42.35 13.58 32.45
N ASP A 867 42.79 14.46 31.55
CA ASP A 867 44.11 14.29 30.97
C ASP A 867 45.21 14.68 31.94
N GLU A 868 44.91 15.57 32.86
CA GLU A 868 45.86 15.96 33.89
C GLU A 868 46.16 14.79 34.82
N MET A 869 45.14 14.04 35.19
CA MET A 869 45.33 12.87 36.04
C MET A 869 46.15 11.80 35.36
N ILE A 870 45.95 11.58 34.07
CA ILE A 870 46.73 10.55 33.38
C ILE A 870 48.17 10.99 33.18
N ALA A 871 48.41 12.28 32.96
CA ALA A 871 49.80 12.73 32.90
C ALA A 871 50.48 12.63 34.26
N GLN A 872 49.75 12.86 35.34
CA GLN A 872 50.24 12.57 36.67
C GLN A 872 50.62 11.11 36.87
N TYR A 873 49.79 10.19 36.41
CA TYR A 873 50.11 8.77 36.52
C TYR A 873 51.38 8.41 35.76
N THR A 874 51.53 8.90 34.53
CA THR A 874 52.74 8.55 33.81
C THR A 874 53.98 9.20 34.38
N SER A 875 53.88 10.38 34.97
CA SER A 875 55.06 10.94 35.61
C SER A 875 55.42 10.20 36.90
N ALA A 876 54.44 9.65 37.63
CA ALA A 876 54.79 8.79 38.74
C ALA A 876 55.45 7.48 38.30
N LEU A 877 54.98 6.86 37.22
CA LEU A 877 55.67 5.67 36.72
C LEU A 877 57.10 6.00 36.30
N LEU A 878 57.27 7.10 35.60
CA LEU A 878 58.57 7.47 35.09
C LEU A 878 59.55 7.90 36.16
N ALA A 879 59.09 8.51 37.24
CA ALA A 879 59.98 8.82 38.33
C ALA A 879 60.29 7.61 39.19
N GLY A 880 59.41 6.63 39.25
CA GLY A 880 59.67 5.37 39.90
C GLY A 880 60.75 4.59 39.20
N THR A 881 60.72 4.55 37.88
CA THR A 881 61.71 3.75 37.17
C THR A 881 63.07 4.43 37.05
N ILE A 882 63.13 5.75 36.91
CA ILE A 882 64.42 6.44 36.83
C ILE A 882 65.18 6.32 38.13
N THR A 883 64.50 5.99 39.20
CA THR A 883 65.04 6.24 40.53
C THR A 883 65.14 4.98 41.37
N SER A 884 64.33 3.97 41.08
CA SER A 884 64.32 2.73 41.85
C SER A 884 64.48 1.49 41.01
N GLY A 885 64.64 1.62 39.69
CA GLY A 885 64.59 0.46 38.84
C GLY A 885 63.25 -0.24 38.90
N TRP A 886 63.31 -1.56 38.94
CA TRP A 886 62.13 -2.43 38.95
C TRP A 886 61.67 -2.79 40.36
N THR A 887 62.19 -2.14 41.38
CA THR A 887 61.84 -2.54 42.74
C THR A 887 60.48 -2.02 43.17
N PHE A 888 60.00 -0.93 42.58
CA PHE A 888 58.74 -0.35 43.04
C PHE A 888 57.54 -1.12 42.51
N GLY A 889 57.73 -1.92 41.46
CA GLY A 889 56.67 -2.75 40.97
C GLY A 889 56.55 -4.07 41.69
N ALA A 890 57.37 -4.30 42.70
CA ALA A 890 57.29 -5.50 43.49
C ALA A 890 57.11 -5.24 44.98
N GLY A 891 57.10 -3.98 45.40
CA GLY A 891 57.05 -3.66 46.81
C GLY A 891 57.34 -2.20 47.00
N ALA A 892 58.02 -1.90 48.11
CA ALA A 892 58.49 -0.54 48.34
C ALA A 892 59.62 -0.20 47.39
N ALA A 893 59.64 1.05 46.94
CA ALA A 893 60.71 1.54 46.08
C ALA A 893 62.01 1.66 46.83
N LEU A 894 63.07 1.06 46.30
CA LEU A 894 64.41 1.18 46.85
C LEU A 894 65.30 1.88 45.86
N GLN A 895 65.88 2.99 46.27
CA GLN A 895 66.71 3.77 45.36
C GLN A 895 68.03 3.07 45.09
N ILE A 896 68.58 3.35 43.92
CA ILE A 896 69.85 2.82 43.44
C ILE A 896 70.38 3.86 42.47
N PRO A 897 71.68 4.11 42.40
CA PRO A 897 72.19 5.06 41.40
C PRO A 897 71.93 4.57 39.98
N PHE A 898 71.73 5.51 39.05
CA PHE A 898 71.20 5.12 37.75
C PHE A 898 72.16 4.27 36.94
N ALA A 899 73.47 4.51 37.04
CA ALA A 899 74.41 3.72 36.27
C ALA A 899 74.54 2.30 36.82
N MET A 900 74.33 2.11 38.12
CA MET A 900 74.34 0.77 38.65
C MET A 900 73.10 0.00 38.23
N GLN A 901 71.98 0.68 38.08
CA GLN A 901 70.80 0.08 37.51
C GLN A 901 71.02 -0.32 36.06
N MET A 902 71.65 0.56 35.28
CA MET A 902 72.02 0.25 33.91
C MET A 902 72.95 -0.96 33.83
N ALA A 903 73.87 -1.10 34.79
CA ALA A 903 74.72 -2.28 34.83
C ALA A 903 73.95 -3.57 35.14
N TYR A 904 73.00 -3.52 36.05
CA TYR A 904 72.13 -4.67 36.27
C TYR A 904 71.37 -5.07 35.00
N ARG A 905 70.84 -4.08 34.28
CA ARG A 905 70.15 -4.39 33.04
C ARG A 905 71.08 -4.98 31.98
N PHE A 906 72.33 -4.53 31.92
CA PHE A 906 73.29 -5.16 31.02
C PHE A 906 73.55 -6.60 31.43
N ASN A 907 73.65 -6.87 32.73
CA ASN A 907 73.73 -8.26 33.18
C ASN A 907 72.54 -9.07 32.71
N GLY A 908 71.36 -8.47 32.68
CA GLY A 908 70.17 -9.21 32.31
C GLY A 908 70.12 -9.65 30.86
N ILE A 909 70.91 -9.01 29.99
CA ILE A 909 71.02 -9.44 28.61
C ILE A 909 72.30 -10.20 28.34
N GLY A 910 73.05 -10.57 29.37
CA GLY A 910 74.24 -11.35 29.18
C GLY A 910 75.51 -10.63 28.80
N VAL A 911 75.64 -9.36 29.15
CA VAL A 911 76.90 -8.63 29.02
C VAL A 911 77.41 -8.37 30.43
N THR A 912 78.72 -8.28 30.58
CA THR A 912 79.25 -8.02 31.92
C THR A 912 79.19 -6.54 32.25
N GLN A 913 79.41 -6.23 33.53
CA GLN A 913 79.17 -4.89 34.05
C GLN A 913 80.28 -3.93 33.71
N ASN A 914 81.52 -4.42 33.66
CA ASN A 914 82.63 -3.58 33.22
C ASN A 914 82.41 -3.03 31.82
N VAL A 915 81.64 -3.70 30.97
CA VAL A 915 81.36 -3.16 29.65
C VAL A 915 80.49 -1.91 29.72
N LEU A 916 79.61 -1.81 30.72
CA LEU A 916 78.90 -0.56 30.92
C LEU A 916 79.79 0.49 31.59
N TYR A 917 80.54 0.10 32.61
CA TYR A 917 81.24 1.12 33.37
C TYR A 917 82.40 1.71 32.59
N GLU A 918 82.95 0.98 31.63
CA GLU A 918 84.05 1.51 30.83
C GLU A 918 83.57 2.25 29.60
N ASN A 919 82.28 2.21 29.30
CA ASN A 919 81.70 2.85 28.14
C ASN A 919 80.56 3.75 28.55
N GLN A 920 80.57 4.19 29.80
CA GLN A 920 79.47 4.99 30.32
C GLN A 920 79.19 6.24 29.49
N LYS A 921 80.20 7.05 29.20
CA LYS A 921 79.92 8.30 28.49
C LYS A 921 79.44 8.04 27.07
N LEU A 922 79.95 7.02 26.42
CA LEU A 922 79.50 6.70 25.07
C LEU A 922 78.06 6.20 25.07
N ILE A 923 77.71 5.35 26.03
CA ILE A 923 76.36 4.82 26.12
C ILE A 923 75.37 5.93 26.45
N ALA A 924 75.77 6.86 27.30
CA ALA A 924 74.93 7.99 27.63
C ALA A 924 74.76 8.96 26.47
N ASN A 925 75.82 9.22 25.70
CA ASN A 925 75.70 10.04 24.52
C ASN A 925 74.81 9.41 23.46
N GLN A 926 74.94 8.11 23.23
CA GLN A 926 74.06 7.44 22.29
C GLN A 926 72.61 7.51 22.73
N PHE A 927 72.34 7.30 24.03
CA PHE A 927 70.98 7.41 24.50
C PHE A 927 70.42 8.82 24.32
N ASN A 928 71.19 9.85 24.67
CA ASN A 928 70.70 11.22 24.54
C ASN A 928 70.45 11.59 23.08
N SER A 929 71.35 11.20 22.20
CA SER A 929 71.19 11.48 20.79
C SER A 929 70.04 10.71 20.17
N ALA A 930 69.68 9.56 20.72
CA ALA A 930 68.55 8.80 20.19
C ALA A 930 67.21 9.25 20.75
N ILE A 931 67.19 9.81 21.96
CA ILE A 931 65.98 10.47 22.44
C ILE A 931 65.76 11.76 21.68
N GLY A 932 66.83 12.43 21.25
CA GLY A 932 66.68 13.62 20.44
C GLY A 932 66.08 13.41 19.07
N LYS A 933 66.07 12.18 18.57
CA LYS A 933 65.53 11.93 17.24
C LYS A 933 64.05 11.56 17.27
N ILE A 934 63.57 10.94 18.34
CA ILE A 934 62.13 10.78 18.52
C ILE A 934 61.45 12.12 18.39
N GLN A 935 62.03 13.14 19.02
CA GLN A 935 61.41 14.46 19.05
C GLN A 935 61.34 15.08 17.67
N ASP A 936 62.36 14.88 16.84
CA ASP A 936 62.31 15.35 15.47
C ASP A 936 61.30 14.57 14.65
N SER A 937 61.40 13.25 14.64
CA SER A 937 60.50 12.45 13.84
C SER A 937 59.04 12.67 14.19
N LEU A 938 58.72 13.00 15.43
CA LEU A 938 57.33 13.33 15.73
C LEU A 938 57.01 14.78 15.41
N SER A 939 57.90 15.71 15.77
CA SER A 939 57.68 17.12 15.51
C SER A 939 57.57 17.44 14.02
N SER A 940 58.05 16.57 13.14
CA SER A 940 58.04 16.83 11.71
C SER A 940 56.79 16.27 11.05
N ALA A 944 52.12 9.67 11.95
CA ALA A 944 52.73 8.58 12.71
C ALA A 944 51.76 8.04 13.78
N LEU A 945 50.85 8.89 14.24
CA LEU A 945 49.79 8.46 15.15
C LEU A 945 48.54 8.05 14.37
N GLY A 946 48.71 7.24 13.34
CA GLY A 946 47.58 6.79 12.57
C GLY A 946 46.67 5.83 13.27
N LYS A 947 47.20 5.00 14.17
CA LYS A 947 46.36 4.07 14.90
C LYS A 947 45.43 4.79 15.87
N LEU A 948 45.85 5.94 16.39
CA LEU A 948 44.96 6.72 17.23
C LEU A 948 43.98 7.54 16.43
N GLN A 949 44.41 8.01 15.26
CA GLN A 949 43.54 8.78 14.38
C GLN A 949 42.42 7.92 13.80
N ASP A 950 42.70 6.64 13.54
CA ASP A 950 41.69 5.80 12.92
C ASP A 950 40.52 5.52 13.84
N VAL A 951 40.74 5.34 15.14
CA VAL A 951 39.61 5.07 16.01
C VAL A 951 38.76 6.31 16.19
N VAL A 952 39.36 7.50 16.18
CA VAL A 952 38.57 8.72 16.18
C VAL A 952 37.73 8.83 14.91
N ASN A 953 38.36 8.64 13.76
CA ASN A 953 37.66 8.73 12.48
C ASN A 953 36.50 7.74 12.39
N GLN A 954 36.71 6.49 12.79
CA GLN A 954 35.64 5.49 12.68
C GLN A 954 34.41 5.89 13.51
N ASN A 955 34.63 6.34 14.73
CA ASN A 955 33.52 6.73 15.57
C ASN A 955 32.77 7.93 15.01
N ALA A 956 33.48 8.94 14.51
CA ALA A 956 32.81 10.08 13.89
C ALA A 956 32.06 9.71 12.62
N GLN A 957 32.65 8.86 11.78
CA GLN A 957 31.97 8.41 10.58
C GLN A 957 30.72 7.62 10.90
N ALA A 958 30.69 6.92 12.02
CA ALA A 958 29.46 6.20 12.38
C ALA A 958 28.41 7.13 12.97
N LEU A 959 28.82 8.08 13.82
CA LEU A 959 27.86 9.01 14.36
C LEU A 959 27.25 9.90 13.29
N ASN A 960 27.98 10.20 12.22
CA ASN A 960 27.40 11.00 11.17
C ASN A 960 26.41 10.21 10.34
N THR A 961 26.73 8.95 10.04
CA THR A 961 25.78 8.09 9.37
C THR A 961 24.51 7.88 10.17
N LEU A 962 24.59 7.90 11.49
CA LEU A 962 23.38 7.78 12.29
C LEU A 962 22.45 8.98 12.12
N VAL A 963 23.01 10.19 12.11
CA VAL A 963 22.18 11.38 11.97
C VAL A 963 21.69 11.55 10.54
N LYS A 964 22.50 11.21 9.55
CA LYS A 964 22.08 11.34 8.17
C LYS A 964 20.96 10.39 7.79
N GLN A 965 20.58 9.47 8.67
CA GLN A 965 19.46 8.59 8.41
C GLN A 965 18.14 9.18 8.86
N LEU A 966 18.16 10.29 9.57
CA LEU A 966 16.95 10.96 10.02
C LEU A 966 16.31 11.74 8.88
N SER A 967 16.83 11.57 7.66
CA SER A 967 16.29 12.24 6.51
C SER A 967 16.09 11.29 5.36
N SER A 968 15.67 10.07 5.66
CA SER A 968 15.25 9.12 4.64
C SER A 968 13.81 8.74 4.90
N ASN A 969 13.09 8.42 3.82
CA ASN A 969 11.67 8.12 3.90
C ASN A 969 11.41 6.68 4.33
N PHE A 970 12.25 5.75 3.88
CA PHE A 970 12.00 4.33 4.02
C PHE A 970 10.67 3.90 3.42
N GLY A 971 10.19 4.64 2.42
CA GLY A 971 8.91 4.34 1.82
C GLY A 971 7.75 5.04 2.51
N ALA A 972 7.87 6.35 2.65
CA ALA A 972 6.81 7.16 3.23
C ALA A 972 6.71 8.43 2.39
N ILE A 973 5.74 9.28 2.73
CA ILE A 973 5.54 10.48 1.93
C ILE A 973 6.57 11.56 2.24
N SER A 974 7.08 11.63 3.45
CA SER A 974 8.16 12.55 3.76
C SER A 974 9.02 11.94 4.87
N SER A 975 9.95 12.76 5.36
CA SER A 975 10.83 12.38 6.46
C SER A 975 10.49 13.15 7.73
N VAL A 976 9.46 13.97 7.70
CA VAL A 976 9.12 14.86 8.80
C VAL A 976 7.81 14.39 9.40
N LEU A 977 7.73 14.30 10.72
CA LEU A 977 6.47 13.92 11.35
C LEU A 977 5.47 15.06 11.35
N ASN A 978 5.95 16.31 11.30
CA ASN A 978 5.05 17.44 11.17
C ASN A 978 4.51 17.60 9.76
N ASP A 979 4.94 16.76 8.82
CA ASP A 979 4.35 16.74 7.50
C ASP A 979 3.42 15.58 7.28
N ILE A 980 3.58 14.47 8.01
CA ILE A 980 2.58 13.43 7.97
C ILE A 980 1.44 13.75 8.93
N LEU A 981 1.70 14.52 9.98
CA LEU A 981 0.65 14.96 10.87
C LEU A 981 -0.03 16.24 10.40
N SER A 982 0.18 16.65 9.15
CA SER A 982 -0.45 17.86 8.63
C SER A 982 -1.18 17.64 7.31
N ARG A 983 -0.86 16.58 6.56
CA ARG A 983 -1.62 16.29 5.35
C ARG A 983 -2.09 14.85 5.35
N LEU A 984 -2.51 14.35 6.51
CA LEU A 984 -3.09 13.02 6.61
C LEU A 984 -3.93 12.98 7.87
N ASP A 985 -5.06 12.30 7.79
CA ASP A 985 -5.88 12.08 8.96
C ASP A 985 -5.30 10.94 9.79
N PRO A 986 -5.60 10.91 11.09
CA PRO A 986 -4.94 9.97 12.00
C PRO A 986 -4.99 8.53 11.51
N PRO A 987 -6.08 8.06 10.90
CA PRO A 987 -6.06 6.67 10.42
C PRO A 987 -5.07 6.43 9.30
N GLU A 988 -4.72 7.46 8.53
CA GLU A 988 -3.77 7.29 7.43
C GLU A 988 -2.35 7.63 7.83
N ALA A 989 -2.17 8.39 8.89
CA ALA A 989 -0.82 8.76 9.32
C ALA A 989 -0.18 7.68 10.16
N GLU A 990 -0.96 6.78 10.75
CA GLU A 990 -0.37 5.63 11.44
C GLU A 990 0.45 4.77 10.50
N VAL A 991 -0.06 4.52 9.30
CA VAL A 991 0.61 3.64 8.37
C VAL A 991 1.91 4.26 7.87
N GLN A 992 1.94 5.59 7.81
CA GLN A 992 3.12 6.27 7.33
C GLN A 992 4.13 6.51 8.45
N ILE A 993 3.66 6.62 9.68
CA ILE A 993 4.57 6.78 10.82
C ILE A 993 5.25 5.46 11.12
N ASP A 994 4.54 4.35 10.99
CA ASP A 994 5.16 3.05 11.23
C ASP A 994 6.29 2.76 10.26
N ARG A 995 6.19 3.21 9.01
CA ARG A 995 7.27 2.98 8.06
C ARG A 995 8.54 3.72 8.47
N LEU A 996 8.41 4.89 9.09
CA LEU A 996 9.55 5.61 9.62
C LEU A 996 10.09 4.97 10.89
N ILE A 997 9.20 4.54 11.77
CA ILE A 997 9.62 3.90 13.01
C ILE A 997 10.46 2.67 12.72
N THR A 998 10.02 1.83 11.80
CA THR A 998 10.75 0.61 11.50
C THR A 998 12.15 0.92 10.97
N GLY A 999 12.27 1.86 10.05
CA GLY A 999 13.55 2.23 9.51
C GLY A 999 14.50 2.81 10.54
N ARG A 1000 14.02 3.75 11.33
CA ARG A 1000 14.85 4.36 12.36
C ARG A 1000 15.27 3.38 13.44
N LEU A 1001 14.41 2.44 13.80
CA LEU A 1001 14.81 1.40 14.74
C LEU A 1001 15.90 0.53 14.16
N GLN A 1002 15.75 0.12 12.90
CA GLN A 1002 16.80 -0.64 12.24
C GLN A 1002 18.12 0.08 12.25
N SER A 1003 18.12 1.37 11.95
CA SER A 1003 19.36 2.11 11.87
C SER A 1003 20.02 2.28 13.24
N LEU A 1004 19.24 2.56 14.27
CA LEU A 1004 19.78 2.65 15.62
C LEU A 1004 20.36 1.32 16.08
N GLN A 1005 19.71 0.22 15.76
CA GLN A 1005 20.22 -1.06 16.23
C GLN A 1005 21.45 -1.50 15.46
N THR A 1006 21.57 -1.11 14.19
CA THR A 1006 22.82 -1.34 13.47
C THR A 1006 23.97 -0.55 14.09
N TYR A 1007 23.72 0.72 14.42
CA TYR A 1007 24.72 1.49 15.14
C TYR A 1007 25.15 0.79 16.43
N VAL A 1008 24.21 0.24 17.18
CA VAL A 1008 24.58 -0.33 18.47
C VAL A 1008 25.31 -1.66 18.31
N THR A 1009 25.05 -2.43 17.26
CA THR A 1009 25.83 -3.65 17.05
C THR A 1009 27.27 -3.34 16.67
N GLN A 1010 27.47 -2.41 15.73
CA GLN A 1010 28.83 -2.14 15.30
C GLN A 1010 29.70 -1.52 16.39
N GLN A 1011 29.10 -0.83 17.34
CA GLN A 1011 29.83 -0.33 18.49
C GLN A 1011 30.26 -1.43 19.45
N LEU A 1012 29.44 -2.45 19.67
CA LEU A 1012 29.86 -3.60 20.43
C LEU A 1012 31.05 -4.30 19.79
N ILE A 1013 31.01 -4.42 18.47
CA ILE A 1013 32.10 -5.10 17.79
C ILE A 1013 33.37 -4.27 17.78
N ARG A 1014 33.26 -2.94 17.75
CA ARG A 1014 34.43 -2.08 17.81
C ARG A 1014 35.00 -1.94 19.22
N ALA A 1015 34.14 -1.96 20.23
CA ALA A 1015 34.60 -1.94 21.60
C ALA A 1015 35.30 -3.23 22.00
N ALA A 1016 34.87 -4.39 21.51
CA ALA A 1016 35.59 -5.62 21.80
C ALA A 1016 37.00 -5.62 21.23
N GLU A 1017 37.27 -4.80 20.23
CA GLU A 1017 38.60 -4.72 19.66
C GLU A 1017 39.47 -3.70 20.42
N ILE A 1018 38.87 -2.58 20.83
CA ILE A 1018 39.59 -1.64 21.69
C ILE A 1018 39.96 -2.29 23.01
N ARG A 1019 39.14 -3.22 23.48
CA ARG A 1019 39.37 -3.86 24.76
C ARG A 1019 40.63 -4.72 24.74
N ALA A 1020 40.85 -5.44 23.65
CA ALA A 1020 42.02 -6.27 23.50
C ALA A 1020 43.31 -5.46 23.37
N SER A 1021 43.25 -4.32 22.70
CA SER A 1021 44.37 -3.42 22.63
C SER A 1021 44.74 -2.85 23.99
N ALA A 1022 43.75 -2.41 24.77
CA ALA A 1022 44.03 -1.97 26.12
C ALA A 1022 44.52 -3.08 27.03
N ASN A 1023 44.10 -4.32 26.80
CA ASN A 1023 44.63 -5.44 27.57
C ASN A 1023 46.08 -5.73 27.24
N LEU A 1024 46.47 -5.54 25.98
CA LEU A 1024 47.88 -5.63 25.61
C LEU A 1024 48.71 -4.48 26.16
N ALA A 1025 48.17 -3.27 26.15
CA ALA A 1025 48.87 -2.13 26.75
C ALA A 1025 49.08 -2.29 28.23
N ALA A 1026 48.12 -2.88 28.94
CA ALA A 1026 48.29 -3.13 30.36
C ALA A 1026 49.36 -4.18 30.66
N THR A 1027 49.54 -5.15 29.78
CA THR A 1027 50.59 -6.15 29.91
C THR A 1027 51.97 -5.58 29.58
N LYS A 1028 52.06 -4.74 28.56
CA LYS A 1028 53.30 -4.07 28.27
C LYS A 1028 53.71 -3.09 29.35
N MET A 1029 52.77 -2.39 29.98
CA MET A 1029 53.16 -1.55 31.11
C MET A 1029 53.73 -2.36 32.26
N SER A 1030 53.22 -3.56 32.50
CA SER A 1030 53.74 -4.40 33.57
C SER A 1030 55.08 -5.01 33.22
N GLU A 1031 55.24 -5.46 31.99
CA GLU A 1031 56.38 -6.30 31.63
C GLU A 1031 57.52 -5.53 30.97
N CYS A 1032 57.29 -4.34 30.44
CA CYS A 1032 58.35 -3.55 29.86
C CYS A 1032 58.70 -2.32 30.66
N VAL A 1033 57.78 -1.76 31.42
CA VAL A 1033 58.03 -0.56 32.20
C VAL A 1033 58.38 -0.89 33.65
N LEU A 1034 57.71 -1.85 34.28
CA LEU A 1034 58.07 -2.25 35.63
C LEU A 1034 58.95 -3.47 35.67
N GLY A 1035 59.50 -3.91 34.54
CA GLY A 1035 60.43 -5.00 34.53
C GLY A 1035 61.38 -4.93 33.37
N GLN A 1036 62.21 -5.95 33.22
CA GLN A 1036 62.99 -6.21 32.02
C GLN A 1036 62.49 -7.49 31.39
N SER A 1037 62.06 -7.43 30.15
CA SER A 1037 61.50 -8.60 29.50
C SER A 1037 62.57 -9.38 28.74
N LYS A 1038 62.43 -10.71 28.75
CA LYS A 1038 63.24 -11.60 27.95
C LYS A 1038 62.52 -12.09 26.70
N ARG A 1039 61.20 -11.94 26.64
CA ARG A 1039 60.46 -12.29 25.44
C ARG A 1039 61.00 -11.54 24.23
N VAL A 1040 61.16 -12.24 23.12
CA VAL A 1040 61.77 -11.64 21.93
C VAL A 1040 60.74 -10.79 21.21
N ASP A 1041 61.12 -9.55 20.90
CA ASP A 1041 60.30 -8.61 20.13
C ASP A 1041 58.98 -8.28 20.82
N PHE A 1042 59.00 -8.20 22.14
CA PHE A 1042 57.83 -7.79 22.88
C PHE A 1042 57.92 -6.36 23.37
N CYS A 1043 59.13 -5.89 23.62
CA CYS A 1043 59.40 -4.54 24.09
C CYS A 1043 60.45 -3.91 23.21
N GLY A 1044 60.21 -3.95 21.91
CA GLY A 1044 61.12 -3.39 20.93
C GLY A 1044 61.82 -4.46 20.14
N LYS A 1045 62.78 -4.04 19.33
CA LYS A 1045 63.58 -4.94 18.50
C LYS A 1045 65.04 -4.74 18.86
N GLY A 1046 65.67 -5.79 19.34
CA GLY A 1046 66.95 -5.79 19.98
C GLY A 1046 66.83 -6.53 21.28
N TYR A 1047 67.72 -6.25 22.21
CA TYR A 1047 67.66 -6.80 23.55
C TYR A 1047 67.11 -5.75 24.50
N HIS A 1048 65.96 -6.03 25.11
CA HIS A 1048 65.29 -5.03 25.91
C HIS A 1048 66.15 -4.57 27.08
N LEU A 1049 66.38 -3.27 27.18
CA LEU A 1049 66.94 -2.69 28.38
C LEU A 1049 65.85 -2.08 29.25
N MET A 1050 65.09 -1.11 28.75
CA MET A 1050 64.09 -0.46 29.59
C MET A 1050 63.06 0.23 28.72
N SER A 1051 61.95 0.65 29.33
CA SER A 1051 60.86 1.26 28.61
C SER A 1051 60.32 2.43 29.40
N PHE A 1052 59.81 3.45 28.69
CA PHE A 1052 59.23 4.64 29.29
C PHE A 1052 57.84 4.92 28.72
N PRO A 1053 56.83 5.14 29.55
CA PRO A 1053 55.50 5.47 29.04
C PRO A 1053 55.26 6.97 28.87
N GLN A 1054 54.44 7.28 27.88
CA GLN A 1054 53.95 8.63 27.62
C GLN A 1054 52.47 8.56 27.27
N SER A 1055 51.69 9.49 27.78
CA SER A 1055 50.26 9.49 27.51
C SER A 1055 49.98 10.14 26.17
N ALA A 1056 48.94 9.68 25.51
CA ALA A 1056 48.47 10.19 24.22
C ALA A 1056 46.98 10.43 24.34
N PRO A 1057 46.37 11.10 23.36
CA PRO A 1057 44.93 11.39 23.45
C PRO A 1057 44.00 10.26 23.90
N HIS A 1058 43.99 9.12 23.23
CA HIS A 1058 43.18 8.01 23.72
C HIS A 1058 44.02 6.76 23.83
N GLY A 1059 45.27 6.90 24.18
CA GLY A 1059 46.15 5.77 24.24
C GLY A 1059 47.45 6.09 24.90
N VAL A 1060 48.43 5.24 24.61
CA VAL A 1060 49.72 5.32 25.29
C VAL A 1060 50.80 5.03 24.27
N VAL A 1061 51.92 5.74 24.41
CA VAL A 1061 53.13 5.54 23.63
C VAL A 1061 54.18 4.95 24.57
N PHE A 1062 54.81 3.87 24.15
CA PHE A 1062 55.96 3.33 24.84
C PHE A 1062 57.21 3.69 24.07
N LEU A 1063 58.22 4.17 24.78
CA LEU A 1063 59.56 4.39 24.24
C LEU A 1063 60.43 3.26 24.75
N HIS A 1064 60.84 2.38 23.85
CA HIS A 1064 61.61 1.20 24.18
C HIS A 1064 63.09 1.47 23.93
N VAL A 1065 63.91 1.22 24.93
CA VAL A 1065 65.36 1.35 24.84
C VAL A 1065 65.95 -0.05 24.81
N THR A 1066 66.62 -0.39 23.72
CA THR A 1066 67.22 -1.69 23.52
C THR A 1066 68.70 -1.57 23.13
N TYR A 1067 69.39 -2.66 23.33
CA TYR A 1067 70.79 -2.86 22.98
C TYR A 1067 70.86 -3.60 21.66
N VAL A 1068 71.69 -3.12 20.74
CA VAL A 1068 71.86 -3.77 19.45
C VAL A 1068 73.35 -3.99 19.21
N PRO A 1069 73.81 -5.22 18.98
CA PRO A 1069 75.23 -5.42 18.73
C PRO A 1069 75.65 -4.98 17.33
N ALA A 1070 76.91 -4.60 17.19
CA ALA A 1070 77.39 -4.00 15.96
C ALA A 1070 78.84 -4.37 15.71
N GLN A 1071 79.24 -4.23 14.45
CA GLN A 1071 80.62 -4.33 14.00
C GLN A 1071 81.26 -5.68 14.29
N GLU A 1072 80.76 -6.74 13.68
CA GLU A 1072 81.20 -8.09 13.98
C GLU A 1072 82.46 -8.46 13.22
N LYS A 1073 83.24 -9.37 13.82
CA LYS A 1073 84.39 -9.98 13.16
C LYS A 1073 84.19 -11.48 13.17
N ASN A 1074 84.77 -12.19 12.21
CA ASN A 1074 84.86 -13.63 12.34
C ASN A 1074 86.18 -14.07 12.97
N PHE A 1075 86.10 -15.15 13.71
CA PHE A 1075 87.20 -15.91 14.28
C PHE A 1075 86.95 -17.37 13.95
N THR A 1076 87.81 -18.26 14.40
CA THR A 1076 87.54 -19.70 14.29
C THR A 1076 87.31 -20.25 15.68
N THR A 1077 86.45 -21.24 15.80
CA THR A 1077 86.03 -21.79 17.08
C THR A 1077 86.32 -23.27 17.20
N ALA A 1078 86.26 -23.73 18.43
CA ALA A 1078 86.28 -25.14 18.78
C ALA A 1078 85.31 -25.34 19.93
N PRO A 1079 84.76 -26.52 20.08
CA PRO A 1079 83.86 -26.77 21.20
C PRO A 1079 84.55 -26.98 22.54
N ALA A 1080 85.77 -27.49 22.52
CA ALA A 1080 86.49 -27.84 23.73
C ALA A 1080 87.97 -27.75 23.43
N ILE A 1081 88.78 -27.80 24.49
CA ILE A 1081 90.23 -27.78 24.37
C ILE A 1081 90.77 -29.04 25.02
N CYS A 1082 91.68 -29.72 24.35
CA CYS A 1082 92.30 -30.90 24.93
C CYS A 1082 93.63 -30.52 25.55
N HIS A 1083 93.85 -30.99 26.77
CA HIS A 1083 95.07 -30.68 27.50
C HIS A 1083 95.26 -31.74 28.57
N ASP A 1084 96.45 -32.34 28.60
CA ASP A 1084 96.77 -33.41 29.55
C ASP A 1084 95.81 -34.57 29.44
N GLY A 1085 95.29 -34.80 28.25
CA GLY A 1085 94.34 -35.89 28.08
C GLY A 1085 92.95 -35.60 28.56
N LYS A 1086 92.65 -34.36 28.95
CA LYS A 1086 91.33 -33.98 29.40
C LYS A 1086 90.69 -33.00 28.43
N ALA A 1087 89.37 -32.92 28.49
CA ALA A 1087 88.59 -32.01 27.65
C ALA A 1087 88.02 -30.88 28.49
N HIS A 1088 88.25 -29.65 28.06
CA HIS A 1088 87.86 -28.46 28.81
C HIS A 1088 86.81 -27.70 28.03
N PHE A 1089 85.80 -27.23 28.72
CA PHE A 1089 84.72 -26.46 28.18
C PHE A 1089 84.64 -25.12 28.88
N PRO A 1090 84.25 -24.06 28.19
CA PRO A 1090 84.19 -22.75 28.84
C PRO A 1090 83.03 -22.64 29.82
N ARG A 1091 83.29 -21.95 30.93
CA ARG A 1091 82.26 -21.81 31.95
C ARG A 1091 81.11 -20.93 31.47
N GLU A 1092 81.42 -19.78 30.88
CA GLU A 1092 80.36 -18.92 30.35
C GLU A 1092 80.72 -18.23 29.05
N GLY A 1093 81.55 -18.83 28.21
CA GLY A 1093 81.90 -18.13 27.00
C GLY A 1093 82.01 -18.95 25.76
N VAL A 1094 82.88 -18.53 24.87
CA VAL A 1094 83.25 -19.27 23.67
C VAL A 1094 84.76 -19.22 23.52
N PHE A 1095 85.33 -20.34 23.08
CA PHE A 1095 86.72 -20.40 22.68
C PHE A 1095 86.87 -19.83 21.29
N VAL A 1096 87.79 -18.88 21.10
CA VAL A 1096 88.01 -18.29 19.79
C VAL A 1096 89.50 -18.23 19.52
N SER A 1097 89.84 -18.04 18.24
CA SER A 1097 91.22 -18.02 17.78
C SER A 1097 91.40 -16.83 16.86
N ASN A 1098 92.41 -16.00 17.13
CA ASN A 1098 92.67 -14.88 16.22
C ASN A 1098 93.54 -15.26 15.04
N GLY A 1099 93.82 -16.54 14.86
CA GLY A 1099 94.65 -17.00 13.78
C GLY A 1099 95.75 -17.90 14.31
N THR A 1100 96.32 -17.52 15.45
CA THR A 1100 97.40 -18.27 16.07
C THR A 1100 97.22 -18.52 17.57
N HIS A 1101 96.36 -17.80 18.27
CA HIS A 1101 96.22 -17.95 19.71
C HIS A 1101 94.76 -18.19 20.08
N TRP A 1102 94.55 -18.80 21.23
CA TRP A 1102 93.24 -19.22 21.68
C TRP A 1102 92.84 -18.50 22.96
N PHE A 1103 91.65 -17.90 22.94
CA PHE A 1103 91.13 -17.11 24.05
C PHE A 1103 89.72 -17.57 24.38
N VAL A 1104 89.15 -17.00 25.44
CA VAL A 1104 87.74 -17.11 25.77
C VAL A 1104 87.12 -15.72 25.72
N THR A 1105 85.99 -15.59 25.05
CA THR A 1105 85.20 -14.38 25.18
C THR A 1105 83.84 -14.70 25.79
N GLN A 1106 83.14 -13.65 26.17
CA GLN A 1106 81.71 -13.72 26.33
C GLN A 1106 81.04 -13.56 24.98
N ARG A 1107 79.85 -14.11 24.86
CA ARG A 1107 79.33 -14.40 23.53
C ARG A 1107 78.80 -13.18 22.79
N ASN A 1108 78.43 -12.11 23.47
CA ASN A 1108 77.85 -10.95 22.81
C ASN A 1108 78.77 -9.76 22.67
N PHE A 1109 79.96 -9.80 23.27
CA PHE A 1109 80.86 -8.66 23.20
C PHE A 1109 82.27 -9.19 23.22
N TYR A 1110 83.10 -8.73 22.30
CA TYR A 1110 84.43 -9.30 22.14
C TYR A 1110 85.37 -8.77 23.19
N GLU A 1111 85.90 -9.67 24.01
CA GLU A 1111 86.78 -9.31 25.12
C GLU A 1111 87.59 -10.54 25.49
N PRO A 1112 88.70 -10.79 24.79
CA PRO A 1112 89.38 -12.08 24.93
C PRO A 1112 90.23 -12.21 26.18
N GLN A 1113 90.28 -13.43 26.71
CA GLN A 1113 90.97 -13.73 27.95
C GLN A 1113 91.82 -14.96 27.74
N ILE A 1114 92.84 -15.11 28.55
CA ILE A 1114 93.66 -16.33 28.52
C ILE A 1114 92.88 -17.48 29.11
N ILE A 1115 92.93 -18.63 28.46
CA ILE A 1115 92.24 -19.82 28.93
C ILE A 1115 92.98 -20.36 30.16
N THR A 1116 92.31 -20.39 31.29
CA THR A 1116 92.87 -20.89 32.53
C THR A 1116 91.90 -21.89 33.13
N THR A 1117 92.28 -22.47 34.26
CA THR A 1117 91.41 -23.38 34.98
C THR A 1117 90.39 -22.67 35.86
N ASP A 1118 90.27 -21.35 35.71
CA ASP A 1118 89.29 -20.56 36.43
C ASP A 1118 88.09 -20.22 35.56
N ASN A 1119 88.26 -20.25 34.24
CA ASN A 1119 87.17 -19.94 33.34
C ASN A 1119 86.78 -21.14 32.48
N THR A 1120 87.32 -22.33 32.77
CA THR A 1120 86.93 -23.55 32.09
C THR A 1120 86.63 -24.62 33.14
N PHE A 1121 85.97 -25.68 32.70
CA PHE A 1121 85.80 -26.86 33.55
C PHE A 1121 86.09 -28.11 32.72
N VAL A 1122 86.30 -29.21 33.41
CA VAL A 1122 86.77 -30.45 32.81
C VAL A 1122 85.68 -31.51 32.89
N SER A 1123 85.54 -32.30 31.83
CA SER A 1123 84.75 -33.52 31.91
C SER A 1123 85.18 -34.46 30.80
N GLY A 1124 85.78 -35.58 31.18
CA GLY A 1124 86.08 -36.63 30.23
C GLY A 1124 87.45 -36.51 29.62
N ASN A 1125 87.71 -37.41 28.69
CA ASN A 1125 88.95 -37.43 27.94
C ASN A 1125 88.68 -36.94 26.53
N CYS A 1126 89.74 -36.55 25.84
CA CYS A 1126 89.53 -35.79 24.62
C CYS A 1126 89.55 -36.68 23.37
N ASP A 1127 88.69 -37.70 23.34
CA ASP A 1127 88.48 -38.49 22.14
C ASP A 1127 87.02 -38.80 21.85
N VAL A 1128 86.07 -38.21 22.57
CA VAL A 1128 84.65 -38.39 22.25
C VAL A 1128 84.03 -37.13 21.66
N VAL A 1129 84.48 -35.94 22.03
CA VAL A 1129 84.05 -34.71 21.39
C VAL A 1129 84.62 -34.66 19.99
N ILE A 1130 83.87 -34.13 19.04
CA ILE A 1130 84.38 -33.97 17.68
C ILE A 1130 84.61 -32.51 17.40
N GLY A 1131 85.84 -32.15 17.08
CA GLY A 1131 86.24 -30.78 16.94
C GLY A 1131 87.17 -30.26 18.00
N ILE A 1132 87.59 -31.08 18.97
CA ILE A 1132 88.55 -30.66 19.98
C ILE A 1132 89.81 -30.13 19.31
N VAL A 1133 90.41 -29.11 19.90
CA VAL A 1133 91.73 -28.68 19.48
C VAL A 1133 92.70 -28.82 20.63
N ASN A 1134 93.98 -28.91 20.29
CA ASN A 1134 95.06 -29.02 21.25
C ASN A 1134 95.55 -27.63 21.62
N ASN A 1135 95.61 -27.35 22.91
CA ASN A 1135 96.12 -26.08 23.39
C ASN A 1135 96.36 -26.21 24.88
N THR A 1136 97.11 -25.29 25.43
CA THR A 1136 97.50 -25.34 26.83
C THR A 1136 96.52 -24.57 27.68
N VAL A 1137 96.14 -25.15 28.81
CA VAL A 1137 95.27 -24.53 29.79
C VAL A 1137 96.13 -24.17 30.98
N TYR A 1138 96.15 -22.90 31.33
CA TYR A 1138 97.12 -22.37 32.27
C TYR A 1138 96.59 -22.46 33.70
N ASP A 1139 97.38 -23.01 34.58
CA ASP A 1139 97.08 -23.10 36.00
C ASP A 1139 97.68 -21.93 36.74
N PRO A 1140 96.88 -21.16 37.48
CA PRO A 1140 97.43 -19.98 38.14
C PRO A 1140 98.28 -20.28 39.37
N LEU A 1141 97.93 -21.30 40.14
CA LEU A 1141 98.71 -21.66 41.33
C LEU A 1141 100.09 -22.16 40.97
N GLN A 1142 100.18 -23.10 40.03
CA GLN A 1142 101.40 -23.81 39.69
C GLN A 1142 102.64 -22.91 39.58
N PRO A 1143 102.63 -21.83 38.77
CA PRO A 1143 103.78 -20.92 38.81
C PRO A 1143 103.89 -20.14 40.10
N GLU A 1144 102.80 -19.43 40.44
CA GLU A 1144 102.85 -18.44 41.51
C GLU A 1144 103.41 -19.02 42.79
N LEU A 1145 102.87 -20.15 43.23
CA LEU A 1145 103.39 -20.88 44.37
C LEU A 1145 104.89 -21.12 44.22
N ASP A 1146 105.31 -21.52 43.02
CA ASP A 1146 106.71 -21.86 42.77
C ASP A 1146 107.47 -20.75 42.06
N ALA B 27 -4.16 -60.96 -0.62
CA ALA B 27 -2.80 -61.15 -0.14
C ALA B 27 -2.12 -59.81 0.07
N TYR B 28 -0.89 -59.85 0.56
CA TYR B 28 -0.09 -58.65 0.76
C TYR B 28 1.37 -58.99 0.53
N THR B 29 2.20 -57.96 0.49
CA THR B 29 3.63 -58.12 0.27
C THR B 29 4.32 -56.80 0.57
N ASN B 30 5.58 -56.73 0.19
CA ASN B 30 6.49 -55.68 0.60
C ASN B 30 7.11 -55.00 -0.61
N SER B 31 6.81 -53.73 -0.79
CA SER B 31 7.70 -52.87 -1.56
C SER B 31 8.94 -52.66 -0.72
N PHE B 32 10.11 -52.77 -1.35
CA PHE B 32 11.33 -52.53 -0.62
C PHE B 32 11.75 -51.10 -0.87
N THR B 33 12.16 -50.75 -2.08
CA THR B 33 12.53 -49.38 -2.44
C THR B 33 12.01 -49.05 -3.83
N ARG B 34 10.87 -49.63 -4.18
CA ARG B 34 10.26 -49.42 -5.49
C ARG B 34 9.48 -48.11 -5.52
N GLY B 35 9.36 -47.54 -6.71
CA GLY B 35 8.42 -46.46 -6.94
C GLY B 35 8.95 -45.06 -6.79
N VAL B 36 10.16 -44.79 -7.27
CA VAL B 36 10.74 -43.45 -7.25
C VAL B 36 10.77 -42.92 -8.67
N TYR B 37 10.21 -41.74 -8.89
CA TYR B 37 10.19 -41.13 -10.20
C TYR B 37 10.97 -39.82 -10.19
N TYR B 38 11.39 -39.40 -11.38
CA TYR B 38 11.97 -38.07 -11.58
C TYR B 38 10.91 -37.00 -11.38
N PRO B 39 10.96 -36.22 -10.31
CA PRO B 39 9.86 -35.29 -10.02
C PRO B 39 9.79 -34.06 -10.90
N ASP B 40 10.81 -33.75 -11.71
CA ASP B 40 10.75 -32.62 -12.61
C ASP B 40 11.70 -32.84 -13.76
N LYS B 41 11.78 -31.84 -14.65
CA LYS B 41 12.53 -31.95 -15.89
C LYS B 41 13.94 -31.38 -15.79
N VAL B 42 14.44 -31.14 -14.60
CA VAL B 42 15.73 -30.52 -14.39
C VAL B 42 16.82 -31.58 -14.44
N PHE B 43 17.94 -31.24 -15.04
CA PHE B 43 19.12 -32.07 -15.07
C PHE B 43 20.06 -31.70 -13.94
N ARG B 44 20.65 -32.70 -13.31
CA ARG B 44 21.57 -32.46 -12.20
C ARG B 44 22.76 -33.40 -12.34
N SER B 45 23.95 -32.87 -12.19
CA SER B 45 25.16 -33.67 -12.21
C SER B 45 25.35 -34.26 -10.82
N SER B 46 26.55 -34.75 -10.51
CA SER B 46 26.76 -35.51 -9.27
C SER B 46 26.44 -34.61 -8.09
N VAL B 47 25.28 -34.86 -7.48
CA VAL B 47 24.74 -33.99 -6.44
C VAL B 47 23.68 -34.77 -5.66
N LEU B 48 23.36 -34.26 -4.47
CA LEU B 48 22.31 -34.79 -3.62
C LEU B 48 21.24 -33.72 -3.48
N HIS B 49 20.00 -34.08 -3.76
CA HIS B 49 18.93 -33.10 -3.80
C HIS B 49 17.75 -33.60 -2.97
N SER B 50 17.23 -32.75 -2.09
CA SER B 50 16.12 -33.09 -1.21
C SER B 50 14.84 -32.49 -1.75
N THR B 51 13.75 -33.26 -1.67
CA THR B 51 12.49 -32.79 -2.24
C THR B 51 11.29 -33.39 -1.54
N GLN B 52 10.28 -32.55 -1.34
CA GLN B 52 9.02 -32.94 -0.72
C GLN B 52 7.98 -33.15 -1.81
N ASP B 53 7.53 -34.39 -1.99
CA ASP B 53 6.55 -34.71 -3.02
C ASP B 53 5.65 -35.85 -2.58
N LEU B 54 4.98 -36.50 -3.51
CA LEU B 54 4.10 -37.63 -3.21
C LEU B 54 4.82 -38.90 -3.63
N PHE B 55 5.28 -39.68 -2.67
CA PHE B 55 6.04 -40.89 -2.95
C PHE B 55 5.38 -42.08 -2.28
N LEU B 56 5.77 -43.25 -2.75
CA LEU B 56 5.42 -44.49 -2.08
C LEU B 56 6.46 -44.77 -1.01
N PRO B 57 6.09 -44.76 0.27
CA PRO B 57 7.10 -44.92 1.33
C PRO B 57 7.84 -46.24 1.22
N PHE B 58 9.08 -46.23 1.67
CA PHE B 58 9.90 -47.42 1.64
C PHE B 58 9.31 -48.48 2.57
N PHE B 59 9.43 -49.74 2.15
CA PHE B 59 8.99 -50.88 2.95
C PHE B 59 7.51 -50.79 3.30
N SER B 60 6.69 -50.49 2.29
CA SER B 60 5.25 -50.34 2.45
C SER B 60 4.53 -51.67 2.33
N ASN B 61 3.33 -51.70 2.88
CA ASN B 61 2.48 -52.89 2.89
C ASN B 61 1.59 -52.80 1.65
N VAL B 62 1.92 -53.58 0.63
CA VAL B 62 1.36 -53.42 -0.71
C VAL B 62 0.50 -54.63 -1.02
N THR B 63 -0.73 -54.39 -1.50
CA THR B 63 -1.63 -55.50 -1.78
C THR B 63 -1.14 -56.34 -2.95
N TRP B 64 -1.86 -57.40 -3.27
CA TRP B 64 -1.39 -58.35 -4.27
C TRP B 64 -2.60 -59.03 -4.91
N PHE B 65 -2.69 -58.95 -6.23
CA PHE B 65 -3.79 -59.54 -6.98
C PHE B 65 -3.25 -60.55 -7.99
N HIS B 66 -4.03 -61.61 -8.19
CA HIS B 66 -3.63 -62.79 -8.93
C HIS B 66 -4.59 -63.06 -10.07
N ALA B 67 -4.13 -63.91 -11.00
CA ALA B 67 -4.93 -64.31 -12.16
C ALA B 67 -5.33 -65.78 -12.07
N ASN B 81 -11.68 -57.31 -12.13
CA ASN B 81 -10.98 -57.28 -10.85
C ASN B 81 -11.38 -56.03 -10.07
N PRO B 82 -11.15 -56.02 -8.75
CA PRO B 82 -11.81 -55.04 -7.88
C PRO B 82 -11.74 -53.58 -8.33
N VAL B 83 -12.70 -52.80 -7.85
CA VAL B 83 -12.71 -51.36 -8.08
C VAL B 83 -12.01 -50.67 -6.91
N LEU B 84 -10.69 -50.59 -7.00
CA LEU B 84 -9.86 -49.95 -5.99
C LEU B 84 -10.05 -48.44 -6.05
N PRO B 85 -9.77 -47.71 -4.98
CA PRO B 85 -9.79 -46.25 -5.08
C PRO B 85 -8.51 -45.65 -5.63
N PHE B 86 -8.41 -44.32 -5.61
CA PHE B 86 -7.24 -43.59 -6.09
C PHE B 86 -6.51 -42.87 -4.98
N ASN B 87 -7.21 -41.97 -4.29
CA ASN B 87 -6.88 -41.33 -3.01
C ASN B 87 -5.76 -40.32 -3.00
N ASP B 88 -4.71 -40.49 -3.80
CA ASP B 88 -3.74 -39.43 -4.04
C ASP B 88 -2.88 -39.67 -5.27
N GLY B 89 -3.09 -40.77 -5.96
CA GLY B 89 -2.10 -41.28 -6.89
C GLY B 89 -1.76 -42.70 -6.52
N VAL B 90 -1.21 -43.43 -7.48
CA VAL B 90 -1.14 -44.87 -7.37
C VAL B 90 0.17 -45.36 -7.97
N TYR B 91 0.83 -46.25 -7.24
CA TYR B 91 1.89 -47.07 -7.79
C TYR B 91 1.27 -48.37 -8.29
N PHE B 92 1.84 -48.89 -9.38
CA PHE B 92 1.26 -50.07 -10.00
C PHE B 92 2.38 -50.84 -10.64
N ALA B 93 2.38 -52.15 -10.45
CA ALA B 93 3.37 -52.98 -11.14
C ALA B 93 2.67 -54.22 -11.64
N SER B 94 3.32 -54.91 -12.56
CA SER B 94 2.72 -56.05 -13.21
C SER B 94 3.82 -57.04 -13.54
N THR B 95 3.44 -58.31 -13.66
CA THR B 95 4.38 -59.31 -14.13
C THR B 95 3.62 -60.46 -14.80
N GLU B 96 4.00 -60.73 -16.04
CA GLU B 96 3.54 -61.90 -16.77
C GLU B 96 4.32 -62.04 -18.07
N LYS B 97 4.55 -63.28 -18.50
CA LYS B 97 5.30 -63.53 -19.73
C LYS B 97 4.46 -63.25 -20.97
N SER B 98 3.20 -63.63 -20.97
CA SER B 98 2.25 -63.21 -22.00
C SER B 98 1.51 -61.99 -21.49
N ASN B 99 1.38 -60.97 -22.33
CA ASN B 99 0.91 -59.65 -21.89
C ASN B 99 -0.59 -59.70 -21.63
N ILE B 100 -0.93 -60.17 -20.43
CA ILE B 100 -2.31 -60.26 -19.99
C ILE B 100 -2.87 -58.93 -19.51
N ILE B 101 -2.08 -58.12 -18.83
CA ILE B 101 -2.51 -56.81 -18.35
C ILE B 101 -2.52 -55.84 -19.53
N ARG B 102 -3.64 -55.15 -19.71
CA ARG B 102 -3.76 -54.26 -20.86
C ARG B 102 -3.83 -52.80 -20.44
N GLY B 103 -4.81 -52.44 -19.63
CA GLY B 103 -5.08 -51.04 -19.40
C GLY B 103 -5.88 -50.82 -18.13
N TRP B 104 -6.39 -49.62 -18.01
CA TRP B 104 -7.01 -49.17 -16.77
C TRP B 104 -8.17 -48.25 -17.13
N ILE B 105 -9.13 -48.17 -16.23
CA ILE B 105 -10.21 -47.20 -16.38
C ILE B 105 -10.30 -46.43 -15.09
N PHE B 106 -10.51 -45.13 -15.21
CA PHE B 106 -10.52 -44.22 -14.07
C PHE B 106 -11.84 -43.46 -14.06
N GLY B 107 -12.17 -42.86 -12.94
CA GLY B 107 -13.34 -42.01 -12.85
C GLY B 107 -13.92 -41.87 -11.46
N THR B 108 -14.78 -40.87 -11.30
CA THR B 108 -15.44 -40.60 -10.03
C THR B 108 -16.72 -41.39 -9.84
N THR B 109 -17.26 -42.01 -10.89
CA THR B 109 -18.44 -42.84 -10.74
C THR B 109 -18.30 -44.13 -11.55
N LEU B 110 -17.24 -44.22 -12.34
CA LEU B 110 -17.06 -45.31 -13.31
C LEU B 110 -18.31 -45.51 -14.15
N ASP B 111 -19.07 -44.44 -14.35
CA ASP B 111 -20.41 -44.47 -14.89
C ASP B 111 -20.69 -43.23 -15.74
N SER B 112 -21.75 -43.32 -16.55
CA SER B 112 -22.28 -42.15 -17.22
C SER B 112 -22.85 -41.19 -16.19
N LYS B 113 -23.31 -40.03 -16.67
CA LYS B 113 -23.71 -38.89 -15.85
C LYS B 113 -22.48 -38.16 -15.31
N THR B 114 -21.29 -38.71 -15.57
CA THR B 114 -20.01 -38.06 -15.33
C THR B 114 -18.98 -38.66 -16.27
N GLN B 115 -17.94 -37.88 -16.56
CA GLN B 115 -16.89 -38.27 -17.48
C GLN B 115 -16.01 -39.36 -16.90
N SER B 116 -15.23 -40.01 -17.76
CA SER B 116 -14.28 -41.01 -17.33
C SER B 116 -13.22 -41.21 -18.40
N LEU B 117 -12.00 -41.43 -17.92
CA LEU B 117 -10.86 -41.73 -18.77
C LEU B 117 -10.74 -43.23 -18.98
N LEU B 118 -10.27 -43.64 -20.15
CA LEU B 118 -10.03 -45.04 -20.43
C LEU B 118 -8.73 -45.17 -21.21
N ILE B 119 -7.74 -45.76 -20.57
CA ILE B 119 -6.52 -46.18 -21.26
C ILE B 119 -6.67 -47.65 -21.55
N VAL B 120 -6.23 -48.07 -22.73
CA VAL B 120 -6.44 -49.46 -23.12
C VAL B 120 -5.35 -49.85 -24.09
N ASN B 121 -5.21 -51.14 -24.35
CA ASN B 121 -4.32 -51.60 -25.39
C ASN B 121 -4.81 -52.93 -25.93
N ASN B 122 -5.61 -52.90 -27.00
CA ASN B 122 -6.05 -54.14 -27.61
C ASN B 122 -4.92 -54.67 -28.48
N ALA B 123 -5.21 -55.62 -29.37
CA ALA B 123 -4.19 -56.07 -30.30
C ALA B 123 -3.56 -54.90 -31.06
N THR B 124 -4.36 -54.01 -31.63
CA THR B 124 -3.84 -52.75 -32.15
C THR B 124 -3.33 -51.94 -30.97
N ASN B 125 -2.27 -51.17 -31.18
CA ASN B 125 -1.52 -50.64 -30.05
C ASN B 125 -2.28 -49.55 -29.32
N VAL B 126 -1.58 -48.89 -28.38
CA VAL B 126 -2.19 -48.03 -27.36
C VAL B 126 -3.28 -47.13 -27.92
N VAL B 127 -4.39 -47.05 -27.21
CA VAL B 127 -5.48 -46.13 -27.56
C VAL B 127 -6.04 -45.57 -26.28
N ILE B 128 -6.12 -44.25 -26.20
CA ILE B 128 -6.59 -43.54 -25.01
C ILE B 128 -7.85 -42.78 -25.40
N LYS B 129 -8.81 -42.71 -24.48
CA LYS B 129 -10.01 -41.95 -24.73
C LYS B 129 -10.49 -41.34 -23.43
N VAL B 130 -11.27 -40.27 -23.54
CA VAL B 130 -11.92 -39.69 -22.38
C VAL B 130 -13.36 -39.36 -22.74
N CYS B 131 -14.28 -40.23 -22.39
CA CYS B 131 -15.67 -40.05 -22.80
C CYS B 131 -16.59 -40.34 -21.63
N GLU B 132 -17.88 -40.47 -21.92
CA GLU B 132 -18.86 -40.89 -20.93
C GLU B 132 -19.30 -42.30 -21.24
N PHE B 133 -19.37 -43.14 -20.21
CA PHE B 133 -19.58 -44.56 -20.38
C PHE B 133 -20.57 -45.09 -19.35
N GLN B 134 -21.43 -45.99 -19.78
CA GLN B 134 -22.08 -46.93 -18.87
C GLN B 134 -21.27 -48.22 -18.92
N PHE B 135 -20.44 -48.43 -17.90
CA PHE B 135 -19.42 -49.46 -17.92
C PHE B 135 -19.98 -50.81 -17.51
N CYS B 136 -19.46 -51.86 -18.14
CA CYS B 136 -19.75 -53.23 -17.72
C CYS B 136 -19.22 -53.44 -16.31
N ASN B 137 -20.02 -54.05 -15.44
CA ASN B 137 -19.58 -54.26 -14.07
C ASN B 137 -18.61 -55.42 -13.94
N ASP B 138 -18.33 -56.12 -15.03
CA ASP B 138 -17.30 -57.18 -15.06
C ASP B 138 -16.59 -57.10 -16.41
N PRO B 139 -15.79 -56.04 -16.62
CA PRO B 139 -15.21 -55.82 -17.95
C PRO B 139 -13.93 -56.61 -18.17
N PHE B 140 -13.63 -56.89 -19.44
CA PHE B 140 -12.47 -57.69 -19.80
C PHE B 140 -12.35 -57.71 -21.32
N LEU B 141 -11.25 -58.31 -21.79
CA LEU B 141 -10.94 -58.42 -23.22
C LEU B 141 -10.65 -59.88 -23.54
N GLY B 142 -11.45 -60.47 -24.42
CA GLY B 142 -11.28 -61.88 -24.72
C GLY B 142 -10.07 -62.13 -25.59
N VAL B 143 -9.10 -62.86 -25.05
CA VAL B 143 -7.90 -63.27 -25.76
C VAL B 143 -7.23 -62.12 -26.49
N MET B 153 -15.93 -66.24 -29.99
CA MET B 153 -14.89 -66.71 -29.10
C MET B 153 -13.55 -66.10 -29.51
N GLU B 154 -12.77 -65.68 -28.50
CA GLU B 154 -11.49 -64.99 -28.66
C GLU B 154 -11.68 -63.58 -29.20
N SER B 155 -12.90 -63.05 -29.11
CA SER B 155 -13.21 -61.67 -29.48
C SER B 155 -13.08 -60.77 -28.25
N GLU B 156 -12.89 -59.48 -28.51
CA GLU B 156 -12.36 -58.58 -27.51
C GLU B 156 -13.38 -57.53 -27.06
N PHE B 157 -12.93 -56.62 -26.21
CA PHE B 157 -13.59 -55.36 -25.87
C PHE B 157 -15.00 -55.52 -25.33
N ARG B 158 -15.10 -56.06 -24.11
CA ARG B 158 -16.35 -56.19 -23.40
C ARG B 158 -16.37 -55.17 -22.26
N VAL B 159 -15.88 -53.96 -22.55
CA VAL B 159 -15.58 -52.96 -21.53
C VAL B 159 -16.80 -52.13 -21.17
N TYR B 160 -17.34 -51.38 -22.13
CA TYR B 160 -18.48 -50.51 -21.89
C TYR B 160 -19.62 -50.85 -22.84
N SER B 161 -20.80 -50.32 -22.52
CA SER B 161 -21.95 -50.46 -23.41
C SER B 161 -22.16 -49.22 -24.27
N SER B 162 -21.63 -48.07 -23.84
CA SER B 162 -21.93 -46.81 -24.51
C SER B 162 -20.69 -45.92 -24.47
N ALA B 163 -20.53 -45.16 -25.53
CA ALA B 163 -19.48 -44.16 -25.68
C ALA B 163 -20.15 -42.86 -26.09
N ASN B 164 -20.47 -42.02 -25.12
CA ASN B 164 -21.31 -40.85 -25.38
C ASN B 164 -20.62 -39.61 -24.82
N ASN B 165 -21.04 -38.45 -25.32
CA ASN B 165 -20.55 -37.16 -24.83
C ASN B 165 -19.03 -37.06 -24.94
N CYS B 166 -18.45 -37.80 -25.89
CA CYS B 166 -17.03 -38.08 -25.80
C CYS B 166 -16.20 -36.84 -26.09
N THR B 167 -14.90 -36.96 -25.81
CA THR B 167 -13.93 -35.87 -25.76
C THR B 167 -12.58 -36.47 -26.13
N PHE B 168 -11.49 -35.91 -25.59
CA PHE B 168 -10.11 -36.24 -25.92
C PHE B 168 -9.93 -37.69 -26.34
N GLU B 169 -9.23 -37.92 -27.45
CA GLU B 169 -8.91 -39.26 -27.90
C GLU B 169 -7.48 -39.25 -28.42
N TYR B 170 -6.94 -40.45 -28.57
CA TYR B 170 -5.62 -40.66 -29.17
C TYR B 170 -5.52 -42.11 -29.56
N VAL B 171 -4.92 -42.35 -30.73
CA VAL B 171 -4.70 -43.70 -31.21
C VAL B 171 -3.33 -43.73 -31.86
N SER B 172 -2.65 -44.86 -31.74
CA SER B 172 -1.41 -45.07 -32.47
C SER B 172 -1.68 -45.70 -33.83
N LYS B 187 11.54 -62.71 -16.86
CA LYS B 187 10.30 -62.09 -17.33
C LYS B 187 10.40 -60.58 -17.32
N ASN B 188 9.25 -59.90 -17.40
CA ASN B 188 9.21 -58.47 -17.59
C ASN B 188 8.33 -57.81 -16.53
N LEU B 189 8.93 -56.94 -15.73
CA LEU B 189 8.23 -56.15 -14.72
C LEU B 189 8.01 -54.76 -15.29
N ARG B 190 6.81 -54.21 -15.07
CA ARG B 190 6.42 -52.96 -15.69
C ARG B 190 5.74 -52.08 -14.65
N GLU B 191 6.43 -51.02 -14.26
CA GLU B 191 5.93 -50.11 -13.24
C GLU B 191 5.30 -48.86 -13.82
N PHE B 192 4.33 -48.34 -13.07
CA PHE B 192 3.63 -47.13 -13.45
C PHE B 192 3.26 -46.34 -12.22
N VAL B 193 3.51 -45.04 -12.27
CA VAL B 193 3.00 -44.13 -11.26
C VAL B 193 1.97 -43.24 -11.94
N PHE B 194 0.77 -43.19 -11.39
CA PHE B 194 -0.30 -42.35 -11.89
C PHE B 194 -0.59 -41.26 -10.88
N LYS B 195 -0.63 -40.01 -11.33
CA LYS B 195 -1.10 -38.93 -10.49
C LYS B 195 -2.07 -38.07 -11.29
N ASN B 196 -2.81 -37.24 -10.58
CA ASN B 196 -3.84 -36.39 -11.18
C ASN B 196 -3.82 -35.07 -10.43
N ILE B 197 -3.02 -34.13 -10.92
CA ILE B 197 -2.72 -32.90 -10.19
C ILE B 197 -3.39 -31.73 -10.87
N ASP B 198 -4.44 -31.21 -10.22
CA ASP B 198 -5.19 -29.99 -10.53
C ASP B 198 -5.25 -29.70 -12.03
N GLY B 199 -5.63 -30.70 -12.82
CA GLY B 199 -5.78 -30.53 -14.25
C GLY B 199 -5.08 -31.57 -15.09
N TYR B 200 -3.97 -32.13 -14.64
CA TYR B 200 -3.19 -32.99 -15.52
C TYR B 200 -3.16 -34.40 -14.97
N PHE B 201 -3.29 -35.37 -15.87
CA PHE B 201 -3.10 -36.77 -15.53
C PHE B 201 -1.70 -37.13 -15.98
N LYS B 202 -0.83 -37.45 -15.02
CA LYS B 202 0.57 -37.73 -15.30
C LYS B 202 0.86 -39.20 -15.09
N ILE B 203 1.75 -39.72 -15.92
CA ILE B 203 2.06 -41.14 -16.00
C ILE B 203 3.57 -41.29 -16.11
N TYR B 204 4.17 -41.94 -15.14
CA TYR B 204 5.58 -42.31 -15.21
C TYR B 204 5.65 -43.82 -15.32
N SER B 205 6.70 -44.33 -15.95
CA SER B 205 6.75 -45.77 -16.15
C SER B 205 8.19 -46.22 -16.35
N LYS B 206 8.40 -47.50 -16.08
CA LYS B 206 9.70 -48.15 -16.22
C LYS B 206 9.46 -49.61 -16.61
N HIS B 207 10.38 -50.17 -17.41
CA HIS B 207 10.29 -51.52 -17.94
C HIS B 207 11.57 -52.27 -17.58
N THR B 208 11.50 -53.13 -16.58
CA THR B 208 12.69 -53.86 -16.19
C THR B 208 12.57 -55.32 -16.61
N PRO B 209 13.67 -55.92 -17.05
CA PRO B 209 13.68 -57.37 -17.26
C PRO B 209 14.13 -58.13 -16.02
N ILE B 210 13.35 -59.09 -15.58
CA ILE B 210 13.67 -59.88 -14.39
C ILE B 210 13.97 -61.31 -14.82
N ASN B 211 14.51 -62.08 -13.88
CA ASN B 211 14.63 -63.53 -14.04
C ASN B 211 13.73 -64.26 -13.05
N LEU B 212 12.76 -63.54 -12.50
CA LEU B 212 11.66 -64.13 -11.75
C LEU B 212 10.65 -64.68 -12.74
N VAL B 213 9.49 -65.06 -12.23
CA VAL B 213 8.40 -65.36 -13.16
C VAL B 213 7.28 -64.34 -13.00
N ARG B 214 6.80 -64.12 -11.78
CA ARG B 214 5.68 -63.21 -11.53
C ARG B 214 5.75 -62.46 -10.19
N ASP B 215 6.81 -62.62 -9.40
CA ASP B 215 6.88 -62.03 -8.07
C ASP B 215 7.67 -60.72 -8.08
N LEU B 216 7.53 -59.97 -6.98
CA LEU B 216 8.10 -58.62 -6.85
C LEU B 216 9.57 -58.66 -6.44
N PRO B 217 10.49 -58.33 -7.34
CA PRO B 217 11.91 -58.31 -6.97
C PRO B 217 12.24 -57.17 -6.04
N GLN B 218 13.52 -57.03 -5.69
CA GLN B 218 13.96 -55.99 -4.78
C GLN B 218 15.22 -55.34 -5.35
N GLY B 219 15.08 -54.13 -5.84
CA GLY B 219 16.20 -53.35 -6.29
C GLY B 219 15.83 -51.89 -6.29
N PHE B 220 16.57 -51.10 -7.08
CA PHE B 220 16.27 -49.69 -7.23
C PHE B 220 16.29 -49.32 -8.71
N SER B 221 15.22 -48.67 -9.16
CA SER B 221 15.19 -48.04 -10.47
C SER B 221 14.18 -46.91 -10.43
N ALA B 222 14.44 -45.87 -11.21
CA ALA B 222 13.66 -44.64 -11.18
C ALA B 222 12.78 -44.52 -12.42
N LEU B 223 11.55 -44.06 -12.20
CA LEU B 223 10.52 -44.01 -13.23
C LEU B 223 10.60 -42.68 -13.99
N GLU B 224 10.76 -42.76 -15.32
CA GLU B 224 10.86 -41.62 -16.22
C GLU B 224 9.49 -41.23 -16.75
N PRO B 225 9.25 -39.93 -16.96
CA PRO B 225 7.90 -39.51 -17.38
C PRO B 225 7.58 -39.94 -18.79
N LEU B 226 6.42 -40.57 -18.96
CA LEU B 226 6.03 -41.13 -20.25
C LEU B 226 5.15 -40.14 -21.03
N VAL B 227 4.00 -39.80 -20.46
CA VAL B 227 3.04 -38.95 -21.13
C VAL B 227 2.54 -37.90 -20.14
N ASP B 228 1.62 -37.08 -20.61
CA ASP B 228 0.81 -36.22 -19.75
C ASP B 228 -0.46 -35.90 -20.51
N LEU B 229 -1.56 -35.79 -19.79
CA LEU B 229 -2.86 -35.57 -20.42
C LEU B 229 -3.57 -34.40 -19.77
N PRO B 230 -3.90 -33.34 -20.52
CA PRO B 230 -4.57 -32.19 -19.93
C PRO B 230 -6.07 -32.32 -19.81
N ILE B 231 -6.58 -33.42 -19.25
CA ILE B 231 -7.99 -33.76 -19.32
C ILE B 231 -8.86 -32.78 -18.55
N GLY B 232 -8.70 -32.72 -17.24
CA GLY B 232 -9.57 -31.89 -16.44
C GLY B 232 -10.64 -32.70 -15.75
N ILE B 233 -10.42 -34.00 -15.66
CA ILE B 233 -11.35 -34.97 -15.11
C ILE B 233 -11.28 -34.98 -13.58
N ASN B 234 -12.27 -35.60 -12.94
CA ASN B 234 -12.27 -35.90 -11.52
C ASN B 234 -12.14 -37.40 -11.33
N ILE B 235 -11.14 -37.84 -10.56
CA ILE B 235 -10.88 -39.26 -10.39
C ILE B 235 -10.94 -39.62 -8.91
N THR B 236 -11.75 -40.63 -8.59
CA THR B 236 -11.76 -41.17 -7.23
C THR B 236 -11.71 -42.69 -7.21
N ARG B 237 -11.78 -43.37 -8.34
CA ARG B 237 -11.75 -44.82 -8.35
C ARG B 237 -11.00 -45.25 -9.59
N PHE B 238 -10.75 -46.55 -9.71
CA PHE B 238 -10.07 -47.06 -10.90
C PHE B 238 -10.19 -48.57 -10.90
N GLN B 239 -9.86 -49.16 -12.06
CA GLN B 239 -10.01 -50.60 -12.22
C GLN B 239 -9.13 -51.08 -13.36
N THR B 240 -8.59 -52.27 -13.20
CA THR B 240 -7.71 -52.89 -14.18
C THR B 240 -8.52 -53.62 -15.24
N LEU B 241 -7.87 -53.90 -16.37
CA LEU B 241 -8.46 -54.62 -17.47
C LEU B 241 -7.52 -55.76 -17.86
N LEU B 242 -8.06 -56.97 -17.95
CA LEU B 242 -7.26 -58.16 -18.18
C LEU B 242 -7.79 -58.96 -19.35
N ALA B 243 -6.91 -59.74 -19.96
CA ALA B 243 -7.25 -60.54 -21.13
C ALA B 243 -7.52 -61.98 -20.74
N LEU B 244 -8.73 -62.46 -20.99
CA LEU B 244 -9.07 -63.86 -20.78
C LEU B 244 -8.39 -64.72 -21.83
N HIS B 245 -8.54 -66.03 -21.73
CA HIS B 245 -8.00 -66.94 -22.73
C HIS B 245 -9.00 -68.04 -23.04
N ARG B 246 -9.86 -67.82 -24.02
CA ARG B 246 -10.88 -68.80 -24.38
C ARG B 246 -10.39 -69.64 -25.55
N SER B 247 -10.34 -70.95 -25.35
CA SER B 247 -9.86 -71.88 -26.36
C SER B 247 -10.16 -73.31 -25.94
N ALA B 264 0.17 -61.52 -12.28
CA ALA B 264 0.31 -60.95 -10.94
C ALA B 264 0.47 -59.44 -11.00
N TYR B 265 -0.18 -58.73 -10.08
CA TYR B 265 -0.01 -57.29 -10.07
C TYR B 265 -0.28 -56.69 -8.69
N TYR B 266 0.45 -55.61 -8.39
CA TYR B 266 0.50 -55.01 -7.06
C TYR B 266 0.07 -53.56 -7.11
N VAL B 267 -0.44 -53.04 -6.00
CA VAL B 267 -0.97 -51.69 -5.97
C VAL B 267 -0.63 -51.00 -4.66
N GLY B 268 0.28 -50.03 -4.71
CA GLY B 268 0.57 -49.17 -3.57
C GLY B 268 -0.06 -47.80 -3.73
N TYR B 269 0.10 -46.98 -2.71
CA TYR B 269 -0.41 -45.62 -2.72
C TYR B 269 0.73 -44.63 -2.50
N LEU B 270 0.40 -43.35 -2.63
CA LEU B 270 1.37 -42.28 -2.52
C LEU B 270 0.94 -41.34 -1.41
N GLN B 271 1.85 -41.04 -0.50
CA GLN B 271 1.65 -40.03 0.52
C GLN B 271 2.71 -38.95 0.43
N PRO B 272 2.46 -37.78 0.99
CA PRO B 272 3.46 -36.70 0.97
C PRO B 272 4.65 -37.02 1.85
N ARG B 273 5.79 -37.27 1.22
CA ARG B 273 7.03 -37.64 1.87
C ARG B 273 8.09 -36.58 1.58
N THR B 274 9.26 -36.75 2.17
CA THR B 274 10.45 -36.00 1.80
C THR B 274 11.55 -37.00 1.52
N PHE B 275 12.19 -36.87 0.37
CA PHE B 275 13.22 -37.81 -0.03
C PHE B 275 14.51 -37.06 -0.28
N LEU B 276 15.60 -37.82 -0.33
CA LEU B 276 16.92 -37.32 -0.70
C LEU B 276 17.38 -38.17 -1.87
N LEU B 277 17.39 -37.58 -3.06
CA LEU B 277 17.81 -38.31 -4.24
C LEU B 277 19.27 -38.03 -4.54
N LYS B 278 19.97 -39.05 -4.97
CA LYS B 278 21.36 -38.94 -5.39
C LYS B 278 21.42 -39.04 -6.91
N TYR B 279 21.96 -38.01 -7.56
CA TYR B 279 22.04 -38.01 -9.01
C TYR B 279 23.40 -38.48 -9.46
N ASN B 280 23.39 -39.32 -10.49
CA ASN B 280 24.59 -39.78 -11.18
C ASN B 280 25.32 -38.59 -11.79
N GLU B 281 26.46 -38.83 -12.43
CA GLU B 281 27.05 -37.77 -13.24
C GLU B 281 26.42 -37.66 -14.61
N ASN B 282 25.69 -38.69 -15.04
CA ASN B 282 24.87 -38.63 -16.24
C ASN B 282 23.51 -38.00 -15.98
N GLY B 283 23.16 -37.76 -14.73
CA GLY B 283 21.89 -37.16 -14.39
C GLY B 283 20.79 -38.11 -14.00
N THR B 284 21.08 -39.40 -13.85
CA THR B 284 20.08 -40.38 -13.48
C THR B 284 20.09 -40.62 -11.97
N ILE B 285 18.91 -40.81 -11.39
CA ILE B 285 18.80 -41.10 -9.97
C ILE B 285 19.22 -42.54 -9.73
N THR B 286 20.21 -42.73 -8.86
CA THR B 286 20.67 -44.06 -8.52
C THR B 286 20.29 -44.50 -7.11
N ASP B 287 19.91 -43.59 -6.23
CA ASP B 287 19.63 -43.98 -4.86
C ASP B 287 18.79 -42.92 -4.18
N ALA B 288 18.13 -43.30 -3.09
CA ALA B 288 17.26 -42.39 -2.37
C ALA B 288 17.25 -42.74 -0.89
N VAL B 289 16.85 -41.75 -0.09
CA VAL B 289 16.72 -41.89 1.36
C VAL B 289 15.34 -41.36 1.74
N ASP B 290 14.53 -42.22 2.37
CA ASP B 290 13.26 -41.77 2.93
C ASP B 290 13.52 -41.10 4.27
N CYS B 291 13.26 -39.81 4.35
CA CYS B 291 13.70 -39.03 5.50
C CYS B 291 12.97 -39.38 6.77
N ALA B 292 11.83 -40.06 6.70
CA ALA B 292 11.14 -40.48 7.90
C ALA B 292 10.84 -41.96 7.80
N LEU B 293 11.86 -42.77 8.06
CA LEU B 293 11.71 -44.21 8.08
C LEU B 293 12.27 -44.73 9.39
N ASP B 294 13.35 -44.11 9.86
CA ASP B 294 14.03 -44.48 11.09
C ASP B 294 14.94 -43.32 11.47
N PRO B 295 15.62 -43.38 12.62
CA PRO B 295 16.46 -42.25 13.00
C PRO B 295 17.71 -42.09 12.15
N LEU B 296 18.27 -43.17 11.62
CA LEU B 296 19.46 -43.02 10.80
C LEU B 296 19.17 -42.27 9.52
N SER B 297 18.05 -42.58 8.86
CA SER B 297 17.68 -41.87 7.66
C SER B 297 17.38 -40.41 7.91
N GLU B 298 16.70 -40.12 9.03
CA GLU B 298 16.52 -38.74 9.45
C GLU B 298 17.86 -38.02 9.60
N THR B 299 18.84 -38.69 10.22
CA THR B 299 20.16 -38.09 10.35
C THR B 299 20.76 -37.78 8.99
N LYS B 300 20.67 -38.74 8.06
CA LYS B 300 21.23 -38.53 6.73
C LYS B 300 20.57 -37.36 6.04
N CYS B 301 19.27 -37.19 6.22
CA CYS B 301 18.59 -36.08 5.58
C CYS B 301 18.95 -34.76 6.25
N THR B 302 19.30 -34.80 7.53
CA THR B 302 19.71 -33.57 8.22
C THR B 302 21.10 -33.14 7.78
N LEU B 303 22.01 -34.09 7.59
CA LEU B 303 23.37 -33.79 7.18
C LEU B 303 23.53 -33.71 5.68
N LYS B 304 22.50 -34.07 4.92
CA LYS B 304 22.52 -34.04 3.46
C LYS B 304 23.66 -34.86 2.90
N SER B 305 23.75 -36.12 3.35
CA SER B 305 24.80 -37.00 2.90
C SER B 305 24.36 -38.43 3.16
N PHE B 306 24.92 -39.36 2.38
CA PHE B 306 24.62 -40.76 2.53
C PHE B 306 25.51 -41.45 3.56
N THR B 307 26.65 -40.86 3.90
CA THR B 307 27.53 -41.41 4.92
C THR B 307 27.56 -40.49 6.12
N VAL B 308 27.54 -41.08 7.31
CA VAL B 308 27.60 -40.35 8.56
C VAL B 308 28.82 -40.81 9.33
N GLU B 309 29.47 -39.86 10.01
CA GLU B 309 30.61 -40.15 10.85
C GLU B 309 30.17 -40.38 12.30
N LYS B 310 31.10 -40.87 13.10
CA LYS B 310 30.89 -40.97 14.53
C LYS B 310 30.53 -39.61 15.11
N GLY B 311 29.53 -39.60 15.97
CA GLY B 311 29.09 -38.35 16.55
C GLY B 311 27.69 -38.48 17.13
N ILE B 312 27.14 -37.34 17.51
CA ILE B 312 25.77 -37.23 17.99
C ILE B 312 25.17 -36.01 17.32
N TYR B 313 24.01 -36.19 16.70
CA TYR B 313 23.45 -35.18 15.81
C TYR B 313 22.02 -34.88 16.22
N GLN B 314 21.69 -33.61 16.36
CA GLN B 314 20.32 -33.26 16.66
C GLN B 314 19.51 -33.25 15.37
N THR B 315 18.40 -33.97 15.38
CA THR B 315 17.66 -34.21 14.15
C THR B 315 16.24 -33.68 14.16
N SER B 316 15.59 -33.58 15.31
CA SER B 316 14.19 -33.14 15.29
C SER B 316 13.78 -32.74 16.71
N ASN B 317 12.50 -32.40 16.87
CA ASN B 317 11.92 -32.16 18.17
C ASN B 317 10.91 -33.27 18.44
N PHE B 318 10.29 -33.19 19.60
CA PHE B 318 9.37 -34.21 20.04
C PHE B 318 8.35 -33.57 20.96
N ARG B 319 7.08 -33.74 20.63
CA ARG B 319 5.97 -33.16 21.37
C ARG B 319 4.91 -34.21 21.59
N VAL B 320 4.31 -34.22 22.78
CA VAL B 320 3.16 -35.08 23.03
C VAL B 320 1.92 -34.44 22.45
N GLN B 321 1.07 -35.23 21.87
CA GLN B 321 -0.05 -34.65 21.18
C GLN B 321 -1.32 -34.71 22.02
N PRO B 322 -2.28 -33.82 21.75
CA PRO B 322 -3.49 -33.76 22.59
C PRO B 322 -4.36 -35.01 22.46
N THR B 323 -4.70 -35.59 23.61
CA THR B 323 -5.59 -36.73 23.63
C THR B 323 -6.99 -36.37 23.16
N GLU B 324 -7.59 -35.32 23.74
CA GLU B 324 -8.99 -35.00 23.49
C GLU B 324 -9.21 -33.51 23.66
N SER B 325 -10.40 -33.07 23.23
CA SER B 325 -10.78 -31.66 23.27
C SER B 325 -11.97 -31.47 24.22
N ILE B 326 -11.73 -30.84 25.35
CA ILE B 326 -12.80 -30.51 26.26
C ILE B 326 -13.26 -29.08 26.01
N VAL B 327 -14.49 -28.79 26.43
CA VAL B 327 -15.08 -27.45 26.34
C VAL B 327 -15.78 -27.14 27.64
N ARG B 328 -15.59 -25.93 28.14
CA ARG B 328 -16.30 -25.49 29.34
C ARG B 328 -16.91 -24.13 29.07
N PHE B 329 -18.21 -24.01 29.28
CA PHE B 329 -19.01 -22.85 28.98
C PHE B 329 -19.99 -22.64 30.12
N PRO B 330 -20.58 -21.45 30.24
CA PRO B 330 -21.59 -21.22 31.27
C PRO B 330 -22.95 -21.76 30.84
N ASN B 331 -23.75 -22.12 31.85
CA ASN B 331 -25.12 -22.58 31.59
C ASN B 331 -26.00 -21.37 31.38
N ILE B 332 -26.29 -21.07 30.11
CA ILE B 332 -27.13 -19.93 29.77
C ILE B 332 -28.30 -20.45 28.95
N THR B 333 -29.50 -20.25 29.47
CA THR B 333 -30.74 -20.37 28.73
C THR B 333 -31.27 -18.97 28.49
N ASN B 334 -32.51 -18.86 28.04
CA ASN B 334 -33.11 -17.56 27.82
C ASN B 334 -32.35 -16.80 26.73
N LEU B 335 -32.53 -17.23 25.48
CA LEU B 335 -31.81 -16.70 24.32
C LEU B 335 -31.78 -15.18 24.32
N CYS B 336 -30.79 -14.60 23.63
CA CYS B 336 -30.78 -13.13 23.57
C CYS B 336 -32.00 -12.63 22.81
N PRO B 337 -32.77 -11.76 23.45
CA PRO B 337 -33.88 -11.10 22.73
C PRO B 337 -33.35 -10.07 21.75
N PHE B 338 -32.94 -10.54 20.58
CA PHE B 338 -32.54 -9.67 19.49
C PHE B 338 -33.72 -9.12 18.70
N GLY B 339 -34.93 -9.61 18.97
CA GLY B 339 -36.10 -9.10 18.29
C GLY B 339 -36.48 -7.69 18.70
N GLU B 340 -36.21 -7.32 19.95
CA GLU B 340 -36.61 -5.99 20.42
C GLU B 340 -35.96 -4.86 19.62
N VAL B 341 -34.84 -5.14 18.97
CA VAL B 341 -34.10 -4.11 18.25
C VAL B 341 -34.22 -4.24 16.73
N PHE B 342 -34.15 -5.46 16.18
CA PHE B 342 -34.31 -5.63 14.74
C PHE B 342 -35.76 -5.45 14.32
N ASN B 343 -36.68 -5.63 15.26
CA ASN B 343 -38.11 -5.48 14.99
C ASN B 343 -38.74 -4.42 15.89
N ALA B 344 -38.11 -3.25 15.97
CA ALA B 344 -38.73 -2.12 16.66
C ALA B 344 -39.56 -1.30 15.67
N THR B 345 -40.69 -0.80 16.16
CA THR B 345 -41.54 0.10 15.38
C THR B 345 -41.10 1.55 15.53
N ARG B 346 -39.96 1.78 16.16
CA ARG B 346 -39.40 3.11 16.35
C ARG B 346 -37.90 3.04 16.12
N PHE B 347 -37.39 4.01 15.37
CA PHE B 347 -35.95 4.19 15.19
C PHE B 347 -35.63 5.65 15.36
N ALA B 348 -34.74 5.95 16.31
CA ALA B 348 -34.34 7.32 16.56
C ALA B 348 -33.55 7.86 15.37
N SER B 349 -33.16 9.13 15.46
CA SER B 349 -32.40 9.81 14.42
C SER B 349 -30.92 9.74 14.69
N VAL B 350 -30.13 10.23 13.73
CA VAL B 350 -28.68 10.01 13.76
C VAL B 350 -27.96 10.76 14.86
N TYR B 351 -28.50 11.87 15.34
CA TYR B 351 -27.84 12.66 16.37
C TYR B 351 -28.36 12.36 17.77
N ALA B 352 -29.39 11.52 17.90
CA ALA B 352 -29.89 11.05 19.19
C ALA B 352 -30.13 9.55 19.14
N TRP B 353 -29.15 8.81 18.60
CA TRP B 353 -29.27 7.37 18.44
C TRP B 353 -29.53 6.69 19.78
N ASN B 354 -30.23 5.56 19.73
CA ASN B 354 -30.57 4.83 20.94
C ASN B 354 -29.67 3.60 21.11
N ARG B 355 -29.21 3.41 22.33
CA ARG B 355 -28.30 2.33 22.69
C ARG B 355 -29.00 1.38 23.64
N LYS B 356 -29.04 0.10 23.28
CA LYS B 356 -29.56 -0.93 24.17
C LYS B 356 -28.43 -1.89 24.52
N ARG B 357 -28.26 -2.13 25.81
CA ARG B 357 -27.25 -3.04 26.29
C ARG B 357 -27.80 -4.46 26.36
N ILE B 358 -27.06 -5.41 25.80
CA ILE B 358 -27.42 -6.81 25.80
C ILE B 358 -26.47 -7.57 26.71
N SER B 359 -27.03 -8.50 27.49
CA SER B 359 -26.32 -9.22 28.53
C SER B 359 -27.14 -10.46 28.91
N ASN B 360 -26.46 -11.39 29.60
CA ASN B 360 -27.10 -12.57 30.20
C ASN B 360 -27.99 -13.29 29.21
N CYS B 361 -27.38 -13.85 28.16
CA CYS B 361 -28.12 -14.64 27.18
C CYS B 361 -27.14 -15.24 26.19
N VAL B 362 -27.48 -16.42 25.67
CA VAL B 362 -26.79 -16.93 24.51
C VAL B 362 -27.15 -16.06 23.32
N ALA B 363 -26.14 -15.66 22.55
CA ALA B 363 -26.35 -14.83 21.37
C ALA B 363 -26.16 -15.71 20.15
N ASP B 364 -27.26 -16.00 19.46
CA ASP B 364 -27.24 -16.83 18.26
C ASP B 364 -27.26 -15.92 17.05
N TYR B 365 -26.08 -15.66 16.50
CA TYR B 365 -25.93 -14.98 15.22
C TYR B 365 -26.21 -15.93 14.05
N SER B 366 -26.57 -17.17 14.34
CA SER B 366 -26.95 -18.13 13.31
C SER B 366 -28.33 -17.81 12.75
N VAL B 367 -29.20 -17.23 13.57
CA VAL B 367 -30.48 -16.76 13.09
C VAL B 367 -30.35 -15.41 12.40
N LEU B 368 -29.13 -14.89 12.30
CA LEU B 368 -28.83 -13.59 11.70
C LEU B 368 -27.89 -13.71 10.51
N TYR B 369 -26.96 -14.67 10.54
CA TYR B 369 -25.93 -14.76 9.50
C TYR B 369 -26.41 -15.57 8.32
N ASN B 370 -27.16 -16.64 8.58
CA ASN B 370 -27.83 -17.38 7.52
C ASN B 370 -29.15 -16.73 7.12
N SER B 371 -29.37 -15.47 7.49
CA SER B 371 -30.56 -14.71 7.13
C SER B 371 -30.17 -13.69 6.07
N ALA B 372 -30.65 -13.90 4.83
CA ALA B 372 -30.33 -13.05 3.70
C ALA B 372 -31.38 -11.96 3.59
N SER B 373 -31.37 -11.03 4.54
CA SER B 373 -32.39 -9.96 4.52
C SER B 373 -31.80 -8.59 4.79
N PHE B 374 -30.48 -8.42 4.87
CA PHE B 374 -29.87 -7.13 5.12
C PHE B 374 -29.00 -6.75 3.93
N SER B 375 -28.80 -5.43 3.78
CA SER B 375 -28.03 -4.88 2.68
C SER B 375 -26.54 -4.80 2.97
N THR B 376 -26.13 -4.68 4.23
CA THR B 376 -24.71 -4.62 4.58
C THR B 376 -24.52 -5.33 5.92
N PHE B 377 -23.53 -6.22 5.99
CA PHE B 377 -23.14 -6.95 7.22
C PHE B 377 -21.62 -6.93 7.27
N LYS B 378 -21.04 -5.90 7.87
CA LYS B 378 -19.59 -5.68 7.85
C LYS B 378 -19.04 -5.72 9.27
N CYS B 379 -18.25 -6.76 9.56
CA CYS B 379 -17.64 -6.93 10.86
C CYS B 379 -16.21 -6.42 10.82
N TYR B 380 -15.72 -5.94 11.96
CA TYR B 380 -14.39 -5.36 12.06
C TYR B 380 -13.73 -5.91 13.33
N GLY B 381 -12.63 -6.64 13.14
CA GLY B 381 -11.95 -7.30 14.23
C GLY B 381 -12.41 -8.71 14.49
N VAL B 382 -13.54 -9.10 13.92
CA VAL B 382 -14.08 -10.44 14.04
C VAL B 382 -14.53 -10.89 12.66
N SER B 383 -14.88 -12.17 12.57
CA SER B 383 -15.43 -12.72 11.34
C SER B 383 -16.85 -13.20 11.62
N PRO B 384 -17.84 -12.75 10.84
CA PRO B 384 -19.24 -12.99 11.21
C PRO B 384 -19.62 -14.46 11.25
N THR B 385 -18.70 -15.35 10.90
CA THR B 385 -18.96 -16.79 10.94
C THR B 385 -18.41 -17.46 12.19
N LYS B 386 -17.65 -16.75 13.02
CA LYS B 386 -17.04 -17.31 14.21
C LYS B 386 -17.60 -16.69 15.48
N LEU B 387 -18.75 -16.04 15.40
CA LEU B 387 -19.31 -15.33 16.54
C LEU B 387 -19.99 -16.27 17.53
N ASN B 388 -20.24 -17.52 17.14
CA ASN B 388 -20.87 -18.49 18.02
C ASN B 388 -19.87 -19.30 18.82
N ASP B 389 -18.58 -19.08 18.61
CA ASP B 389 -17.54 -19.75 19.37
C ASP B 389 -16.92 -18.88 20.45
N LEU B 390 -17.22 -17.58 20.44
CA LEU B 390 -16.63 -16.64 21.38
C LEU B 390 -17.54 -16.42 22.56
N CYS B 391 -17.05 -15.65 23.52
CA CYS B 391 -17.87 -15.16 24.61
C CYS B 391 -17.52 -13.70 24.86
N PHE B 392 -18.53 -12.90 25.16
CA PHE B 392 -18.35 -11.47 25.26
C PHE B 392 -18.78 -10.98 26.64
N THR B 393 -18.23 -9.83 27.02
CA THR B 393 -18.51 -9.23 28.32
C THR B 393 -19.80 -8.42 28.30
N ASN B 394 -20.01 -7.63 27.26
CA ASN B 394 -21.21 -6.84 27.09
C ASN B 394 -21.56 -6.83 25.62
N VAL B 395 -22.76 -6.34 25.31
CA VAL B 395 -23.11 -5.96 23.94
C VAL B 395 -23.74 -4.58 23.96
N TYR B 396 -23.34 -3.73 23.02
CA TYR B 396 -24.03 -2.47 22.78
C TYR B 396 -24.65 -2.51 21.40
N ALA B 397 -25.97 -2.39 21.33
CA ALA B 397 -26.68 -2.31 20.06
C ALA B 397 -27.11 -0.85 19.88
N ASP B 398 -26.53 -0.18 18.90
CA ASP B 398 -26.92 1.18 18.58
C ASP B 398 -27.80 1.16 17.34
N SER B 399 -29.04 1.62 17.48
CA SER B 399 -30.02 1.42 16.43
C SER B 399 -30.62 2.76 15.99
N PHE B 400 -30.55 3.02 14.69
CA PHE B 400 -31.07 4.29 14.19
C PHE B 400 -31.38 4.17 12.70
N VAL B 401 -31.59 5.29 12.04
CA VAL B 401 -31.89 5.34 10.61
C VAL B 401 -31.13 6.51 10.00
N ILE B 402 -30.62 6.31 8.79
CA ILE B 402 -29.80 7.32 8.12
C ILE B 402 -30.29 7.48 6.69
N ARG B 403 -29.68 8.43 5.98
CA ARG B 403 -29.83 8.53 4.54
C ARG B 403 -29.06 7.40 3.87
N GLY B 404 -29.54 7.01 2.69
CA GLY B 404 -29.00 5.84 2.02
C GLY B 404 -27.56 6.03 1.58
N ASP B 405 -27.11 7.27 1.47
CA ASP B 405 -25.75 7.52 1.00
C ASP B 405 -24.73 7.18 2.08
N GLU B 406 -24.81 7.85 3.22
CA GLU B 406 -23.77 7.69 4.25
C GLU B 406 -23.97 6.42 5.05
N VAL B 407 -24.07 5.29 4.36
CA VAL B 407 -23.92 3.98 4.98
C VAL B 407 -22.45 3.58 5.06
N ARG B 408 -21.61 4.13 4.20
CA ARG B 408 -20.17 3.98 4.32
C ARG B 408 -19.58 4.95 5.33
N GLN B 409 -20.41 5.80 5.95
CA GLN B 409 -19.99 6.69 7.01
C GLN B 409 -19.98 5.99 8.38
N ILE B 410 -20.58 4.81 8.47
CA ILE B 410 -20.49 4.00 9.68
C ILE B 410 -19.40 2.97 9.43
N ALA B 411 -18.19 3.31 9.85
CA ALA B 411 -16.99 2.53 9.55
C ALA B 411 -15.90 2.96 10.52
N PRO B 412 -14.90 2.11 10.75
CA PRO B 412 -13.82 2.51 11.66
C PRO B 412 -12.84 3.46 10.99
N GLY B 413 -12.92 4.75 11.33
CA GLY B 413 -11.95 5.73 10.89
C GLY B 413 -12.36 6.39 9.59
N GLN B 414 -12.90 7.61 9.65
CA GLN B 414 -13.41 8.25 8.45
C GLN B 414 -13.77 9.70 8.76
N THR B 415 -14.02 10.44 7.68
CA THR B 415 -14.41 11.84 7.71
C THR B 415 -15.67 12.02 6.88
N GLY B 416 -16.61 12.77 7.42
CA GLY B 416 -17.87 13.00 6.73
C GLY B 416 -18.86 13.70 7.63
N LYS B 417 -19.81 14.38 6.99
CA LYS B 417 -20.73 15.25 7.73
C LYS B 417 -21.60 14.44 8.70
N ILE B 418 -21.86 13.18 8.37
CA ILE B 418 -22.56 12.32 9.32
C ILE B 418 -21.60 11.80 10.39
N ALA B 419 -20.39 11.40 9.99
CA ALA B 419 -19.41 10.88 10.92
C ALA B 419 -18.75 11.96 11.76
N ASP B 420 -18.66 13.19 11.26
CA ASP B 420 -17.98 14.23 12.01
C ASP B 420 -18.90 14.99 12.97
N TYR B 421 -20.21 14.79 12.88
CA TYR B 421 -21.13 15.56 13.70
C TYR B 421 -22.15 14.74 14.47
N ASN B 422 -22.63 13.60 13.96
CA ASN B 422 -23.76 12.91 14.59
C ASN B 422 -23.44 11.54 15.15
N TYR B 423 -22.41 10.87 14.65
CA TYR B 423 -22.09 9.54 15.15
C TYR B 423 -20.65 9.17 14.80
N LYS B 424 -19.90 8.69 15.78
CA LYS B 424 -18.50 8.35 15.57
C LYS B 424 -18.23 6.96 16.12
N LEU B 425 -17.36 6.23 15.43
CA LEU B 425 -16.80 4.99 15.94
C LEU B 425 -15.29 5.14 16.07
N PRO B 426 -14.69 4.57 17.11
CA PRO B 426 -13.23 4.67 17.24
C PRO B 426 -12.53 3.89 16.14
N ASP B 427 -11.28 4.27 15.88
CA ASP B 427 -10.47 3.48 14.97
C ASP B 427 -10.16 2.11 15.55
N ASP B 428 -10.26 1.97 16.87
CA ASP B 428 -10.10 0.68 17.55
C ASP B 428 -11.45 0.02 17.74
N PHE B 429 -12.20 -0.08 16.65
CA PHE B 429 -13.52 -0.68 16.68
C PHE B 429 -13.40 -2.19 16.59
N THR B 430 -14.38 -2.88 17.19
CA THR B 430 -14.44 -4.33 17.12
C THR B 430 -15.92 -4.74 17.27
N GLY B 431 -16.52 -5.10 16.14
CA GLY B 431 -17.93 -5.41 16.10
C GLY B 431 -18.46 -5.30 14.70
N CYS B 432 -19.74 -5.64 14.54
CA CYS B 432 -20.36 -5.67 13.23
C CYS B 432 -21.32 -4.50 13.03
N VAL B 433 -21.54 -4.16 11.77
CA VAL B 433 -22.43 -3.10 11.34
C VAL B 433 -23.41 -3.69 10.34
N ILE B 434 -24.70 -3.59 10.63
CA ILE B 434 -25.74 -4.12 9.75
C ILE B 434 -26.62 -2.98 9.28
N ALA B 435 -26.93 -2.97 7.99
CA ALA B 435 -27.81 -1.95 7.44
C ALA B 435 -28.78 -2.59 6.45
N TRP B 436 -30.04 -2.19 6.53
CA TRP B 436 -31.06 -2.67 5.60
C TRP B 436 -32.05 -1.56 5.32
N ASN B 437 -32.61 -1.59 4.12
CA ASN B 437 -33.34 -0.45 3.57
C ASN B 437 -34.70 -0.28 4.26
N SER B 438 -35.17 0.96 4.31
CA SER B 438 -36.45 1.27 4.93
C SER B 438 -37.04 2.54 4.32
N ASN B 439 -38.03 2.36 3.45
CA ASN B 439 -38.98 3.42 3.13
C ASN B 439 -40.37 2.81 3.11
N ASN B 440 -40.42 1.48 3.29
CA ASN B 440 -41.68 0.76 3.42
C ASN B 440 -42.17 0.70 4.86
N LEU B 441 -41.44 1.32 5.79
CA LEU B 441 -41.86 1.43 7.17
C LEU B 441 -41.79 2.87 7.63
N TYR B 451 -38.08 11.93 10.86
CA TYR B 451 -36.72 11.40 10.76
C TYR B 451 -35.72 12.53 10.64
N LEU B 452 -35.78 13.46 11.58
CA LEU B 452 -35.04 14.71 11.50
C LEU B 452 -33.60 14.51 11.98
N TYR B 453 -32.76 14.05 11.07
CA TYR B 453 -31.35 13.74 11.26
C TYR B 453 -30.48 14.93 10.81
N ARG B 454 -29.19 14.69 10.60
CA ARG B 454 -28.29 15.65 9.97
C ARG B 454 -28.07 16.96 10.74
N LEU B 455 -27.38 16.89 11.87
CA LEU B 455 -27.00 18.04 12.68
C LEU B 455 -25.63 18.58 12.27
N PHE B 456 -25.31 19.82 12.65
CA PHE B 456 -24.03 20.48 12.35
C PHE B 456 -23.62 21.33 13.55
N ARG B 457 -22.34 21.29 13.92
CA ARG B 457 -21.90 21.82 15.21
C ARG B 457 -20.46 22.29 15.18
N LYS B 458 -19.93 22.48 16.40
CA LYS B 458 -18.53 22.79 16.66
C LYS B 458 -17.75 21.59 17.17
N SER B 459 -18.43 20.64 17.81
CA SER B 459 -17.80 19.58 18.59
C SER B 459 -16.87 18.70 17.77
N ASN B 460 -17.28 18.33 16.56
CA ASN B 460 -16.59 17.36 15.72
C ASN B 460 -16.54 15.98 16.38
N LEU B 461 -17.12 15.87 17.58
CA LEU B 461 -17.62 14.60 18.11
C LEU B 461 -16.60 13.48 18.20
N LYS B 462 -15.65 13.58 19.11
CA LYS B 462 -14.77 12.48 19.48
C LYS B 462 -15.62 11.26 19.82
N PRO B 463 -15.10 10.05 19.57
CA PRO B 463 -15.98 8.90 19.27
C PRO B 463 -16.96 8.54 20.39
N PHE B 464 -18.07 7.91 19.97
CA PHE B 464 -19.08 7.30 20.82
C PHE B 464 -19.79 8.29 21.75
N GLU B 465 -19.56 9.59 21.58
CA GLU B 465 -20.34 10.59 22.27
C GLU B 465 -21.40 11.15 21.32
N ARG B 466 -22.51 11.59 21.89
CA ARG B 466 -23.56 12.22 21.08
C ARG B 466 -23.99 13.53 21.70
N ASP B 467 -24.23 14.53 20.84
CA ASP B 467 -24.54 15.89 21.24
C ASP B 467 -26.00 16.18 20.90
N ILE B 468 -26.77 16.57 21.92
CA ILE B 468 -28.16 16.97 21.71
C ILE B 468 -28.39 18.34 22.33
N SER B 469 -28.80 19.29 21.49
CA SER B 469 -29.01 20.69 21.86
C SER B 469 -29.48 21.46 20.64
N THR B 470 -30.03 22.66 20.83
CA THR B 470 -30.37 23.53 19.71
C THR B 470 -30.08 24.99 20.04
N GLU B 471 -28.93 25.48 19.58
CA GLU B 471 -28.63 26.91 19.57
C GLU B 471 -28.08 27.27 18.21
N ILE B 472 -28.71 28.25 17.59
CA ILE B 472 -28.76 28.42 16.15
C ILE B 472 -27.43 28.89 15.57
N TYR B 473 -27.11 28.39 14.38
CA TYR B 473 -26.03 28.88 13.54
C TYR B 473 -26.48 30.04 12.67
N GLN B 474 -27.54 30.73 13.08
CA GLN B 474 -28.07 31.91 12.41
C GLN B 474 -27.24 33.13 12.80
N ALA B 475 -26.77 33.86 11.79
CA ALA B 475 -25.99 35.08 12.00
C ALA B 475 -26.60 36.20 11.17
N ASN B 487 -28.45 33.57 5.43
CA ASN B 487 -29.37 34.38 6.21
C ASN B 487 -29.59 33.80 7.60
N CYS B 488 -29.94 32.52 7.65
CA CYS B 488 -30.16 31.80 8.89
C CYS B 488 -29.85 30.34 8.67
N TYR B 489 -29.42 29.67 9.73
CA TYR B 489 -29.09 28.25 9.68
C TYR B 489 -29.58 27.58 10.95
N PHE B 490 -29.71 26.26 10.89
CA PHE B 490 -30.23 25.47 12.00
C PHE B 490 -29.59 24.10 11.98
N PRO B 491 -29.10 23.61 13.11
CA PRO B 491 -28.35 22.34 13.12
C PRO B 491 -29.24 21.12 13.03
N LEU B 492 -30.11 21.08 12.04
CA LEU B 492 -31.03 19.98 11.83
C LEU B 492 -31.58 20.07 10.42
N GLN B 493 -31.92 18.94 9.81
CA GLN B 493 -32.43 18.96 8.44
C GLN B 493 -33.40 17.81 8.24
N SER B 494 -34.55 18.10 7.64
CA SER B 494 -35.57 17.09 7.48
C SER B 494 -35.17 16.07 6.42
N TYR B 495 -35.80 14.91 6.50
CA TYR B 495 -35.56 13.80 5.60
C TYR B 495 -36.85 13.51 4.84
N GLY B 496 -36.78 13.60 3.51
CA GLY B 496 -37.90 13.28 2.65
C GLY B 496 -37.88 11.82 2.19
N PHE B 497 -38.98 11.43 1.56
CA PHE B 497 -39.10 10.08 1.03
C PHE B 497 -40.21 10.02 -0.01
N VAL B 503 -33.15 4.92 -5.00
CA VAL B 503 -32.25 4.43 -3.96
C VAL B 503 -31.24 5.50 -3.61
N GLY B 504 -30.85 5.55 -2.33
CA GLY B 504 -29.96 6.57 -1.85
C GLY B 504 -30.62 7.67 -1.05
N TYR B 505 -31.95 7.78 -1.13
CA TYR B 505 -32.67 8.74 -0.31
C TYR B 505 -33.88 8.07 0.34
N GLN B 506 -33.74 6.79 0.66
CA GLN B 506 -34.74 6.08 1.46
C GLN B 506 -34.04 5.62 2.74
N PRO B 507 -34.52 6.03 3.91
CA PRO B 507 -33.71 5.90 5.13
C PRO B 507 -33.36 4.47 5.52
N TYR B 508 -32.07 4.14 5.45
CA TYR B 508 -31.60 2.82 5.85
C TYR B 508 -31.60 2.70 7.36
N ARG B 509 -32.19 1.62 7.86
CA ARG B 509 -32.07 1.27 9.26
C ARG B 509 -30.72 0.59 9.52
N VAL B 510 -30.04 1.06 10.57
CA VAL B 510 -28.69 0.62 10.87
C VAL B 510 -28.61 0.18 12.33
N VAL B 511 -28.03 -0.99 12.55
CA VAL B 511 -27.76 -1.54 13.88
C VAL B 511 -26.26 -1.80 13.99
N VAL B 512 -25.63 -1.20 15.00
CA VAL B 512 -24.19 -1.29 15.21
C VAL B 512 -23.99 -2.09 16.49
N LEU B 513 -23.43 -3.29 16.36
CA LEU B 513 -23.12 -4.09 17.53
C LEU B 513 -21.70 -3.79 18.01
N SER B 514 -21.53 -3.77 19.33
CA SER B 514 -20.24 -3.45 19.92
C SER B 514 -19.94 -4.47 20.99
N PHE B 515 -18.83 -5.18 20.81
CA PHE B 515 -18.37 -6.19 21.75
C PHE B 515 -17.13 -5.69 22.47
N GLU B 516 -16.85 -6.33 23.60
CA GLU B 516 -15.58 -6.15 24.28
C GLU B 516 -15.05 -7.54 24.62
N LEU B 517 -13.76 -7.73 24.41
CA LEU B 517 -13.19 -9.06 24.59
C LEU B 517 -12.93 -9.34 26.06
N LEU B 518 -12.79 -10.63 26.38
CA LEU B 518 -12.81 -11.08 27.76
C LEU B 518 -11.63 -10.52 28.56
N HIS B 519 -11.96 -9.70 29.56
CA HIS B 519 -11.04 -9.40 30.65
C HIS B 519 -11.82 -9.58 31.95
N ALA B 520 -13.12 -9.37 31.87
CA ALA B 520 -14.11 -9.61 32.91
C ALA B 520 -14.86 -10.90 32.61
N PRO B 521 -15.68 -11.41 33.55
CA PRO B 521 -16.48 -12.61 33.24
C PRO B 521 -17.35 -12.43 32.01
N ALA B 522 -17.53 -13.51 31.26
CA ALA B 522 -18.44 -13.47 30.14
C ALA B 522 -19.86 -13.70 30.63
N THR B 523 -20.79 -12.96 30.03
CA THR B 523 -22.20 -13.12 30.35
C THR B 523 -23.10 -13.32 29.14
N VAL B 524 -22.78 -12.74 27.99
CA VAL B 524 -23.52 -12.97 26.76
C VAL B 524 -22.58 -13.68 25.80
N CYS B 525 -22.79 -14.98 25.62
CA CYS B 525 -21.73 -15.72 24.95
C CYS B 525 -22.32 -16.94 24.26
N GLY B 526 -21.66 -17.33 23.16
CA GLY B 526 -22.25 -18.13 22.11
C GLY B 526 -22.92 -19.42 22.54
N PRO B 527 -23.81 -19.91 21.68
CA PRO B 527 -24.48 -21.18 21.96
C PRO B 527 -23.60 -22.38 21.65
N LYS B 528 -22.77 -22.79 22.61
CA LYS B 528 -21.85 -23.90 22.43
C LYS B 528 -22.09 -24.92 23.54
N LYS B 529 -22.18 -26.19 23.17
CA LYS B 529 -22.50 -27.24 24.12
C LYS B 529 -21.28 -27.62 24.93
N SER B 530 -21.39 -27.51 26.25
CA SER B 530 -20.30 -27.77 27.17
C SER B 530 -20.19 -29.26 27.48
N THR B 531 -18.98 -29.77 27.48
CA THR B 531 -18.73 -31.18 27.75
C THR B 531 -18.06 -31.36 29.11
N ASN B 532 -17.74 -32.62 29.41
CA ASN B 532 -17.10 -32.97 30.66
C ASN B 532 -15.65 -32.46 30.66
N LEU B 533 -14.93 -32.77 31.73
CA LEU B 533 -13.53 -32.37 31.82
C LEU B 533 -12.73 -33.50 32.45
N VAL B 534 -11.46 -33.58 32.05
CA VAL B 534 -10.54 -34.63 32.46
C VAL B 534 -9.26 -33.99 32.95
N LYS B 535 -8.41 -34.79 33.59
CA LYS B 535 -7.17 -34.29 34.18
C LYS B 535 -6.03 -35.25 33.89
N ASN B 536 -4.81 -34.71 33.95
CA ASN B 536 -3.56 -35.45 33.76
C ASN B 536 -3.40 -36.00 32.34
N LYS B 537 -3.91 -35.28 31.34
CA LYS B 537 -3.68 -35.62 29.94
C LYS B 537 -3.56 -34.32 29.15
N CYS B 538 -2.58 -34.26 28.25
CA CYS B 538 -2.46 -33.09 27.40
C CYS B 538 -3.69 -33.00 26.51
N VAL B 539 -4.51 -31.96 26.73
CA VAL B 539 -5.81 -31.81 26.10
C VAL B 539 -5.90 -30.41 25.49
N ASN B 540 -6.89 -30.26 24.61
CA ASN B 540 -7.31 -28.97 24.08
C ASN B 540 -8.50 -28.48 24.88
N PHE B 541 -8.32 -27.37 25.59
CA PHE B 541 -9.42 -26.79 26.36
C PHE B 541 -9.90 -25.52 25.69
N ASN B 542 -11.17 -25.19 25.93
CA ASN B 542 -11.82 -24.03 25.32
C ASN B 542 -12.60 -23.23 26.37
N PHE B 543 -11.95 -22.90 27.49
CA PHE B 543 -12.61 -22.25 28.61
C PHE B 543 -13.13 -20.88 28.21
N ASN B 544 -14.45 -20.79 27.97
CA ASN B 544 -15.14 -19.52 27.71
C ASN B 544 -14.57 -18.79 26.50
N GLY B 545 -14.03 -19.51 25.54
CA GLY B 545 -13.35 -18.93 24.40
C GLY B 545 -11.84 -18.97 24.51
N LEU B 546 -11.28 -18.85 25.71
CA LEU B 546 -9.85 -19.01 25.94
C LEU B 546 -9.48 -20.48 25.69
N THR B 547 -8.93 -20.71 24.51
CA THR B 547 -8.58 -22.07 24.14
C THR B 547 -7.07 -22.26 24.07
N GLY B 548 -6.65 -23.50 24.25
CA GLY B 548 -5.24 -23.82 24.32
C GLY B 548 -5.03 -25.30 24.56
N THR B 549 -3.79 -25.64 24.89
CA THR B 549 -3.38 -27.02 25.03
C THR B 549 -2.48 -27.20 26.25
N GLY B 550 -2.78 -28.21 27.06
CA GLY B 550 -1.95 -28.48 28.21
C GLY B 550 -2.54 -29.56 29.08
N VAL B 551 -1.87 -29.79 30.20
CA VAL B 551 -2.32 -30.75 31.20
C VAL B 551 -2.84 -30.01 32.42
N LEU B 552 -4.06 -30.36 32.84
CA LEU B 552 -4.78 -29.70 33.93
C LEU B 552 -4.55 -30.46 35.22
N THR B 553 -4.76 -29.79 36.35
CA THR B 553 -4.55 -30.40 37.66
C THR B 553 -5.36 -29.65 38.70
N GLU B 554 -5.74 -30.33 39.77
CA GLU B 554 -6.29 -29.69 40.95
C GLU B 554 -5.20 -28.86 41.62
N SER B 555 -5.51 -27.61 41.92
CA SER B 555 -4.52 -26.61 42.28
C SER B 555 -4.65 -26.19 43.73
N ASN B 556 -3.53 -25.80 44.32
CA ASN B 556 -3.49 -25.25 45.66
C ASN B 556 -3.22 -23.74 45.65
N LYS B 557 -3.56 -23.08 44.54
CA LYS B 557 -3.48 -21.64 44.45
C LYS B 557 -4.70 -21.03 45.11
N LYS B 558 -4.46 -20.01 45.94
CA LYS B 558 -5.52 -19.42 46.76
C LYS B 558 -6.10 -18.18 46.09
N PHE B 559 -6.87 -18.42 45.02
CA PHE B 559 -7.64 -17.36 44.40
C PHE B 559 -8.56 -16.73 45.44
N LEU B 560 -9.02 -15.52 45.13
CA LEU B 560 -10.05 -14.83 45.91
C LEU B 560 -11.22 -14.52 45.00
N PRO B 561 -12.45 -14.55 45.52
CA PRO B 561 -13.65 -14.65 44.67
C PRO B 561 -13.67 -13.80 43.41
N PHE B 562 -13.03 -12.64 43.46
CA PHE B 562 -13.02 -11.79 42.27
C PHE B 562 -12.05 -12.29 41.22
N GLN B 563 -11.10 -13.13 41.59
CA GLN B 563 -10.05 -13.54 40.67
C GLN B 563 -10.52 -14.70 39.79
N GLN B 564 -10.18 -14.64 38.50
CA GLN B 564 -10.67 -15.58 37.51
C GLN B 564 -9.59 -16.49 36.93
N PHE B 565 -8.54 -15.94 36.34
CA PHE B 565 -7.45 -16.77 35.83
C PHE B 565 -6.13 -16.14 36.23
N GLY B 566 -5.14 -17.00 36.49
CA GLY B 566 -3.86 -16.56 36.95
C GLY B 566 -2.86 -16.46 35.81
N ARG B 567 -1.67 -15.94 36.13
CA ARG B 567 -0.58 -15.86 35.18
C ARG B 567 0.68 -15.44 35.93
N ASP B 568 1.81 -15.99 35.48
CA ASP B 568 3.09 -15.54 36.03
C ASP B 568 3.73 -14.49 35.14
N ILE B 569 4.12 -14.86 33.93
CA ILE B 569 4.78 -13.94 33.01
C ILE B 569 4.20 -14.16 31.62
N ALA B 570 4.76 -13.46 30.64
CA ALA B 570 4.59 -13.76 29.21
C ALA B 570 3.13 -13.70 28.75
N ASP B 571 2.22 -13.23 29.61
CA ASP B 571 0.80 -13.17 29.30
C ASP B 571 0.26 -14.56 28.94
N THR B 572 0.78 -15.58 29.59
CA THR B 572 0.32 -16.95 29.42
C THR B 572 -0.49 -17.34 30.65
N THR B 573 -1.66 -17.91 30.42
CA THR B 573 -2.54 -18.34 31.48
C THR B 573 -1.93 -19.54 32.21
N ASP B 574 -2.04 -19.55 33.53
CA ASP B 574 -1.52 -20.65 34.34
C ASP B 574 -2.60 -21.40 35.10
N ALA B 575 -3.59 -20.70 35.66
CA ALA B 575 -4.72 -21.35 36.28
C ALA B 575 -5.98 -20.77 35.69
N VAL B 576 -7.09 -21.46 35.93
CA VAL B 576 -8.39 -20.97 35.48
C VAL B 576 -9.40 -21.29 36.56
N ARG B 577 -10.51 -20.57 36.55
CA ARG B 577 -11.66 -20.94 37.37
C ARG B 577 -12.66 -21.65 36.47
N ASP B 578 -13.05 -22.86 36.85
CA ASP B 578 -14.02 -23.59 36.06
C ASP B 578 -15.33 -22.81 35.97
N PRO B 579 -15.79 -22.47 34.77
CA PRO B 579 -17.03 -21.69 34.66
C PRO B 579 -18.25 -22.41 35.21
N GLN B 580 -18.29 -23.74 35.16
CA GLN B 580 -19.48 -24.48 35.55
C GLN B 580 -19.45 -25.00 36.97
N THR B 581 -18.28 -25.17 37.57
CA THR B 581 -18.24 -25.62 38.96
C THR B 581 -17.36 -24.78 39.85
N LEU B 582 -16.84 -23.67 39.34
CA LEU B 582 -16.02 -22.75 40.15
C LEU B 582 -14.71 -23.32 40.70
N GLU B 583 -14.23 -24.38 40.07
CA GLU B 583 -12.99 -25.03 40.47
C GLU B 583 -11.81 -24.33 39.79
N ILE B 584 -10.71 -24.23 40.52
CA ILE B 584 -9.49 -23.61 40.02
C ILE B 584 -8.55 -24.72 39.57
N LEU B 585 -8.16 -24.68 38.30
CA LEU B 585 -7.34 -25.70 37.68
C LEU B 585 -6.00 -25.12 37.28
N ASP B 586 -4.93 -25.84 37.61
CA ASP B 586 -3.57 -25.52 37.22
C ASP B 586 -3.28 -26.09 35.83
N ILE B 587 -2.56 -25.33 35.03
CA ILE B 587 -2.24 -25.70 33.65
C ILE B 587 -0.72 -25.81 33.54
N THR B 588 -0.24 -26.90 32.93
CA THR B 588 1.17 -27.10 32.65
C THR B 588 1.37 -27.51 31.19
N PRO B 589 2.43 -27.06 30.53
CA PRO B 589 2.70 -27.54 29.18
C PRO B 589 3.06 -29.02 29.18
N CYS B 590 2.50 -29.76 28.23
CA CYS B 590 2.88 -31.16 28.12
C CYS B 590 4.27 -31.28 27.49
N SER B 591 4.89 -32.44 27.72
CA SER B 591 6.34 -32.56 27.57
C SER B 591 6.77 -32.40 26.12
N PHE B 592 7.92 -31.74 25.95
CA PHE B 592 8.50 -31.49 24.65
C PHE B 592 10.01 -31.42 24.82
N GLY B 593 10.72 -31.68 23.73
CA GLY B 593 12.16 -31.64 23.80
C GLY B 593 12.80 -31.88 22.45
N GLY B 594 14.12 -31.97 22.46
CA GLY B 594 14.88 -32.26 21.28
C GLY B 594 15.27 -33.71 21.21
N VAL B 595 15.55 -34.20 20.01
CA VAL B 595 15.90 -35.58 19.79
C VAL B 595 17.27 -35.62 19.15
N SER B 596 18.20 -36.36 19.75
CA SER B 596 19.51 -36.56 19.15
C SER B 596 19.73 -38.04 18.89
N VAL B 597 20.54 -38.35 17.88
CA VAL B 597 20.80 -39.74 17.54
C VAL B 597 22.31 -39.96 17.52
N ILE B 598 22.74 -40.97 18.26
CA ILE B 598 24.13 -41.35 18.44
C ILE B 598 24.45 -42.49 17.48
N THR B 599 25.49 -42.31 16.68
CA THR B 599 25.90 -43.29 15.70
C THR B 599 27.40 -43.52 15.74
N PRO B 600 27.86 -44.77 15.65
CA PRO B 600 29.29 -45.03 15.49
C PRO B 600 29.84 -44.76 14.10
N GLY B 601 29.04 -44.20 13.20
CA GLY B 601 29.42 -44.03 11.82
C GLY B 601 28.86 -45.15 10.97
N THR B 602 28.45 -44.79 9.76
CA THR B 602 27.89 -45.78 8.84
C THR B 602 28.96 -46.65 8.21
N ASN B 603 30.21 -46.20 8.21
CA ASN B 603 31.29 -47.08 7.76
C ASN B 603 31.52 -48.19 8.77
N THR B 604 31.21 -47.92 10.03
CA THR B 604 31.38 -48.91 11.09
C THR B 604 30.22 -49.89 11.12
N SER B 605 29.16 -49.53 11.83
CA SER B 605 27.98 -50.38 11.95
C SER B 605 26.70 -49.58 11.74
N ASN B 606 25.69 -50.23 11.19
CA ASN B 606 24.41 -49.58 10.93
C ASN B 606 23.52 -49.54 12.16
N GLN B 607 24.12 -49.18 13.30
CA GLN B 607 23.38 -49.10 14.56
C GLN B 607 23.03 -47.66 14.90
N VAL B 608 22.21 -47.48 15.93
CA VAL B 608 21.80 -46.15 16.36
C VAL B 608 21.26 -46.22 17.78
N ALA B 609 21.53 -45.18 18.57
CA ALA B 609 20.87 -44.96 19.85
C ALA B 609 20.26 -43.57 19.86
N VAL B 610 19.23 -43.36 20.68
CA VAL B 610 18.45 -42.12 20.59
C VAL B 610 18.33 -41.51 21.97
N LEU B 611 18.54 -40.20 22.05
CA LEU B 611 18.42 -39.45 23.29
C LEU B 611 17.27 -38.47 23.19
N TYR B 612 16.32 -38.57 24.11
CA TYR B 612 15.20 -37.66 24.26
C TYR B 612 15.55 -36.66 25.35
N GLN B 613 15.87 -35.44 24.96
CA GLN B 613 16.53 -34.51 25.84
C GLN B 613 15.55 -33.89 26.82
N ASP B 614 15.86 -34.04 28.11
CA ASP B 614 15.10 -33.40 29.19
C ASP B 614 13.68 -33.92 29.25
N VAL B 615 13.54 -35.23 29.40
CA VAL B 615 12.23 -35.86 29.51
C VAL B 615 12.36 -37.10 30.38
N ASN B 616 11.25 -37.52 30.97
CA ASN B 616 11.24 -38.75 31.75
C ASN B 616 11.23 -39.93 30.81
N CYS B 617 11.93 -41.00 31.18
CA CYS B 617 12.01 -42.15 30.29
C CYS B 617 10.77 -42.98 30.49
N THR B 618 9.62 -42.33 30.46
CA THR B 618 8.34 -42.93 30.74
C THR B 618 7.22 -42.38 29.88
N GLU B 619 7.47 -41.39 29.04
CA GLU B 619 6.50 -40.89 28.08
C GLU B 619 7.13 -40.88 26.69
N VAL B 620 7.72 -42.00 26.31
CA VAL B 620 8.32 -42.13 24.99
C VAL B 620 7.75 -43.35 24.28
N THR B 638 11.90 -48.99 19.06
CA THR B 638 12.55 -48.15 20.07
C THR B 638 11.79 -48.20 21.38
N GLY B 639 11.74 -49.39 22.00
CA GLY B 639 11.04 -49.53 23.26
C GLY B 639 11.63 -50.52 24.26
N SER B 640 12.93 -50.81 24.19
CA SER B 640 13.56 -51.67 25.20
C SER B 640 15.02 -51.27 25.32
N ASN B 641 15.60 -51.48 26.51
CA ASN B 641 16.92 -51.00 26.91
C ASN B 641 16.95 -49.51 27.22
N VAL B 642 15.87 -48.98 27.81
CA VAL B 642 15.85 -47.58 28.19
C VAL B 642 16.73 -47.35 29.41
N PHE B 643 17.23 -46.13 29.54
CA PHE B 643 18.18 -45.76 30.60
C PHE B 643 18.06 -44.27 30.82
N GLN B 644 17.86 -43.85 32.07
CA GLN B 644 17.60 -42.46 32.35
C GLN B 644 18.85 -41.76 32.86
N THR B 645 19.30 -40.74 32.14
CA THR B 645 20.45 -39.96 32.56
C THR B 645 20.00 -38.59 33.05
N ARG B 646 20.94 -37.72 33.36
CA ARG B 646 20.67 -36.35 33.73
C ARG B 646 20.45 -35.46 32.53
N ALA B 647 20.76 -35.96 31.33
CA ALA B 647 20.61 -35.20 30.09
C ALA B 647 19.33 -35.57 29.35
N GLY B 648 18.63 -36.62 29.77
CA GLY B 648 17.41 -37.05 29.13
C GLY B 648 17.19 -38.53 29.28
N CYS B 649 16.52 -39.12 28.30
CA CYS B 649 16.22 -40.54 28.31
C CYS B 649 16.87 -41.19 27.10
N LEU B 650 17.66 -42.24 27.35
CA LEU B 650 18.45 -42.90 26.33
C LEU B 650 17.82 -44.24 25.97
N ILE B 651 17.69 -44.50 24.68
CA ILE B 651 17.08 -45.74 24.20
C ILE B 651 18.01 -46.34 23.15
N GLY B 652 18.46 -47.57 23.39
CA GLY B 652 19.31 -48.25 22.46
C GLY B 652 20.75 -48.44 22.88
N ALA B 653 21.06 -48.26 24.16
CA ALA B 653 22.40 -48.45 24.67
C ALA B 653 22.32 -49.15 26.01
N GLU B 654 23.27 -50.03 26.27
CA GLU B 654 23.33 -50.72 27.55
C GLU B 654 24.29 -50.01 28.48
N HIS B 655 23.89 -49.93 29.74
CA HIS B 655 24.67 -49.26 30.77
C HIS B 655 25.65 -50.23 31.42
N VAL B 656 26.94 -49.90 31.36
CA VAL B 656 27.97 -50.72 31.95
C VAL B 656 28.47 -50.05 33.22
N ASN B 657 29.14 -50.83 34.07
CA ASN B 657 29.74 -50.31 35.29
C ASN B 657 31.15 -49.80 35.09
N ASN B 658 31.81 -50.15 33.99
CA ASN B 658 33.18 -49.76 33.74
C ASN B 658 33.29 -48.25 33.53
N SER B 659 34.52 -47.81 33.26
CA SER B 659 34.77 -46.44 32.84
C SER B 659 35.88 -46.46 31.79
N TYR B 660 35.73 -45.61 30.79
CA TYR B 660 36.69 -45.51 29.71
C TYR B 660 36.92 -44.04 29.44
N GLU B 661 37.83 -43.74 28.53
CA GLU B 661 37.96 -42.38 28.06
C GLU B 661 36.77 -42.03 27.15
N CYS B 662 36.42 -40.75 27.10
CA CYS B 662 35.22 -40.36 26.38
C CYS B 662 35.38 -40.58 24.88
N ASP B 663 34.31 -41.07 24.26
CA ASP B 663 34.29 -41.26 22.82
C ASP B 663 33.24 -40.36 22.17
N ILE B 664 31.98 -40.53 22.55
CA ILE B 664 30.90 -39.64 22.14
C ILE B 664 30.27 -39.06 23.38
N PRO B 665 30.33 -37.74 23.59
CA PRO B 665 29.81 -37.14 24.83
C PRO B 665 28.29 -37.07 24.82
N ILE B 666 27.67 -37.61 25.86
CA ILE B 666 26.22 -37.50 25.99
C ILE B 666 25.93 -36.31 26.88
N GLY B 667 26.64 -36.22 28.00
CA GLY B 667 26.54 -35.07 28.89
C GLY B 667 26.43 -35.51 30.33
N ALA B 668 26.65 -34.55 31.22
CA ALA B 668 26.64 -34.76 32.68
C ALA B 668 27.47 -35.95 33.08
N GLY B 669 28.66 -36.04 32.50
CA GLY B 669 29.58 -37.10 32.81
C GLY B 669 29.43 -38.37 32.01
N ILE B 670 28.38 -38.50 31.20
CA ILE B 670 28.06 -39.75 30.51
C ILE B 670 28.56 -39.68 29.08
N CYS B 671 29.28 -40.72 28.66
CA CYS B 671 29.77 -40.88 27.30
C CYS B 671 29.28 -42.21 26.74
N ALA B 672 29.38 -42.35 25.42
CA ALA B 672 28.85 -43.50 24.72
C ALA B 672 29.84 -43.99 23.69
N SER B 673 29.91 -45.30 23.51
CA SER B 673 30.87 -45.87 22.57
C SER B 673 30.28 -47.09 21.89
N TYR B 674 30.98 -47.55 20.86
CA TYR B 674 30.58 -48.73 20.11
C TYR B 674 31.57 -49.85 20.41
N GLN B 675 31.17 -50.76 21.28
CA GLN B 675 31.94 -51.96 21.61
C GLN B 675 31.20 -52.77 22.65
N THR B 676 31.70 -53.97 22.93
CA THR B 676 31.25 -54.75 24.09
C THR B 676 29.76 -55.04 24.07
N GLN B 690 29.67 -56.31 19.82
CA GLN B 690 29.58 -54.86 19.95
C GLN B 690 28.13 -54.42 19.82
N SER B 691 27.59 -53.69 20.80
CA SER B 691 26.30 -53.10 20.52
C SER B 691 26.29 -51.58 20.51
N ILE B 692 26.23 -50.94 21.67
CA ILE B 692 26.48 -49.52 21.93
C ILE B 692 26.38 -49.41 23.44
N ILE B 693 27.29 -48.69 24.08
CA ILE B 693 27.37 -48.67 25.53
C ILE B 693 27.37 -47.23 26.01
N ALA B 694 26.81 -47.05 27.20
CA ALA B 694 26.78 -45.76 27.88
C ALA B 694 27.43 -45.92 29.24
N TYR B 695 28.43 -45.09 29.54
CA TYR B 695 29.22 -45.25 30.75
C TYR B 695 29.57 -43.89 31.33
N THR B 696 30.06 -43.91 32.57
CA THR B 696 30.64 -42.72 33.19
C THR B 696 32.12 -42.61 32.82
N MET B 697 32.50 -41.47 32.27
CA MET B 697 33.84 -41.34 31.69
C MET B 697 34.92 -41.31 32.76
N SER B 698 36.06 -41.89 32.43
CA SER B 698 37.22 -41.86 33.29
C SER B 698 38.07 -40.64 32.96
N LEU B 699 38.72 -40.11 33.98
CA LEU B 699 39.52 -38.91 33.81
C LEU B 699 40.95 -39.21 33.45
N GLY B 700 41.42 -40.40 33.76
CA GLY B 700 42.78 -40.80 33.44
C GLY B 700 43.25 -41.83 34.42
N ALA B 701 44.44 -42.34 34.15
CA ALA B 701 45.07 -43.26 35.08
C ALA B 701 45.42 -42.54 36.36
N GLU B 702 45.53 -43.30 37.43
CA GLU B 702 45.77 -42.75 38.75
C GLU B 702 47.13 -43.20 39.24
N ASN B 703 47.84 -42.33 39.94
CA ASN B 703 49.08 -42.80 40.54
C ASN B 703 49.51 -41.93 41.69
N SER B 704 49.96 -42.58 42.75
CA SER B 704 50.63 -41.94 43.86
C SER B 704 52.10 -41.76 43.58
N VAL B 705 52.59 -40.56 43.84
CA VAL B 705 54.01 -40.25 43.77
C VAL B 705 54.64 -40.76 45.05
N ALA B 706 55.87 -41.24 44.94
CA ALA B 706 56.56 -41.83 46.08
C ALA B 706 57.22 -40.75 46.95
N TYR B 707 56.41 -39.82 47.42
CA TYR B 707 56.93 -38.68 48.16
C TYR B 707 57.43 -39.12 49.54
N SER B 708 58.62 -38.64 49.92
CA SER B 708 59.07 -38.70 51.30
C SER B 708 59.90 -37.47 51.61
N ASN B 709 60.39 -37.33 52.84
CA ASN B 709 61.08 -36.10 53.18
C ASN B 709 62.57 -36.15 52.89
N ASN B 710 63.10 -37.26 52.36
CA ASN B 710 64.49 -37.26 51.94
C ASN B 710 64.73 -38.10 50.70
N SER B 711 63.75 -38.18 49.81
CA SER B 711 63.84 -38.95 48.59
C SER B 711 63.79 -38.03 47.38
N ILE B 712 64.55 -38.37 46.34
CA ILE B 712 64.56 -37.58 45.11
C ILE B 712 64.63 -38.53 43.92
N ALA B 713 64.21 -38.05 42.76
CA ALA B 713 64.29 -38.79 41.51
C ALA B 713 65.02 -37.95 40.46
N ILE B 714 66.07 -38.50 39.88
CA ILE B 714 66.90 -37.79 38.91
C ILE B 714 66.85 -38.56 37.59
N PRO B 715 66.72 -37.88 36.45
CA PRO B 715 66.73 -38.59 35.17
C PRO B 715 68.13 -38.99 34.72
N THR B 716 68.21 -40.14 34.06
CA THR B 716 69.49 -40.64 33.56
C THR B 716 69.60 -40.65 32.03
N ASN B 717 68.54 -40.23 31.35
CA ASN B 717 68.54 -40.20 29.89
C ASN B 717 67.54 -39.13 29.47
N PHE B 718 67.37 -38.98 28.16
CA PHE B 718 66.42 -38.03 27.62
C PHE B 718 65.94 -38.51 26.26
N THR B 719 64.84 -37.93 25.80
CA THR B 719 64.41 -38.04 24.41
C THR B 719 64.26 -36.65 23.80
N ILE B 720 64.42 -36.58 22.49
CA ILE B 720 64.16 -35.39 21.70
C ILE B 720 62.81 -35.54 21.03
N SER B 721 61.88 -34.64 21.34
CA SER B 721 60.55 -34.67 20.75
C SER B 721 60.40 -33.56 19.71
N VAL B 722 59.57 -33.82 18.70
CA VAL B 722 59.08 -32.78 17.81
C VAL B 722 57.57 -32.93 17.69
N THR B 723 56.86 -31.82 17.84
CA THR B 723 55.40 -31.83 17.76
C THR B 723 54.90 -30.68 16.91
N THR B 724 53.76 -30.86 16.29
CA THR B 724 53.15 -29.86 15.43
C THR B 724 52.16 -29.01 16.19
N GLU B 725 52.02 -27.76 15.74
CA GLU B 725 50.94 -26.89 16.12
C GLU B 725 50.47 -26.17 14.87
N ILE B 726 49.17 -26.04 14.68
CA ILE B 726 48.59 -25.50 13.47
C ILE B 726 47.70 -24.32 13.83
N LEU B 727 47.85 -23.22 13.11
CA LEU B 727 47.08 -22.03 13.42
C LEU B 727 46.60 -21.35 12.15
N PRO B 728 45.34 -20.89 12.12
CA PRO B 728 44.86 -20.10 11.00
C PRO B 728 45.38 -18.67 11.04
N VAL B 729 45.65 -18.10 9.88
CA VAL B 729 46.03 -16.70 9.84
C VAL B 729 45.15 -15.84 8.94
N SER B 730 44.32 -16.39 8.05
CA SER B 730 43.48 -15.53 7.22
C SER B 730 42.26 -16.27 6.70
N MET B 731 41.26 -15.49 6.27
CA MET B 731 40.08 -15.93 5.55
C MET B 731 40.11 -15.42 4.12
N THR B 732 39.20 -15.95 3.30
CA THR B 732 39.03 -15.47 1.94
C THR B 732 38.39 -14.08 1.92
N LYS B 733 38.89 -13.24 1.03
CA LYS B 733 38.41 -11.88 0.86
C LYS B 733 37.27 -11.89 -0.14
N THR B 734 36.07 -11.58 0.33
CA THR B 734 34.92 -11.53 -0.53
C THR B 734 34.32 -10.14 -0.48
N SER B 735 33.65 -9.78 -1.55
CA SER B 735 32.90 -8.55 -1.64
C SER B 735 31.52 -8.85 -2.20
N VAL B 736 30.53 -8.09 -1.75
CA VAL B 736 29.19 -8.18 -2.29
C VAL B 736 28.77 -6.79 -2.74
N ASP B 737 28.20 -6.71 -3.92
CA ASP B 737 27.56 -5.49 -4.39
C ASP B 737 26.13 -5.49 -3.85
N CYS B 738 25.86 -4.64 -2.86
CA CYS B 738 24.57 -4.60 -2.21
C CYS B 738 23.43 -4.40 -3.22
N THR B 739 23.60 -3.45 -4.12
CA THR B 739 22.55 -3.14 -5.08
C THR B 739 22.29 -4.28 -6.04
N MET B 740 23.32 -4.99 -6.46
CA MET B 740 23.13 -6.07 -7.42
C MET B 740 22.64 -7.35 -6.77
N TYR B 741 22.89 -7.53 -5.49
CA TYR B 741 22.29 -8.66 -4.78
C TYR B 741 20.81 -8.41 -4.53
N ILE B 742 20.48 -7.19 -4.10
CA ILE B 742 19.11 -6.89 -3.75
C ILE B 742 18.19 -6.74 -4.95
N CYS B 743 18.65 -6.10 -6.02
CA CYS B 743 17.77 -5.67 -7.10
C CYS B 743 18.04 -6.38 -8.41
N GLY B 744 19.23 -6.93 -8.60
CA GLY B 744 19.53 -7.68 -9.80
C GLY B 744 19.49 -6.88 -11.09
N ASP B 745 19.93 -5.63 -11.07
CA ASP B 745 19.99 -4.78 -12.25
C ASP B 745 18.61 -4.60 -12.89
N SER B 746 17.70 -4.02 -12.11
CA SER B 746 16.41 -3.53 -12.57
C SER B 746 16.17 -2.16 -11.97
N THR B 747 15.77 -1.21 -12.80
CA THR B 747 15.70 0.19 -12.39
C THR B 747 14.64 0.44 -11.33
N GLU B 748 13.54 -0.31 -11.37
CA GLU B 748 12.43 -0.06 -10.47
C GLU B 748 12.71 -0.51 -9.04
N CYS B 749 13.37 -1.66 -8.86
CA CYS B 749 13.96 -1.98 -7.57
C CYS B 749 14.97 -0.94 -7.12
N SER B 750 15.78 -0.43 -8.04
CA SER B 750 16.83 0.50 -7.63
C SER B 750 16.27 1.80 -7.10
N ASN B 751 15.24 2.35 -7.72
CA ASN B 751 14.66 3.58 -7.22
C ASN B 751 13.97 3.38 -5.87
N LEU B 752 13.37 2.21 -5.66
CA LEU B 752 12.78 1.93 -4.36
C LEU B 752 13.82 1.74 -3.29
N LEU B 753 14.95 1.10 -3.62
CA LEU B 753 16.01 0.89 -2.64
C LEU B 753 16.76 2.17 -2.33
N LEU B 754 16.81 3.11 -3.27
CA LEU B 754 17.38 4.43 -3.02
C LEU B 754 16.73 5.13 -1.83
N GLN B 755 15.56 4.67 -1.39
CA GLN B 755 14.81 5.31 -0.31
C GLN B 755 15.27 4.89 1.06
N TYR B 756 16.26 4.00 1.17
CA TYR B 756 16.68 3.47 2.45
C TYR B 756 17.92 4.15 2.99
N GLY B 757 18.50 5.08 2.25
CA GLY B 757 19.62 5.82 2.78
C GLY B 757 20.94 5.14 2.47
N SER B 758 21.84 5.15 3.44
CA SER B 758 23.18 4.62 3.26
C SER B 758 23.35 3.23 3.83
N PHE B 759 22.32 2.38 3.78
CA PHE B 759 22.47 1.03 4.30
C PHE B 759 23.46 0.21 3.51
N CYS B 760 23.54 0.39 2.20
CA CYS B 760 24.44 -0.38 1.37
C CYS B 760 25.87 0.15 1.37
N THR B 761 26.07 1.43 1.62
CA THR B 761 27.41 1.98 1.75
C THR B 761 28.09 1.47 3.02
N GLN B 762 27.34 1.37 4.11
CA GLN B 762 27.87 0.81 5.35
C GLN B 762 28.32 -0.62 5.16
N LEU B 763 27.53 -1.44 4.46
CA LEU B 763 27.88 -2.85 4.32
C LEU B 763 29.13 -3.04 3.49
N ASN B 764 29.29 -2.26 2.43
CA ASN B 764 30.50 -2.34 1.63
C ASN B 764 31.72 -1.86 2.40
N ARG B 765 31.57 -0.82 3.22
CA ARG B 765 32.68 -0.43 4.08
C ARG B 765 33.04 -1.55 5.05
N ALA B 766 32.05 -2.19 5.64
CA ALA B 766 32.31 -3.26 6.59
C ALA B 766 33.06 -4.41 5.94
N LEU B 767 32.63 -4.82 4.75
CA LEU B 767 33.32 -5.90 4.07
C LEU B 767 34.70 -5.53 3.56
N THR B 768 34.92 -4.27 3.19
CA THR B 768 36.24 -3.87 2.72
C THR B 768 37.25 -3.81 3.85
N GLY B 769 36.83 -3.36 5.04
CA GLY B 769 37.72 -3.42 6.19
C GLY B 769 38.21 -4.81 6.52
N ILE B 770 37.32 -5.80 6.49
CA ILE B 770 37.67 -7.19 6.69
C ILE B 770 38.72 -7.66 5.71
N ALA B 771 38.56 -7.34 4.43
CA ALA B 771 39.49 -7.76 3.39
C ALA B 771 40.85 -7.10 3.51
N VAL B 772 40.89 -5.85 3.97
CA VAL B 772 42.19 -5.21 4.20
C VAL B 772 42.87 -5.79 5.44
N GLU B 773 42.09 -6.26 6.41
CA GLU B 773 42.69 -6.85 7.60
C GLU B 773 43.34 -8.20 7.32
N GLN B 774 42.86 -8.94 6.31
CA GLN B 774 43.40 -10.26 6.02
C GLN B 774 44.81 -10.22 5.46
N ASP B 775 45.20 -9.14 4.80
CA ASP B 775 46.56 -9.02 4.31
C ASP B 775 47.52 -8.59 5.41
N LYS B 776 47.05 -7.79 6.35
CA LYS B 776 47.86 -7.40 7.48
C LYS B 776 48.08 -8.55 8.45
N ASN B 777 47.11 -9.44 8.59
CA ASN B 777 47.32 -10.69 9.32
C ASN B 777 48.56 -11.43 8.80
N THR B 778 48.63 -11.62 7.48
CA THR B 778 49.71 -12.39 6.87
C THR B 778 51.02 -11.66 6.89
N GLN B 779 51.01 -10.34 6.69
CA GLN B 779 52.22 -9.56 6.81
C GLN B 779 52.78 -9.63 8.22
N GLU B 780 51.92 -9.63 9.22
CA GLU B 780 52.41 -9.70 10.60
C GLU B 780 52.92 -11.07 10.98
N VAL B 781 52.38 -12.15 10.41
CA VAL B 781 52.93 -13.46 10.77
C VAL B 781 54.23 -13.73 10.02
N PHE B 782 54.29 -13.46 8.71
CA PHE B 782 55.37 -14.01 7.91
C PHE B 782 56.48 -13.04 7.56
N ALA B 783 56.20 -11.76 7.35
CA ALA B 783 57.24 -10.82 6.93
C ALA B 783 58.00 -10.27 8.13
N GLN B 784 58.52 -11.20 8.93
CA GLN B 784 59.25 -10.91 10.16
C GLN B 784 60.75 -10.97 9.97
N VAL B 785 61.23 -10.65 8.78
CA VAL B 785 62.66 -10.84 8.50
C VAL B 785 63.10 -9.74 7.56
N LYS B 786 64.29 -9.19 7.83
CA LYS B 786 64.83 -8.12 7.01
C LYS B 786 65.28 -8.62 5.66
N GLN B 787 66.17 -9.60 5.66
CA GLN B 787 66.82 -10.10 4.46
C GLN B 787 66.23 -11.45 4.10
N ILE B 788 66.49 -11.89 2.88
CA ILE B 788 66.11 -13.21 2.45
C ILE B 788 67.36 -14.08 2.52
N TYR B 789 67.47 -14.83 3.60
CA TYR B 789 68.65 -15.62 3.88
C TYR B 789 68.64 -16.94 3.13
N LYS B 790 69.84 -17.42 2.78
CA LYS B 790 70.02 -18.67 2.06
C LYS B 790 70.94 -19.60 2.83
N THR B 791 70.67 -20.89 2.74
CA THR B 791 71.54 -21.90 3.30
C THR B 791 72.73 -22.13 2.37
N PRO B 792 73.88 -22.52 2.92
CA PRO B 792 75.04 -22.78 2.08
C PRO B 792 74.87 -24.08 1.31
N PRO B 793 75.61 -24.25 0.21
CA PRO B 793 75.41 -25.45 -0.63
C PRO B 793 75.76 -26.77 0.05
N ILE B 794 76.66 -26.78 1.03
CA ILE B 794 76.91 -27.97 1.84
C ILE B 794 75.76 -28.15 2.81
N LYS B 795 75.74 -29.27 3.51
CA LYS B 795 74.76 -29.46 4.57
C LYS B 795 75.42 -30.07 5.80
N ASP B 796 76.62 -29.60 6.14
CA ASP B 796 77.35 -30.12 7.29
C ASP B 796 76.80 -29.45 8.54
N PHE B 797 75.77 -30.04 9.13
CA PHE B 797 75.12 -29.48 10.32
C PHE B 797 75.31 -30.36 11.55
N GLY B 798 76.46 -31.01 11.69
CA GLY B 798 76.71 -31.80 12.87
C GLY B 798 75.98 -33.11 12.93
N GLY B 799 75.58 -33.66 11.80
CA GLY B 799 74.79 -34.86 11.78
C GLY B 799 73.30 -34.63 11.76
N PHE B 800 72.85 -33.40 11.87
CA PHE B 800 71.44 -33.07 11.79
C PHE B 800 71.04 -32.90 10.34
N ASN B 801 69.84 -33.36 10.00
CA ASN B 801 69.39 -33.49 8.62
C ASN B 801 68.08 -32.74 8.48
N PHE B 802 68.08 -31.67 7.71
CA PHE B 802 66.92 -30.79 7.58
C PHE B 802 66.30 -30.89 6.21
N SER B 803 66.56 -31.98 5.48
CA SER B 803 66.20 -32.03 4.08
C SER B 803 64.70 -32.06 3.85
N GLN B 804 63.92 -32.58 4.78
CA GLN B 804 62.49 -32.64 4.59
C GLN B 804 61.80 -31.31 4.81
N ILE B 805 62.50 -30.30 5.33
CA ILE B 805 61.89 -29.00 5.59
C ILE B 805 62.63 -27.87 4.90
N LEU B 806 63.66 -28.15 4.18
CA LEU B 806 64.24 -27.12 3.34
C LEU B 806 63.61 -27.13 1.96
N PRO B 807 63.67 -26.02 1.23
CA PRO B 807 62.95 -25.95 -0.05
C PRO B 807 63.45 -26.94 -1.09
N ASP B 808 62.54 -27.30 -2.00
CA ASP B 808 62.82 -28.29 -3.03
C ASP B 808 63.15 -27.58 -4.34
N PRO B 809 64.41 -27.61 -4.79
CA PRO B 809 64.78 -26.81 -5.97
C PRO B 809 64.13 -27.30 -7.27
N SER B 810 63.65 -28.54 -7.31
CA SER B 810 63.01 -29.09 -8.51
C SER B 810 61.49 -28.90 -8.47
N LYS B 811 61.04 -27.65 -8.43
CA LYS B 811 59.60 -27.36 -8.38
C LYS B 811 59.40 -25.92 -8.83
N PRO B 812 58.25 -25.63 -9.45
CA PRO B 812 57.90 -24.22 -9.70
C PRO B 812 57.63 -23.44 -8.43
N SER B 813 57.02 -24.08 -7.43
CA SER B 813 56.66 -23.42 -6.19
C SER B 813 57.79 -23.38 -5.17
N LYS B 814 58.79 -24.26 -5.30
CA LYS B 814 59.93 -24.33 -4.41
C LYS B 814 59.53 -24.58 -2.96
N ARG B 815 58.46 -25.32 -2.75
CA ARG B 815 58.05 -25.68 -1.41
C ARG B 815 58.91 -26.83 -0.89
N SER B 816 58.80 -27.09 0.39
CA SER B 816 59.50 -28.23 0.95
C SER B 816 58.61 -29.45 0.87
N PHE B 817 59.16 -30.60 1.25
CA PHE B 817 58.42 -31.85 1.23
C PHE B 817 57.20 -31.79 2.15
N ILE B 818 57.37 -31.24 3.34
CA ILE B 818 56.28 -31.19 4.30
C ILE B 818 55.28 -30.12 3.94
N GLU B 819 55.73 -29.04 3.32
CA GLU B 819 54.82 -28.04 2.79
C GLU B 819 54.05 -28.53 1.58
N ASP B 820 54.60 -29.48 0.82
CA ASP B 820 53.83 -30.14 -0.23
C ASP B 820 52.81 -31.11 0.34
N LEU B 821 53.15 -31.82 1.41
CA LEU B 821 52.14 -32.65 2.05
C LEU B 821 51.00 -31.83 2.62
N LEU B 822 51.29 -30.65 3.18
CA LEU B 822 50.23 -29.87 3.79
C LEU B 822 49.30 -29.24 2.76
N PHE B 823 49.78 -28.98 1.56
CA PHE B 823 48.94 -28.33 0.57
C PHE B 823 48.07 -29.30 -0.22
N ASN B 824 48.22 -30.60 -0.01
CA ASN B 824 47.35 -31.58 -0.63
C ASN B 824 46.32 -32.13 0.34
N LYS B 825 46.26 -31.61 1.55
CA LYS B 825 45.30 -32.07 2.54
C LYS B 825 44.23 -31.05 2.85
N VAL B 826 44.39 -29.80 2.45
CA VAL B 826 43.40 -28.78 2.72
C VAL B 826 42.79 -28.27 1.42
N LYS B 854 31.40 -16.97 -10.57
CA LYS B 854 30.71 -15.70 -10.61
C LYS B 854 29.24 -15.87 -10.21
N PHE B 855 28.70 -14.85 -9.56
CA PHE B 855 27.35 -14.93 -8.99
C PHE B 855 26.68 -13.57 -8.95
N ASN B 856 25.64 -13.46 -8.14
CA ASN B 856 24.77 -12.28 -8.09
C ASN B 856 25.38 -11.12 -7.31
N GLY B 857 26.53 -10.63 -7.75
CA GLY B 857 27.23 -9.56 -7.06
C GLY B 857 28.34 -10.02 -6.15
N LEU B 858 28.60 -11.32 -6.06
CA LEU B 858 29.62 -11.86 -5.18
C LEU B 858 30.95 -11.95 -5.89
N THR B 859 32.02 -11.57 -5.20
CA THR B 859 33.36 -11.54 -5.76
C THR B 859 34.37 -12.01 -4.72
N VAL B 860 35.42 -12.68 -5.19
CA VAL B 860 36.53 -13.11 -4.35
C VAL B 860 37.79 -12.40 -4.85
N LEU B 861 38.39 -11.62 -3.99
CA LEU B 861 39.64 -10.95 -4.32
C LEU B 861 40.83 -11.85 -4.02
N PRO B 862 41.93 -11.73 -4.75
CA PRO B 862 43.11 -12.53 -4.46
C PRO B 862 43.96 -11.91 -3.37
N PRO B 863 44.68 -12.71 -2.60
CA PRO B 863 45.60 -12.16 -1.59
C PRO B 863 46.75 -11.40 -2.24
N LEU B 864 47.28 -10.42 -1.49
CA LEU B 864 48.38 -9.62 -1.99
C LEU B 864 49.64 -10.44 -2.16
N LEU B 865 49.94 -11.30 -1.20
CA LEU B 865 51.07 -12.22 -1.30
C LEU B 865 50.60 -13.52 -1.92
N THR B 866 51.27 -13.93 -3.00
CA THR B 866 51.19 -15.29 -3.47
C THR B 866 51.69 -16.23 -2.37
N ASP B 867 51.40 -17.52 -2.50
CA ASP B 867 51.99 -18.42 -1.54
C ASP B 867 53.37 -18.92 -1.95
N GLU B 868 53.81 -18.62 -3.16
CA GLU B 868 55.22 -18.66 -3.45
C GLU B 868 56.01 -17.68 -2.59
N MET B 869 55.54 -16.45 -2.47
CA MET B 869 56.13 -15.48 -1.58
C MET B 869 56.11 -15.90 -0.13
N ILE B 870 55.04 -16.56 0.31
CA ILE B 870 54.97 -17.03 1.67
C ILE B 870 55.96 -18.16 1.91
N ALA B 871 56.07 -19.08 0.95
CA ALA B 871 57.07 -20.12 1.08
C ALA B 871 58.48 -19.56 1.06
N GLN B 872 58.70 -18.46 0.35
CA GLN B 872 59.99 -17.82 0.33
C GLN B 872 60.31 -17.07 1.62
N TYR B 873 59.30 -16.52 2.30
CA TYR B 873 59.52 -15.98 3.64
C TYR B 873 59.85 -17.09 4.63
N THR B 874 59.14 -18.22 4.55
CA THR B 874 59.39 -19.28 5.53
C THR B 874 60.74 -19.94 5.35
N SER B 875 61.19 -20.14 4.13
CA SER B 875 62.52 -20.72 3.95
C SER B 875 63.63 -19.80 4.42
N ALA B 876 63.45 -18.49 4.34
CA ALA B 876 64.43 -17.56 4.85
C ALA B 876 64.45 -17.51 6.35
N LEU B 877 63.29 -17.59 6.99
CA LEU B 877 63.25 -17.77 8.43
C LEU B 877 63.95 -19.05 8.85
N LEU B 878 63.82 -20.12 8.07
CA LEU B 878 64.48 -21.36 8.41
C LEU B 878 65.99 -21.30 8.28
N ALA B 879 66.50 -20.74 7.19
CA ALA B 879 67.93 -20.58 7.00
C ALA B 879 68.55 -19.58 7.97
N GLY B 880 67.80 -18.60 8.45
CA GLY B 880 68.31 -17.75 9.50
C GLY B 880 68.56 -18.50 10.79
N THR B 881 67.62 -19.37 11.17
CA THR B 881 67.73 -20.16 12.38
C THR B 881 68.80 -21.22 12.30
N ILE B 882 68.93 -21.92 11.18
CA ILE B 882 69.87 -23.02 11.11
C ILE B 882 71.30 -22.51 11.03
N THR B 883 71.48 -21.27 10.62
CA THR B 883 72.81 -20.72 10.40
C THR B 883 73.26 -19.73 11.46
N SER B 884 72.35 -19.05 12.12
CA SER B 884 72.73 -18.01 13.05
C SER B 884 72.07 -18.13 14.40
N GLY B 885 71.28 -19.16 14.65
CA GLY B 885 70.64 -19.29 15.94
C GLY B 885 69.58 -18.25 16.18
N TRP B 886 69.77 -17.39 17.17
CA TRP B 886 68.83 -16.33 17.47
C TRP B 886 69.39 -14.94 17.23
N THR B 887 70.55 -14.81 16.60
CA THR B 887 71.14 -13.50 16.46
C THR B 887 70.49 -12.68 15.36
N PHE B 888 69.96 -13.33 14.33
CA PHE B 888 69.32 -12.58 13.26
C PHE B 888 67.99 -11.97 13.68
N GLY B 889 67.40 -12.43 14.78
CA GLY B 889 66.18 -11.83 15.27
C GLY B 889 66.38 -10.60 16.12
N ALA B 890 67.62 -10.28 16.47
CA ALA B 890 67.93 -9.12 17.27
C ALA B 890 68.84 -8.14 16.56
N GLY B 891 69.30 -8.44 15.36
CA GLY B 891 70.19 -7.58 14.62
C GLY B 891 70.72 -8.27 13.40
N ALA B 892 72.00 -8.12 13.14
CA ALA B 892 72.63 -8.79 12.01
C ALA B 892 72.89 -10.24 12.34
N ALA B 893 72.80 -11.09 11.31
CA ALA B 893 72.97 -12.52 11.50
C ALA B 893 74.44 -12.84 11.71
N LEU B 894 74.74 -13.54 12.80
CA LEU B 894 76.10 -13.92 13.15
C LEU B 894 76.19 -15.43 13.08
N GLN B 895 76.99 -15.95 12.17
CA GLN B 895 77.08 -17.39 12.01
C GLN B 895 77.73 -18.04 13.22
N ILE B 896 77.33 -19.27 13.48
CA ILE B 896 77.84 -20.10 14.56
C ILE B 896 77.66 -21.53 14.10
N PRO B 897 78.53 -22.48 14.41
CA PRO B 897 78.28 -23.86 14.02
C PRO B 897 77.10 -24.48 14.75
N PHE B 898 76.39 -25.38 14.08
CA PHE B 898 75.09 -25.83 14.58
C PHE B 898 75.20 -26.61 15.88
N ALA B 899 76.22 -27.44 16.04
CA ALA B 899 76.38 -28.14 17.31
C ALA B 899 76.64 -27.19 18.46
N MET B 900 77.39 -26.12 18.23
CA MET B 900 77.64 -25.17 19.29
C MET B 900 76.40 -24.37 19.64
N GLN B 901 75.54 -24.12 18.67
CA GLN B 901 74.28 -23.47 18.92
C GLN B 901 73.35 -24.39 19.71
N MET B 902 73.35 -25.67 19.36
CA MET B 902 72.61 -26.68 20.11
C MET B 902 73.10 -26.77 21.54
N ALA B 903 74.40 -26.61 21.76
CA ALA B 903 74.96 -26.60 23.10
C ALA B 903 74.62 -25.34 23.88
N TYR B 904 74.52 -24.19 23.23
CA TYR B 904 73.99 -22.99 23.88
C TYR B 904 72.56 -23.20 24.35
N ARG B 905 71.75 -23.86 23.52
CA ARG B 905 70.36 -24.10 23.87
C ARG B 905 70.22 -25.12 24.99
N PHE B 906 71.11 -26.11 25.06
CA PHE B 906 71.07 -27.00 26.22
C PHE B 906 71.36 -26.28 27.52
N ASN B 907 72.19 -25.25 27.48
CA ASN B 907 72.39 -24.41 28.66
C ASN B 907 71.14 -23.65 29.04
N GLY B 908 70.31 -23.27 28.08
CA GLY B 908 69.15 -22.47 28.37
C GLY B 908 68.07 -23.24 29.10
N ILE B 909 68.07 -24.55 28.97
CA ILE B 909 67.14 -25.38 29.74
C ILE B 909 67.78 -25.96 30.98
N GLY B 910 68.98 -25.54 31.33
CA GLY B 910 69.61 -25.98 32.56
C GLY B 910 70.35 -27.29 32.49
N VAL B 911 70.77 -27.72 31.32
CA VAL B 911 71.62 -28.89 31.19
C VAL B 911 73.02 -28.39 30.84
N THR B 912 74.01 -29.08 31.37
CA THR B 912 75.39 -28.69 31.16
C THR B 912 75.84 -29.13 29.77
N GLN B 913 76.68 -28.34 29.14
CA GLN B 913 76.80 -28.44 27.70
C GLN B 913 77.70 -29.56 27.21
N ASN B 914 78.44 -30.24 28.08
CA ASN B 914 79.08 -31.47 27.65
C ASN B 914 78.11 -32.62 27.47
N VAL B 915 76.93 -32.55 28.08
CA VAL B 915 75.91 -33.55 27.84
C VAL B 915 75.51 -33.57 26.39
N LEU B 916 75.63 -32.45 25.68
CA LEU B 916 75.37 -32.45 24.26
C LEU B 916 76.54 -33.00 23.46
N TYR B 917 77.75 -32.57 23.77
CA TYR B 917 78.88 -32.92 22.93
C TYR B 917 79.25 -34.39 23.08
N GLU B 918 78.97 -34.98 24.25
CA GLU B 918 79.25 -36.39 24.46
C GLU B 918 78.14 -37.29 23.96
N ASN B 919 77.03 -36.73 23.52
CA ASN B 919 75.88 -37.49 23.03
C ASN B 919 75.40 -36.99 21.68
N GLN B 920 76.25 -36.25 20.97
CA GLN B 920 75.87 -35.63 19.70
C GLN B 920 75.23 -36.59 18.72
N LYS B 921 75.82 -37.76 18.48
CA LYS B 921 75.27 -38.68 17.48
C LYS B 921 73.91 -39.21 17.88
N LEU B 922 73.75 -39.60 19.13
CA LEU B 922 72.45 -40.06 19.60
C LEU B 922 71.40 -38.96 19.51
N ILE B 923 71.77 -37.74 19.86
CA ILE B 923 70.81 -36.64 19.82
C ILE B 923 70.40 -36.33 18.39
N ALA B 924 71.34 -36.38 17.46
CA ALA B 924 71.05 -36.16 16.05
C ALA B 924 70.18 -37.27 15.45
N ASN B 925 70.45 -38.53 15.79
CA ASN B 925 69.57 -39.62 15.39
C ASN B 925 68.16 -39.47 15.93
N GLN B 926 68.00 -39.11 17.20
CA GLN B 926 66.65 -38.90 17.72
C GLN B 926 65.92 -37.76 17.02
N PHE B 927 66.59 -36.65 16.76
CA PHE B 927 65.97 -35.60 15.96
C PHE B 927 65.52 -36.13 14.62
N ASN B 928 66.39 -36.87 13.93
CA ASN B 928 66.09 -37.35 12.58
C ASN B 928 64.93 -38.31 12.56
N SER B 929 64.85 -39.22 13.53
CA SER B 929 63.69 -40.11 13.60
C SER B 929 62.41 -39.37 13.93
N ALA B 930 62.45 -38.39 14.85
CA ALA B 930 61.25 -37.64 15.14
C ALA B 930 60.79 -36.81 13.96
N ILE B 931 61.70 -36.32 13.13
CA ILE B 931 61.29 -35.58 11.94
C ILE B 931 60.69 -36.54 10.92
N GLY B 932 61.25 -37.74 10.81
CA GLY B 932 60.67 -38.74 9.95
C GLY B 932 59.27 -39.18 10.35
N LYS B 933 58.98 -39.23 11.65
CA LYS B 933 57.64 -39.63 12.06
C LYS B 933 56.57 -38.61 11.72
N ILE B 934 56.93 -37.36 11.47
CA ILE B 934 55.92 -36.33 11.26
C ILE B 934 55.23 -36.52 9.91
N GLN B 935 55.99 -36.82 8.85
CA GLN B 935 55.34 -37.09 7.58
C GLN B 935 54.39 -38.27 7.65
N ASP B 936 54.82 -39.38 8.25
CA ASP B 936 53.92 -40.51 8.43
C ASP B 936 52.69 -40.12 9.22
N SER B 937 52.85 -39.34 10.28
CA SER B 937 51.68 -38.84 11.00
C SER B 937 50.87 -37.87 10.18
N LEU B 938 51.40 -37.39 9.06
CA LEU B 938 50.66 -36.46 8.20
C LEU B 938 50.08 -37.17 6.98
N SER B 939 50.93 -37.81 6.19
CA SER B 939 50.47 -38.54 5.00
C SER B 939 49.93 -39.92 5.36
N ALA B 944 44.02 -33.51 12.50
CA ALA B 944 45.26 -32.90 12.04
C ALA B 944 45.01 -31.48 11.57
N LEU B 945 44.73 -31.32 10.28
CA LEU B 945 44.48 -30.02 9.68
C LEU B 945 43.01 -29.67 9.67
N GLY B 946 42.25 -30.14 10.66
CA GLY B 946 40.86 -29.77 10.77
C GLY B 946 40.63 -28.33 11.17
N LYS B 947 41.57 -27.71 11.87
CA LYS B 947 41.42 -26.30 12.23
C LYS B 947 41.50 -25.40 11.01
N LEU B 948 42.19 -25.83 9.96
CA LEU B 948 42.23 -25.06 8.73
C LEU B 948 41.05 -25.39 7.82
N GLN B 949 40.52 -26.61 7.91
CA GLN B 949 39.36 -26.97 7.13
C GLN B 949 38.08 -26.32 7.66
N ASP B 950 37.95 -26.19 8.98
CA ASP B 950 36.79 -25.53 9.56
C ASP B 950 36.59 -24.11 9.07
N VAL B 951 37.65 -23.33 8.93
CA VAL B 951 37.48 -21.95 8.49
C VAL B 951 36.93 -21.91 7.07
N VAL B 952 37.52 -22.70 6.17
CA VAL B 952 37.06 -22.80 4.80
C VAL B 952 35.61 -23.29 4.74
N ASN B 953 35.27 -24.27 5.56
CA ASN B 953 33.93 -24.83 5.54
C ASN B 953 32.90 -23.83 6.04
N GLN B 954 33.17 -23.19 7.17
CA GLN B 954 32.23 -22.21 7.69
C GLN B 954 32.03 -21.05 6.72
N ASN B 955 33.09 -20.63 6.04
CA ASN B 955 32.90 -19.52 5.12
C ASN B 955 32.13 -19.95 3.88
N ALA B 956 32.44 -21.09 3.30
CA ALA B 956 31.69 -21.53 2.13
C ALA B 956 30.23 -21.78 2.45
N GLN B 957 29.97 -22.36 3.62
CA GLN B 957 28.59 -22.61 4.03
C GLN B 957 27.84 -21.33 4.34
N ALA B 958 28.50 -20.31 4.86
CA ALA B 958 27.79 -19.05 5.07
C ALA B 958 27.57 -18.29 3.77
N LEU B 959 28.40 -18.52 2.76
CA LEU B 959 28.16 -17.91 1.46
C LEU B 959 27.11 -18.64 0.64
N ASN B 960 26.91 -19.93 0.88
CA ASN B 960 25.85 -20.67 0.20
C ASN B 960 24.46 -20.28 0.69
N THR B 961 24.31 -19.97 1.97
CA THR B 961 23.04 -19.52 2.52
C THR B 961 22.58 -18.18 1.96
N LEU B 962 23.50 -17.24 1.75
CA LEU B 962 23.15 -15.96 1.17
C LEU B 962 22.58 -16.10 -0.24
N VAL B 963 23.14 -17.01 -1.04
CA VAL B 963 22.60 -17.23 -2.36
C VAL B 963 21.28 -17.98 -2.30
N LYS B 964 21.14 -18.95 -1.41
CA LYS B 964 19.88 -19.65 -1.30
C LYS B 964 18.75 -18.76 -0.81
N GLN B 965 19.04 -17.72 -0.06
CA GLN B 965 18.02 -16.80 0.42
C GLN B 965 17.42 -15.94 -0.68
N LEU B 966 17.87 -16.06 -1.92
CA LEU B 966 17.30 -15.26 -2.98
C LEU B 966 16.08 -15.90 -3.61
N SER B 967 15.87 -17.20 -3.40
CA SER B 967 14.62 -17.81 -3.82
C SER B 967 13.66 -17.96 -2.65
N SER B 968 13.26 -16.86 -2.03
CA SER B 968 12.23 -16.84 -1.02
C SER B 968 11.38 -15.60 -1.24
N ASN B 969 10.06 -15.72 -1.11
CA ASN B 969 9.22 -14.55 -1.41
C ASN B 969 9.16 -13.58 -0.26
N PHE B 970 9.41 -14.04 0.97
CA PHE B 970 9.25 -13.24 2.17
C PHE B 970 7.83 -12.72 2.32
N GLY B 971 6.86 -13.43 1.77
CA GLY B 971 5.48 -12.99 1.86
C GLY B 971 5.01 -12.15 0.71
N ALA B 972 5.67 -12.22 -0.44
CA ALA B 972 5.19 -11.64 -1.67
C ALA B 972 4.62 -12.76 -2.53
N ILE B 973 4.13 -12.43 -3.72
CA ILE B 973 3.54 -13.49 -4.53
C ILE B 973 4.62 -14.43 -5.04
N SER B 974 5.75 -13.91 -5.48
CA SER B 974 6.82 -14.75 -5.97
C SER B 974 8.15 -14.15 -5.51
N SER B 975 9.24 -14.79 -5.92
CA SER B 975 10.57 -14.41 -5.49
C SER B 975 11.46 -14.01 -6.65
N VAL B 976 10.88 -13.75 -7.82
CA VAL B 976 11.63 -13.38 -9.02
C VAL B 976 11.09 -12.06 -9.53
N LEU B 977 11.96 -11.05 -9.57
CA LEU B 977 11.57 -9.66 -9.72
C LEU B 977 10.94 -9.34 -11.07
N ASN B 978 10.92 -10.27 -12.02
CA ASN B 978 10.23 -10.00 -13.27
C ASN B 978 8.78 -10.47 -13.25
N ASP B 979 8.54 -11.69 -12.78
CA ASP B 979 7.18 -12.21 -12.78
C ASP B 979 6.27 -11.40 -11.86
N ILE B 980 6.81 -10.82 -10.80
CA ILE B 980 6.01 -9.90 -10.00
C ILE B 980 5.75 -8.67 -10.85
N LEU B 981 6.71 -8.32 -11.69
CA LEU B 981 6.65 -7.05 -12.39
C LEU B 981 5.89 -7.10 -13.70
N SER B 982 5.72 -8.27 -14.30
CA SER B 982 5.01 -8.39 -15.57
C SER B 982 3.66 -9.03 -15.35
N ARG B 983 3.19 -9.05 -14.10
CA ARG B 983 1.88 -9.58 -13.81
C ARG B 983 1.12 -8.64 -12.89
N LEU B 984 1.67 -7.46 -12.65
CA LEU B 984 0.94 -6.43 -11.91
C LEU B 984 1.36 -5.07 -12.44
N ASP B 985 0.56 -4.06 -12.12
CA ASP B 985 0.83 -2.69 -12.51
C ASP B 985 1.39 -1.89 -11.33
N PRO B 986 2.11 -0.80 -11.58
CA PRO B 986 3.11 -0.31 -10.62
C PRO B 986 2.61 -0.18 -9.19
N PRO B 987 1.48 0.49 -8.93
CA PRO B 987 1.10 0.68 -7.52
C PRO B 987 0.76 -0.63 -6.84
N GLU B 988 0.44 -1.66 -7.62
CA GLU B 988 0.26 -2.99 -7.06
C GLU B 988 1.58 -3.72 -6.86
N ALA B 989 2.56 -3.47 -7.73
CA ALA B 989 3.80 -4.21 -7.69
C ALA B 989 4.78 -3.65 -6.67
N GLU B 990 4.83 -2.33 -6.52
CA GLU B 990 5.69 -1.70 -5.53
C GLU B 990 5.48 -2.29 -4.14
N VAL B 991 4.25 -2.68 -3.80
CA VAL B 991 4.01 -3.27 -2.50
C VAL B 991 4.77 -4.58 -2.34
N GLN B 992 4.75 -5.46 -3.34
CA GLN B 992 5.46 -6.72 -3.23
C GLN B 992 6.96 -6.54 -3.32
N ILE B 993 7.41 -5.59 -4.14
CA ILE B 993 8.84 -5.38 -4.30
C ILE B 993 9.43 -4.84 -3.01
N ASP B 994 8.67 -4.06 -2.25
CA ASP B 994 9.20 -3.63 -0.96
C ASP B 994 9.36 -4.78 0.03
N ARG B 995 8.47 -5.77 0.03
CA ARG B 995 8.67 -6.95 0.85
C ARG B 995 9.90 -7.75 0.45
N LEU B 996 10.07 -7.98 -0.84
CA LEU B 996 11.29 -8.62 -1.33
C LEU B 996 12.53 -7.87 -0.89
N ILE B 997 12.53 -6.54 -1.02
CA ILE B 997 13.69 -5.75 -0.63
C ILE B 997 13.97 -5.91 0.86
N THR B 998 12.93 -5.86 1.68
CA THR B 998 13.14 -5.96 3.11
C THR B 998 13.78 -7.30 3.49
N GLY B 999 13.28 -8.39 2.93
CA GLY B 999 13.89 -9.69 3.22
C GLY B 999 15.32 -9.79 2.75
N ARG B 1000 15.60 -9.34 1.53
CA ARG B 1000 16.94 -9.46 0.99
C ARG B 1000 17.94 -8.55 1.68
N LEU B 1001 17.51 -7.43 2.22
CA LEU B 1001 18.40 -6.60 2.99
C LEU B 1001 18.67 -7.19 4.38
N GLN B 1002 17.68 -7.80 5.00
CA GLN B 1002 17.90 -8.51 6.25
C GLN B 1002 18.91 -9.64 6.11
N SER B 1003 18.82 -10.40 5.02
CA SER B 1003 19.78 -11.48 4.80
C SER B 1003 21.21 -10.98 4.70
N LEU B 1004 21.43 -9.90 3.98
CA LEU B 1004 22.75 -9.34 3.82
C LEU B 1004 23.29 -8.76 5.12
N GLN B 1005 22.43 -8.17 5.95
CA GLN B 1005 22.92 -7.71 7.24
C GLN B 1005 23.34 -8.86 8.14
N THR B 1006 22.56 -9.94 8.16
CA THR B 1006 22.96 -11.11 8.91
C THR B 1006 24.32 -11.63 8.45
N TYR B 1007 24.51 -11.71 7.13
CA TYR B 1007 25.78 -12.18 6.58
C TYR B 1007 26.94 -11.30 7.02
N VAL B 1008 26.80 -9.98 6.90
CA VAL B 1008 27.93 -9.11 7.18
C VAL B 1008 28.24 -9.08 8.68
N THR B 1009 27.23 -9.10 9.53
CA THR B 1009 27.49 -9.12 10.97
C THR B 1009 28.24 -10.38 11.38
N GLN B 1010 27.86 -11.52 10.83
CA GLN B 1010 28.61 -12.72 11.16
C GLN B 1010 30.02 -12.74 10.58
N GLN B 1011 30.25 -12.15 9.41
CA GLN B 1011 31.62 -12.05 8.93
C GLN B 1011 32.46 -11.16 9.82
N LEU B 1012 31.88 -10.09 10.34
CA LEU B 1012 32.59 -9.24 11.30
C LEU B 1012 32.94 -9.99 12.57
N ILE B 1013 32.05 -10.82 13.07
CA ILE B 1013 32.33 -11.56 14.30
C ILE B 1013 33.34 -12.68 14.03
N ARG B 1014 33.31 -13.26 12.86
CA ARG B 1014 34.24 -14.33 12.50
C ARG B 1014 35.62 -13.82 12.14
N ALA B 1015 35.76 -12.58 11.70
CA ALA B 1015 37.08 -12.06 11.39
C ALA B 1015 37.85 -11.65 12.62
N ALA B 1016 37.17 -11.20 13.66
CA ALA B 1016 37.82 -10.89 14.93
C ALA B 1016 38.36 -12.12 15.62
N GLU B 1017 37.82 -13.29 15.33
CA GLU B 1017 38.35 -14.54 15.83
C GLU B 1017 39.57 -15.01 15.06
N ILE B 1018 39.65 -14.68 13.78
CA ILE B 1018 40.81 -15.02 12.97
C ILE B 1018 41.95 -14.08 13.29
N ARG B 1019 41.64 -12.86 13.68
CA ARG B 1019 42.67 -11.90 14.03
C ARG B 1019 43.34 -12.24 15.35
N ALA B 1020 42.57 -12.71 16.33
CA ALA B 1020 43.15 -13.15 17.59
C ALA B 1020 44.05 -14.36 17.41
N SER B 1021 43.81 -15.15 16.37
CA SER B 1021 44.63 -16.31 16.06
C SER B 1021 45.90 -15.94 15.32
N ALA B 1022 45.82 -15.04 14.36
CA ALA B 1022 47.00 -14.52 13.72
C ALA B 1022 47.90 -13.73 14.67
N ASN B 1023 47.32 -13.10 15.69
CA ASN B 1023 48.12 -12.44 16.72
C ASN B 1023 48.90 -13.43 17.57
N LEU B 1024 48.30 -14.55 17.92
CA LEU B 1024 48.99 -15.63 18.60
C LEU B 1024 50.08 -16.25 17.75
N ALA B 1025 49.82 -16.41 16.45
CA ALA B 1025 50.85 -16.87 15.55
C ALA B 1025 52.03 -15.92 15.43
N ALA B 1026 51.81 -14.62 15.36
CA ALA B 1026 52.91 -13.67 15.32
C ALA B 1026 53.80 -13.72 16.56
N THR B 1027 53.19 -13.85 17.74
CA THR B 1027 53.93 -13.99 18.98
C THR B 1027 54.68 -15.30 19.03
N LYS B 1028 54.10 -16.40 18.55
CA LYS B 1028 54.84 -17.63 18.46
C LYS B 1028 56.00 -17.55 17.49
N MET B 1029 55.83 -16.92 16.35
CA MET B 1029 56.94 -16.80 15.42
C MET B 1029 58.06 -15.97 15.99
N SER B 1030 57.72 -14.95 16.77
CA SER B 1030 58.75 -14.14 17.41
C SER B 1030 59.46 -14.90 18.52
N GLU B 1031 58.71 -15.59 19.35
CA GLU B 1031 59.24 -16.09 20.60
C GLU B 1031 59.67 -17.54 20.57
N CYS B 1032 59.25 -18.31 19.57
CA CYS B 1032 59.62 -19.72 19.52
C CYS B 1032 60.52 -20.05 18.34
N VAL B 1033 60.52 -19.17 17.36
CA VAL B 1033 61.33 -19.36 16.17
C VAL B 1033 62.53 -18.43 16.16
N LEU B 1034 62.35 -17.19 16.59
CA LEU B 1034 63.43 -16.22 16.69
C LEU B 1034 64.07 -16.20 18.06
N GLY B 1035 63.67 -17.07 18.96
CA GLY B 1035 64.35 -17.17 20.24
C GLY B 1035 64.04 -18.46 20.92
N GLN B 1036 64.53 -18.60 22.14
CA GLN B 1036 64.23 -19.72 23.02
C GLN B 1036 63.35 -19.25 24.16
N SER B 1037 62.26 -19.98 24.41
CA SER B 1037 61.26 -19.57 25.35
C SER B 1037 61.37 -20.33 26.67
N LYS B 1038 61.12 -19.64 27.76
CA LYS B 1038 61.02 -20.28 29.06
C LYS B 1038 59.59 -20.35 29.57
N ARG B 1039 58.64 -19.79 28.84
CA ARG B 1039 57.21 -19.91 29.15
C ARG B 1039 56.76 -21.36 28.98
N VAL B 1040 56.13 -21.91 30.02
CA VAL B 1040 55.79 -23.32 30.05
C VAL B 1040 54.63 -23.62 29.12
N ASP B 1041 54.86 -24.56 28.20
CA ASP B 1041 53.85 -25.01 27.25
C ASP B 1041 53.48 -24.03 26.13
N PHE B 1042 54.31 -23.01 25.93
CA PHE B 1042 54.04 -22.04 24.89
C PHE B 1042 54.56 -22.55 23.55
N CYS B 1043 55.56 -23.43 23.63
CA CYS B 1043 56.17 -24.00 22.45
C CYS B 1043 56.28 -25.52 22.56
N GLY B 1044 55.18 -26.19 22.91
CA GLY B 1044 55.18 -27.64 23.03
C GLY B 1044 55.32 -28.18 24.45
N LYS B 1045 55.42 -29.49 24.57
CA LYS B 1045 55.56 -30.17 25.87
C LYS B 1045 57.02 -30.54 26.08
N GLY B 1046 57.59 -30.11 27.20
CA GLY B 1046 58.98 -30.34 27.50
C GLY B 1046 59.69 -29.04 27.61
N TYR B 1047 61.01 -29.08 27.63
CA TYR B 1047 61.80 -27.88 27.65
C TYR B 1047 62.12 -27.45 26.23
N HIS B 1048 61.62 -26.29 25.85
CA HIS B 1048 61.73 -25.81 24.48
C HIS B 1048 63.18 -25.71 24.06
N LEU B 1049 63.56 -26.43 23.01
CA LEU B 1049 64.86 -26.25 22.39
C LEU B 1049 64.79 -25.28 21.21
N MET B 1050 64.01 -25.60 20.20
CA MET B 1050 63.89 -24.70 19.05
C MET B 1050 62.62 -25.02 18.28
N SER B 1051 62.24 -24.15 17.36
CA SER B 1051 61.02 -24.34 16.59
C SER B 1051 61.25 -23.92 15.14
N PHE B 1052 60.57 -24.61 14.22
CA PHE B 1052 60.68 -24.41 12.77
C PHE B 1052 59.31 -24.10 12.18
N PRO B 1053 59.18 -23.08 11.34
CA PRO B 1053 57.90 -22.80 10.71
C PRO B 1053 57.73 -23.41 9.32
N GLN B 1054 56.50 -23.73 8.99
CA GLN B 1054 56.12 -24.19 7.66
C GLN B 1054 54.81 -23.51 7.28
N SER B 1055 54.64 -23.19 6.02
CA SER B 1055 53.44 -22.51 5.58
C SER B 1055 52.38 -23.53 5.19
N ALA B 1056 51.13 -23.25 5.57
CA ALA B 1056 50.02 -24.10 5.20
C ALA B 1056 49.06 -23.22 4.42
N PRO B 1057 48.00 -23.76 3.82
CA PRO B 1057 47.02 -22.88 3.14
C PRO B 1057 46.17 -22.11 4.13
N HIS B 1058 46.32 -20.80 4.14
CA HIS B 1058 45.68 -19.87 5.08
C HIS B 1058 46.19 -20.02 6.51
N GLY B 1059 47.36 -20.60 6.70
CA GLY B 1059 47.79 -20.85 8.06
C GLY B 1059 49.26 -21.12 8.16
N VAL B 1060 49.67 -21.50 9.37
CA VAL B 1060 51.06 -21.80 9.63
C VAL B 1060 51.13 -23.04 10.52
N VAL B 1061 52.19 -23.79 10.36
CA VAL B 1061 52.49 -24.97 11.16
C VAL B 1061 53.82 -24.74 11.84
N PHE B 1062 53.88 -25.03 13.13
CA PHE B 1062 55.09 -24.90 13.92
C PHE B 1062 55.52 -26.28 14.35
N LEU B 1063 56.75 -26.65 14.02
CA LEU B 1063 57.35 -27.88 14.51
C LEU B 1063 58.23 -27.51 15.68
N HIS B 1064 57.80 -27.86 16.90
CA HIS B 1064 58.52 -27.56 18.12
C HIS B 1064 59.40 -28.74 18.50
N VAL B 1065 60.69 -28.50 18.67
CA VAL B 1065 61.66 -29.44 19.20
C VAL B 1065 61.86 -29.15 20.68
N THR B 1066 61.59 -30.16 21.50
CA THR B 1066 61.73 -30.06 22.95
C THR B 1066 62.56 -31.22 23.49
N TYR B 1067 63.00 -31.05 24.72
CA TYR B 1067 63.80 -32.01 25.48
C TYR B 1067 62.94 -32.63 26.56
N VAL B 1068 62.86 -33.95 26.60
CA VAL B 1068 62.00 -34.63 27.56
C VAL B 1068 62.86 -35.56 28.41
N PRO B 1069 62.91 -35.41 29.73
CA PRO B 1069 63.75 -36.30 30.55
C PRO B 1069 63.18 -37.71 30.62
N ALA B 1070 64.06 -38.69 30.82
CA ALA B 1070 63.67 -40.09 30.73
C ALA B 1070 64.53 -40.96 31.63
N GLN B 1071 63.94 -42.07 32.06
CA GLN B 1071 64.63 -43.14 32.80
C GLN B 1071 65.21 -42.66 34.13
N GLU B 1072 64.33 -42.27 35.04
CA GLU B 1072 64.80 -41.73 36.30
C GLU B 1072 65.11 -42.82 37.32
N LYS B 1073 66.05 -42.52 38.21
CA LYS B 1073 66.34 -43.34 39.37
C LYS B 1073 66.04 -42.54 40.62
N ASN B 1074 65.76 -43.23 41.72
CA ASN B 1074 65.54 -42.59 42.99
C ASN B 1074 66.83 -42.63 43.81
N PHE B 1075 66.99 -41.65 44.67
CA PHE B 1075 68.16 -41.46 45.51
C PHE B 1075 67.71 -40.90 46.85
N THR B 1076 68.62 -40.95 47.81
CA THR B 1076 68.50 -40.24 49.08
C THR B 1076 69.12 -38.87 48.89
N THR B 1077 68.62 -37.88 49.61
CA THR B 1077 69.03 -36.51 49.41
C THR B 1077 69.05 -35.77 50.75
N ALA B 1078 69.66 -34.60 50.75
CA ALA B 1078 69.84 -33.80 51.94
C ALA B 1078 70.03 -32.36 51.51
N PRO B 1079 69.62 -31.40 52.31
CA PRO B 1079 69.75 -30.01 51.91
C PRO B 1079 71.15 -29.43 52.09
N ALA B 1080 71.88 -29.83 53.12
CA ALA B 1080 73.20 -29.28 53.36
C ALA B 1080 74.09 -30.42 53.85
N ILE B 1081 75.37 -30.12 54.06
CA ILE B 1081 76.32 -31.10 54.58
C ILE B 1081 77.17 -30.45 55.64
N CYS B 1082 77.34 -31.12 56.77
CA CYS B 1082 78.08 -30.53 57.88
C CYS B 1082 79.49 -31.07 57.93
N HIS B 1083 80.45 -30.16 58.03
CA HIS B 1083 81.86 -30.52 58.06
C HIS B 1083 82.61 -29.41 58.78
N ASP B 1084 83.42 -29.79 59.77
CA ASP B 1084 84.14 -28.85 60.64
C ASP B 1084 83.21 -27.88 61.35
N GLY B 1085 81.98 -28.28 61.63
CA GLY B 1085 81.06 -27.36 62.23
C GLY B 1085 80.53 -26.30 61.29
N LYS B 1086 80.64 -26.51 59.98
CA LYS B 1086 80.14 -25.58 59.00
C LYS B 1086 79.14 -26.27 58.10
N ALA B 1087 78.14 -25.53 57.65
CA ALA B 1087 77.14 -26.04 56.73
C ALA B 1087 77.54 -25.70 55.30
N HIS B 1088 77.43 -26.67 54.41
CA HIS B 1088 77.79 -26.53 53.01
C HIS B 1088 76.56 -26.76 52.16
N PHE B 1089 76.36 -25.93 51.22
CA PHE B 1089 75.27 -25.94 50.27
C PHE B 1089 75.82 -26.09 48.87
N PRO B 1090 75.11 -26.76 47.97
CA PRO B 1090 75.61 -26.87 46.60
C PRO B 1090 75.50 -25.56 45.85
N ARG B 1091 76.50 -25.29 45.01
CA ARG B 1091 76.49 -24.09 44.20
C ARG B 1091 75.42 -24.17 43.12
N GLU B 1092 75.47 -25.19 42.29
CA GLU B 1092 74.35 -25.66 41.50
C GLU B 1092 74.32 -27.17 41.62
N GLY B 1093 73.14 -27.73 41.72
CA GLY B 1093 72.99 -29.16 41.85
C GLY B 1093 72.32 -29.53 43.16
N VAL B 1094 72.22 -30.84 43.37
CA VAL B 1094 71.69 -31.42 44.59
C VAL B 1094 72.69 -32.44 45.10
N PHE B 1095 72.77 -32.56 46.42
CA PHE B 1095 73.50 -33.65 47.07
C PHE B 1095 72.64 -34.90 47.00
N VAL B 1096 73.19 -36.00 46.48
CA VAL B 1096 72.50 -37.27 46.42
C VAL B 1096 73.39 -38.35 46.99
N SER B 1097 72.77 -39.46 47.39
CA SER B 1097 73.48 -40.59 47.95
C SER B 1097 73.11 -41.86 47.19
N ASN B 1098 74.11 -42.63 46.78
CA ASN B 1098 73.86 -43.87 46.07
C ASN B 1098 73.65 -45.04 47.02
N GLY B 1099 73.60 -44.80 48.31
CA GLY B 1099 73.42 -45.83 49.31
C GLY B 1099 74.45 -45.72 50.39
N THR B 1100 75.70 -45.41 50.02
CA THR B 1100 76.77 -45.26 50.98
C THR B 1100 77.62 -44.02 50.79
N HIS B 1101 77.61 -43.38 49.63
CA HIS B 1101 78.46 -42.25 49.34
C HIS B 1101 77.61 -41.07 48.90
N TRP B 1102 78.16 -39.87 49.05
CA TRP B 1102 77.48 -38.63 48.72
C TRP B 1102 78.15 -37.94 47.55
N PHE B 1103 77.34 -37.39 46.64
CA PHE B 1103 77.81 -36.69 45.46
C PHE B 1103 76.99 -35.43 45.26
N VAL B 1104 77.48 -34.53 44.41
CA VAL B 1104 76.70 -33.43 43.84
C VAL B 1104 76.39 -33.78 42.41
N THR B 1105 75.16 -33.52 41.99
CA THR B 1105 74.81 -33.66 40.58
C THR B 1105 74.06 -32.42 40.12
N GLN B 1106 74.02 -32.23 38.81
CA GLN B 1106 73.11 -31.25 38.25
C GLN B 1106 71.69 -31.81 38.30
N ARG B 1107 70.71 -30.92 38.37
CA ARG B 1107 69.38 -31.32 38.76
C ARG B 1107 68.58 -32.04 37.68
N ASN B 1108 68.98 -31.97 36.42
CA ASN B 1108 68.15 -32.50 35.35
C ASN B 1108 68.76 -33.67 34.63
N PHE B 1109 70.03 -33.98 34.86
CA PHE B 1109 70.70 -35.10 34.24
C PHE B 1109 71.65 -35.67 35.27
N TYR B 1110 71.61 -36.97 35.50
CA TYR B 1110 72.39 -37.57 36.57
C TYR B 1110 73.85 -37.69 36.17
N GLU B 1111 74.71 -36.94 36.87
CA GLU B 1111 76.13 -36.89 36.56
C GLU B 1111 76.88 -36.58 37.85
N PRO B 1112 77.19 -37.61 38.63
CA PRO B 1112 77.68 -37.40 40.00
C PRO B 1112 79.16 -37.09 40.10
N GLN B 1113 79.47 -36.17 41.00
CA GLN B 1113 80.84 -35.73 41.25
C GLN B 1113 81.10 -35.69 42.75
N ILE B 1114 82.38 -35.65 43.12
CA ILE B 1114 82.69 -35.68 44.54
C ILE B 1114 82.66 -34.26 45.09
N ILE B 1115 82.24 -34.14 46.34
CA ILE B 1115 81.94 -32.85 46.96
C ILE B 1115 83.23 -32.19 47.40
N THR B 1116 83.54 -31.05 46.80
CA THR B 1116 84.74 -30.29 47.08
C THR B 1116 84.35 -28.89 47.51
N THR B 1117 85.35 -28.06 47.76
CA THR B 1117 85.13 -26.67 48.10
C THR B 1117 84.86 -25.79 46.88
N ASP B 1118 84.94 -26.36 45.69
CA ASP B 1118 84.61 -25.61 44.47
C ASP B 1118 83.23 -25.98 43.96
N ASN B 1119 82.66 -27.02 44.55
CA ASN B 1119 81.31 -27.48 44.30
C ASN B 1119 80.29 -26.79 45.15
N THR B 1120 80.69 -26.21 46.28
CA THR B 1120 79.79 -25.84 47.36
C THR B 1120 80.12 -24.44 47.81
N PHE B 1121 79.28 -23.91 48.67
CA PHE B 1121 79.64 -22.73 49.44
C PHE B 1121 79.21 -22.96 50.89
N VAL B 1122 79.78 -22.14 51.78
CA VAL B 1122 79.60 -22.29 53.21
C VAL B 1122 78.69 -21.17 53.71
N SER B 1123 77.88 -21.48 54.71
CA SER B 1123 77.13 -20.45 55.40
C SER B 1123 76.69 -20.97 56.75
N GLY B 1124 77.14 -20.34 57.82
CA GLY B 1124 76.71 -20.69 59.16
C GLY B 1124 77.28 -22.00 59.66
N ASN B 1125 76.76 -22.42 60.80
CA ASN B 1125 77.18 -23.66 61.45
C ASN B 1125 76.04 -24.67 61.33
N CYS B 1126 76.36 -25.95 61.52
CA CYS B 1126 75.38 -27.00 61.32
C CYS B 1126 74.54 -27.25 62.56
N ASP B 1127 73.67 -26.30 62.91
CA ASP B 1127 72.77 -26.45 64.04
C ASP B 1127 71.37 -25.97 63.70
N VAL B 1128 71.22 -25.31 62.55
CA VAL B 1128 70.02 -24.58 62.21
C VAL B 1128 69.26 -25.21 61.05
N VAL B 1129 69.90 -26.02 60.24
CA VAL B 1129 69.27 -26.59 59.05
C VAL B 1129 68.62 -27.91 59.45
N ILE B 1130 67.39 -28.12 59.01
CA ILE B 1130 66.64 -29.32 59.31
C ILE B 1130 67.00 -30.37 58.28
N GLY B 1131 67.57 -31.47 58.73
CA GLY B 1131 67.95 -32.54 57.86
C GLY B 1131 69.38 -32.54 57.39
N ILE B 1132 70.26 -31.80 58.06
CA ILE B 1132 71.66 -31.76 57.66
C ILE B 1132 72.33 -33.10 57.92
N VAL B 1133 73.35 -33.40 57.14
CA VAL B 1133 73.98 -34.72 57.13
C VAL B 1133 75.49 -34.55 57.23
N ASN B 1134 76.13 -35.52 57.85
CA ASN B 1134 77.58 -35.50 58.05
C ASN B 1134 78.29 -36.12 56.85
N ASN B 1135 79.29 -35.42 56.34
CA ASN B 1135 80.17 -35.99 55.31
C ASN B 1135 81.41 -35.12 55.26
N THR B 1136 82.35 -35.54 54.44
CA THR B 1136 83.62 -34.83 54.29
C THR B 1136 83.61 -34.04 52.99
N VAL B 1137 84.07 -32.80 53.06
CA VAL B 1137 84.15 -31.92 51.92
C VAL B 1137 85.62 -31.75 51.58
N TYR B 1138 85.99 -32.09 50.34
CA TYR B 1138 87.38 -32.26 49.97
C TYR B 1138 87.96 -30.95 49.46
N ASP B 1139 89.11 -30.60 49.95
CA ASP B 1139 89.90 -29.45 49.56
C ASP B 1139 91.00 -29.89 48.62
N PRO B 1140 91.21 -29.25 47.47
CA PRO B 1140 92.28 -29.70 46.56
C PRO B 1140 93.66 -29.18 46.92
N LEU B 1141 93.69 -27.98 47.51
CA LEU B 1141 94.95 -27.29 47.71
C LEU B 1141 95.86 -28.04 48.66
N GLN B 1142 95.36 -28.40 49.84
CA GLN B 1142 96.24 -28.98 50.85
C GLN B 1142 96.74 -30.39 50.49
N PRO B 1143 95.99 -31.22 49.74
CA PRO B 1143 96.60 -32.44 49.20
C PRO B 1143 97.41 -32.18 47.96
N GLU B 1144 97.40 -30.97 47.43
CA GLU B 1144 98.45 -30.60 46.49
C GLU B 1144 99.73 -30.27 47.24
N LEU B 1145 99.60 -29.67 48.42
CA LEU B 1145 100.76 -29.25 49.20
C LEU B 1145 101.36 -30.39 50.00
N ASP B 1146 100.99 -31.63 49.67
CA ASP B 1146 101.44 -32.82 50.39
C ASP B 1146 101.30 -32.70 51.90
N ALA C 27 -9.09 20.25 59.46
CA ALA C 27 -9.60 20.46 58.12
C ALA C 27 -8.79 19.68 57.09
N TYR C 28 -7.61 19.21 57.46
CA TYR C 28 -6.79 18.42 56.55
C TYR C 28 -5.96 17.41 57.32
N THR C 29 -5.57 16.35 56.61
CA THR C 29 -4.63 15.35 57.10
C THR C 29 -3.78 14.88 55.94
N ASN C 30 -2.94 13.89 56.22
CA ASN C 30 -2.01 13.34 55.26
C ASN C 30 -2.35 11.88 54.98
N SER C 31 -2.64 11.55 53.73
CA SER C 31 -2.74 10.16 53.30
C SER C 31 -1.34 9.64 53.06
N PHE C 32 -0.89 8.73 53.91
CA PHE C 32 0.49 8.32 53.88
C PHE C 32 0.74 7.26 52.81
N THR C 33 0.18 6.08 52.99
CA THR C 33 0.22 5.04 51.98
C THR C 33 -1.18 4.55 51.62
N ARG C 34 -2.20 5.15 52.22
CA ARG C 34 -3.56 4.66 52.08
C ARG C 34 -4.04 4.76 50.64
N GLY C 35 -4.91 3.83 50.27
CA GLY C 35 -5.63 3.92 49.02
C GLY C 35 -5.18 3.01 47.90
N VAL C 36 -4.62 1.86 48.20
CA VAL C 36 -4.17 0.93 47.18
C VAL C 36 -5.22 -0.15 47.01
N TYR C 37 -5.46 -0.58 45.77
CA TYR C 37 -6.43 -1.62 45.52
C TYR C 37 -5.84 -2.63 44.54
N TYR C 38 -6.45 -3.82 44.50
CA TYR C 38 -6.12 -4.82 43.49
C TYR C 38 -6.70 -4.37 42.17
N PRO C 39 -5.90 -4.03 41.16
CA PRO C 39 -6.43 -3.42 39.95
C PRO C 39 -7.07 -4.39 38.96
N ASP C 40 -6.88 -5.70 39.10
CA ASP C 40 -7.48 -6.63 38.16
C ASP C 40 -7.60 -8.01 38.81
N LYS C 41 -8.20 -8.94 38.07
CA LYS C 41 -8.61 -10.23 38.57
C LYS C 41 -7.57 -11.34 38.38
N VAL C 42 -6.32 -10.99 38.14
CA VAL C 42 -5.29 -11.99 37.90
C VAL C 42 -4.58 -12.29 39.21
N PHE C 43 -4.51 -13.57 39.57
CA PHE C 43 -3.70 -13.98 40.70
C PHE C 43 -2.22 -13.89 40.35
N ARG C 44 -1.39 -13.49 41.33
CA ARG C 44 0.04 -13.37 41.09
C ARG C 44 0.84 -13.90 42.27
N SER C 45 1.78 -14.79 41.97
CA SER C 45 2.48 -15.54 43.00
C SER C 45 3.33 -14.69 43.92
N SER C 46 4.45 -14.18 43.41
CA SER C 46 5.38 -13.40 44.20
C SER C 46 6.02 -12.29 43.37
N VAL C 47 5.41 -11.96 42.23
CA VAL C 47 5.93 -10.95 41.32
C VAL C 47 6.00 -9.60 42.02
N LEU C 48 6.96 -8.78 41.62
CA LEU C 48 6.88 -7.34 41.73
C LEU C 48 6.26 -6.83 40.45
N HIS C 49 5.04 -6.30 40.54
CA HIS C 49 4.31 -6.00 39.32
C HIS C 49 4.08 -4.49 39.22
N SER C 50 4.35 -3.92 38.06
CA SER C 50 4.19 -2.50 37.87
C SER C 50 2.93 -2.24 37.05
N THR C 51 2.19 -1.21 37.42
CA THR C 51 0.91 -0.93 36.78
C THR C 51 0.66 0.57 36.69
N GLN C 52 0.02 0.97 35.59
CA GLN C 52 -0.49 2.33 35.40
C GLN C 52 -1.99 2.31 35.68
N ASP C 53 -2.42 3.05 36.68
CA ASP C 53 -3.84 3.08 37.03
C ASP C 53 -4.14 4.35 37.80
N LEU C 54 -5.43 4.58 38.05
CA LEU C 54 -5.86 5.75 38.81
C LEU C 54 -5.71 5.49 40.30
N PHE C 55 -4.82 6.20 40.97
CA PHE C 55 -4.50 5.96 42.36
C PHE C 55 -4.54 7.27 43.13
N LEU C 56 -4.37 7.14 44.44
CA LEU C 56 -4.30 8.29 45.33
C LEU C 56 -2.85 8.47 45.76
N PRO C 57 -2.14 9.47 45.25
CA PRO C 57 -0.68 9.52 45.44
C PRO C 57 -0.30 9.52 46.91
N PHE C 58 0.83 8.87 47.21
CA PHE C 58 1.30 8.78 48.57
C PHE C 58 1.50 10.17 49.15
N PHE C 59 1.33 10.26 50.47
CA PHE C 59 1.52 11.51 51.20
C PHE C 59 0.78 12.66 50.52
N SER C 60 -0.53 12.52 50.48
CA SER C 60 -1.37 13.55 49.90
C SER C 60 -2.11 14.31 50.98
N ASN C 61 -2.73 15.40 50.55
CA ASN C 61 -3.42 16.34 51.43
C ASN C 61 -4.92 16.06 51.33
N VAL C 62 -5.48 15.36 52.32
CA VAL C 62 -6.86 14.89 52.23
C VAL C 62 -7.73 15.70 53.17
N THR C 63 -8.90 16.10 52.67
CA THR C 63 -9.86 16.92 53.41
C THR C 63 -10.37 16.18 54.62
N TRP C 64 -10.96 16.90 55.56
CA TRP C 64 -11.39 16.33 56.83
C TRP C 64 -12.73 16.96 57.21
N PHE C 65 -13.77 16.15 57.23
CA PHE C 65 -15.12 16.65 57.41
C PHE C 65 -15.67 16.20 58.75
N HIS C 66 -16.76 16.85 59.16
CA HIS C 66 -17.35 16.63 60.48
C HIS C 66 -18.87 16.71 60.36
N ALA C 67 -19.55 16.53 61.48
CA ALA C 67 -21.01 16.58 61.55
C ALA C 67 -21.58 17.91 61.04
N ASN C 81 -21.92 18.27 55.91
CA ASN C 81 -22.25 17.43 54.76
C ASN C 81 -22.31 18.23 53.48
N PRO C 82 -21.16 18.74 53.03
CA PRO C 82 -21.15 19.62 51.86
C PRO C 82 -21.36 18.88 50.55
N VAL C 83 -21.15 19.56 49.44
CA VAL C 83 -21.20 18.92 48.13
C VAL C 83 -19.90 19.22 47.39
N LEU C 84 -19.29 18.18 46.81
CA LEU C 84 -17.99 18.25 46.16
C LEU C 84 -18.06 17.50 44.84
N PRO C 85 -17.09 17.66 43.95
CA PRO C 85 -17.09 16.88 42.71
C PRO C 85 -16.44 15.51 42.86
N PHE C 86 -16.61 14.70 41.82
CA PHE C 86 -15.94 13.42 41.72
C PHE C 86 -14.52 13.56 41.19
N ASN C 87 -14.39 14.21 40.03
CA ASN C 87 -13.18 14.74 39.41
C ASN C 87 -12.26 13.71 38.74
N ASP C 88 -12.18 12.49 39.27
CA ASP C 88 -11.87 11.29 38.51
C ASP C 88 -12.51 10.07 39.13
N GLY C 89 -12.50 10.04 40.46
CA GLY C 89 -12.81 8.91 41.32
C GLY C 89 -12.51 9.44 42.69
N VAL C 90 -12.86 8.66 43.71
CA VAL C 90 -12.77 9.19 45.07
C VAL C 90 -12.29 8.10 45.99
N TYR C 91 -11.32 8.44 46.83
CA TYR C 91 -11.02 7.70 48.03
C TYR C 91 -11.82 8.31 49.18
N PHE C 92 -12.38 7.44 50.01
CA PHE C 92 -13.35 7.87 51.02
C PHE C 92 -13.13 7.00 52.25
N ALA C 93 -12.61 7.56 53.31
CA ALA C 93 -12.44 6.77 54.52
C ALA C 93 -13.40 7.26 55.60
N SER C 94 -13.98 6.30 56.32
CA SER C 94 -14.90 6.64 57.39
C SER C 94 -14.46 5.93 58.66
N THR C 95 -14.90 6.48 59.79
CA THR C 95 -14.45 6.06 61.10
C THR C 95 -15.65 6.09 62.06
N GLU C 96 -15.40 6.15 63.37
CA GLU C 96 -16.45 6.18 64.37
C GLU C 96 -17.24 4.86 64.41
N LYS C 97 -16.62 3.83 65.01
CA LYS C 97 -17.20 2.50 65.14
C LYS C 97 -18.71 2.51 65.37
N SER C 98 -19.23 3.43 66.19
CA SER C 98 -20.66 3.55 66.38
C SER C 98 -21.30 4.08 65.10
N ASN C 99 -22.19 3.29 64.52
CA ASN C 99 -22.76 3.57 63.20
C ASN C 99 -23.33 4.97 63.11
N ILE C 100 -22.74 5.79 62.23
CA ILE C 100 -23.29 7.11 61.91
C ILE C 100 -23.38 7.29 60.40
N ILE C 101 -22.54 6.59 59.65
CA ILE C 101 -22.33 6.88 58.24
C ILE C 101 -23.22 5.95 57.41
N ARG C 102 -24.01 6.54 56.50
CA ARG C 102 -25.08 5.79 55.81
C ARG C 102 -25.10 6.20 54.34
N GLY C 103 -24.32 5.50 53.52
CA GLY C 103 -24.45 5.60 52.07
C GLY C 103 -24.08 6.96 51.50
N TRP C 104 -24.24 7.06 50.18
CA TRP C 104 -23.85 8.26 49.44
C TRP C 104 -24.85 8.51 48.33
N ILE C 105 -24.70 9.65 47.68
CA ILE C 105 -25.44 9.95 46.45
C ILE C 105 -24.47 10.61 45.48
N PHE C 106 -24.66 10.37 44.20
CA PHE C 106 -23.78 10.93 43.18
C PHE C 106 -24.60 11.56 42.07
N GLY C 107 -23.98 12.42 41.27
CA GLY C 107 -24.63 13.02 40.13
C GLY C 107 -24.09 14.41 39.83
N THR C 108 -24.68 15.01 38.80
CA THR C 108 -24.26 16.32 38.33
C THR C 108 -25.05 17.46 38.97
N THR C 109 -26.33 17.26 39.27
CA THR C 109 -27.12 18.31 39.90
C THR C 109 -27.91 17.85 41.12
N LEU C 110 -28.03 16.54 41.37
CA LEU C 110 -28.79 16.02 42.51
C LEU C 110 -30.23 16.53 42.48
N ASP C 111 -30.78 16.64 41.28
CA ASP C 111 -31.99 17.41 41.09
C ASP C 111 -32.97 16.59 40.25
N SER C 112 -34.04 17.25 39.82
CA SER C 112 -35.10 16.57 39.07
C SER C 112 -34.72 16.41 37.61
N LYS C 113 -35.17 15.31 37.02
CA LYS C 113 -35.25 15.08 35.58
C LYS C 113 -33.88 14.77 34.97
N THR C 114 -32.90 14.44 35.81
CA THR C 114 -31.61 13.96 35.38
C THR C 114 -31.19 12.81 36.29
N GLN C 115 -30.24 12.01 35.81
CA GLN C 115 -29.87 10.79 36.49
C GLN C 115 -28.98 11.06 37.71
N SER C 116 -29.28 10.35 38.79
CA SER C 116 -28.56 10.46 40.05
C SER C 116 -28.81 9.18 40.83
N LEU C 117 -27.74 8.62 41.41
CA LEU C 117 -27.80 7.30 42.01
C LEU C 117 -27.53 7.38 43.50
N LEU C 118 -27.89 6.32 44.21
CA LEU C 118 -27.95 6.34 45.66
C LEU C 118 -27.67 4.94 46.20
N ILE C 119 -26.63 4.84 47.02
CA ILE C 119 -26.39 3.68 47.87
C ILE C 119 -26.79 4.09 49.28
N VAL C 120 -27.45 3.21 50.01
CA VAL C 120 -27.95 3.53 51.33
C VAL C 120 -27.74 2.34 52.26
N ASN C 121 -27.80 2.61 53.56
CA ASN C 121 -27.95 1.58 54.56
C ASN C 121 -29.14 1.94 55.43
N ASN C 122 -29.67 0.94 56.13
CA ASN C 122 -30.81 1.08 57.04
C ASN C 122 -30.48 0.31 58.29
N ALA C 123 -31.52 -0.05 59.05
CA ALA C 123 -31.38 -1.14 60.00
C ALA C 123 -30.65 -2.32 59.37
N THR C 124 -31.14 -2.82 58.23
CA THR C 124 -30.48 -3.92 57.53
C THR C 124 -30.35 -3.67 56.02
N ASN C 125 -31.23 -2.87 55.44
CA ASN C 125 -31.36 -2.84 53.99
C ASN C 125 -30.22 -2.06 53.34
N VAL C 126 -29.89 -2.45 52.11
CA VAL C 126 -28.85 -1.84 51.31
C VAL C 126 -29.45 -1.57 49.94
N VAL C 127 -29.96 -0.36 49.75
CA VAL C 127 -30.73 0.00 48.56
C VAL C 127 -29.84 0.79 47.64
N ILE C 128 -29.75 0.35 46.39
CA ILE C 128 -28.99 1.05 45.36
C ILE C 128 -29.91 1.34 44.20
N LYS C 129 -30.13 2.61 43.91
CA LYS C 129 -31.14 3.00 42.93
C LYS C 129 -30.64 4.19 42.13
N VAL C 130 -31.10 4.29 40.89
CA VAL C 130 -30.66 5.36 40.01
C VAL C 130 -31.86 6.03 39.35
N CYS C 131 -32.27 7.18 39.87
CA CYS C 131 -33.50 7.81 39.40
C CYS C 131 -33.26 9.30 39.14
N GLU C 132 -34.37 10.03 39.01
CA GLU C 132 -34.36 11.49 38.97
C GLU C 132 -35.07 12.02 40.20
N PHE C 133 -34.31 12.45 41.20
CA PHE C 133 -34.89 12.79 42.49
C PHE C 133 -35.12 14.28 42.58
N GLN C 134 -35.52 14.77 43.75
CA GLN C 134 -35.50 16.19 44.04
C GLN C 134 -34.98 16.34 45.45
N PHE C 135 -33.67 16.46 45.59
CA PHE C 135 -32.99 16.28 46.86
C PHE C 135 -33.11 17.52 47.74
N CYS C 136 -33.09 17.30 49.05
CA CYS C 136 -33.41 18.30 50.05
C CYS C 136 -32.36 19.42 50.08
N ASN C 137 -32.58 20.42 50.95
CA ASN C 137 -31.53 21.37 51.27
C ASN C 137 -30.47 20.71 52.15
N ASP C 138 -30.90 19.89 53.10
CA ASP C 138 -29.99 19.14 53.96
C ASP C 138 -30.46 17.70 53.98
N PRO C 139 -30.29 16.97 52.87
CA PRO C 139 -30.83 15.60 52.80
C PRO C 139 -30.06 14.61 53.68
N PHE C 140 -30.39 14.61 54.96
CA PHE C 140 -29.81 13.70 55.94
C PHE C 140 -30.93 12.95 56.66
N LEU C 141 -30.78 11.64 56.76
CA LEU C 141 -31.82 10.77 57.32
C LEU C 141 -32.07 11.06 58.79
N GLY C 142 -31.09 10.78 59.64
CA GLY C 142 -31.23 10.97 61.07
C GLY C 142 -31.98 9.85 61.76
N VAL C 143 -31.81 9.72 63.07
CA VAL C 143 -32.58 8.76 63.84
C VAL C 143 -33.46 9.53 64.81
N MET C 153 -37.68 10.14 70.46
CA MET C 153 -38.17 10.54 69.15
C MET C 153 -37.73 9.52 68.09
N GLU C 154 -36.47 9.64 67.65
CA GLU C 154 -35.80 8.61 66.85
C GLU C 154 -36.52 8.25 65.55
N SER C 155 -36.64 9.20 64.63
CA SER C 155 -37.27 8.91 63.33
C SER C 155 -36.32 9.23 62.18
N GLU C 156 -36.75 9.08 60.93
CA GLU C 156 -35.76 9.07 59.85
C GLU C 156 -36.25 9.53 58.48
N PHE C 157 -35.38 9.37 57.49
CA PHE C 157 -35.65 9.69 56.08
C PHE C 157 -36.00 11.15 55.80
N ARG C 158 -35.03 12.04 55.87
CA ARG C 158 -35.18 13.28 55.14
C ARG C 158 -34.15 13.33 54.01
N VAL C 159 -34.49 12.74 52.86
CA VAL C 159 -33.52 12.59 51.78
C VAL C 159 -34.01 13.21 50.47
N TYR C 160 -35.10 12.68 49.92
CA TYR C 160 -35.56 13.09 48.59
C TYR C 160 -37.08 13.09 48.54
N SER C 161 -37.61 13.68 47.47
CA SER C 161 -39.06 13.75 47.31
C SER C 161 -39.52 13.55 45.86
N SER C 162 -38.68 12.94 45.01
CA SER C 162 -39.08 12.59 43.66
C SER C 162 -38.39 11.29 43.27
N ALA C 163 -39.07 10.48 42.46
CA ALA C 163 -38.52 9.19 42.08
C ALA C 163 -38.80 8.87 40.61
N ASN C 164 -39.27 9.87 39.87
CA ASN C 164 -39.67 9.67 38.47
C ASN C 164 -38.50 9.24 37.60
N ASN C 165 -38.81 8.36 36.64
CA ASN C 165 -37.87 7.90 35.62
C ASN C 165 -36.62 7.27 36.27
N CYS C 166 -36.87 6.18 36.98
CA CYS C 166 -35.77 5.41 37.53
C CYS C 166 -35.37 4.32 36.54
N THR C 167 -34.12 4.37 36.08
CA THR C 167 -33.62 3.47 35.04
C THR C 167 -32.66 2.44 35.61
N PHE C 168 -32.78 2.15 36.91
CA PHE C 168 -32.05 1.06 37.57
C PHE C 168 -32.64 0.82 38.94
N GLU C 169 -32.58 -0.42 39.42
CA GLU C 169 -33.09 -0.75 40.74
C GLU C 169 -32.20 -1.79 41.38
N TYR C 170 -32.25 -1.86 42.71
CA TYR C 170 -31.66 -2.94 43.49
C TYR C 170 -32.07 -2.79 44.94
N VAL C 171 -32.25 -3.90 45.65
CA VAL C 171 -32.53 -3.89 47.09
C VAL C 171 -31.81 -5.09 47.68
N SER C 172 -31.25 -4.90 48.87
CA SER C 172 -30.70 -5.99 49.69
C SER C 172 -29.51 -6.64 48.99
N LYS C 187 -12.58 2.65 67.51
CA LYS C 187 -13.25 2.95 66.25
C LYS C 187 -13.07 1.81 65.25
N ASN C 188 -13.76 1.93 64.11
CA ASN C 188 -13.67 0.94 63.04
C ASN C 188 -13.60 1.67 61.71
N LEU C 189 -12.51 1.43 60.97
CA LEU C 189 -12.20 2.17 59.76
C LEU C 189 -12.77 1.44 58.55
N ARG C 190 -13.39 2.19 57.65
CA ARG C 190 -13.99 1.64 56.44
C ARG C 190 -13.55 2.50 55.26
N GLU C 191 -12.68 1.93 54.42
CA GLU C 191 -12.17 2.62 53.26
C GLU C 191 -12.97 2.24 52.02
N PHE C 192 -13.05 3.17 51.08
CA PHE C 192 -13.80 2.95 49.86
C PHE C 192 -13.12 3.69 48.72
N VAL C 193 -13.01 3.03 47.58
CA VAL C 193 -12.63 3.67 46.33
C VAL C 193 -13.83 3.55 45.42
N PHE C 194 -14.31 4.68 44.91
CA PHE C 194 -15.37 4.70 43.92
C PHE C 194 -14.80 5.25 42.62
N LYS C 195 -14.99 4.54 41.53
CA LYS C 195 -14.54 5.09 40.26
C LYS C 195 -15.58 4.82 39.16
N ASN C 196 -15.87 5.86 38.40
CA ASN C 196 -16.85 5.80 37.32
C ASN C 196 -16.12 5.99 35.99
N ILE C 197 -15.60 4.90 35.45
CA ILE C 197 -15.02 4.88 34.12
C ILE C 197 -15.63 3.70 33.38
N ASP C 198 -15.23 3.52 32.12
CA ASP C 198 -15.58 2.40 31.25
C ASP C 198 -17.03 1.96 31.36
N GLY C 199 -17.97 2.91 31.35
CA GLY C 199 -19.38 2.57 31.40
C GLY C 199 -19.80 1.74 32.59
N TYR C 200 -19.15 1.94 33.74
CA TYR C 200 -19.50 1.24 34.97
C TYR C 200 -19.44 2.22 36.13
N PHE C 201 -19.64 1.67 37.31
CA PHE C 201 -19.36 2.36 38.57
C PHE C 201 -18.81 1.30 39.50
N LYS C 202 -17.50 1.29 39.69
CA LYS C 202 -16.81 0.23 40.42
C LYS C 202 -16.54 0.68 41.84
N ILE C 203 -16.65 -0.26 42.78
CA ILE C 203 -16.56 0.04 44.19
C ILE C 203 -15.62 -0.97 44.85
N TYR C 204 -14.48 -0.49 45.32
CA TYR C 204 -13.56 -1.30 46.11
C TYR C 204 -13.68 -0.83 47.55
N SER C 205 -13.45 -1.72 48.50
CA SER C 205 -13.59 -1.32 49.88
C SER C 205 -12.79 -2.25 50.78
N LYS C 206 -12.66 -1.84 52.03
CA LYS C 206 -12.01 -2.66 53.05
C LYS C 206 -12.31 -2.10 54.43
N HIS C 207 -12.76 -2.96 55.34
CA HIS C 207 -13.21 -2.53 56.67
C HIS C 207 -12.25 -3.12 57.70
N THR C 208 -11.17 -2.41 57.96
CA THR C 208 -10.23 -2.87 58.95
C THR C 208 -10.66 -2.44 60.35
N PRO C 209 -10.18 -3.13 61.38
CA PRO C 209 -10.38 -2.63 62.75
C PRO C 209 -9.30 -1.62 63.11
N ILE C 210 -9.61 -0.71 64.02
CA ILE C 210 -8.62 0.24 64.53
C ILE C 210 -8.85 0.43 66.03
N ASN C 211 -7.87 1.05 66.67
CA ASN C 211 -7.97 1.44 68.07
C ASN C 211 -7.45 2.86 68.24
N LEU C 212 -7.74 3.71 67.25
CA LEU C 212 -7.29 5.09 67.25
C LEU C 212 -8.35 6.01 67.85
N VAL C 213 -7.98 7.27 68.01
CA VAL C 213 -8.80 8.23 68.75
C VAL C 213 -9.61 9.09 67.80
N ARG C 214 -8.91 9.94 67.03
CA ARG C 214 -9.56 10.77 66.02
C ARG C 214 -8.66 10.90 64.80
N ASP C 215 -7.84 9.88 64.54
CA ASP C 215 -6.72 9.99 63.62
C ASP C 215 -6.89 9.05 62.43
N LEU C 216 -6.38 9.48 61.27
CA LEU C 216 -6.29 8.61 60.11
C LEU C 216 -5.09 7.70 60.30
N PRO C 217 -5.29 6.39 60.47
CA PRO C 217 -4.18 5.49 60.78
C PRO C 217 -3.11 5.51 59.71
N GLN C 218 -1.98 4.91 60.05
CA GLN C 218 -0.79 4.95 59.20
C GLN C 218 -0.29 3.53 59.01
N GLY C 219 -0.55 2.96 57.84
CA GLY C 219 -0.14 1.61 57.55
C GLY C 219 -0.52 1.26 56.12
N PHE C 220 -0.32 0.00 55.78
CA PHE C 220 -0.64 -0.45 54.43
C PHE C 220 -1.87 -1.36 54.43
N SER C 221 -2.69 -1.20 53.39
CA SER C 221 -3.91 -1.97 53.19
C SER C 221 -4.30 -1.90 51.72
N ALA C 222 -4.79 -3.01 51.19
CA ALA C 222 -5.23 -3.06 49.81
C ALA C 222 -6.72 -3.35 49.75
N LEU C 223 -7.40 -2.77 48.77
CA LEU C 223 -8.85 -2.71 48.74
C LEU C 223 -9.40 -3.61 47.64
N GLU C 224 -10.07 -4.65 48.01
CA GLU C 224 -10.55 -5.63 47.05
C GLU C 224 -11.91 -5.22 46.53
N PRO C 225 -12.15 -5.35 45.23
CA PRO C 225 -13.41 -4.86 44.66
C PRO C 225 -14.59 -5.60 45.25
N LEU C 226 -15.62 -4.84 45.61
CA LEU C 226 -16.82 -5.45 46.15
C LEU C 226 -17.85 -5.69 45.05
N VAL C 227 -18.26 -4.64 44.36
CA VAL C 227 -19.23 -4.73 43.29
C VAL C 227 -18.82 -3.81 42.15
N ASP C 228 -19.45 -4.04 41.01
CA ASP C 228 -19.39 -3.14 39.88
C ASP C 228 -20.81 -2.98 39.36
N LEU C 229 -21.27 -1.76 39.22
CA LEU C 229 -22.61 -1.50 38.74
C LEU C 229 -22.57 -1.09 37.27
N PRO C 230 -23.31 -1.76 36.42
CA PRO C 230 -23.20 -1.53 34.98
C PRO C 230 -23.95 -0.31 34.48
N ILE C 231 -23.75 0.85 35.10
CA ILE C 231 -24.67 1.96 34.90
C ILE C 231 -24.50 2.66 33.56
N GLY C 232 -23.43 3.46 33.44
CA GLY C 232 -23.37 4.42 32.35
C GLY C 232 -24.07 5.68 32.84
N ILE C 233 -23.35 6.72 33.23
CA ILE C 233 -23.98 7.83 33.96
C ILE C 233 -23.27 9.15 33.68
N ASN C 234 -23.72 10.22 34.35
CA ASN C 234 -23.05 11.52 34.36
C ASN C 234 -22.82 11.99 35.80
N ILE C 235 -21.67 11.65 36.40
CA ILE C 235 -21.34 12.10 37.74
C ILE C 235 -20.27 13.17 37.67
N THR C 236 -20.59 14.35 38.21
CA THR C 236 -19.60 15.40 38.41
C THR C 236 -19.65 15.96 39.82
N ARG C 237 -20.34 15.29 40.74
CA ARG C 237 -20.50 15.75 42.11
C ARG C 237 -21.02 14.57 42.94
N PHE C 238 -20.91 14.70 44.25
CA PHE C 238 -21.46 13.70 45.14
C PHE C 238 -21.70 14.29 46.53
N GLN C 239 -22.52 13.60 47.31
CA GLN C 239 -22.79 13.97 48.69
C GLN C 239 -22.79 12.73 49.56
N THR C 240 -22.54 12.95 50.84
CA THR C 240 -22.67 11.94 51.88
C THR C 240 -24.05 12.06 52.52
N LEU C 241 -24.50 10.97 53.13
CA LEU C 241 -25.75 10.95 53.87
C LEU C 241 -25.48 10.39 55.26
N LEU C 242 -25.71 11.21 56.28
CA LEU C 242 -25.45 10.84 57.66
C LEU C 242 -26.77 10.62 58.38
N ALA C 243 -26.66 10.17 59.63
CA ALA C 243 -27.81 9.99 60.50
C ALA C 243 -27.59 10.84 61.74
N LEU C 244 -28.07 12.08 61.69
CA LEU C 244 -27.87 13.05 62.76
C LEU C 244 -29.17 13.16 63.56
N HIS C 245 -29.07 12.97 64.88
CA HIS C 245 -30.22 12.82 65.77
C HIS C 245 -31.32 13.85 65.53
N ARG C 246 -32.57 13.38 65.44
CA ARG C 246 -33.72 14.28 65.45
C ARG C 246 -34.45 14.25 66.77
N SER C 247 -33.77 13.97 67.88
CA SER C 247 -34.35 13.94 69.20
C SER C 247 -34.88 15.32 69.62
N ALA C 264 -16.05 11.11 61.78
CA ALA C 264 -15.49 11.94 60.74
C ALA C 264 -15.21 11.14 59.47
N TYR C 265 -15.11 11.81 58.33
CA TYR C 265 -14.84 11.14 57.08
C TYR C 265 -13.91 11.96 56.21
N TYR C 266 -12.97 11.28 55.57
CA TYR C 266 -11.89 11.91 54.83
C TYR C 266 -12.08 11.64 53.35
N VAL C 267 -11.89 12.65 52.52
CA VAL C 267 -12.05 12.55 51.09
C VAL C 267 -10.70 12.78 50.42
N GLY C 268 -10.44 12.03 49.36
CA GLY C 268 -9.22 12.19 48.57
C GLY C 268 -9.53 11.92 47.13
N TYR C 269 -8.70 12.47 46.26
CA TYR C 269 -8.94 12.37 44.82
C TYR C 269 -7.84 11.52 44.19
N LEU C 270 -8.15 10.97 43.01
CA LEU C 270 -7.23 10.09 42.31
C LEU C 270 -6.69 10.77 41.06
N GLN C 271 -5.47 10.40 40.71
CA GLN C 271 -4.82 10.81 39.47
C GLN C 271 -4.22 9.57 38.85
N PRO C 272 -3.89 9.61 37.56
CA PRO C 272 -3.18 8.49 36.95
C PRO C 272 -1.73 8.44 37.44
N ARG C 273 -1.32 7.29 37.94
CA ARG C 273 0.02 7.11 38.49
C ARG C 273 0.58 5.79 37.99
N THR C 274 1.81 5.49 38.40
CA THR C 274 2.43 4.21 38.13
C THR C 274 2.94 3.66 39.45
N PHE C 275 2.49 2.48 39.81
CA PHE C 275 2.86 1.88 41.08
C PHE C 275 3.58 0.56 40.85
N LEU C 276 4.27 0.12 41.89
CA LEU C 276 5.03 -1.13 41.90
C LEU C 276 4.54 -1.95 43.10
N LEU C 277 3.65 -2.90 42.82
CA LEU C 277 3.06 -3.71 43.88
C LEU C 277 3.96 -4.89 44.24
N LYS C 278 4.15 -5.09 45.53
CA LYS C 278 4.97 -6.16 46.07
C LYS C 278 4.05 -7.29 46.56
N TYR C 279 3.57 -8.09 45.61
CA TYR C 279 2.75 -9.24 45.95
C TYR C 279 3.50 -10.19 46.87
N ASN C 280 2.74 -11.05 47.54
CA ASN C 280 3.30 -12.00 48.48
C ASN C 280 2.78 -13.38 48.15
N GLU C 281 3.30 -14.40 48.83
CA GLU C 281 3.04 -15.78 48.41
C GLU C 281 1.68 -16.27 48.89
N ASN C 282 0.65 -15.44 48.74
CA ASN C 282 -0.73 -15.88 48.88
C ASN C 282 -1.54 -15.15 47.83
N GLY C 283 -0.86 -14.35 47.01
CA GLY C 283 -1.53 -13.49 46.08
C GLY C 283 -2.08 -12.21 46.68
N THR C 284 -1.44 -11.68 47.72
CA THR C 284 -1.94 -10.51 48.42
C THR C 284 -0.89 -9.40 48.40
N ILE C 285 -1.35 -8.17 48.15
CA ILE C 285 -0.50 -6.99 48.07
C ILE C 285 -0.12 -6.53 49.47
N THR C 286 1.18 -6.43 49.73
CA THR C 286 1.60 -6.09 51.09
C THR C 286 2.46 -4.82 51.11
N ASP C 287 2.91 -4.37 49.95
CA ASP C 287 3.65 -3.11 49.86
C ASP C 287 3.56 -2.56 48.46
N ALA C 288 3.87 -1.27 48.34
CA ALA C 288 3.80 -0.61 47.04
C ALA C 288 4.75 0.58 47.03
N VAL C 289 5.19 0.94 45.84
CA VAL C 289 6.03 2.11 45.64
C VAL C 289 5.32 3.06 44.70
N ASP C 290 5.20 4.31 45.12
CA ASP C 290 4.66 5.36 44.28
C ASP C 290 5.83 6.10 43.68
N CYS C 291 6.38 5.59 42.59
CA CYS C 291 7.37 6.35 41.87
C CYS C 291 6.68 7.48 41.13
N ALA C 292 7.41 8.58 40.94
CA ALA C 292 6.92 9.93 40.70
C ALA C 292 6.60 10.64 42.01
N LEU C 293 7.00 10.06 43.14
CA LEU C 293 7.00 10.76 44.41
C LEU C 293 8.32 11.52 44.63
N ASP C 294 9.44 10.80 44.60
CA ASP C 294 10.75 11.38 44.84
C ASP C 294 11.75 10.59 44.01
N PRO C 295 13.00 11.06 43.92
CA PRO C 295 13.98 10.37 43.05
C PRO C 295 14.28 8.93 43.46
N LEU C 296 14.31 8.64 44.75
CA LEU C 296 14.58 7.27 45.19
C LEU C 296 13.49 6.33 44.71
N SER C 297 12.24 6.80 44.66
CA SER C 297 11.15 5.99 44.16
C SER C 297 11.31 5.72 42.67
N GLU C 298 11.79 6.71 41.92
CA GLU C 298 12.07 6.47 40.51
C GLU C 298 13.14 5.41 40.33
N THR C 299 14.17 5.46 41.17
CA THR C 299 15.19 4.41 41.13
C THR C 299 14.56 3.06 41.37
N LYS C 300 13.72 2.94 42.38
CA LYS C 300 13.10 1.65 42.70
C LYS C 300 12.21 1.18 41.55
N CYS C 301 11.57 2.10 40.84
CA CYS C 301 10.76 1.72 39.69
C CYS C 301 11.63 1.23 38.55
N THR C 302 12.70 1.95 38.21
CA THR C 302 13.46 1.58 37.03
C THR C 302 14.36 0.38 37.29
N LEU C 303 14.66 0.10 38.55
CA LEU C 303 15.44 -1.06 38.92
C LEU C 303 14.59 -2.28 39.24
N LYS C 304 13.27 -2.09 39.35
CA LYS C 304 12.32 -3.14 39.72
C LYS C 304 12.77 -3.87 40.98
N SER C 305 12.87 -3.11 42.06
CA SER C 305 13.30 -3.66 43.33
C SER C 305 13.13 -2.66 44.46
N PHE C 306 12.80 -3.17 45.64
CA PHE C 306 12.60 -2.36 46.82
C PHE C 306 13.89 -2.04 47.52
N THR C 307 14.97 -2.73 47.19
CA THR C 307 16.31 -2.46 47.66
C THR C 307 17.15 -1.95 46.49
N VAL C 308 17.98 -0.95 46.75
CA VAL C 308 18.97 -0.52 45.78
C VAL C 308 20.31 -0.45 46.49
N GLU C 309 21.37 -0.70 45.74
CA GLU C 309 22.73 -0.67 46.23
C GLU C 309 23.40 0.61 45.79
N LYS C 310 24.49 0.96 46.48
CA LYS C 310 25.13 2.24 46.19
C LYS C 310 25.61 2.29 44.75
N GLY C 311 25.56 3.48 44.18
CA GLY C 311 25.92 3.63 42.79
C GLY C 311 25.30 4.90 42.24
N ILE C 312 25.40 5.03 40.93
CA ILE C 312 24.75 6.10 40.20
C ILE C 312 23.91 5.45 39.12
N TYR C 313 22.67 5.90 38.97
CA TYR C 313 21.69 5.21 38.14
C TYR C 313 20.97 6.20 37.25
N GLN C 314 21.00 5.97 35.95
CA GLN C 314 20.21 6.74 35.01
C GLN C 314 18.75 6.35 35.15
N THR C 315 17.91 7.32 35.45
CA THR C 315 16.52 7.01 35.75
C THR C 315 15.55 7.59 34.73
N SER C 316 15.81 8.79 34.24
CA SER C 316 14.90 9.40 33.28
C SER C 316 15.67 10.40 32.44
N ASN C 317 14.98 10.99 31.47
CA ASN C 317 15.52 12.10 30.72
C ASN C 317 14.81 13.37 31.15
N PHE C 318 15.30 14.49 30.63
CA PHE C 318 14.78 15.78 30.98
C PHE C 318 14.93 16.68 29.76
N ARG C 319 13.98 17.59 29.60
CA ARG C 319 14.04 18.52 28.48
C ARG C 319 13.16 19.71 28.76
N VAL C 320 13.59 20.87 28.24
CA VAL C 320 12.82 22.09 28.39
C VAL C 320 11.73 22.14 27.33
N GLN C 321 10.55 22.62 27.71
CA GLN C 321 9.36 22.69 26.88
C GLN C 321 9.21 24.07 26.25
N PRO C 322 8.66 24.13 25.03
CA PRO C 322 8.49 25.43 24.36
C PRO C 322 7.50 26.32 25.11
N THR C 323 7.92 27.55 25.37
CA THR C 323 7.07 28.48 26.09
C THR C 323 5.85 28.87 25.27
N GLU C 324 6.05 29.24 24.01
CA GLU C 324 4.96 29.75 23.19
C GLU C 324 5.23 29.36 21.74
N SER C 325 4.53 30.00 20.81
CA SER C 325 4.70 29.78 19.38
C SER C 325 4.80 31.12 18.69
N ILE C 326 5.60 31.20 17.63
CA ILE C 326 5.72 32.41 16.84
C ILE C 326 5.63 32.04 15.37
N VAL C 327 5.29 33.04 14.56
CA VAL C 327 5.11 32.87 13.12
C VAL C 327 5.68 34.10 12.44
N ARG C 328 6.45 33.89 11.38
CA ARG C 328 6.97 35.00 10.60
C ARG C 328 6.62 34.79 9.13
N PHE C 329 6.44 35.90 8.43
CA PHE C 329 5.97 35.88 7.05
C PHE C 329 6.31 37.23 6.44
N PRO C 330 6.31 37.29 5.11
CA PRO C 330 6.63 38.53 4.40
C PRO C 330 5.49 39.54 4.53
N ASN C 331 5.83 40.83 4.53
CA ASN C 331 4.82 41.88 4.65
C ASN C 331 3.81 41.84 3.51
N ILE C 332 2.81 42.70 3.60
CA ILE C 332 1.77 42.77 2.57
C ILE C 332 2.09 43.83 1.53
N THR C 333 1.62 43.61 0.30
CA THR C 333 1.86 44.54 -0.80
C THR C 333 0.83 44.36 -1.90
N ASN C 334 0.50 43.12 -2.20
CA ASN C 334 -0.48 42.81 -3.24
C ASN C 334 -1.87 42.55 -2.67
N LEU C 335 -2.29 43.41 -1.74
CA LEU C 335 -3.59 43.29 -1.11
C LEU C 335 -4.68 43.03 -2.15
N CYS C 336 -4.38 43.35 -3.40
CA CYS C 336 -5.33 43.15 -4.49
C CYS C 336 -6.61 43.96 -4.26
N PRO C 337 -6.67 45.13 -4.88
CA PRO C 337 -7.85 46.01 -4.75
C PRO C 337 -9.16 45.43 -5.28
N PHE C 338 -10.10 45.22 -4.36
CA PHE C 338 -11.48 44.95 -4.69
C PHE C 338 -12.35 46.19 -4.63
N GLY C 339 -11.78 47.34 -4.30
CA GLY C 339 -12.43 48.63 -4.38
C GLY C 339 -12.47 49.21 -5.76
N GLU C 340 -12.38 48.40 -6.80
CA GLU C 340 -12.69 48.82 -8.16
C GLU C 340 -13.91 48.09 -8.71
N VAL C 341 -14.07 46.81 -8.39
CA VAL C 341 -15.23 46.05 -8.86
C VAL C 341 -16.39 46.22 -7.89
N PHE C 342 -16.08 46.32 -6.60
CA PHE C 342 -17.10 46.58 -5.59
C PHE C 342 -17.27 48.06 -5.30
N ASN C 343 -16.56 48.92 -6.03
CA ASN C 343 -16.64 50.36 -5.83
C ASN C 343 -16.63 51.12 -7.15
N ALA C 344 -17.37 50.63 -8.13
CA ALA C 344 -17.41 51.29 -9.43
C ALA C 344 -18.50 52.36 -9.46
N THR C 345 -18.29 53.37 -10.30
CA THR C 345 -19.28 54.43 -10.45
C THR C 345 -20.41 54.05 -11.41
N ARG C 346 -20.14 53.13 -12.34
CA ARG C 346 -21.14 52.70 -13.30
C ARG C 346 -20.95 51.22 -13.56
N PHE C 347 -21.96 50.42 -13.23
CA PHE C 347 -21.90 48.97 -13.43
C PHE C 347 -22.09 48.61 -14.90
N ALA C 348 -22.30 47.33 -15.16
CA ALA C 348 -22.50 46.85 -16.53
C ALA C 348 -23.88 46.22 -16.69
N SER C 349 -24.42 46.28 -17.91
CA SER C 349 -25.73 45.71 -18.20
C SER C 349 -25.80 44.26 -17.76
N VAL C 350 -26.99 43.68 -17.86
CA VAL C 350 -27.21 42.29 -17.47
C VAL C 350 -27.02 41.34 -18.66
N TYR C 351 -27.21 41.87 -19.86
CA TYR C 351 -27.06 41.07 -21.07
C TYR C 351 -25.65 41.11 -21.63
N ALA C 352 -24.84 42.07 -21.23
CA ALA C 352 -23.40 42.05 -21.52
C ALA C 352 -22.69 42.30 -20.20
N TRP C 353 -22.56 41.27 -19.38
CA TRP C 353 -21.97 41.45 -18.07
C TRP C 353 -20.49 41.71 -18.24
N ASN C 354 -19.86 42.17 -17.17
CA ASN C 354 -18.43 42.33 -17.36
C ASN C 354 -17.70 41.08 -16.95
N ARG C 355 -16.39 41.06 -17.09
CA ARG C 355 -15.61 39.90 -16.70
C ARG C 355 -14.20 40.33 -16.37
N LYS C 356 -13.91 40.47 -15.08
CA LYS C 356 -12.57 40.85 -14.63
C LYS C 356 -11.88 39.57 -14.16
N ARG C 357 -10.63 39.38 -14.56
CA ARG C 357 -9.92 38.17 -14.19
C ARG C 357 -8.91 38.52 -13.11
N ILE C 358 -9.36 38.51 -11.86
CA ILE C 358 -8.44 38.70 -10.76
C ILE C 358 -7.35 37.65 -10.86
N SER C 359 -6.14 38.03 -10.47
CA SER C 359 -4.97 37.18 -10.69
C SER C 359 -4.10 37.23 -9.44
N ASN C 360 -2.86 36.76 -9.58
CA ASN C 360 -1.92 36.65 -8.47
C ASN C 360 -1.91 37.89 -7.58
N CYS C 361 -2.27 37.71 -6.32
CA CYS C 361 -2.56 38.80 -5.39
C CYS C 361 -2.72 38.19 -4.01
N VAL C 362 -3.04 39.03 -3.04
CA VAL C 362 -3.43 38.58 -1.71
C VAL C 362 -4.88 39.00 -1.50
N ALA C 363 -5.79 38.04 -1.57
CA ALA C 363 -7.22 38.30 -1.48
C ALA C 363 -7.69 38.10 -0.06
N ASP C 364 -8.44 39.07 0.44
CA ASP C 364 -8.95 39.06 1.82
C ASP C 364 -10.47 39.07 1.78
N TYR C 365 -11.05 37.88 1.65
CA TYR C 365 -12.50 37.79 1.60
C TYR C 365 -13.16 38.09 2.94
N SER C 366 -12.39 38.42 3.96
CA SER C 366 -13.03 38.79 5.23
C SER C 366 -13.61 40.19 5.17
N VAL C 367 -12.90 41.13 4.57
CA VAL C 367 -13.43 42.48 4.41
C VAL C 367 -14.73 42.44 3.61
N LEU C 368 -14.86 41.46 2.74
CA LEU C 368 -16.13 41.25 2.08
C LEU C 368 -17.13 40.63 3.03
N TYR C 369 -16.79 39.50 3.61
CA TYR C 369 -17.76 38.68 4.31
C TYR C 369 -18.40 39.43 5.46
N ASN C 370 -17.65 40.28 6.14
CA ASN C 370 -18.18 40.93 7.34
C ASN C 370 -18.63 42.35 7.09
N SER C 371 -18.70 42.79 5.85
CA SER C 371 -18.97 44.20 5.60
C SER C 371 -20.41 44.57 5.91
N ALA C 372 -21.30 43.60 6.04
CA ALA C 372 -22.67 43.82 6.48
C ALA C 372 -23.44 44.76 5.57
N SER C 373 -22.82 45.23 4.51
CA SER C 373 -23.49 46.08 3.54
C SER C 373 -24.13 45.27 2.42
N PHE C 374 -23.89 43.97 2.38
CA PHE C 374 -24.37 43.12 1.32
C PHE C 374 -25.68 42.50 1.74
N SER C 375 -26.67 42.58 0.88
CA SER C 375 -27.94 41.96 1.17
C SER C 375 -27.95 40.47 0.88
N THR C 376 -27.01 39.98 0.09
CA THR C 376 -26.99 38.57 -0.23
C THR C 376 -25.55 38.13 -0.37
N PHE C 377 -25.12 37.14 0.39
CA PHE C 377 -23.75 36.62 0.27
C PHE C 377 -23.83 35.11 0.39
N LYS C 378 -24.02 34.42 -0.72
CA LYS C 378 -24.11 32.97 -0.69
C LYS C 378 -22.85 32.38 -1.25
N CYS C 379 -22.33 31.34 -0.61
CA CYS C 379 -21.18 30.63 -1.13
C CYS C 379 -21.57 29.18 -1.38
N TYR C 380 -21.16 28.63 -2.51
CA TYR C 380 -21.64 27.33 -2.93
C TYR C 380 -20.61 26.23 -2.88
N GLY C 381 -19.50 26.38 -3.59
CA GLY C 381 -18.52 25.34 -3.53
C GLY C 381 -17.90 25.25 -2.16
N VAL C 382 -17.88 26.36 -1.43
CA VAL C 382 -17.07 26.49 -0.24
C VAL C 382 -17.68 27.51 0.70
N SER C 383 -17.89 27.12 1.96
CA SER C 383 -18.47 28.03 2.94
C SER C 383 -17.58 29.26 3.12
N PRO C 384 -18.15 30.40 3.50
CA PRO C 384 -17.41 31.67 3.37
C PRO C 384 -16.21 31.81 4.28
N THR C 385 -16.26 31.31 5.52
CA THR C 385 -15.19 31.62 6.46
C THR C 385 -13.88 30.95 6.09
N LYS C 386 -13.91 29.89 5.27
CA LYS C 386 -12.72 29.17 4.88
C LYS C 386 -12.12 29.68 3.58
N LEU C 387 -12.54 30.86 3.12
CA LEU C 387 -11.97 31.40 1.89
C LEU C 387 -10.57 31.98 2.13
N ASN C 388 -10.38 32.61 3.28
CA ASN C 388 -9.10 33.20 3.63
C ASN C 388 -8.10 32.16 4.15
N ASP C 389 -8.22 30.93 3.64
CA ASP C 389 -7.34 29.85 4.06
C ASP C 389 -7.12 28.86 2.91
N LEU C 390 -7.50 29.26 1.70
CA LEU C 390 -7.34 28.41 0.54
C LEU C 390 -6.68 29.18 -0.61
N CYS C 391 -6.17 28.43 -1.59
CA CYS C 391 -5.50 29.04 -2.75
C CYS C 391 -5.95 28.37 -4.04
N PHE C 392 -6.20 29.19 -5.06
CA PHE C 392 -6.64 28.69 -6.36
C PHE C 392 -5.71 29.16 -7.47
N THR C 393 -6.15 29.00 -8.71
CA THR C 393 -5.36 29.41 -9.88
C THR C 393 -5.83 30.75 -10.42
N ASN C 394 -7.15 30.91 -10.51
CA ASN C 394 -7.73 32.14 -11.00
C ASN C 394 -9.03 32.41 -10.27
N VAL C 395 -9.34 33.68 -10.09
CA VAL C 395 -10.63 34.13 -9.62
C VAL C 395 -11.19 35.00 -10.70
N TYR C 396 -12.41 34.76 -11.10
CA TYR C 396 -13.05 35.65 -12.02
C TYR C 396 -14.13 36.41 -11.28
N ALA C 397 -14.38 37.65 -11.67
CA ALA C 397 -15.44 38.43 -11.06
C ALA C 397 -16.32 38.97 -12.16
N ASP C 398 -17.59 38.61 -12.14
CA ASP C 398 -18.55 39.12 -13.12
C ASP C 398 -19.47 40.12 -12.45
N SER C 399 -19.84 41.16 -13.18
CA SER C 399 -20.57 42.28 -12.60
C SER C 399 -21.75 42.64 -13.48
N PHE C 400 -22.89 42.93 -12.85
CA PHE C 400 -24.02 43.44 -13.62
C PHE C 400 -25.09 43.98 -12.66
N VAL C 401 -26.23 44.36 -13.23
CA VAL C 401 -27.32 45.01 -12.51
C VAL C 401 -28.64 44.38 -12.94
N ILE C 402 -29.45 43.96 -11.97
CA ILE C 402 -30.73 43.33 -12.27
C ILE C 402 -31.79 43.92 -11.36
N ARG C 403 -33.00 43.37 -11.47
CA ARG C 403 -34.08 43.74 -10.58
C ARG C 403 -33.81 43.22 -9.19
N GLY C 404 -34.70 43.54 -8.26
CA GLY C 404 -34.52 43.08 -6.90
C GLY C 404 -34.90 41.63 -6.72
N ASP C 405 -35.94 41.18 -7.41
CA ASP C 405 -36.41 39.83 -7.18
C ASP C 405 -35.92 38.85 -8.23
N GLU C 406 -34.94 39.24 -9.04
CA GLU C 406 -34.26 38.30 -9.91
C GLU C 406 -32.92 37.88 -9.35
N VAL C 407 -32.63 38.19 -8.09
CA VAL C 407 -31.38 37.72 -7.53
C VAL C 407 -31.46 36.25 -7.18
N ARG C 408 -32.65 35.66 -7.24
CA ARG C 408 -32.75 34.25 -6.94
C ARG C 408 -32.55 33.40 -8.16
N GLN C 409 -32.33 33.98 -9.33
CA GLN C 409 -31.96 33.20 -10.49
C GLN C 409 -30.47 33.15 -10.72
N ILE C 410 -29.69 33.87 -9.91
CA ILE C 410 -28.23 33.78 -9.98
C ILE C 410 -27.83 32.71 -8.98
N ALA C 411 -27.90 31.48 -9.41
CA ALA C 411 -27.64 30.32 -8.56
C ALA C 411 -27.56 29.12 -9.47
N PRO C 412 -26.87 28.05 -9.08
CA PRO C 412 -26.75 26.90 -9.98
C PRO C 412 -28.08 26.17 -10.09
N GLY C 413 -28.50 25.93 -11.32
CA GLY C 413 -29.75 25.25 -11.54
C GLY C 413 -31.00 26.06 -11.30
N GLN C 414 -31.22 27.13 -12.06
CA GLN C 414 -32.43 27.91 -12.03
C GLN C 414 -32.94 28.13 -13.45
N THR C 415 -34.12 28.71 -13.55
CA THR C 415 -34.71 29.07 -14.82
C THR C 415 -35.39 30.41 -14.70
N GLY C 416 -35.69 31.02 -15.84
CA GLY C 416 -36.19 32.38 -15.89
C GLY C 416 -35.44 33.19 -16.92
N LYS C 417 -36.02 34.35 -17.23
CA LYS C 417 -35.52 35.14 -18.35
C LYS C 417 -34.07 35.54 -18.13
N ILE C 418 -33.63 35.62 -16.88
CA ILE C 418 -32.24 35.99 -16.63
C ILE C 418 -31.33 34.80 -16.78
N ALA C 419 -31.63 33.71 -16.09
CA ALA C 419 -30.73 32.56 -16.12
C ALA C 419 -30.85 31.80 -17.43
N ASP C 420 -31.98 31.93 -18.12
CA ASP C 420 -32.10 31.22 -19.39
C ASP C 420 -31.20 31.84 -20.43
N TYR C 421 -31.46 33.07 -20.82
CA TYR C 421 -30.56 33.76 -21.72
C TYR C 421 -30.28 35.17 -21.24
N ASN C 422 -29.51 35.31 -20.17
CA ASN C 422 -28.68 36.48 -19.97
C ASN C 422 -27.36 36.09 -19.34
N TYR C 423 -27.42 35.20 -18.35
CA TYR C 423 -26.24 34.84 -17.56
C TYR C 423 -26.51 33.52 -16.88
N LYS C 424 -25.83 32.46 -17.31
CA LYS C 424 -26.07 31.12 -16.81
C LYS C 424 -24.85 30.64 -16.05
N LEU C 425 -25.06 30.11 -14.84
CA LEU C 425 -24.10 29.55 -13.89
C LEU C 425 -24.04 28.04 -14.03
N PRO C 426 -22.87 27.43 -14.13
CA PRO C 426 -22.82 25.99 -14.33
C PRO C 426 -23.40 25.27 -13.15
N ASP C 427 -23.60 23.97 -13.30
CA ASP C 427 -24.31 23.21 -12.30
C ASP C 427 -23.42 22.72 -11.17
N ASP C 428 -22.11 22.85 -11.29
CA ASP C 428 -21.18 22.56 -10.21
C ASP C 428 -20.38 23.79 -9.84
N PHE C 429 -21.06 24.92 -9.69
CA PHE C 429 -20.43 26.18 -9.40
C PHE C 429 -19.54 26.04 -8.18
N THR C 430 -18.55 26.91 -8.08
CA THR C 430 -17.63 26.87 -6.94
C THR C 430 -17.54 28.15 -6.14
N GLY C 431 -17.84 29.29 -6.72
CA GLY C 431 -17.55 30.56 -6.10
C GLY C 431 -18.59 31.02 -5.12
N CYS C 432 -18.80 32.32 -5.07
CA CYS C 432 -19.81 32.93 -4.24
C CYS C 432 -20.51 34.04 -5.00
N VAL C 433 -21.73 34.34 -4.58
CA VAL C 433 -22.58 35.33 -5.24
C VAL C 433 -22.87 36.40 -4.21
N ILE C 434 -22.63 37.66 -4.57
CA ILE C 434 -22.82 38.79 -3.66
C ILE C 434 -23.73 39.79 -4.32
N ALA C 435 -24.62 40.40 -3.55
CA ALA C 435 -25.59 41.29 -4.14
C ALA C 435 -26.03 42.34 -3.12
N TRP C 436 -26.19 43.58 -3.58
CA TRP C 436 -26.64 44.61 -2.68
C TRP C 436 -27.51 45.62 -3.40
N ASN C 437 -28.42 46.23 -2.67
CA ASN C 437 -29.35 47.17 -3.26
C ASN C 437 -28.64 48.45 -3.64
N SER C 438 -29.06 49.04 -4.75
CA SER C 438 -28.44 50.25 -5.23
C SER C 438 -29.48 51.21 -5.77
N ASN C 439 -30.56 51.41 -5.03
CA ASN C 439 -31.64 52.24 -5.55
C ASN C 439 -31.20 53.67 -5.80
N ASN C 440 -30.36 54.22 -4.94
CA ASN C 440 -30.05 55.64 -5.03
C ASN C 440 -29.08 55.96 -6.14
N LEU C 441 -28.30 54.99 -6.59
CA LEU C 441 -27.31 55.22 -7.63
C LEU C 441 -27.83 55.02 -9.03
N ASP C 442 -28.68 54.03 -9.24
CA ASP C 442 -29.02 53.60 -10.58
C ASP C 442 -30.41 54.01 -11.02
N SER C 443 -31.27 54.39 -10.11
CA SER C 443 -32.63 54.76 -10.45
C SER C 443 -32.79 56.26 -10.45
N LYS C 444 -33.38 56.80 -11.51
CA LYS C 444 -33.48 58.24 -11.62
C LYS C 444 -34.90 58.62 -12.03
N VAL C 445 -35.36 59.75 -11.51
CA VAL C 445 -36.73 60.20 -11.75
C VAL C 445 -36.96 60.31 -13.24
N GLY C 446 -38.13 59.88 -13.68
CA GLY C 446 -38.43 59.79 -15.08
C GLY C 446 -38.05 58.47 -15.71
N GLY C 447 -37.30 57.65 -15.00
CA GLY C 447 -36.98 56.33 -15.51
C GLY C 447 -35.61 56.25 -16.12
N ASN C 448 -34.78 55.35 -15.61
CA ASN C 448 -33.44 55.14 -16.14
C ASN C 448 -33.54 54.03 -17.18
N TYR C 449 -33.60 54.41 -18.45
CA TYR C 449 -33.77 53.46 -19.53
C TYR C 449 -32.45 53.01 -20.14
N ASN C 450 -31.38 52.99 -19.37
CA ASN C 450 -30.10 52.59 -19.90
C ASN C 450 -29.70 51.19 -19.47
N TYR C 451 -30.56 50.49 -18.74
CA TYR C 451 -30.25 49.16 -18.24
C TYR C 451 -31.17 48.17 -18.93
N LEU C 452 -30.64 47.46 -19.91
CA LEU C 452 -31.43 46.57 -20.75
C LEU C 452 -31.19 45.13 -20.35
N TYR C 453 -32.03 44.26 -20.86
CA TYR C 453 -31.86 42.83 -20.73
C TYR C 453 -32.45 42.16 -21.95
N ARG C 454 -31.98 40.95 -22.22
CA ARG C 454 -32.45 40.19 -23.37
C ARG C 454 -33.63 39.35 -22.94
N LEU C 455 -34.69 39.37 -23.74
CA LEU C 455 -35.88 38.62 -23.39
C LEU C 455 -36.31 37.60 -24.42
N PHE C 456 -35.58 37.46 -25.52
CA PHE C 456 -35.86 36.44 -26.51
C PHE C 456 -34.56 35.85 -27.01
N ARG C 457 -34.46 34.53 -27.02
CA ARG C 457 -33.31 33.89 -27.65
C ARG C 457 -33.73 32.54 -28.19
N LYS C 458 -32.98 32.05 -29.18
CA LYS C 458 -33.27 30.76 -29.76
C LYS C 458 -33.12 29.63 -28.76
N SER C 459 -32.05 29.65 -27.96
CA SER C 459 -31.76 28.55 -27.08
C SER C 459 -31.03 29.07 -25.86
N ASN C 460 -31.29 28.42 -24.72
CA ASN C 460 -30.70 28.83 -23.47
C ASN C 460 -29.18 28.81 -23.56
N LEU C 461 -28.55 29.63 -22.75
CA LEU C 461 -27.11 29.82 -22.82
C LEU C 461 -26.38 28.61 -22.26
N LYS C 462 -25.20 28.35 -22.78
CA LYS C 462 -24.29 27.49 -22.08
C LYS C 462 -23.75 28.25 -20.88
N PRO C 463 -23.30 27.56 -19.84
CA PRO C 463 -22.81 28.27 -18.65
C PRO C 463 -21.65 29.18 -19.01
N PHE C 464 -21.72 30.42 -18.53
CA PHE C 464 -20.68 31.43 -18.70
C PHE C 464 -20.54 31.86 -20.16
N GLU C 465 -21.59 31.65 -20.94
CA GLU C 465 -21.60 32.09 -22.33
C GLU C 465 -22.24 33.46 -22.40
N ARG C 466 -21.89 34.22 -23.44
CA ARG C 466 -22.25 35.62 -23.53
C ARG C 466 -22.68 35.96 -24.95
N ASP C 467 -23.69 36.80 -25.09
CA ASP C 467 -24.35 37.01 -26.38
C ASP C 467 -24.80 38.47 -26.48
N ILE C 468 -24.07 39.28 -27.22
CA ILE C 468 -24.36 40.70 -27.34
C ILE C 468 -24.93 41.05 -28.70
N SER C 469 -25.38 40.05 -29.47
CA SER C 469 -25.92 40.36 -30.77
C SER C 469 -27.26 41.07 -30.65
N THR C 470 -27.73 41.64 -31.75
CA THR C 470 -28.94 42.43 -31.73
C THR C 470 -29.78 42.14 -32.98
N GLU C 471 -29.87 40.88 -33.35
CA GLU C 471 -30.65 40.50 -34.51
C GLU C 471 -32.12 40.46 -34.16
N ILE C 472 -32.97 40.79 -35.12
CA ILE C 472 -34.40 40.77 -34.91
C ILE C 472 -34.85 39.34 -34.70
N TYR C 473 -35.47 39.07 -33.57
CA TYR C 473 -35.90 37.73 -33.25
C TYR C 473 -37.12 37.37 -34.09
N GLN C 474 -37.29 36.10 -34.37
CA GLN C 474 -38.33 35.61 -35.26
C GLN C 474 -39.14 34.56 -34.52
N ALA C 475 -40.30 34.95 -34.02
CA ALA C 475 -41.11 34.01 -33.26
C ALA C 475 -41.83 33.03 -34.18
N GLY C 476 -42.68 33.54 -35.06
CA GLY C 476 -43.41 32.71 -35.98
C GLY C 476 -42.54 32.19 -37.10
N SER C 477 -43.16 31.45 -38.01
CA SER C 477 -42.44 30.84 -39.11
C SER C 477 -42.08 31.83 -40.20
N THR C 478 -42.79 32.94 -40.28
CA THR C 478 -42.56 33.89 -41.35
C THR C 478 -41.18 34.54 -41.17
N PRO C 479 -40.37 34.61 -42.22
CA PRO C 479 -39.08 35.29 -42.09
C PRO C 479 -39.27 36.78 -41.85
N CYS C 480 -38.25 37.38 -41.23
CA CYS C 480 -38.37 38.74 -40.72
C CYS C 480 -37.73 39.80 -41.61
N ASN C 481 -36.62 39.49 -42.27
CA ASN C 481 -35.95 40.44 -43.16
C ASN C 481 -35.58 41.73 -42.45
N GLY C 482 -35.17 41.62 -41.19
CA GLY C 482 -34.61 42.77 -40.50
C GLY C 482 -35.57 43.90 -40.20
N VAL C 483 -36.88 43.68 -40.34
CA VAL C 483 -37.84 44.71 -39.97
C VAL C 483 -38.77 44.14 -38.91
N GLU C 484 -39.28 45.02 -38.07
CA GLU C 484 -40.17 44.63 -36.99
C GLU C 484 -41.55 44.28 -37.54
N GLY C 485 -42.40 43.82 -36.64
CA GLY C 485 -43.75 43.43 -37.03
C GLY C 485 -44.22 42.30 -36.15
N PHE C 486 -45.40 41.78 -36.48
CA PHE C 486 -45.93 40.65 -35.74
C PHE C 486 -44.97 39.47 -35.87
N ASN C 487 -44.66 38.86 -34.74
CA ASN C 487 -43.76 37.70 -34.69
C ASN C 487 -42.38 38.04 -35.22
N CYS C 488 -42.02 39.33 -35.20
CA CYS C 488 -40.67 39.78 -35.51
C CYS C 488 -40.35 40.89 -34.52
N TYR C 489 -39.64 40.54 -33.46
CA TYR C 489 -39.48 41.40 -32.30
C TYR C 489 -38.03 41.78 -32.08
N PHE C 490 -37.81 43.02 -31.70
CA PHE C 490 -36.52 43.43 -31.19
C PHE C 490 -36.24 42.66 -29.91
N PRO C 491 -35.04 42.16 -29.70
CA PRO C 491 -34.81 41.21 -28.60
C PRO C 491 -34.40 41.83 -27.27
N LEU C 492 -34.31 43.15 -27.14
CA LEU C 492 -33.84 43.76 -25.91
C LEU C 492 -34.90 44.68 -25.33
N GLN C 493 -35.12 44.57 -24.03
CA GLN C 493 -36.04 45.45 -23.33
C GLN C 493 -35.25 46.19 -22.28
N SER C 494 -35.84 47.23 -21.71
CA SER C 494 -35.13 48.05 -20.74
C SER C 494 -35.94 48.19 -19.47
N TYR C 495 -35.31 47.89 -18.34
CA TYR C 495 -35.87 48.24 -17.04
C TYR C 495 -36.05 49.74 -17.02
N GLY C 496 -37.26 50.22 -16.79
CA GLY C 496 -37.33 51.64 -16.53
C GLY C 496 -37.33 51.85 -15.04
N PHE C 497 -36.16 52.06 -14.46
CA PHE C 497 -36.07 52.14 -13.01
C PHE C 497 -36.51 53.52 -12.55
N GLN C 498 -37.25 53.57 -11.47
CA GLN C 498 -37.69 54.84 -10.94
C GLN C 498 -37.62 54.80 -9.43
N PRO C 499 -37.28 55.92 -8.80
CA PRO C 499 -36.97 55.88 -7.36
C PRO C 499 -38.16 55.52 -6.50
N THR C 500 -39.37 55.73 -6.97
CA THR C 500 -40.55 55.35 -6.20
C THR C 500 -41.06 53.97 -6.61
N ASN C 501 -40.18 52.98 -6.65
CA ASN C 501 -40.57 51.62 -6.95
C ASN C 501 -40.50 50.79 -5.68
N GLY C 502 -41.51 49.93 -5.50
CA GLY C 502 -41.46 49.01 -4.40
C GLY C 502 -40.23 48.13 -4.48
N VAL C 503 -39.76 47.69 -3.31
CA VAL C 503 -38.62 46.79 -3.27
C VAL C 503 -38.96 45.57 -4.11
N GLY C 504 -37.95 44.96 -4.70
CA GLY C 504 -38.21 43.94 -5.68
C GLY C 504 -38.44 44.49 -7.06
N TYR C 505 -38.50 45.80 -7.20
CA TYR C 505 -38.36 46.43 -8.50
C TYR C 505 -37.28 47.48 -8.52
N GLN C 506 -36.53 47.61 -7.47
CA GLN C 506 -35.42 48.54 -7.46
C GLN C 506 -34.15 47.83 -7.88
N PRO C 507 -33.19 48.56 -8.42
CA PRO C 507 -32.02 47.90 -9.00
C PRO C 507 -31.10 47.34 -7.94
N TYR C 508 -30.61 46.13 -8.19
CA TYR C 508 -29.64 45.49 -7.31
C TYR C 508 -28.38 45.30 -8.13
N ARG C 509 -27.23 45.54 -7.52
CA ARG C 509 -25.98 45.26 -8.20
C ARG C 509 -25.45 43.93 -7.72
N VAL C 510 -24.93 43.14 -8.65
CA VAL C 510 -24.53 41.76 -8.38
C VAL C 510 -23.10 41.56 -8.85
N VAL C 511 -22.33 40.83 -8.06
CA VAL C 511 -20.97 40.41 -8.37
C VAL C 511 -20.86 38.93 -8.10
N VAL C 512 -20.41 38.17 -9.08
CA VAL C 512 -20.31 36.72 -8.97
C VAL C 512 -18.84 36.37 -9.02
N LEU C 513 -18.30 35.90 -7.91
CA LEU C 513 -16.91 35.46 -7.88
C LEU C 513 -16.87 33.98 -8.18
N SER C 514 -16.00 33.60 -9.09
CA SER C 514 -15.91 32.21 -9.50
C SER C 514 -14.45 31.78 -9.39
N PHE C 515 -14.15 30.94 -8.42
CA PHE C 515 -12.79 30.46 -8.24
C PHE C 515 -12.60 29.25 -9.12
N GLU C 516 -11.58 29.27 -9.94
CA GLU C 516 -11.31 28.12 -10.79
C GLU C 516 -9.91 27.59 -10.53
N LEU C 517 -9.74 26.29 -10.79
CA LEU C 517 -8.46 25.63 -10.58
C LEU C 517 -8.06 24.78 -11.77
N LEU C 518 -7.40 25.40 -12.74
CA LEU C 518 -6.97 24.67 -13.94
C LEU C 518 -5.97 23.57 -13.57
N HIS C 519 -4.70 23.79 -13.85
CA HIS C 519 -3.66 22.82 -13.56
C HIS C 519 -2.28 23.47 -13.50
N ALA C 520 -2.25 24.74 -13.07
CA ALA C 520 -1.00 25.47 -12.98
C ALA C 520 -0.21 25.06 -11.74
N PRO C 521 0.75 25.89 -11.33
CA PRO C 521 1.57 25.58 -10.15
C PRO C 521 1.06 26.25 -8.88
N ALA C 522 0.27 27.30 -9.04
CA ALA C 522 -0.28 28.04 -7.90
C ALA C 522 -0.82 29.39 -8.34
N THR C 523 -1.33 30.16 -7.38
CA THR C 523 -1.88 31.48 -7.67
C THR C 523 -2.38 32.16 -6.39
N VAL C 524 -3.20 33.19 -6.56
CA VAL C 524 -3.74 33.93 -5.42
C VAL C 524 -4.15 33.06 -4.24
N CYS C 525 -3.83 33.53 -3.02
CA CYS C 525 -4.33 32.93 -1.79
C CYS C 525 -4.54 34.01 -0.73
N GLY C 526 -5.13 33.59 0.39
CA GLY C 526 -5.45 34.49 1.49
C GLY C 526 -4.24 34.88 2.30
N PRO C 527 -4.33 36.00 3.02
CA PRO C 527 -3.15 36.54 3.70
C PRO C 527 -2.69 35.70 4.88
N LYS C 528 -1.38 35.66 5.08
CA LYS C 528 -0.81 34.89 6.18
C LYS C 528 -0.45 35.79 7.37
N LYS C 529 -1.23 35.69 8.43
CA LYS C 529 -0.99 36.49 9.63
C LYS C 529 0.19 35.97 10.43
N SER C 530 0.97 36.88 10.99
CA SER C 530 2.14 36.52 11.79
C SER C 530 2.13 37.20 13.14
N THR C 531 3.17 36.95 13.94
CA THR C 531 3.28 37.55 15.27
C THR C 531 4.72 37.92 15.58
N ASN C 532 4.90 38.79 16.57
CA ASN C 532 6.22 39.23 16.98
C ASN C 532 7.17 38.06 17.23
N LEU C 533 8.47 38.34 17.19
CA LEU C 533 9.47 37.31 17.42
C LEU C 533 10.20 37.51 18.74
N VAL C 534 10.16 36.49 19.59
CA VAL C 534 10.82 36.56 20.89
C VAL C 534 12.11 35.77 20.81
N LYS C 535 13.10 36.19 21.58
CA LYS C 535 14.43 35.60 21.52
C LYS C 535 14.84 35.10 22.90
N ASN C 536 15.68 34.09 22.93
CA ASN C 536 16.24 33.50 24.15
C ASN C 536 15.21 32.71 24.95
N LYS C 537 14.26 32.06 24.28
CA LYS C 537 13.33 31.15 24.93
C LYS C 537 13.05 29.99 23.99
N CYS C 538 12.86 28.80 24.56
CA CYS C 538 12.44 27.67 23.75
C CYS C 538 11.04 27.94 23.25
N VAL C 539 10.89 28.04 21.93
CA VAL C 539 9.64 28.35 21.28
C VAL C 539 9.40 27.32 20.19
N ASN C 540 8.21 27.37 19.62
CA ASN C 540 7.89 26.67 18.37
C ASN C 540 7.88 27.74 17.30
N PHE C 541 8.90 27.74 16.45
CA PHE C 541 8.95 28.77 15.43
C PHE C 541 8.39 28.26 14.11
N ASN C 542 8.11 29.20 13.22
CA ASN C 542 7.72 28.88 11.85
C ASN C 542 8.07 30.09 11.00
N PHE C 543 9.05 29.91 10.13
CA PHE C 543 9.44 30.95 9.18
C PHE C 543 9.13 30.42 7.79
N ASN C 544 8.04 30.89 7.21
CA ASN C 544 7.64 30.68 5.83
C ASN C 544 7.30 29.22 5.54
N GLY C 545 7.49 28.31 6.47
CA GLY C 545 7.31 26.90 6.18
C GLY C 545 8.40 26.09 6.83
N LEU C 546 9.53 26.73 7.08
CA LEU C 546 10.55 26.19 7.97
C LEU C 546 9.93 26.06 9.36
N THR C 547 9.75 24.83 9.81
CA THR C 547 9.08 24.54 11.06
C THR C 547 10.02 23.79 11.99
N GLY C 548 10.15 24.29 13.21
CA GLY C 548 10.93 23.59 14.22
C GLY C 548 10.70 24.21 15.58
N THR C 549 11.52 23.79 16.54
CA THR C 549 11.42 24.30 17.89
C THR C 549 12.81 24.47 18.45
N GLY C 550 12.98 25.49 19.29
CA GLY C 550 14.28 25.78 19.86
C GLY C 550 14.34 27.21 20.32
N VAL C 551 15.56 27.67 20.61
CA VAL C 551 15.76 29.02 21.09
C VAL C 551 16.55 29.81 20.05
N LEU C 552 16.06 31.02 19.77
CA LEU C 552 16.57 31.87 18.70
C LEU C 552 17.38 33.01 19.31
N THR C 553 18.60 33.16 18.83
CA THR C 553 19.44 34.28 19.25
C THR C 553 19.88 35.05 18.02
N GLU C 554 20.49 36.21 18.24
CA GLU C 554 21.06 36.97 17.14
C GLU C 554 22.48 36.52 16.88
N SER C 555 22.92 36.66 15.62
CA SER C 555 24.09 35.95 15.14
C SER C 555 25.17 36.86 14.56
N ASN C 556 26.26 36.26 14.08
CA ASN C 556 27.34 36.98 13.41
C ASN C 556 27.61 36.37 12.04
N LYS C 557 26.58 35.80 11.43
CA LYS C 557 26.72 35.29 10.08
C LYS C 557 26.33 36.38 9.09
N LYS C 558 26.66 36.12 7.82
CA LYS C 558 26.27 37.02 6.74
C LYS C 558 25.87 36.16 5.55
N PHE C 559 24.58 36.07 5.29
CA PHE C 559 24.09 35.28 4.19
C PHE C 559 24.42 35.98 2.87
N LEU C 560 23.91 35.44 1.77
CA LEU C 560 23.91 36.16 0.52
C LEU C 560 22.48 36.61 0.24
N PRO C 561 22.31 37.80 -0.33
CA PRO C 561 20.98 38.41 -0.40
C PRO C 561 19.86 37.47 -0.82
N PHE C 562 20.14 36.45 -1.61
CA PHE C 562 19.12 35.52 -2.03
C PHE C 562 18.98 34.32 -1.09
N GLN C 563 19.88 34.16 -0.12
CA GLN C 563 19.86 33.00 0.75
C GLN C 563 18.93 33.22 1.93
N GLN C 564 18.10 32.22 2.22
CA GLN C 564 17.00 32.38 3.16
C GLN C 564 17.18 31.65 4.47
N PHE C 565 18.03 30.63 4.52
CA PHE C 565 18.35 29.97 5.77
C PHE C 565 19.61 29.15 5.59
N GLY C 566 20.27 28.87 6.71
CA GLY C 566 21.52 28.14 6.71
C GLY C 566 21.36 26.77 7.35
N ARG C 567 22.27 25.88 6.96
CA ARG C 567 22.33 24.57 7.60
C ARG C 567 23.78 24.11 7.59
N ASP C 568 24.09 23.23 8.53
CA ASP C 568 25.45 22.79 8.79
C ASP C 568 25.67 21.39 8.22
N ILE C 569 26.83 20.83 8.55
CA ILE C 569 27.12 19.43 8.24
C ILE C 569 26.08 18.60 8.96
N ALA C 570 25.75 17.43 8.40
CA ALA C 570 24.65 16.58 8.85
C ALA C 570 23.30 17.18 8.46
N ASP C 571 23.33 18.34 7.82
CA ASP C 571 22.13 18.99 7.28
C ASP C 571 21.04 19.17 8.33
N THR C 572 21.35 19.92 9.37
CA THR C 572 20.35 20.43 10.30
C THR C 572 20.32 21.94 10.16
N THR C 573 19.14 22.53 10.30
CA THR C 573 19.02 23.98 10.20
C THR C 573 19.57 24.62 11.46
N ASP C 574 20.54 25.51 11.29
CA ASP C 574 21.15 26.15 12.45
C ASP C 574 21.11 27.67 12.35
N ALA C 575 20.51 28.20 11.30
CA ALA C 575 20.28 29.63 11.17
C ALA C 575 19.03 29.85 10.32
N VAL C 576 18.55 31.08 10.30
CA VAL C 576 17.38 31.41 9.50
C VAL C 576 17.39 32.91 9.27
N ARG C 577 16.67 33.34 8.25
CA ARG C 577 16.44 34.77 7.99
C ARG C 577 14.97 35.06 8.22
N ASP C 578 14.68 36.12 8.95
CA ASP C 578 13.26 36.29 9.08
C ASP C 578 12.73 37.27 8.03
N PRO C 579 11.57 37.01 7.47
CA PRO C 579 11.18 37.67 6.23
C PRO C 579 10.66 39.09 6.37
N GLN C 580 10.85 39.74 7.52
CA GLN C 580 10.43 41.12 7.68
C GLN C 580 11.52 42.04 8.16
N THR C 581 12.39 41.61 9.07
CA THR C 581 13.49 42.45 9.50
C THR C 581 14.68 42.36 8.56
N LEU C 582 14.82 41.23 7.85
CA LEU C 582 15.99 40.89 7.04
C LEU C 582 17.20 40.74 7.94
N GLU C 583 17.02 40.05 9.06
CA GLU C 583 18.09 39.75 9.99
C GLU C 583 18.20 38.24 10.13
N ILE C 584 19.41 37.74 10.27
CA ILE C 584 19.60 36.30 10.41
C ILE C 584 19.79 35.96 11.88
N LEU C 585 19.22 34.83 12.27
CA LEU C 585 19.12 34.40 13.66
C LEU C 585 19.68 32.99 13.78
N ASP C 586 20.46 32.78 14.84
CA ASP C 586 20.94 31.47 15.21
C ASP C 586 19.84 30.67 15.88
N ILE C 587 19.83 29.37 15.61
CA ILE C 587 18.88 28.44 16.18
C ILE C 587 19.67 27.45 17.03
N THR C 588 19.26 27.28 18.28
CA THR C 588 19.93 26.35 19.18
C THR C 588 18.90 25.43 19.81
N PRO C 589 19.18 24.07 19.76
CA PRO C 589 18.14 23.21 20.38
C PRO C 589 17.91 23.57 21.84
N CYS C 590 16.69 23.36 22.32
CA CYS C 590 16.34 23.64 23.71
C CYS C 590 16.86 22.55 24.64
N SER C 591 17.76 22.95 25.54
CA SER C 591 18.36 22.04 26.53
C SER C 591 17.62 20.76 26.85
N PHE C 592 18.38 19.68 26.94
CA PHE C 592 17.86 18.35 27.28
C PHE C 592 19.02 17.57 27.90
N GLY C 593 18.73 16.40 28.43
CA GLY C 593 19.79 15.63 29.05
C GLY C 593 19.22 14.45 29.79
N GLY C 594 20.10 13.75 30.49
CA GLY C 594 19.70 12.65 31.34
C GLY C 594 19.71 13.08 32.79
N VAL C 595 19.09 12.26 33.62
CA VAL C 595 19.02 12.49 35.05
C VAL C 595 19.52 11.24 35.74
N SER C 596 20.52 11.39 36.59
CA SER C 596 21.03 10.26 37.35
C SER C 596 20.87 10.55 38.83
N VAL C 597 20.57 9.52 39.61
CA VAL C 597 20.49 9.68 41.05
C VAL C 597 21.63 8.93 41.71
N ILE C 598 22.28 9.61 42.65
CA ILE C 598 23.40 9.10 43.39
C ILE C 598 22.86 8.65 44.74
N THR C 599 22.98 7.36 45.02
CA THR C 599 22.45 6.71 46.21
C THR C 599 23.59 6.16 47.04
N PRO C 600 23.64 6.42 48.33
CA PRO C 600 24.66 5.80 49.18
C PRO C 600 24.30 4.37 49.56
N GLY C 601 23.32 3.80 48.89
CA GLY C 601 22.80 2.49 49.24
C GLY C 601 21.58 2.62 50.12
N THR C 602 20.47 1.98 49.76
CA THR C 602 19.25 2.09 50.55
C THR C 602 19.38 1.40 51.90
N ASN C 603 20.35 0.50 52.04
CA ASN C 603 20.66 -0.19 53.29
C ASN C 603 21.48 0.66 54.23
N THR C 604 21.71 1.92 53.89
CA THR C 604 22.53 2.81 54.70
C THR C 604 21.79 4.11 54.97
N SER C 605 20.94 4.53 54.03
CA SER C 605 20.26 5.80 54.14
C SER C 605 19.13 5.84 53.12
N ASN C 606 18.40 6.95 53.12
CA ASN C 606 17.40 7.25 52.11
C ASN C 606 17.72 8.54 51.37
N GLN C 607 18.83 9.19 51.71
CA GLN C 607 19.25 10.40 51.03
C GLN C 607 19.73 10.10 49.62
N VAL C 608 19.54 11.05 48.72
CA VAL C 608 20.00 10.91 47.35
C VAL C 608 20.51 12.27 46.88
N ALA C 609 21.36 12.25 45.88
CA ALA C 609 21.71 13.44 45.11
C ALA C 609 21.32 13.23 43.66
N VAL C 610 21.21 14.31 42.90
CA VAL C 610 20.75 14.22 41.53
C VAL C 610 21.70 14.97 40.62
N LEU C 611 22.08 14.34 39.52
CA LEU C 611 22.89 14.97 38.49
C LEU C 611 22.05 15.16 37.23
N TYR C 612 22.07 16.36 36.71
CA TYR C 612 21.44 16.72 35.44
C TYR C 612 22.57 16.85 34.45
N GLN C 613 22.63 15.91 33.51
CA GLN C 613 23.84 15.75 32.71
C GLN C 613 23.98 16.84 31.66
N ASP C 614 25.17 17.43 31.60
CA ASP C 614 25.55 18.54 30.73
C ASP C 614 24.45 19.60 30.59
N VAL C 615 23.95 20.04 31.74
CA VAL C 615 22.99 21.13 31.79
C VAL C 615 23.53 22.18 32.74
N ASN C 616 23.45 23.43 32.32
CA ASN C 616 23.79 24.53 33.22
C ASN C 616 22.80 24.59 34.36
N CYS C 617 23.28 25.04 35.52
CA CYS C 617 22.48 24.94 36.73
C CYS C 617 21.27 25.87 36.72
N THR C 618 21.30 26.93 35.91
CA THR C 618 20.20 27.91 35.91
C THR C 618 18.90 27.31 35.40
N GLU C 619 18.97 26.30 34.55
CA GLU C 619 17.79 25.80 33.84
C GLU C 619 17.10 24.64 34.56
N VAL C 620 17.31 24.48 35.85
CA VAL C 620 16.60 23.45 36.58
C VAL C 620 15.82 24.10 37.72
N ASN C 641 24.87 22.83 48.34
CA ASN C 641 23.55 22.71 47.74
C ASN C 641 23.62 22.39 46.26
N VAL C 642 23.87 23.41 45.44
CA VAL C 642 23.85 23.32 43.99
C VAL C 642 25.26 23.56 43.50
N PHE C 643 25.79 22.64 42.70
CA PHE C 643 27.21 22.65 42.36
C PHE C 643 27.37 22.32 40.89
N GLN C 644 28.21 23.09 40.19
CA GLN C 644 28.37 22.92 38.76
C GLN C 644 29.66 22.15 38.48
N THR C 645 29.53 20.96 37.92
CA THR C 645 30.65 20.18 37.46
C THR C 645 30.78 20.32 35.96
N ARG C 646 31.70 19.57 35.38
CA ARG C 646 31.79 19.45 33.94
C ARG C 646 30.93 18.31 33.42
N ALA C 647 30.48 17.42 34.31
CA ALA C 647 29.53 16.38 33.97
C ALA C 647 28.08 16.86 33.98
N GLY C 648 27.82 18.08 34.46
CA GLY C 648 26.47 18.58 34.58
C GLY C 648 26.24 19.32 35.87
N CYS C 649 24.98 19.51 36.25
CA CYS C 649 24.63 20.24 37.46
C CYS C 649 24.22 19.24 38.53
N LEU C 650 24.78 19.39 39.72
CA LEU C 650 24.62 18.40 40.77
C LEU C 650 23.91 19.06 41.96
N ILE C 651 22.79 18.48 42.39
CA ILE C 651 21.94 19.03 43.44
C ILE C 651 21.83 18.02 44.57
N GLY C 652 22.04 18.49 45.79
CA GLY C 652 21.91 17.66 46.97
C GLY C 652 23.19 17.10 47.53
N ALA C 653 24.34 17.61 47.13
CA ALA C 653 25.64 17.15 47.59
C ALA C 653 26.51 18.37 47.89
N GLU C 654 27.23 18.30 48.99
CA GLU C 654 28.12 19.38 49.41
C GLU C 654 29.49 19.19 48.79
N HIS C 655 30.09 20.29 48.35
CA HIS C 655 31.41 20.24 47.74
C HIS C 655 32.46 20.52 48.80
N VAL C 656 33.10 19.46 49.28
CA VAL C 656 34.22 19.56 50.22
C VAL C 656 35.52 19.85 49.48
N ASN C 657 36.58 20.14 50.22
CA ASN C 657 37.87 20.50 49.64
C ASN C 657 38.93 19.43 49.75
N ASN C 658 38.68 18.34 50.47
CA ASN C 658 39.66 17.29 50.60
C ASN C 658 39.48 16.26 49.49
N SER C 659 40.50 15.44 49.30
CA SER C 659 40.52 14.46 48.23
C SER C 659 40.61 13.07 48.82
N TYR C 660 39.62 12.25 48.56
CA TYR C 660 39.66 10.85 48.95
C TYR C 660 39.80 9.97 47.72
N GLU C 661 39.89 8.68 47.97
CA GLU C 661 39.75 7.70 46.90
C GLU C 661 38.36 7.79 46.32
N CYS C 662 38.22 7.41 45.05
CA CYS C 662 36.92 7.52 44.42
C CYS C 662 35.97 6.47 44.98
N ASP C 663 34.73 6.89 45.23
CA ASP C 663 33.71 6.00 45.79
C ASP C 663 32.59 5.76 44.79
N ILE C 664 31.89 6.81 44.36
CA ILE C 664 30.94 6.74 43.26
C ILE C 664 31.41 7.70 42.18
N PRO C 665 31.69 7.25 40.98
CA PRO C 665 32.20 8.15 39.95
C PRO C 665 31.12 9.05 39.40
N ILE C 666 31.34 10.35 39.51
CA ILE C 666 30.49 11.34 38.86
C ILE C 666 30.98 11.65 37.47
N GLY C 667 32.26 11.92 37.32
CA GLY C 667 32.83 12.12 36.00
C GLY C 667 33.72 13.34 36.00
N ALA C 668 34.54 13.44 34.96
CA ALA C 668 35.48 14.55 34.76
C ALA C 668 36.30 14.84 36.00
N GLY C 669 36.60 13.81 36.80
CA GLY C 669 37.45 13.95 37.94
C GLY C 669 36.75 14.06 39.27
N ILE C 670 35.42 14.07 39.29
CA ILE C 670 34.65 14.26 40.51
C ILE C 670 34.01 12.95 40.91
N CYS C 671 33.99 12.68 42.21
CA CYS C 671 33.37 11.52 42.82
C CYS C 671 32.52 11.98 44.01
N ALA C 672 31.66 11.10 44.47
CA ALA C 672 30.78 11.39 45.61
C ALA C 672 30.84 10.29 46.65
N SER C 673 30.48 10.62 47.89
CA SER C 673 30.49 9.64 48.97
C SER C 673 29.65 10.07 50.17
N TYR C 674 29.20 9.08 50.93
CA TYR C 674 28.39 9.31 52.13
C TYR C 674 29.29 9.40 53.35
N GLN C 675 29.56 10.61 53.81
CA GLN C 675 30.43 10.82 54.97
C GLN C 675 29.65 11.18 56.24
N THR C 676 30.29 11.94 57.11
CA THR C 676 29.67 12.37 58.36
C THR C 676 29.98 13.83 58.66
N GLN C 690 25.92 10.73 56.99
CA GLN C 690 25.47 11.93 57.69
C GLN C 690 25.21 13.03 56.67
N SER C 691 25.80 12.88 55.48
CA SER C 691 25.52 13.76 54.35
C SER C 691 26.18 13.20 53.10
N ILE C 692 25.93 13.79 51.93
CA ILE C 692 26.51 13.36 50.68
C ILE C 692 27.45 14.44 50.18
N ILE C 693 28.72 14.09 49.96
CA ILE C 693 29.74 15.05 49.61
C ILE C 693 30.33 14.70 48.25
N ALA C 694 30.84 15.73 47.58
CA ALA C 694 31.41 15.62 46.26
C ALA C 694 32.79 16.26 46.23
N TYR C 695 33.76 15.56 45.65
CA TYR C 695 35.16 15.97 45.76
C TYR C 695 35.92 15.53 44.52
N THR C 696 37.05 16.18 44.30
CA THR C 696 38.04 15.69 43.33
C THR C 696 38.77 14.48 43.90
N MET C 697 38.84 13.42 43.12
CA MET C 697 39.48 12.20 43.58
C MET C 697 40.98 12.42 43.78
N SER C 698 41.58 11.59 44.62
CA SER C 698 43.02 11.60 44.79
C SER C 698 43.61 10.36 44.14
N LEU C 699 44.79 10.54 43.55
CA LEU C 699 45.45 9.44 42.89
C LEU C 699 46.23 8.57 43.86
N GLY C 700 46.71 9.15 44.94
CA GLY C 700 47.45 8.39 45.94
C GLY C 700 48.29 9.34 46.75
N ALA C 701 48.98 8.76 47.72
CA ALA C 701 49.84 9.54 48.59
C ALA C 701 51.16 9.84 47.89
N GLU C 702 51.71 11.02 48.17
CA GLU C 702 52.93 11.42 47.51
C GLU C 702 54.16 10.84 48.18
N ASN C 703 55.26 10.79 47.44
CA ASN C 703 56.43 10.04 47.85
C ASN C 703 57.62 10.54 47.06
N SER C 704 58.60 11.11 47.75
CA SER C 704 59.89 11.39 47.17
C SER C 704 60.85 10.29 47.59
N VAL C 705 61.59 9.77 46.64
CA VAL C 705 62.57 8.73 46.88
C VAL C 705 63.90 9.40 47.12
N ALA C 706 64.62 8.95 48.15
CA ALA C 706 65.86 9.58 48.55
C ALA C 706 66.98 9.21 47.57
N TYR C 707 66.81 9.64 46.33
CA TYR C 707 67.80 9.35 45.31
C TYR C 707 69.05 10.19 45.50
N SER C 708 70.20 9.54 45.45
CA SER C 708 71.48 10.19 45.23
C SER C 708 72.36 9.23 44.46
N ASN C 709 73.56 9.66 44.12
CA ASN C 709 74.41 8.88 43.25
C ASN C 709 75.36 7.94 43.97
N ASN C 710 75.26 7.80 45.29
CA ASN C 710 76.00 6.73 45.95
C ASN C 710 75.21 6.13 47.11
N SER C 711 73.89 6.16 47.04
CA SER C 711 73.03 5.60 48.07
C SER C 711 72.24 4.42 47.53
N ILE C 712 72.06 3.40 48.37
CA ILE C 712 71.30 2.23 47.98
C ILE C 712 70.49 1.74 49.16
N ALA C 713 69.32 1.20 48.89
CA ALA C 713 68.45 0.62 49.91
C ALA C 713 68.34 -0.87 49.69
N ILE C 714 68.65 -1.63 50.74
CA ILE C 714 68.67 -3.09 50.65
C ILE C 714 67.80 -3.70 51.74
N PRO C 715 66.90 -4.62 51.42
CA PRO C 715 65.97 -5.14 52.41
C PRO C 715 66.61 -6.17 53.33
N THR C 716 66.15 -6.16 54.58
CA THR C 716 66.69 -7.04 55.60
C THR C 716 65.73 -8.14 56.01
N ASN C 717 64.52 -8.18 55.46
CA ASN C 717 63.53 -9.16 55.85
C ASN C 717 62.62 -9.37 54.65
N PHE C 718 61.62 -10.22 54.81
CA PHE C 718 60.67 -10.46 53.73
C PHE C 718 59.35 -10.88 54.33
N THR C 719 58.32 -10.84 53.51
CA THR C 719 57.04 -11.45 53.82
C THR C 719 56.65 -12.42 52.71
N ILE C 720 55.92 -13.44 53.09
CA ILE C 720 55.25 -14.34 52.16
C ILE C 720 53.82 -13.83 51.98
N SER C 721 53.43 -13.57 50.74
CA SER C 721 52.11 -13.08 50.42
C SER C 721 51.33 -14.11 49.62
N VAL C 722 50.04 -14.23 49.89
CA VAL C 722 49.14 -15.07 49.11
C VAL C 722 47.95 -14.23 48.69
N THR C 723 47.68 -14.16 47.39
CA THR C 723 46.54 -13.40 46.90
C THR C 723 45.75 -14.22 45.90
N THR C 724 44.50 -13.85 45.69
CA THR C 724 43.60 -14.58 44.82
C THR C 724 43.37 -13.87 43.50
N GLU C 725 43.00 -14.65 42.50
CA GLU C 725 42.66 -14.13 41.19
C GLU C 725 41.56 -14.99 40.61
N ILE C 726 40.49 -14.37 40.14
CA ILE C 726 39.27 -15.07 39.75
C ILE C 726 39.02 -14.86 38.26
N LEU C 727 38.69 -15.95 37.56
CA LEU C 727 38.50 -15.87 36.11
C LEU C 727 37.31 -16.70 35.63
N PRO C 728 36.40 -16.10 34.86
CA PRO C 728 35.33 -16.89 34.24
C PRO C 728 35.81 -17.76 33.10
N VAL C 729 35.40 -19.02 33.13
CA VAL C 729 35.80 -19.98 32.13
C VAL C 729 34.68 -20.32 31.16
N SER C 730 33.44 -20.27 31.60
CA SER C 730 32.34 -20.93 30.90
C SER C 730 31.07 -20.15 31.14
N MET C 731 30.07 -20.38 30.30
CA MET C 731 28.75 -19.86 30.59
C MET C 731 27.69 -20.90 30.35
N THR C 732 26.43 -20.54 30.57
CA THR C 732 25.31 -21.48 30.51
C THR C 732 24.98 -21.83 29.07
N LYS C 733 24.88 -23.11 28.78
CA LYS C 733 24.50 -23.57 27.46
C LYS C 733 22.99 -23.58 27.31
N THR C 734 22.49 -22.76 26.39
CA THR C 734 21.05 -22.65 26.19
C THR C 734 20.75 -22.86 24.73
N SER C 735 19.60 -23.44 24.47
CA SER C 735 19.10 -23.54 23.11
C SER C 735 17.68 -23.02 23.06
N VAL C 736 17.31 -22.49 21.91
CA VAL C 736 15.94 -22.08 21.65
C VAL C 736 15.50 -22.73 20.36
N ASP C 737 14.36 -23.39 20.39
CA ASP C 737 13.73 -23.78 19.14
C ASP C 737 13.11 -22.55 18.49
N CYS C 738 13.63 -22.17 17.33
CA CYS C 738 13.18 -20.95 16.68
C CYS C 738 11.71 -21.04 16.29
N THR C 739 11.23 -22.23 15.93
CA THR C 739 9.85 -22.34 15.47
C THR C 739 8.87 -22.28 16.63
N MET C 740 9.18 -22.94 17.74
CA MET C 740 8.28 -22.92 18.87
C MET C 740 8.27 -21.58 19.60
N TYR C 741 9.33 -20.80 19.49
CA TYR C 741 9.33 -19.46 20.06
C TYR C 741 8.39 -18.55 19.29
N ILE C 742 8.45 -18.60 17.97
CA ILE C 742 7.71 -17.66 17.14
C ILE C 742 6.26 -18.09 17.01
N CYS C 743 6.03 -19.36 16.69
CA CYS C 743 4.68 -19.83 16.44
C CYS C 743 4.08 -20.55 17.66
N GLY C 744 4.83 -21.49 18.22
CA GLY C 744 4.38 -22.17 19.40
C GLY C 744 3.23 -23.11 19.20
N ASP C 745 3.42 -24.18 18.42
CA ASP C 745 2.37 -25.18 18.19
C ASP C 745 1.17 -24.54 17.48
N SER C 746 1.41 -24.02 16.29
CA SER C 746 0.34 -23.51 15.44
C SER C 746 0.74 -23.68 13.99
N THR C 747 -0.01 -24.49 13.25
CA THR C 747 0.35 -24.77 11.87
C THR C 747 0.09 -23.60 10.93
N GLU C 748 -0.88 -22.75 11.22
CA GLU C 748 -1.10 -21.58 10.38
C GLU C 748 0.13 -20.68 10.39
N CYS C 749 0.77 -20.53 11.55
CA CYS C 749 1.95 -19.68 11.64
C CYS C 749 3.17 -20.36 11.03
N SER C 750 3.25 -21.68 11.17
CA SER C 750 4.44 -22.40 10.73
C SER C 750 4.62 -22.36 9.23
N ASN C 751 3.53 -22.42 8.46
CA ASN C 751 3.64 -22.40 7.01
C ASN C 751 3.98 -21.02 6.49
N LEU C 752 3.52 -19.98 7.19
CA LEU C 752 3.93 -18.63 6.88
C LEU C 752 5.38 -18.37 7.24
N LEU C 753 5.89 -19.04 8.27
CA LEU C 753 7.29 -18.91 8.63
C LEU C 753 8.21 -19.52 7.58
N LEU C 754 7.70 -20.41 6.75
CA LEU C 754 8.51 -21.03 5.72
C LEU C 754 8.85 -20.07 4.58
N GLN C 755 8.23 -18.91 4.54
CA GLN C 755 8.46 -17.97 3.46
C GLN C 755 9.67 -17.08 3.70
N TYR C 756 10.38 -17.29 4.80
CA TYR C 756 11.58 -16.53 5.10
C TYR C 756 12.85 -17.34 4.90
N GLY C 757 12.73 -18.61 4.60
CA GLY C 757 13.88 -19.41 4.25
C GLY C 757 14.54 -20.05 5.45
N SER C 758 15.84 -19.84 5.56
CA SER C 758 16.67 -20.56 6.53
C SER C 758 17.06 -19.68 7.71
N PHE C 759 16.15 -18.85 8.22
CA PHE C 759 16.48 -18.02 9.38
C PHE C 759 16.60 -18.87 10.65
N CYS C 760 15.69 -19.81 10.84
CA CYS C 760 15.72 -20.59 12.07
C CYS C 760 16.83 -21.62 12.06
N THR C 761 17.16 -22.16 10.89
CA THR C 761 18.29 -23.05 10.79
C THR C 761 19.58 -22.31 11.14
N GLN C 762 19.71 -21.10 10.64
CA GLN C 762 20.86 -20.25 10.98
C GLN C 762 20.93 -19.98 12.47
N LEU C 763 19.79 -19.63 13.08
CA LEU C 763 19.79 -19.31 14.50
C LEU C 763 20.16 -20.51 15.35
N ASN C 764 19.61 -21.67 15.06
CA ASN C 764 19.98 -22.85 15.83
C ASN C 764 21.44 -23.22 15.62
N ARG C 765 21.95 -23.08 14.40
CA ARG C 765 23.36 -23.36 14.16
C ARG C 765 24.27 -22.41 14.91
N ALA C 766 23.90 -21.13 15.01
CA ALA C 766 24.70 -20.20 15.78
C ALA C 766 24.69 -20.53 17.26
N LEU C 767 23.53 -20.84 17.81
CA LEU C 767 23.45 -21.12 19.24
C LEU C 767 24.10 -22.43 19.63
N THR C 768 24.13 -23.41 18.74
CA THR C 768 24.74 -24.70 19.05
C THR C 768 26.25 -24.64 19.03
N GLY C 769 26.81 -23.83 18.13
CA GLY C 769 28.24 -23.67 18.06
C GLY C 769 28.84 -23.01 19.27
N ILE C 770 28.08 -22.20 19.99
CA ILE C 770 28.60 -21.59 21.21
C ILE C 770 28.28 -22.43 22.43
N ALA C 771 27.45 -23.45 22.30
CA ALA C 771 27.31 -24.44 23.36
C ALA C 771 28.40 -25.49 23.26
N VAL C 772 28.89 -25.75 22.05
CA VAL C 772 30.03 -26.66 21.92
C VAL C 772 31.31 -26.00 22.41
N GLU C 773 31.46 -24.70 22.19
CA GLU C 773 32.65 -23.97 22.61
C GLU C 773 32.81 -23.96 24.13
N GLN C 774 31.71 -24.08 24.87
CA GLN C 774 31.80 -23.97 26.32
C GLN C 774 32.45 -25.19 26.95
N ASP C 775 32.28 -26.37 26.36
CA ASP C 775 32.94 -27.55 26.89
C ASP C 775 34.42 -27.57 26.55
N LYS C 776 34.78 -27.10 25.36
CA LYS C 776 36.15 -26.86 24.98
C LYS C 776 36.85 -25.88 25.91
N ASN C 777 36.13 -24.84 26.34
CA ASN C 777 36.66 -23.87 27.26
C ASN C 777 37.15 -24.50 28.55
N THR C 778 36.38 -25.43 29.14
CA THR C 778 36.79 -25.96 30.43
C THR C 778 37.69 -27.18 30.28
N GLN C 779 37.62 -27.88 29.15
CA GLN C 779 38.66 -28.85 28.83
C GLN C 779 40.03 -28.20 28.70
N GLU C 780 40.10 -27.00 28.13
CA GLU C 780 41.39 -26.36 27.95
C GLU C 780 41.98 -25.80 29.23
N VAL C 781 41.17 -25.53 30.25
CA VAL C 781 41.70 -25.03 31.50
C VAL C 781 42.02 -26.18 32.45
N PHE C 782 41.14 -27.17 32.58
CA PHE C 782 41.32 -28.09 33.70
C PHE C 782 42.00 -29.40 33.34
N ALA C 783 41.79 -29.94 32.15
CA ALA C 783 42.39 -31.22 31.77
C ALA C 783 43.79 -30.99 31.17
N GLN C 784 44.66 -30.44 32.02
CA GLN C 784 46.04 -30.14 31.65
C GLN C 784 47.00 -31.14 32.27
N VAL C 785 46.48 -32.25 32.75
CA VAL C 785 47.28 -33.24 33.47
C VAL C 785 46.91 -34.61 32.95
N LYS C 786 47.92 -35.46 32.78
CA LYS C 786 47.71 -36.78 32.18
C LYS C 786 47.24 -37.81 33.20
N GLN C 787 47.86 -37.85 34.37
CA GLN C 787 47.52 -38.77 35.42
C GLN C 787 46.73 -38.06 36.51
N ILE C 788 46.02 -38.84 37.30
CA ILE C 788 45.37 -38.33 38.49
C ILE C 788 46.30 -38.62 39.66
N TYR C 789 47.09 -37.62 40.05
CA TYR C 789 48.03 -37.78 41.14
C TYR C 789 47.33 -37.65 42.49
N LYS C 790 47.83 -38.39 43.47
CA LYS C 790 47.35 -38.36 44.84
C LYS C 790 48.47 -37.97 45.79
N THR C 791 48.10 -37.30 46.87
CA THR C 791 49.07 -37.00 47.92
C THR C 791 49.23 -38.20 48.85
N PRO C 792 50.35 -38.31 49.54
CA PRO C 792 50.54 -39.40 50.48
C PRO C 792 49.64 -39.22 51.70
N PRO C 793 49.40 -40.28 52.45
CA PRO C 793 48.64 -40.11 53.70
C PRO C 793 49.40 -39.34 54.76
N ILE C 794 50.72 -39.47 54.81
CA ILE C 794 51.56 -38.77 55.77
C ILE C 794 52.05 -37.47 55.14
N LYS C 795 51.56 -36.36 55.65
CA LYS C 795 51.76 -35.06 55.02
C LYS C 795 52.90 -34.28 55.68
N ASP C 796 54.12 -34.74 55.43
CA ASP C 796 55.33 -34.09 55.95
C ASP C 796 55.86 -33.14 54.89
N PHE C 797 55.54 -31.85 55.03
CA PHE C 797 55.92 -30.87 54.02
C PHE C 797 56.76 -29.75 54.60
N GLY C 798 57.71 -30.09 55.46
CA GLY C 798 58.61 -29.10 56.01
C GLY C 798 57.96 -28.10 56.93
N GLY C 799 56.72 -28.34 57.35
CA GLY C 799 55.99 -27.42 58.19
C GLY C 799 54.84 -26.73 57.52
N PHE C 800 54.77 -26.78 56.19
CA PHE C 800 53.73 -26.09 55.44
C PHE C 800 52.44 -26.88 55.50
N ASN C 801 51.35 -26.21 55.83
CA ASN C 801 50.05 -26.82 56.08
C ASN C 801 49.13 -26.50 54.92
N PHE C 802 48.75 -27.53 54.14
CA PHE C 802 47.96 -27.37 52.94
C PHE C 802 46.53 -27.88 53.10
N SER C 803 46.01 -27.93 54.32
CA SER C 803 44.81 -28.72 54.55
C SER C 803 43.52 -28.01 54.14
N GLN C 804 43.51 -26.68 54.05
CA GLN C 804 42.33 -25.96 53.63
C GLN C 804 42.15 -25.94 52.12
N ILE C 805 43.16 -26.37 51.36
CA ILE C 805 43.05 -26.41 49.91
C ILE C 805 43.14 -27.82 49.36
N LEU C 806 43.29 -28.80 50.19
CA LEU C 806 43.30 -30.19 49.79
C LEU C 806 41.90 -30.76 49.90
N PRO C 807 41.56 -31.78 49.12
CA PRO C 807 40.21 -32.34 49.18
C PRO C 807 39.90 -32.86 50.58
N ASP C 808 38.65 -32.69 50.98
CA ASP C 808 38.17 -33.22 52.26
C ASP C 808 37.22 -34.37 52.00
N PRO C 809 37.74 -35.58 52.10
CA PRO C 809 37.00 -36.81 51.82
C PRO C 809 35.83 -37.12 52.76
N SER C 810 34.92 -36.17 52.92
CA SER C 810 33.78 -36.44 53.79
C SER C 810 32.76 -35.30 53.72
N LYS C 811 32.55 -34.78 52.52
CA LYS C 811 31.60 -33.68 52.31
C LYS C 811 30.96 -33.75 50.93
N PRO C 812 30.37 -32.67 50.46
CA PRO C 812 29.75 -32.67 49.14
C PRO C 812 30.73 -33.19 48.08
N SER C 813 30.62 -34.45 47.69
CA SER C 813 31.52 -35.03 46.71
C SER C 813 32.94 -35.15 47.26
N LYS C 814 33.70 -34.06 47.16
CA LYS C 814 35.08 -34.04 47.64
C LYS C 814 35.78 -32.76 47.24
N ARG C 815 35.44 -31.66 47.91
CA ARG C 815 36.04 -30.38 47.62
C ARG C 815 36.86 -29.96 48.81
N SER C 816 37.81 -29.08 48.56
CA SER C 816 38.56 -28.51 49.65
C SER C 816 37.63 -27.64 50.49
N PHE C 817 38.13 -27.21 51.64
CA PHE C 817 37.38 -26.27 52.46
C PHE C 817 37.19 -24.93 51.74
N ILE C 818 38.18 -24.50 50.95
CA ILE C 818 38.08 -23.23 50.25
C ILE C 818 37.09 -23.31 49.09
N GLU C 819 37.00 -24.45 48.42
CA GLU C 819 36.07 -24.58 47.30
C GLU C 819 34.62 -24.54 47.75
N ASP C 820 34.34 -24.97 48.98
CA ASP C 820 32.97 -24.92 49.50
C ASP C 820 32.51 -23.49 49.77
N LEU C 821 33.35 -22.64 50.35
CA LEU C 821 32.98 -21.25 50.43
C LEU C 821 32.71 -20.64 49.06
N LEU C 822 33.46 -21.02 48.05
CA LEU C 822 33.27 -20.44 46.73
C LEU C 822 32.00 -20.94 46.07
N PHE C 823 31.61 -22.18 46.32
CA PHE C 823 30.37 -22.69 45.78
C PHE C 823 29.15 -22.29 46.58
N ASN C 824 29.35 -21.78 47.80
CA ASN C 824 28.27 -21.15 48.53
C ASN C 824 28.18 -19.66 48.33
N LYS C 825 29.22 -19.02 47.79
CA LYS C 825 29.19 -17.58 47.61
C LYS C 825 28.42 -17.17 46.36
N VAL C 826 28.50 -17.95 45.28
CA VAL C 826 27.80 -17.63 44.05
C VAL C 826 26.43 -18.29 44.01
N LYS C 854 12.27 -23.81 31.28
CA LYS C 854 11.62 -24.53 30.21
C LYS C 854 10.22 -23.99 29.99
N PHE C 855 10.07 -23.01 29.10
CA PHE C 855 8.76 -22.43 28.92
C PHE C 855 8.23 -22.61 27.49
N ASN C 856 8.92 -22.04 26.51
CA ASN C 856 8.47 -22.19 25.14
C ASN C 856 9.69 -22.12 24.21
N GLY C 857 10.27 -23.29 23.95
CA GLY C 857 11.45 -23.41 23.13
C GLY C 857 12.75 -23.32 23.89
N LEU C 858 12.75 -22.85 25.13
CA LEU C 858 13.98 -22.53 25.83
C LEU C 858 14.45 -23.72 26.66
N THR C 859 15.73 -24.07 26.48
CA THR C 859 16.32 -25.22 27.14
C THR C 859 17.69 -24.85 27.65
N VAL C 860 18.11 -25.54 28.71
CA VAL C 860 19.46 -25.46 29.23
C VAL C 860 20.08 -26.86 29.16
N LEU C 861 21.19 -26.99 28.47
CA LEU C 861 21.92 -28.24 28.40
C LEU C 861 22.93 -28.33 29.54
N PRO C 862 23.16 -29.51 30.09
CA PRO C 862 24.13 -29.63 31.17
C PRO C 862 25.55 -29.66 30.63
N PRO C 863 26.51 -29.09 31.35
CA PRO C 863 27.91 -29.26 30.95
C PRO C 863 28.31 -30.72 30.95
N LEU C 864 29.30 -31.03 30.14
CA LEU C 864 29.76 -32.41 29.99
C LEU C 864 30.47 -32.89 31.24
N LEU C 865 31.41 -32.11 31.75
CA LEU C 865 32.07 -32.45 32.99
C LEU C 865 31.23 -31.97 34.16
N THR C 866 30.97 -32.86 35.10
CA THR C 866 30.31 -32.47 36.33
C THR C 866 31.28 -31.69 37.21
N ASP C 867 30.75 -31.07 38.26
CA ASP C 867 31.60 -30.34 39.18
C ASP C 867 32.41 -31.26 40.07
N GLU C 868 31.94 -32.47 40.30
CA GLU C 868 32.75 -33.47 40.95
C GLU C 868 33.95 -33.86 40.11
N MET C 869 33.85 -33.76 38.79
CA MET C 869 34.98 -34.08 37.93
C MET C 869 35.99 -32.95 37.85
N ILE C 870 35.51 -31.71 37.88
CA ILE C 870 36.42 -30.57 37.89
C ILE C 870 37.15 -30.47 39.21
N ALA C 871 36.48 -30.79 40.33
CA ALA C 871 37.20 -30.84 41.59
C ALA C 871 38.30 -31.89 41.59
N GLN C 872 38.06 -33.01 40.93
CA GLN C 872 39.06 -34.06 40.84
C GLN C 872 40.21 -33.72 39.92
N TYR C 873 39.98 -32.90 38.90
CA TYR C 873 41.10 -32.39 38.11
C TYR C 873 41.96 -31.42 38.91
N THR C 874 41.33 -30.45 39.58
CA THR C 874 42.13 -29.52 40.35
C THR C 874 42.81 -30.17 41.54
N SER C 875 42.32 -31.29 42.06
CA SER C 875 43.06 -31.94 43.13
C SER C 875 44.29 -32.69 42.66
N ALA C 876 44.28 -33.22 41.44
CA ALA C 876 45.47 -33.82 40.87
C ALA C 876 46.50 -32.80 40.42
N LEU C 877 46.08 -31.62 39.97
CA LEU C 877 47.05 -30.55 39.73
C LEU C 877 47.77 -30.12 41.00
N LEU C 878 47.02 -29.98 42.09
CA LEU C 878 47.57 -29.65 43.39
C LEU C 878 48.50 -30.71 43.93
N ALA C 879 48.10 -31.97 43.87
CA ALA C 879 48.98 -33.02 44.30
C ALA C 879 50.22 -33.14 43.44
N GLY C 880 50.13 -32.87 42.15
CA GLY C 880 51.30 -32.85 41.32
C GLY C 880 52.27 -31.75 41.66
N THR C 881 51.80 -30.57 42.02
CA THR C 881 52.73 -29.50 42.29
C THR C 881 53.36 -29.57 43.68
N ILE C 882 52.74 -30.27 44.62
CA ILE C 882 53.23 -30.31 45.99
C ILE C 882 54.26 -31.41 46.18
N THR C 883 54.18 -32.49 45.41
CA THR C 883 55.11 -33.60 45.59
C THR C 883 56.23 -33.56 44.57
N SER C 884 56.01 -32.90 43.44
CA SER C 884 56.86 -33.06 42.28
C SER C 884 57.41 -31.76 41.73
N GLY C 885 57.08 -30.63 42.31
CA GLY C 885 57.57 -29.37 41.78
C GLY C 885 56.99 -29.07 40.42
N TRP C 886 57.87 -28.76 39.47
CA TRP C 886 57.48 -28.41 38.12
C TRP C 886 57.82 -29.48 37.11
N THR C 887 58.03 -30.72 37.55
CA THR C 887 58.47 -31.77 36.65
C THR C 887 57.32 -32.54 36.02
N PHE C 888 56.17 -32.60 36.68
CA PHE C 888 55.04 -33.31 36.09
C PHE C 888 54.47 -32.57 34.90
N GLY C 889 54.79 -31.30 34.74
CA GLY C 889 54.32 -30.54 33.60
C GLY C 889 55.28 -30.54 32.43
N ALA C 890 56.34 -31.35 32.50
CA ALA C 890 57.32 -31.40 31.44
C ALA C 890 57.71 -32.85 31.15
N GLY C 891 56.96 -33.79 31.70
CA GLY C 891 57.28 -35.18 31.56
C GLY C 891 56.68 -36.00 32.67
N ALA C 892 57.46 -36.87 33.27
CA ALA C 892 57.02 -37.69 34.39
C ALA C 892 57.27 -36.98 35.70
N ALA C 893 56.36 -37.17 36.65
CA ALA C 893 56.49 -36.56 37.95
C ALA C 893 57.65 -37.18 38.71
N LEU C 894 58.62 -36.36 39.10
CA LEU C 894 59.74 -36.80 39.91
C LEU C 894 59.65 -36.19 41.29
N GLN C 895 59.67 -37.03 42.31
CA GLN C 895 59.49 -36.54 43.67
C GLN C 895 60.72 -35.77 44.14
N ILE C 896 60.49 -34.82 45.03
CA ILE C 896 61.52 -34.01 45.67
C ILE C 896 60.91 -33.55 46.98
N PRO C 897 61.65 -33.41 48.07
CA PRO C 897 61.05 -32.90 49.31
C PRO C 897 60.68 -31.44 49.17
N PHE C 898 59.66 -31.03 49.93
CA PHE C 898 59.01 -29.77 49.64
C PHE C 898 59.86 -28.56 50.03
N ALA C 899 60.60 -28.63 51.14
CA ALA C 899 61.52 -27.56 51.46
C ALA C 899 62.63 -27.40 50.42
N MET C 900 63.07 -28.50 49.81
CA MET C 900 64.04 -28.43 48.74
C MET C 900 63.46 -27.86 47.46
N GLN C 901 62.16 -28.02 47.25
CA GLN C 901 61.49 -27.38 46.12
C GLN C 901 61.35 -25.88 46.35
N MET C 902 61.03 -25.51 47.59
CA MET C 902 60.98 -24.12 47.99
C MET C 902 62.33 -23.45 47.86
N ALA C 903 63.42 -24.17 48.08
CA ALA C 903 64.73 -23.57 47.90
C ALA C 903 65.08 -23.34 46.43
N TYR C 904 64.76 -24.28 45.55
CA TYR C 904 64.87 -24.04 44.12
C TYR C 904 64.09 -22.81 43.71
N ARG C 905 62.89 -22.67 44.22
CA ARG C 905 62.09 -21.52 43.87
C ARG C 905 62.63 -20.21 44.40
N PHE C 906 63.23 -20.20 45.60
CA PHE C 906 63.97 -19.02 46.06
C PHE C 906 65.15 -18.70 45.15
N ASN C 907 65.89 -19.71 44.69
CA ASN C 907 66.92 -19.47 43.70
C ASN C 907 66.37 -18.81 42.45
N GLY C 908 65.18 -19.20 42.00
CA GLY C 908 64.60 -18.67 40.80
C GLY C 908 64.20 -17.21 40.87
N ILE C 909 64.23 -16.59 42.04
CA ILE C 909 63.99 -15.16 42.13
C ILE C 909 65.22 -14.39 42.58
N GLY C 910 66.36 -15.04 42.73
CA GLY C 910 67.58 -14.34 43.04
C GLY C 910 68.06 -14.36 44.48
N VAL C 911 67.50 -15.21 45.31
CA VAL C 911 67.91 -15.33 46.70
C VAL C 911 68.60 -16.66 46.88
N THR C 912 69.71 -16.68 47.62
CA THR C 912 70.38 -17.94 47.85
C THR C 912 69.54 -18.84 48.75
N GLN C 913 69.81 -20.13 48.69
CA GLN C 913 68.89 -21.07 49.31
C GLN C 913 69.17 -21.27 50.79
N ASN C 914 70.35 -20.92 51.27
CA ASN C 914 70.56 -20.84 52.69
C ASN C 914 69.60 -19.87 53.36
N VAL C 915 69.14 -18.84 52.67
CA VAL C 915 68.16 -17.92 53.24
C VAL C 915 66.84 -18.63 53.47
N LEU C 916 66.51 -19.65 52.70
CA LEU C 916 65.32 -20.44 52.98
C LEU C 916 65.58 -21.43 54.11
N TYR C 917 66.68 -22.17 54.03
CA TYR C 917 66.90 -23.21 55.02
C TYR C 917 67.14 -22.65 56.42
N GLU C 918 67.65 -21.44 56.55
CA GLU C 918 67.88 -20.86 57.85
C GLU C 918 66.67 -20.09 58.39
N ASN C 919 65.56 -20.09 57.67
CA ASN C 919 64.35 -19.38 58.06
C ASN C 919 63.11 -20.25 57.89
N GLN C 920 63.31 -21.53 57.57
CA GLN C 920 62.23 -22.43 57.23
C GLN C 920 61.01 -22.28 58.13
N LYS C 921 61.19 -22.23 59.44
CA LYS C 921 60.04 -22.20 60.34
C LYS C 921 59.28 -20.90 60.25
N LEU C 922 59.97 -19.78 60.13
CA LEU C 922 59.29 -18.50 59.97
C LEU C 922 58.58 -18.43 58.63
N ILE C 923 59.22 -18.91 57.57
CA ILE C 923 58.60 -18.88 56.25
C ILE C 923 57.33 -19.73 56.24
N ALA C 924 57.35 -20.88 56.90
CA ALA C 924 56.17 -21.72 56.95
C ALA C 924 55.07 -21.11 57.82
N ASN C 925 55.42 -20.51 58.97
CA ASN C 925 54.44 -19.76 59.75
C ASN C 925 53.78 -18.67 58.93
N GLN C 926 54.56 -17.93 58.14
CA GLN C 926 54.00 -16.85 57.35
C GLN C 926 53.08 -17.36 56.27
N PHE C 927 53.46 -18.45 55.59
CA PHE C 927 52.57 -19.03 54.60
C PHE C 927 51.27 -19.51 55.23
N ASN C 928 51.35 -20.09 56.42
CA ASN C 928 50.15 -20.61 57.07
C ASN C 928 49.20 -19.50 57.51
N SER C 929 49.73 -18.42 58.07
CA SER C 929 48.87 -17.29 58.39
C SER C 929 48.28 -16.66 57.15
N ALA C 930 49.04 -16.58 56.06
CA ALA C 930 48.51 -16.00 54.84
C ALA C 930 47.39 -16.84 54.25
N ILE C 931 47.49 -18.17 54.33
CA ILE C 931 46.42 -19.01 53.83
C ILE C 931 45.21 -18.95 54.75
N GLY C 932 45.43 -18.83 56.05
CA GLY C 932 44.32 -18.70 56.98
C GLY C 932 43.59 -17.39 56.89
N LYS C 933 44.23 -16.37 56.34
CA LYS C 933 43.56 -15.09 56.11
C LYS C 933 42.67 -15.08 54.88
N ILE C 934 42.84 -16.01 53.95
CA ILE C 934 42.05 -16.01 52.72
C ILE C 934 40.66 -16.54 53.00
N GLN C 935 40.56 -17.62 53.77
CA GLN C 935 39.27 -18.18 54.11
C GLN C 935 38.50 -17.29 55.06
N ASP C 936 39.19 -16.42 55.79
CA ASP C 936 38.49 -15.45 56.63
C ASP C 936 37.83 -14.38 55.79
N SER C 937 38.54 -13.90 54.77
CA SER C 937 37.95 -12.95 53.85
C SER C 937 36.88 -13.60 52.98
N LEU C 938 36.93 -14.91 52.80
CA LEU C 938 35.91 -15.55 51.97
C LEU C 938 34.66 -15.91 52.75
N SER C 939 34.80 -16.37 53.99
CA SER C 939 33.62 -16.66 54.80
C SER C 939 33.30 -15.49 55.72
N ALA C 944 33.84 -9.94 46.20
CA ALA C 944 34.75 -11.06 45.97
C ALA C 944 34.51 -11.71 44.61
N LEU C 945 33.41 -12.44 44.51
CA LEU C 945 33.09 -13.24 43.34
C LEU C 945 32.17 -12.51 42.37
N GLY C 946 32.23 -11.19 42.32
CA GLY C 946 31.41 -10.42 41.41
C GLY C 946 31.73 -10.62 39.95
N LYS C 947 32.97 -10.96 39.62
CA LYS C 947 33.33 -11.19 38.23
C LYS C 947 32.69 -12.45 37.68
N LEU C 948 32.25 -13.35 38.54
CA LEU C 948 31.52 -14.52 38.12
C LEU C 948 30.02 -14.30 38.18
N GLN C 949 29.55 -13.48 39.12
CA GLN C 949 28.15 -13.15 39.22
C GLN C 949 27.71 -12.25 38.08
N ASP C 950 28.61 -11.45 37.53
CA ASP C 950 28.29 -10.62 36.36
C ASP C 950 27.88 -11.45 35.15
N VAL C 951 28.54 -12.56 34.89
CA VAL C 951 28.16 -13.39 33.76
C VAL C 951 26.79 -14.01 33.98
N VAL C 952 26.55 -14.58 35.16
CA VAL C 952 25.24 -15.15 35.48
C VAL C 952 24.14 -14.10 35.32
N ASN C 953 24.37 -12.90 35.84
CA ASN C 953 23.35 -11.86 35.78
C ASN C 953 23.10 -11.39 34.35
N GLN C 954 24.15 -11.15 33.56
CA GLN C 954 23.94 -10.72 32.19
C GLN C 954 23.18 -11.75 31.37
N ASN C 955 23.46 -13.03 31.57
CA ASN C 955 22.74 -14.03 30.78
C ASN C 955 21.29 -14.15 31.21
N ALA C 956 21.01 -14.12 32.52
CA ALA C 956 19.61 -14.14 32.94
C ALA C 956 18.86 -12.90 32.47
N GLN C 957 19.53 -11.76 32.46
CA GLN C 957 18.89 -10.53 32.03
C GLN C 957 18.60 -10.54 30.53
N ALA C 958 19.37 -11.30 29.75
CA ALA C 958 19.04 -11.42 28.34
C ALA C 958 17.89 -12.40 28.10
N LEU C 959 17.90 -13.55 28.79
CA LEU C 959 16.81 -14.48 28.61
C LEU C 959 15.47 -13.91 29.07
N ASN C 960 15.47 -13.08 30.11
CA ASN C 960 14.24 -12.47 30.57
C ASN C 960 13.64 -11.53 29.53
N THR C 961 14.48 -10.73 28.88
CA THR C 961 14.00 -9.85 27.82
C THR C 961 13.45 -10.64 26.64
N LEU C 962 14.11 -11.74 26.29
CA LEU C 962 13.59 -12.57 25.21
C LEU C 962 12.22 -13.14 25.55
N VAL C 963 12.06 -13.65 26.77
CA VAL C 963 10.75 -14.15 27.19
C VAL C 963 9.72 -13.04 27.17
N LYS C 964 10.05 -11.86 27.67
CA LYS C 964 9.05 -10.82 27.82
C LYS C 964 8.64 -10.16 26.52
N GLN C 965 9.46 -10.24 25.48
CA GLN C 965 9.02 -9.71 24.19
C GLN C 965 7.92 -10.53 23.56
N LEU C 966 7.51 -11.64 24.16
CA LEU C 966 6.43 -12.44 23.63
C LEU C 966 5.06 -11.89 23.98
N SER C 967 4.99 -10.66 24.48
CA SER C 967 3.72 -10.09 24.89
C SER C 967 3.55 -8.69 24.31
N SER C 968 4.27 -8.38 23.26
CA SER C 968 4.09 -7.17 22.47
C SER C 968 3.27 -7.49 21.24
N ASN C 969 2.44 -6.53 20.83
CA ASN C 969 1.61 -6.69 19.64
C ASN C 969 2.37 -6.43 18.36
N PHE C 970 3.40 -5.60 18.40
CA PHE C 970 4.11 -5.16 17.20
C PHE C 970 3.15 -4.58 16.18
N GLY C 971 2.05 -4.00 16.66
CA GLY C 971 1.08 -3.41 15.77
C GLY C 971 -0.01 -4.33 15.27
N ALA C 972 -0.29 -5.40 15.99
CA ALA C 972 -1.39 -6.31 15.66
C ALA C 972 -2.52 -6.07 16.65
N ILE C 973 -3.59 -6.84 16.53
CA ILE C 973 -4.74 -6.67 17.39
C ILE C 973 -4.55 -7.35 18.74
N SER C 974 -3.90 -8.50 18.78
CA SER C 974 -3.67 -9.23 20.01
C SER C 974 -2.21 -9.62 20.06
N SER C 975 -1.74 -9.90 21.26
CA SER C 975 -0.41 -10.45 21.45
C SER C 975 -0.39 -11.96 21.42
N VAL C 976 -1.52 -12.60 21.63
CA VAL C 976 -1.64 -14.05 21.65
C VAL C 976 -2.19 -14.50 20.30
N LEU C 977 -1.52 -15.48 19.70
CA LEU C 977 -1.87 -15.95 18.37
C LEU C 977 -3.20 -16.67 18.31
N ASN C 978 -3.60 -17.35 19.38
CA ASN C 978 -4.87 -18.06 19.40
C ASN C 978 -6.06 -17.12 19.38
N ASP C 979 -5.90 -15.90 19.89
CA ASP C 979 -6.99 -14.94 19.85
C ASP C 979 -7.06 -14.21 18.52
N ILE C 980 -6.06 -14.35 17.67
CA ILE C 980 -6.21 -13.95 16.29
C ILE C 980 -6.80 -15.09 15.48
N LEU C 981 -6.38 -16.30 15.77
CA LEU C 981 -6.91 -17.46 15.05
C LEU C 981 -8.37 -17.74 15.37
N SER C 982 -8.82 -17.45 16.60
CA SER C 982 -10.16 -17.83 17.00
C SER C 982 -11.22 -16.90 16.44
N ARG C 983 -10.93 -15.59 16.39
CA ARG C 983 -11.91 -14.63 15.94
C ARG C 983 -11.51 -13.95 14.64
N LEU C 984 -10.82 -14.66 13.76
CA LEU C 984 -10.55 -14.15 12.43
C LEU C 984 -10.42 -15.34 11.48
N ASP C 985 -10.64 -15.09 10.21
CA ASP C 985 -10.58 -16.09 9.17
C ASP C 985 -9.32 -15.92 8.34
N PRO C 986 -8.87 -16.98 7.66
CA PRO C 986 -7.47 -17.02 7.16
C PRO C 986 -7.03 -15.76 6.44
N PRO C 987 -7.83 -15.17 5.54
CA PRO C 987 -7.32 -14.00 4.80
C PRO C 987 -6.92 -12.83 5.67
N GLU C 988 -7.62 -12.60 6.77
CA GLU C 988 -7.28 -11.49 7.65
C GLU C 988 -6.54 -11.93 8.90
N ALA C 989 -6.57 -13.22 9.22
CA ALA C 989 -5.65 -13.72 10.24
C ALA C 989 -4.22 -13.59 9.77
N GLU C 990 -3.99 -13.74 8.47
CA GLU C 990 -2.65 -13.76 7.92
C GLU C 990 -1.93 -12.43 8.08
N VAL C 991 -2.63 -11.32 7.81
CA VAL C 991 -2.03 -10.00 7.91
C VAL C 991 -1.63 -9.65 9.33
N GLN C 992 -2.40 -10.08 10.32
CA GLN C 992 -2.05 -9.90 11.71
C GLN C 992 -0.97 -10.85 12.18
N ILE C 993 -0.94 -12.08 11.66
CA ILE C 993 0.08 -13.04 12.06
C ILE C 993 1.44 -12.63 11.52
N ASP C 994 1.47 -11.96 10.37
CA ASP C 994 2.75 -11.57 9.82
C ASP C 994 3.47 -10.51 10.64
N ARG C 995 2.75 -9.60 11.29
CA ARG C 995 3.42 -8.62 12.14
C ARG C 995 4.01 -9.26 13.38
N LEU C 996 3.32 -10.25 13.95
CA LEU C 996 3.89 -10.98 15.07
C LEU C 996 5.13 -11.76 14.65
N ILE C 997 5.09 -12.39 13.48
CA ILE C 997 6.26 -13.10 12.99
C ILE C 997 7.42 -12.15 12.81
N THR C 998 7.18 -11.00 12.18
CA THR C 998 8.23 -10.02 11.99
C THR C 998 8.84 -9.53 13.31
N GLY C 999 8.02 -9.22 14.32
CA GLY C 999 8.57 -8.75 15.57
C GLY C 999 9.33 -9.81 16.33
N ARG C 1000 8.81 -11.02 16.39
CA ARG C 1000 9.46 -12.06 17.15
C ARG C 1000 10.76 -12.54 16.49
N LEU C 1001 10.81 -12.59 15.17
CA LEU C 1001 12.07 -12.89 14.50
C LEU C 1001 13.17 -11.91 14.85
N GLN C 1002 12.86 -10.62 14.85
CA GLN C 1002 13.84 -9.61 15.21
C GLN C 1002 14.29 -9.72 16.66
N SER C 1003 13.36 -9.98 17.58
CA SER C 1003 13.73 -10.26 18.96
C SER C 1003 14.76 -11.38 19.04
N LEU C 1004 14.47 -12.51 18.40
CA LEU C 1004 15.35 -13.66 18.45
C LEU C 1004 16.72 -13.39 17.85
N GLN C 1005 16.76 -12.64 16.75
CA GLN C 1005 18.04 -12.30 16.14
C GLN C 1005 18.88 -11.40 17.02
N THR C 1006 18.26 -10.45 17.70
CA THR C 1006 19.03 -9.62 18.64
C THR C 1006 19.62 -10.46 19.76
N TYR C 1007 18.83 -11.40 20.29
CA TYR C 1007 19.35 -12.28 21.33
C TYR C 1007 20.55 -13.09 20.85
N VAL C 1008 20.46 -13.65 19.66
CA VAL C 1008 21.56 -14.50 19.18
C VAL C 1008 22.82 -13.69 18.87
N THR C 1009 22.68 -12.48 18.32
CA THR C 1009 23.87 -11.68 18.06
C THR C 1009 24.56 -11.27 19.35
N GLN C 1010 23.78 -10.91 20.37
CA GLN C 1010 24.44 -10.52 21.59
C GLN C 1010 24.98 -11.71 22.37
N GLN C 1011 24.49 -12.91 22.16
CA GLN C 1011 25.17 -14.08 22.70
C GLN C 1011 26.46 -14.38 21.99
N LEU C 1012 26.53 -14.17 20.68
CA LEU C 1012 27.77 -14.41 19.96
C LEU C 1012 28.86 -13.43 20.37
N ILE C 1013 28.49 -12.20 20.70
CA ILE C 1013 29.50 -11.23 21.08
C ILE C 1013 30.02 -11.50 22.48
N ARG C 1014 29.19 -12.08 23.33
CA ARG C 1014 29.53 -12.39 24.71
C ARG C 1014 30.31 -13.70 24.86
N ALA C 1015 30.02 -14.68 24.02
CA ALA C 1015 30.81 -15.89 24.01
C ALA C 1015 32.25 -15.64 23.58
N ALA C 1016 32.49 -14.66 22.72
CA ALA C 1016 33.84 -14.33 22.31
C ALA C 1016 34.63 -13.65 23.41
N GLU C 1017 33.95 -13.00 24.34
CA GLU C 1017 34.60 -12.43 25.51
C GLU C 1017 34.90 -13.49 26.54
N ILE C 1018 34.03 -14.48 26.67
CA ILE C 1018 34.29 -15.58 27.57
C ILE C 1018 35.44 -16.45 27.06
N ARG C 1019 35.60 -16.56 25.75
CA ARG C 1019 36.70 -17.35 25.20
C ARG C 1019 38.06 -16.71 25.46
N ALA C 1020 38.15 -15.39 25.38
CA ALA C 1020 39.40 -14.73 25.70
C ALA C 1020 39.79 -14.95 27.15
N SER C 1021 38.83 -14.87 28.07
CA SER C 1021 39.05 -15.16 29.47
C SER C 1021 39.52 -16.58 29.72
N ALA C 1022 38.89 -17.56 29.09
CA ALA C 1022 39.30 -18.95 29.23
C ALA C 1022 40.65 -19.24 28.60
N ASN C 1023 41.02 -18.55 27.53
CA ASN C 1023 42.38 -18.69 27.03
C ASN C 1023 43.42 -18.10 27.97
N LEU C 1024 43.12 -16.94 28.57
CA LEU C 1024 44.01 -16.39 29.57
C LEU C 1024 44.13 -17.30 30.80
N ALA C 1025 43.04 -17.95 31.21
CA ALA C 1025 43.11 -18.84 32.36
C ALA C 1025 43.88 -20.11 32.05
N ALA C 1026 43.75 -20.63 30.82
CA ALA C 1026 44.61 -21.72 30.41
C ALA C 1026 46.09 -21.33 30.42
N THR C 1027 46.42 -20.12 29.97
CA THR C 1027 47.81 -19.70 29.96
C THR C 1027 48.37 -19.51 31.36
N LYS C 1028 47.55 -19.00 32.29
CA LYS C 1028 47.95 -18.93 33.69
C LYS C 1028 48.08 -20.28 34.36
N MET C 1029 47.24 -21.23 34.02
CA MET C 1029 47.41 -22.57 34.54
C MET C 1029 48.72 -23.19 34.09
N SER C 1030 49.12 -22.97 32.84
CA SER C 1030 50.38 -23.54 32.37
C SER C 1030 51.59 -22.81 32.95
N GLU C 1031 51.51 -21.50 33.07
CA GLU C 1031 52.69 -20.72 33.39
C GLU C 1031 52.82 -20.35 34.87
N CYS C 1032 51.74 -20.49 35.63
CA CYS C 1032 51.77 -20.17 37.05
C CYS C 1032 51.62 -21.37 37.99
N VAL C 1033 50.97 -22.44 37.52
CA VAL C 1033 50.78 -23.61 38.36
C VAL C 1033 51.76 -24.71 37.96
N LEU C 1034 52.04 -24.85 36.68
CA LEU C 1034 52.97 -25.87 36.22
C LEU C 1034 54.38 -25.33 36.02
N GLY C 1035 54.64 -24.10 36.43
CA GLY C 1035 55.98 -23.57 36.40
C GLY C 1035 56.10 -22.38 37.32
N GLN C 1036 57.28 -21.75 37.27
CA GLN C 1036 57.53 -20.49 37.94
C GLN C 1036 57.76 -19.41 36.88
N SER C 1037 57.04 -18.31 36.97
CA SER C 1037 57.07 -17.29 35.94
C SER C 1037 57.98 -16.14 36.33
N LYS C 1038 58.57 -15.51 35.32
CA LYS C 1038 59.32 -14.28 35.49
C LYS C 1038 58.61 -13.05 34.95
N ARG C 1039 57.49 -13.23 34.28
CA ARG C 1039 56.71 -12.10 33.78
C ARG C 1039 56.14 -11.29 34.95
N VAL C 1040 56.46 -10.00 34.98
CA VAL C 1040 56.07 -9.16 36.11
C VAL C 1040 54.56 -9.00 36.14
N ASP C 1041 53.97 -9.22 37.30
CA ASP C 1041 52.54 -9.08 37.52
C ASP C 1041 51.64 -10.14 36.90
N PHE C 1042 52.23 -11.10 36.19
CA PHE C 1042 51.42 -12.14 35.57
C PHE C 1042 50.81 -13.08 36.59
N CYS C 1043 51.55 -13.38 37.64
CA CYS C 1043 51.08 -14.29 38.68
C CYS C 1043 51.08 -13.63 40.06
N GLY C 1044 50.40 -12.50 40.19
CA GLY C 1044 50.33 -11.79 41.45
C GLY C 1044 51.35 -10.67 41.59
N LYS C 1045 51.25 -9.87 42.64
CA LYS C 1045 52.18 -8.77 42.88
C LYS C 1045 53.33 -9.19 43.77
N GLY C 1046 54.55 -9.14 43.22
CA GLY C 1046 55.75 -9.53 43.93
C GLY C 1046 56.44 -10.59 43.11
N TYR C 1047 57.52 -11.17 43.64
CA TYR C 1047 58.24 -12.21 42.92
C TYR C 1047 57.53 -13.54 43.07
N HIS C 1048 56.98 -14.05 41.97
CA HIS C 1048 56.21 -15.29 41.99
C HIS C 1048 57.02 -16.43 42.58
N LEU C 1049 56.44 -17.13 43.54
CA LEU C 1049 56.98 -18.40 43.99
C LEU C 1049 56.15 -19.58 43.50
N MET C 1050 54.86 -19.63 43.79
CA MET C 1050 54.06 -20.72 43.24
C MET C 1050 52.60 -20.33 43.22
N SER C 1051 51.78 -21.18 42.62
CA SER C 1051 50.34 -20.94 42.49
C SER C 1051 49.60 -22.25 42.67
N PHE C 1052 48.38 -22.15 43.20
CA PHE C 1052 47.49 -23.29 43.40
C PHE C 1052 46.12 -22.98 42.78
N PRO C 1053 45.55 -23.90 42.01
CA PRO C 1053 44.20 -23.70 41.46
C PRO C 1053 43.09 -24.22 42.36
N GLN C 1054 41.93 -23.57 42.24
CA GLN C 1054 40.71 -23.98 42.92
C GLN C 1054 39.55 -23.81 41.96
N SER C 1055 38.58 -24.69 42.02
CA SER C 1055 37.46 -24.58 41.10
C SER C 1055 36.36 -23.71 41.70
N ALA C 1056 35.67 -23.00 40.83
CA ALA C 1056 34.56 -22.13 41.19
C ALA C 1056 33.38 -22.51 40.31
N PRO C 1057 32.19 -21.97 40.59
CA PRO C 1057 31.01 -22.37 39.82
C PRO C 1057 31.10 -22.29 38.29
N HIS C 1058 31.64 -21.23 37.71
CA HIS C 1058 31.86 -21.23 36.26
C HIS C 1058 33.23 -20.66 35.94
N GLY C 1059 34.19 -20.92 36.80
CA GLY C 1059 35.46 -20.25 36.70
C GLY C 1059 36.52 -20.94 37.47
N VAL C 1060 37.56 -20.20 37.80
CA VAL C 1060 38.71 -20.75 38.49
C VAL C 1060 39.30 -19.65 39.35
N VAL C 1061 39.79 -20.03 40.53
CA VAL C 1061 40.47 -19.13 41.45
C VAL C 1061 41.92 -19.59 41.57
N PHE C 1062 42.86 -18.71 41.28
CA PHE C 1062 44.27 -18.97 41.50
C PHE C 1062 44.70 -18.33 42.81
N LEU C 1063 45.38 -19.10 43.64
CA LEU C 1063 46.05 -18.62 44.85
C LEU C 1063 47.53 -18.48 44.52
N HIS C 1064 48.00 -17.24 44.47
CA HIS C 1064 49.38 -16.92 44.11
C HIS C 1064 50.19 -16.68 45.38
N VAL C 1065 51.29 -17.39 45.53
CA VAL C 1065 52.26 -17.20 46.59
C VAL C 1065 53.47 -16.45 46.02
N THR C 1066 53.74 -15.28 46.59
CA THR C 1066 54.82 -14.41 46.17
C THR C 1066 55.69 -14.02 47.36
N TYR C 1067 56.87 -13.55 47.03
CA TYR C 1067 57.86 -13.08 47.97
C TYR C 1067 57.88 -11.55 47.90
N VAL C 1068 57.80 -10.89 49.05
CA VAL C 1068 57.75 -9.43 49.09
C VAL C 1068 58.86 -8.94 50.03
N PRO C 1069 59.86 -8.24 49.55
CA PRO C 1069 60.94 -7.78 50.44
C PRO C 1069 60.49 -6.70 51.41
N ALA C 1070 61.14 -6.64 52.57
CA ALA C 1070 60.68 -5.84 53.69
C ALA C 1070 61.84 -5.29 54.50
N GLN C 1071 61.59 -4.16 55.16
CA GLN C 1071 62.49 -3.54 56.16
C GLN C 1071 63.85 -3.20 55.55
N GLU C 1072 63.82 -2.28 54.60
CA GLU C 1072 65.01 -1.87 53.88
C GLU C 1072 65.85 -0.92 54.73
N LYS C 1073 67.16 -0.99 54.54
CA LYS C 1073 68.10 -0.09 55.16
C LYS C 1073 68.91 0.64 54.11
N ASN C 1074 69.47 1.78 54.52
CA ASN C 1074 70.31 2.66 53.72
C ASN C 1074 71.78 2.24 53.79
N PHE C 1075 72.48 2.37 52.68
CA PHE C 1075 73.91 2.10 52.62
C PHE C 1075 74.54 3.00 51.56
N THR C 1076 75.87 3.06 51.60
CA THR C 1076 76.68 3.71 50.59
C THR C 1076 77.18 2.66 49.61
N THR C 1077 77.18 2.98 48.32
CA THR C 1077 77.58 2.05 47.27
C THR C 1077 78.77 2.60 46.48
N ALA C 1078 79.39 1.71 45.72
CA ALA C 1078 80.42 2.04 44.76
C ALA C 1078 80.33 1.06 43.61
N PRO C 1079 80.60 1.51 42.38
CA PRO C 1079 80.61 0.59 41.24
C PRO C 1079 81.72 -0.45 41.31
N ALA C 1080 82.91 -0.07 41.72
CA ALA C 1080 84.07 -0.94 41.67
C ALA C 1080 84.96 -0.61 42.85
N ILE C 1081 85.86 -1.53 43.17
CA ILE C 1081 86.90 -1.32 44.19
C ILE C 1081 88.22 -1.14 43.47
N CYS C 1082 89.10 -0.31 44.00
CA CYS C 1082 90.44 -0.21 43.46
C CYS C 1082 91.44 -0.80 44.44
N HIS C 1083 92.25 -1.72 43.94
CA HIS C 1083 93.27 -2.37 44.77
C HIS C 1083 94.44 -2.76 43.88
N ASP C 1084 95.64 -2.34 44.26
CA ASP C 1084 96.86 -2.63 43.50
C ASP C 1084 96.78 -2.09 42.08
N GLY C 1085 96.16 -0.93 41.90
CA GLY C 1085 95.98 -0.42 40.57
C GLY C 1085 95.08 -1.24 39.69
N LYS C 1086 94.13 -1.97 40.26
CA LYS C 1086 93.21 -2.80 39.50
C LYS C 1086 91.78 -2.50 39.94
N ALA C 1087 90.86 -2.63 39.00
CA ALA C 1087 89.43 -2.43 39.25
C ALA C 1087 88.76 -3.76 39.48
N HIS C 1088 88.01 -3.87 40.57
CA HIS C 1088 87.36 -5.11 40.97
C HIS C 1088 85.86 -4.89 40.95
N PHE C 1089 85.15 -5.82 40.37
CA PHE C 1089 83.71 -5.82 40.24
C PHE C 1089 83.13 -7.02 40.95
N PRO C 1090 81.95 -6.92 41.52
CA PRO C 1090 81.35 -8.08 42.17
C PRO C 1090 80.86 -9.11 41.17
N ARG C 1091 81.00 -10.37 41.55
CA ARG C 1091 80.50 -11.44 40.69
C ARG C 1091 78.99 -11.47 40.67
N GLU C 1092 78.34 -11.43 41.83
CA GLU C 1092 76.90 -11.36 41.90
C GLU C 1092 76.53 -10.64 43.20
N GLY C 1093 76.30 -9.35 43.12
CA GLY C 1093 75.96 -8.60 44.30
C GLY C 1093 76.31 -7.15 44.13
N VAL C 1094 76.42 -6.46 45.25
CA VAL C 1094 76.78 -5.06 45.30
C VAL C 1094 77.76 -4.85 46.43
N PHE C 1095 78.65 -3.89 46.23
CA PHE C 1095 79.51 -3.39 47.30
C PHE C 1095 78.73 -2.40 48.13
N VAL C 1096 78.71 -2.60 49.44
CA VAL C 1096 78.00 -1.71 50.35
C VAL C 1096 78.91 -1.33 51.51
N SER C 1097 78.66 -0.16 52.08
CA SER C 1097 79.41 0.29 53.24
C SER C 1097 78.47 0.56 54.39
N ASN C 1098 78.81 0.09 55.59
CA ASN C 1098 78.03 0.43 56.77
C ASN C 1098 78.45 1.74 57.40
N GLY C 1099 79.29 2.51 56.72
CA GLY C 1099 79.88 3.71 57.27
C GLY C 1099 81.38 3.64 57.42
N THR C 1100 81.95 2.47 57.71
CA THR C 1100 83.38 2.38 57.92
C THR C 1100 84.01 1.20 57.18
N HIS C 1101 83.21 0.20 56.85
CA HIS C 1101 83.69 -1.05 56.27
C HIS C 1101 82.93 -1.38 55.01
N TRP C 1102 83.60 -2.04 54.06
CA TRP C 1102 83.02 -2.41 52.78
C TRP C 1102 82.77 -3.91 52.72
N PHE C 1103 81.61 -4.28 52.20
CA PHE C 1103 81.18 -5.66 52.09
C PHE C 1103 80.60 -5.89 50.70
N VAL C 1104 80.41 -7.15 50.34
CA VAL C 1104 79.59 -7.55 49.20
C VAL C 1104 78.33 -8.17 49.77
N THR C 1105 77.20 -7.91 49.15
CA THR C 1105 75.95 -8.53 49.54
C THR C 1105 75.19 -8.90 48.29
N GLN C 1106 74.32 -9.90 48.41
CA GLN C 1106 73.36 -10.16 47.36
C GLN C 1106 72.28 -9.10 47.37
N ARG C 1107 71.70 -8.85 46.20
CA ARG C 1107 70.95 -7.62 45.99
C ARG C 1107 69.57 -7.60 46.61
N ASN C 1108 69.01 -8.73 47.00
CA ASN C 1108 67.64 -8.78 47.48
C ASN C 1108 67.53 -9.08 48.97
N PHE C 1109 68.61 -9.48 49.60
CA PHE C 1109 68.61 -9.81 51.01
C PHE C 1109 69.93 -9.32 51.55
N TYR C 1110 69.91 -8.65 52.69
CA TYR C 1110 71.14 -8.10 53.24
C TYR C 1110 71.88 -9.20 53.98
N GLU C 1111 73.07 -9.53 53.50
CA GLU C 1111 73.88 -10.59 54.08
C GLU C 1111 75.34 -10.30 53.76
N PRO C 1112 75.97 -9.42 54.54
CA PRO C 1112 77.28 -8.87 54.17
C PRO C 1112 78.44 -9.83 54.35
N GLN C 1113 79.36 -9.82 53.39
CA GLN C 1113 80.53 -10.68 53.42
C GLN C 1113 81.76 -9.88 53.06
N ILE C 1114 82.91 -10.46 53.36
CA ILE C 1114 84.19 -9.82 53.06
C ILE C 1114 84.43 -9.84 51.56
N ILE C 1115 85.09 -8.80 51.07
CA ILE C 1115 85.47 -8.70 49.67
C ILE C 1115 86.77 -9.46 49.47
N THR C 1116 86.70 -10.56 48.74
CA THR C 1116 87.87 -11.38 48.46
C THR C 1116 88.01 -11.57 46.96
N THR C 1117 89.05 -12.28 46.56
CA THR C 1117 89.28 -12.59 45.15
C THR C 1117 88.40 -13.70 44.65
N ASP C 1118 87.50 -14.22 45.49
CA ASP C 1118 86.58 -15.28 45.10
C ASP C 1118 85.17 -14.78 44.83
N ASN C 1119 84.81 -13.59 45.28
CA ASN C 1119 83.51 -13.03 44.93
C ASN C 1119 83.62 -11.81 44.02
N THR C 1120 84.81 -11.50 43.52
CA THR C 1120 85.01 -10.39 42.60
C THR C 1120 85.71 -10.91 41.36
N PHE C 1121 85.78 -10.06 40.34
CA PHE C 1121 86.67 -10.26 39.20
C PHE C 1121 87.31 -8.94 38.82
N VAL C 1122 88.37 -9.01 38.05
CA VAL C 1122 89.19 -7.84 37.72
C VAL C 1122 88.99 -7.47 36.27
N SER C 1123 88.98 -6.17 35.98
CA SER C 1123 88.99 -5.70 34.60
C SER C 1123 89.52 -4.27 34.57
N GLY C 1124 90.78 -4.12 34.20
CA GLY C 1124 91.35 -2.81 33.88
C GLY C 1124 92.05 -2.14 35.03
N ASN C 1125 92.22 -0.83 34.86
CA ASN C 1125 92.76 0.06 35.87
C ASN C 1125 91.65 0.77 36.62
N CYS C 1126 92.00 1.36 37.76
CA CYS C 1126 91.04 2.17 38.50
C CYS C 1126 91.20 3.65 38.13
N ASP C 1127 91.08 3.93 36.84
CA ASP C 1127 91.15 5.32 36.38
C ASP C 1127 90.19 5.62 35.25
N VAL C 1128 89.27 4.70 34.96
CA VAL C 1128 88.37 4.87 33.83
C VAL C 1128 86.92 4.86 34.30
N VAL C 1129 86.64 4.16 35.37
CA VAL C 1129 85.27 4.01 35.86
C VAL C 1129 84.97 5.14 36.83
N ILE C 1130 83.76 5.68 36.75
CA ILE C 1130 83.37 6.88 37.49
C ILE C 1130 82.79 6.45 38.83
N GLY C 1131 83.57 6.62 39.89
CA GLY C 1131 83.11 6.30 41.22
C GLY C 1131 83.84 5.18 41.94
N ILE C 1132 84.99 4.73 41.44
CA ILE C 1132 85.81 3.75 42.15
C ILE C 1132 86.12 4.26 43.54
N VAL C 1133 86.15 3.37 44.52
CA VAL C 1133 86.67 3.68 45.84
C VAL C 1133 87.82 2.75 46.15
N ASN C 1134 88.70 3.22 47.04
CA ASN C 1134 89.87 2.46 47.44
C ASN C 1134 89.63 1.57 48.65
N ASN C 1135 89.91 0.29 48.51
CA ASN C 1135 89.75 -0.65 49.59
C ASN C 1135 90.57 -1.88 49.25
N THR C 1136 90.66 -2.82 50.18
CA THR C 1136 91.52 -3.96 50.03
C THR C 1136 90.72 -5.20 49.70
N VAL C 1137 91.25 -6.00 48.78
CA VAL C 1137 90.62 -7.24 48.35
C VAL C 1137 91.46 -8.37 48.91
N TYR C 1138 90.90 -9.10 49.85
CA TYR C 1138 91.65 -10.08 50.62
C TYR C 1138 91.82 -11.35 49.80
N ASP C 1139 93.06 -11.83 49.69
CA ASP C 1139 93.35 -13.08 49.02
C ASP C 1139 93.52 -14.18 50.06
N PRO C 1140 92.74 -15.26 50.01
CA PRO C 1140 92.84 -16.30 51.04
C PRO C 1140 94.10 -17.14 50.97
N LEU C 1141 94.59 -17.36 49.75
CA LEU C 1141 95.72 -18.24 49.54
C LEU C 1141 96.95 -17.80 50.28
N GLN C 1142 97.16 -16.49 50.42
CA GLN C 1142 98.42 -16.04 50.99
C GLN C 1142 98.50 -16.40 52.47
N PRO C 1143 97.53 -16.04 53.30
CA PRO C 1143 97.55 -16.55 54.68
C PRO C 1143 97.36 -18.05 54.75
N GLU C 1144 96.91 -18.69 53.66
CA GLU C 1144 96.90 -20.15 53.66
C GLU C 1144 98.31 -20.71 53.66
N LEU C 1145 99.08 -20.41 52.62
CA LEU C 1145 100.42 -20.94 52.51
C LEU C 1145 101.46 -20.12 53.25
N ASP C 1146 101.06 -18.99 53.85
CA ASP C 1146 101.97 -18.09 54.54
C ASP C 1146 103.08 -17.61 53.61
N GLN D 1 -38.81 -5.12 -71.99
CA GLN D 1 -38.51 -6.20 -71.04
C GLN D 1 -39.78 -6.73 -70.39
N VAL D 2 -39.62 -7.39 -69.24
CA VAL D 2 -40.65 -8.24 -68.66
C VAL D 2 -42.00 -7.56 -68.70
N GLN D 3 -42.97 -8.22 -69.29
CA GLN D 3 -44.31 -7.67 -69.39
C GLN D 3 -45.27 -8.80 -69.73
N LEU D 4 -46.40 -8.82 -69.04
CA LEU D 4 -47.37 -9.90 -69.13
C LEU D 4 -48.66 -9.34 -69.71
N VAL D 5 -49.12 -9.92 -70.80
CA VAL D 5 -50.38 -9.52 -71.43
C VAL D 5 -51.39 -10.63 -71.19
N GLU D 6 -52.66 -10.27 -71.14
CA GLU D 6 -53.71 -11.25 -70.87
C GLU D 6 -54.86 -11.10 -71.85
N SER D 7 -55.63 -12.16 -71.99
CA SER D 7 -56.79 -12.12 -72.87
C SER D 7 -57.74 -13.24 -72.50
N GLY D 8 -58.92 -13.21 -73.10
CA GLY D 8 -59.95 -14.20 -72.87
C GLY D 8 -61.19 -13.65 -72.22
N GLY D 9 -61.16 -12.42 -71.71
CA GLY D 9 -62.30 -11.86 -71.03
C GLY D 9 -63.51 -11.71 -71.93
N GLY D 10 -64.62 -11.31 -71.32
CA GLY D 10 -65.84 -11.13 -72.06
C GLY D 10 -67.08 -11.27 -71.19
N VAL D 11 -68.20 -11.60 -71.81
CA VAL D 11 -69.49 -11.69 -71.12
C VAL D 11 -70.14 -13.02 -71.45
N VAL D 12 -70.53 -13.76 -70.42
CA VAL D 12 -71.19 -15.04 -70.59
C VAL D 12 -72.33 -15.13 -69.58
N GLN D 13 -73.23 -16.06 -69.82
CA GLN D 13 -74.27 -16.34 -68.87
C GLN D 13 -73.83 -17.44 -67.92
N PRO D 14 -74.37 -17.51 -66.72
CA PRO D 14 -73.87 -18.48 -65.74
C PRO D 14 -74.01 -19.91 -66.25
N GLY D 15 -73.21 -20.78 -65.66
CA GLY D 15 -73.23 -22.18 -66.01
C GLY D 15 -72.31 -22.56 -67.14
N ARG D 16 -71.97 -21.62 -68.02
CA ARG D 16 -71.11 -21.92 -69.14
C ARG D 16 -69.67 -22.00 -68.65
N SER D 17 -68.71 -21.99 -69.57
CA SER D 17 -67.30 -22.11 -69.21
C SER D 17 -66.47 -21.19 -70.08
N LEU D 18 -65.28 -20.87 -69.57
CA LEU D 18 -64.43 -19.85 -70.16
C LEU D 18 -62.99 -20.22 -69.86
N ARG D 19 -62.06 -19.68 -70.64
CA ARG D 19 -60.65 -19.85 -70.33
C ARG D 19 -59.89 -18.59 -70.66
N LEU D 20 -58.92 -18.29 -69.81
CA LEU D 20 -58.12 -17.08 -69.88
C LEU D 20 -56.67 -17.45 -70.16
N SER D 21 -56.00 -16.59 -70.92
CA SER D 21 -54.64 -16.84 -71.37
C SER D 21 -53.78 -15.66 -70.98
N CYS D 22 -52.73 -15.91 -70.21
CA CYS D 22 -51.77 -14.88 -69.84
C CYS D 22 -50.47 -15.23 -70.54
N ALA D 23 -50.12 -14.43 -71.55
CA ALA D 23 -48.91 -14.62 -72.33
C ALA D 23 -47.81 -13.75 -71.74
N ALA D 24 -46.69 -14.37 -71.40
CA ALA D 24 -45.57 -13.63 -70.84
C ALA D 24 -44.59 -13.23 -71.94
N SER D 25 -43.51 -12.59 -71.53
CA SER D 25 -42.42 -12.23 -72.42
C SER D 25 -41.29 -11.67 -71.56
N GLY D 26 -40.17 -11.37 -72.18
CA GLY D 26 -39.10 -10.76 -71.42
C GLY D 26 -38.27 -11.79 -70.68
N PHE D 27 -38.59 -12.00 -69.42
CA PHE D 27 -37.87 -12.93 -68.56
C PHE D 27 -38.01 -14.35 -69.10
N THR D 28 -37.33 -15.29 -68.45
CA THR D 28 -37.47 -16.70 -68.82
C THR D 28 -38.62 -17.33 -68.06
N PHE D 29 -39.69 -17.61 -68.78
CA PHE D 29 -40.97 -17.95 -68.16
C PHE D 29 -40.87 -19.09 -67.17
N SER D 30 -40.14 -20.14 -67.49
CA SER D 30 -40.28 -21.40 -66.77
C SER D 30 -39.43 -21.45 -65.52
N SER D 31 -39.06 -20.31 -64.97
CA SER D 31 -38.27 -20.29 -63.75
C SER D 31 -39.03 -19.70 -62.57
N TYR D 32 -40.30 -19.37 -62.71
CA TYR D 32 -41.00 -18.63 -61.69
C TYR D 32 -42.36 -19.25 -61.42
N GLY D 33 -42.93 -18.88 -60.28
CA GLY D 33 -44.28 -19.28 -59.92
C GLY D 33 -45.25 -18.19 -60.29
N MET D 34 -46.44 -18.60 -60.72
CA MET D 34 -47.40 -17.66 -61.26
C MET D 34 -48.74 -17.79 -60.56
N HIS D 35 -49.40 -16.65 -60.36
CA HIS D 35 -50.67 -16.61 -59.66
C HIS D 35 -51.73 -15.96 -60.53
N TRP D 36 -52.97 -16.33 -60.27
CA TRP D 36 -54.13 -15.60 -60.76
C TRP D 36 -54.81 -14.95 -59.57
N VAL D 37 -55.03 -13.64 -59.65
CA VAL D 37 -55.62 -12.85 -58.59
C VAL D 37 -56.74 -12.02 -59.18
N ARG D 38 -57.90 -12.01 -58.54
CA ARG D 38 -59.03 -11.29 -59.09
C ARG D 38 -59.47 -10.20 -58.13
N GLN D 39 -60.21 -9.23 -58.67
CA GLN D 39 -60.85 -8.23 -57.83
C GLN D 39 -62.16 -7.81 -58.45
N ALA D 40 -63.21 -7.74 -57.64
CA ALA D 40 -64.51 -7.40 -58.13
C ALA D 40 -64.57 -5.91 -58.46
N PRO D 41 -65.52 -5.49 -59.28
CA PRO D 41 -65.61 -4.06 -59.59
C PRO D 41 -66.08 -3.26 -58.40
N GLY D 42 -65.18 -2.53 -57.77
CA GLY D 42 -65.48 -1.78 -56.58
C GLY D 42 -65.29 -2.51 -55.27
N LYS D 43 -64.43 -3.53 -55.24
CA LYS D 43 -64.15 -4.27 -54.02
C LYS D 43 -62.65 -4.43 -53.86
N GLY D 44 -62.25 -5.25 -52.90
CA GLY D 44 -60.85 -5.48 -52.62
C GLY D 44 -60.27 -6.60 -53.46
N LEU D 45 -58.96 -6.77 -53.32
CA LEU D 45 -58.28 -7.83 -54.02
C LEU D 45 -58.61 -9.18 -53.41
N GLU D 46 -58.42 -10.23 -54.19
CA GLU D 46 -58.67 -11.57 -53.71
C GLU D 46 -57.83 -12.56 -54.50
N TRP D 47 -57.08 -13.39 -53.79
CA TRP D 47 -56.22 -14.38 -54.42
C TRP D 47 -57.07 -15.55 -54.91
N VAL D 48 -56.73 -16.07 -56.07
CA VAL D 48 -57.50 -17.13 -56.69
C VAL D 48 -56.71 -18.43 -56.79
N ALA D 49 -55.55 -18.40 -57.45
CA ALA D 49 -54.87 -19.68 -57.64
C ALA D 49 -53.38 -19.45 -57.84
N VAL D 50 -52.61 -20.50 -57.62
CA VAL D 50 -51.16 -20.46 -57.73
C VAL D 50 -50.70 -21.66 -58.51
N ILE D 51 -49.54 -21.57 -59.14
CA ILE D 51 -48.91 -22.73 -59.75
C ILE D 51 -47.40 -22.53 -59.73
N TRP D 52 -46.70 -23.55 -59.25
CA TRP D 52 -45.25 -23.54 -59.12
C TRP D 52 -44.62 -23.52 -60.49
N TYR D 53 -43.29 -23.54 -60.54
CA TYR D 53 -42.63 -23.73 -61.83
C TYR D 53 -42.85 -25.19 -62.22
N ASP D 54 -44.03 -25.47 -62.76
CA ASP D 54 -44.51 -26.80 -63.12
C ASP D 54 -44.41 -27.78 -61.96
N GLY D 55 -44.16 -27.27 -60.76
CA GLY D 55 -43.99 -28.10 -59.60
C GLY D 55 -45.26 -28.75 -59.10
N SER D 56 -46.35 -28.58 -59.84
CA SER D 56 -47.59 -29.27 -59.53
C SER D 56 -48.04 -29.01 -58.10
N ASN D 57 -48.00 -27.73 -57.70
CA ASN D 57 -48.67 -27.29 -56.49
C ASN D 57 -49.79 -26.38 -56.93
N LYS D 58 -51.01 -26.92 -56.95
CA LYS D 58 -52.10 -26.14 -57.53
C LYS D 58 -52.70 -25.19 -56.50
N TYR D 59 -53.25 -25.72 -55.40
CA TYR D 59 -53.60 -24.89 -54.25
C TYR D 59 -54.58 -23.77 -54.64
N TYR D 60 -55.81 -24.15 -54.94
CA TYR D 60 -56.83 -23.18 -55.31
C TYR D 60 -57.30 -22.39 -54.10
N ALA D 61 -58.40 -21.65 -54.26
CA ALA D 61 -58.93 -20.85 -53.16
C ALA D 61 -60.32 -21.33 -52.74
N ASP D 62 -60.57 -21.35 -51.43
CA ASP D 62 -61.84 -21.79 -50.89
C ASP D 62 -63.00 -20.95 -51.38
N SER D 63 -63.46 -21.24 -52.60
CA SER D 63 -64.57 -20.53 -53.23
C SER D 63 -64.47 -20.78 -54.71
N VAL D 64 -63.36 -21.39 -55.10
CA VAL D 64 -63.07 -21.72 -56.48
C VAL D 64 -62.77 -23.19 -56.66
N LYS D 65 -62.59 -23.92 -55.58
CA LYS D 65 -62.24 -25.33 -55.66
C LYS D 65 -63.29 -26.09 -56.43
N GLY D 66 -62.85 -27.08 -57.20
CA GLY D 66 -63.77 -27.87 -57.97
C GLY D 66 -64.44 -27.16 -59.11
N ARG D 67 -64.04 -25.92 -59.40
CA ARG D 67 -64.59 -25.19 -60.54
C ARG D 67 -63.54 -24.51 -61.40
N PHE D 68 -62.32 -24.33 -60.91
CA PHE D 68 -61.26 -23.67 -61.65
C PHE D 68 -60.10 -24.63 -61.81
N THR D 69 -59.48 -24.60 -62.97
CA THR D 69 -58.28 -25.40 -63.21
C THR D 69 -57.18 -24.49 -63.73
N ILE D 70 -56.04 -24.53 -63.06
CA ILE D 70 -54.90 -23.71 -63.41
C ILE D 70 -53.85 -24.61 -64.05
N SER D 71 -53.15 -24.09 -65.06
CA SER D 71 -52.19 -24.87 -65.80
C SER D 71 -51.25 -23.94 -66.53
N ARG D 72 -50.15 -24.47 -67.05
CA ARG D 72 -49.19 -23.67 -67.77
C ARG D 72 -48.61 -24.45 -68.93
N ASP D 73 -47.89 -23.74 -69.80
CA ASP D 73 -47.22 -24.32 -70.96
C ASP D 73 -46.00 -23.44 -71.20
N ASN D 74 -44.85 -23.89 -70.72
CA ASN D 74 -43.64 -23.11 -70.92
C ASN D 74 -43.07 -23.26 -72.32
N SER D 75 -43.57 -24.21 -73.10
CA SER D 75 -43.17 -24.29 -74.50
C SER D 75 -43.66 -23.08 -75.29
N LYS D 76 -44.72 -22.42 -74.83
CA LYS D 76 -45.21 -21.22 -75.47
C LYS D 76 -45.22 -20.03 -74.52
N ASN D 77 -44.68 -20.20 -73.31
CA ASN D 77 -44.70 -19.17 -72.29
C ASN D 77 -46.11 -18.66 -72.04
N THR D 78 -46.97 -19.57 -71.58
CA THR D 78 -48.38 -19.26 -71.45
C THR D 78 -48.90 -19.82 -70.15
N LEU D 79 -49.75 -19.05 -69.47
CA LEU D 79 -50.46 -19.49 -68.28
C LEU D 79 -51.94 -19.51 -68.62
N TYR D 80 -52.65 -20.54 -68.15
CA TYR D 80 -54.05 -20.67 -68.49
C TYR D 80 -54.88 -20.65 -67.23
N LEU D 81 -56.17 -20.38 -67.39
CA LEU D 81 -57.13 -20.56 -66.32
C LEU D 81 -58.44 -20.98 -66.93
N GLN D 82 -58.95 -22.15 -66.54
CA GLN D 82 -60.19 -22.68 -67.07
C GLN D 82 -61.25 -22.61 -65.99
N MET D 83 -62.26 -21.79 -66.21
CA MET D 83 -63.39 -21.66 -65.31
C MET D 83 -64.59 -22.37 -65.91
N ASN D 84 -65.37 -23.03 -65.06
CA ASN D 84 -66.59 -23.67 -65.54
C ASN D 84 -67.62 -23.64 -64.43
N SER D 85 -68.88 -23.61 -64.84
CA SER D 85 -70.01 -23.42 -63.93
C SER D 85 -69.88 -22.09 -63.19
N LEU D 86 -69.95 -21.01 -63.95
CA LEU D 86 -69.73 -19.68 -63.41
C LEU D 86 -70.88 -19.27 -62.50
N ARG D 87 -70.55 -18.85 -61.29
CA ARG D 87 -71.55 -18.60 -60.25
C ARG D 87 -72.32 -17.31 -60.46
N ALA D 88 -72.19 -16.65 -61.61
CA ALA D 88 -72.85 -15.37 -61.86
C ALA D 88 -72.45 -14.34 -60.81
N GLU D 89 -71.39 -14.63 -60.08
CA GLU D 89 -70.81 -13.71 -59.12
C GLU D 89 -69.31 -13.55 -59.34
N ASP D 90 -68.66 -14.54 -59.95
CA ASP D 90 -67.27 -14.42 -60.36
C ASP D 90 -67.21 -13.51 -61.58
N THR D 91 -67.61 -12.26 -61.39
CA THR D 91 -67.50 -11.23 -62.40
C THR D 91 -66.56 -10.18 -61.86
N ALA D 92 -65.42 -9.99 -62.52
CA ALA D 92 -64.35 -9.23 -61.92
C ALA D 92 -63.31 -8.90 -62.97
N VAL D 93 -62.18 -8.40 -62.48
CA VAL D 93 -60.99 -8.20 -63.30
C VAL D 93 -59.94 -9.17 -62.77
N TYR D 94 -59.26 -9.85 -63.69
CA TYR D 94 -58.32 -10.90 -63.33
C TYR D 94 -56.92 -10.48 -63.79
N TYR D 95 -55.94 -10.66 -62.90
CA TYR D 95 -54.55 -10.40 -63.20
C TYR D 95 -53.74 -11.66 -63.02
N CYS D 96 -52.68 -11.79 -63.81
CA CYS D 96 -51.65 -12.78 -63.56
C CYS D 96 -50.46 -12.07 -62.95
N ALA D 97 -49.93 -12.64 -61.87
CA ALA D 97 -48.83 -12.05 -61.15
C ALA D 97 -47.66 -13.01 -61.10
N ARG D 98 -46.46 -12.46 -61.02
CA ARG D 98 -45.26 -13.28 -60.87
C ARG D 98 -44.88 -13.28 -59.40
N TRP D 99 -44.37 -14.41 -58.91
CA TRP D 99 -44.12 -14.54 -57.48
C TRP D 99 -42.63 -14.58 -57.24
N PHE D 100 -42.08 -13.53 -56.63
CA PHE D 100 -40.69 -13.53 -56.19
C PHE D 100 -40.62 -14.20 -54.85
N HIS D 101 -40.06 -15.41 -54.81
CA HIS D 101 -40.21 -16.30 -53.67
C HIS D 101 -39.26 -16.01 -52.53
N THR D 102 -37.97 -15.86 -52.80
CA THR D 102 -37.05 -15.64 -51.70
C THR D 102 -37.21 -14.28 -51.05
N GLY D 103 -38.07 -13.42 -51.59
CA GLY D 103 -38.39 -12.18 -50.92
C GLY D 103 -39.79 -12.29 -50.38
N GLY D 104 -40.63 -12.99 -51.13
CA GLY D 104 -41.95 -13.35 -50.67
C GLY D 104 -43.02 -12.38 -51.08
N TYR D 105 -43.03 -11.93 -52.33
CA TYR D 105 -44.06 -11.00 -52.73
C TYR D 105 -44.28 -11.04 -54.22
N PHE D 106 -45.37 -10.44 -54.66
CA PHE D 106 -45.69 -10.39 -56.06
C PHE D 106 -44.86 -9.32 -56.74
N ASP D 107 -44.68 -9.47 -58.04
CA ASP D 107 -44.24 -8.37 -58.87
C ASP D 107 -44.65 -8.65 -60.31
N TYR D 108 -44.59 -7.61 -61.12
CA TYR D 108 -44.89 -7.71 -62.54
C TYR D 108 -46.29 -8.26 -62.77
N TRP D 109 -47.25 -7.45 -62.38
CA TRP D 109 -48.65 -7.73 -62.66
C TRP D 109 -48.94 -7.46 -64.13
N GLY D 110 -50.13 -7.83 -64.56
CA GLY D 110 -50.39 -7.86 -65.99
C GLY D 110 -51.63 -7.17 -66.51
N GLN D 111 -52.01 -6.05 -65.91
CA GLN D 111 -53.01 -5.15 -66.47
C GLN D 111 -54.43 -5.70 -66.44
N GLY D 112 -54.58 -6.98 -66.10
CA GLY D 112 -55.89 -7.56 -65.92
C GLY D 112 -56.78 -7.61 -67.15
N THR D 113 -57.85 -8.39 -67.05
CA THR D 113 -58.90 -8.40 -68.06
C THR D 113 -60.22 -8.62 -67.36
N LEU D 114 -61.29 -8.09 -67.95
CA LEU D 114 -62.59 -8.04 -67.30
C LEU D 114 -63.48 -9.14 -67.85
N VAL D 115 -64.11 -9.88 -66.95
CA VAL D 115 -65.10 -10.88 -67.35
C VAL D 115 -66.34 -10.67 -66.51
N THR D 116 -67.50 -10.58 -67.18
CA THR D 116 -68.77 -10.24 -66.56
C THR D 116 -69.73 -11.39 -66.79
N VAL D 117 -70.24 -11.97 -65.70
CA VAL D 117 -71.17 -13.07 -65.84
C VAL D 117 -72.59 -12.54 -65.84
N SER D 118 -73.08 -12.17 -67.02
CA SER D 118 -74.42 -11.58 -67.12
C SER D 118 -75.51 -12.63 -67.23
N SER D 119 -76.76 -12.19 -67.23
CA SER D 119 -77.87 -13.07 -67.56
C SER D 119 -78.89 -12.33 -68.41
N ALA D 120 -78.65 -11.05 -68.65
CA ALA D 120 -79.59 -10.22 -69.40
C ALA D 120 -79.21 -10.18 -70.87
N SER D 121 -80.17 -9.86 -71.73
CA SER D 121 -79.86 -9.80 -73.15
C SER D 121 -79.99 -8.40 -73.71
N THR D 122 -81.19 -7.81 -73.63
CA THR D 122 -81.44 -6.44 -74.06
C THR D 122 -82.85 -6.06 -73.66
N LYS D 123 -83.06 -4.84 -73.18
CA LYS D 123 -84.37 -4.42 -72.76
C LYS D 123 -84.47 -2.89 -72.74
N GLY D 124 -85.69 -2.41 -72.94
CA GLY D 124 -85.94 -0.99 -73.01
C GLY D 124 -86.20 -0.39 -71.64
N PRO D 125 -86.02 0.92 -71.53
CA PRO D 125 -86.14 1.55 -70.21
C PRO D 125 -87.60 1.83 -69.85
N SER D 126 -87.87 1.81 -68.56
CA SER D 126 -89.15 2.26 -68.01
C SER D 126 -88.95 3.61 -67.34
N VAL D 127 -89.79 4.58 -67.68
CA VAL D 127 -89.59 5.96 -67.28
C VAL D 127 -90.72 6.39 -66.36
N PHE D 128 -90.36 7.11 -65.28
CA PHE D 128 -91.27 7.81 -64.41
C PHE D 128 -90.81 9.25 -64.22
N PRO D 129 -91.72 10.21 -64.06
CA PRO D 129 -91.29 11.56 -63.69
C PRO D 129 -91.31 11.74 -62.18
N LEU D 130 -90.18 12.22 -61.62
CA LEU D 130 -90.11 12.57 -60.21
C LEU D 130 -90.46 14.05 -60.09
N ALA D 131 -91.64 14.32 -59.60
CA ALA D 131 -92.29 15.61 -59.55
C ALA D 131 -91.53 16.56 -58.63
N PRO D 132 -91.56 17.86 -58.92
CA PRO D 132 -91.06 18.84 -57.95
C PRO D 132 -92.02 18.92 -56.77
N SER D 133 -91.46 18.94 -55.56
CA SER D 133 -92.27 18.94 -54.37
C SER D 133 -91.68 19.89 -53.33
N SER D 134 -92.49 20.25 -52.35
CA SER D 134 -92.01 21.10 -51.26
C SER D 134 -90.93 20.40 -50.44
N LYS D 135 -90.95 19.07 -50.38
CA LYS D 135 -89.86 18.34 -49.75
C LYS D 135 -88.58 18.44 -50.55
N SER D 136 -88.69 18.72 -51.85
CA SER D 136 -87.53 19.07 -52.66
C SER D 136 -87.34 20.58 -52.76
N THR D 137 -88.39 21.36 -52.49
CA THR D 137 -88.30 22.80 -52.59
C THR D 137 -87.60 23.38 -51.35
N SER D 138 -86.77 24.41 -51.57
CA SER D 138 -86.10 25.12 -50.49
C SER D 138 -85.84 26.56 -50.96
N GLY D 139 -86.66 27.48 -50.47
CA GLY D 139 -86.43 28.89 -50.77
C GLY D 139 -86.69 29.22 -52.21
N GLY D 140 -85.62 29.58 -52.93
CA GLY D 140 -85.75 30.10 -54.27
C GLY D 140 -85.84 29.06 -55.37
N THR D 141 -85.46 27.81 -55.08
CA THR D 141 -85.37 26.78 -56.11
C THR D 141 -86.06 25.50 -55.65
N ALA D 142 -86.42 24.67 -56.63
CA ALA D 142 -87.01 23.36 -56.40
C ALA D 142 -86.56 22.44 -57.53
N ALA D 143 -86.39 21.16 -57.21
CA ALA D 143 -85.80 20.19 -58.11
C ALA D 143 -86.85 19.22 -58.63
N LEU D 144 -86.73 18.83 -59.90
CA LEU D 144 -87.57 17.83 -60.53
C LEU D 144 -86.73 17.01 -61.50
N GLY D 145 -87.19 15.80 -61.81
CA GLY D 145 -86.37 14.95 -62.65
C GLY D 145 -87.13 13.80 -63.27
N CYS D 146 -86.36 12.88 -63.85
CA CYS D 146 -86.91 11.71 -64.52
C CYS D 146 -86.10 10.48 -64.14
N LEU D 147 -86.80 9.41 -63.78
CA LEU D 147 -86.20 8.15 -63.39
C LEU D 147 -86.37 7.16 -64.54
N VAL D 148 -85.26 6.73 -65.11
CA VAL D 148 -85.26 5.80 -66.22
C VAL D 148 -84.57 4.53 -65.74
N LYS D 149 -85.30 3.42 -65.66
CA LYS D 149 -84.82 2.24 -64.97
C LYS D 149 -84.98 0.99 -65.82
N ASP D 150 -84.40 -0.10 -65.31
CA ASP D 150 -84.53 -1.44 -65.88
C ASP D 150 -84.23 -1.51 -67.37
N TYR D 151 -82.97 -1.30 -67.74
CA TYR D 151 -82.53 -1.54 -69.10
C TYR D 151 -81.16 -2.20 -69.09
N PHE D 152 -80.93 -3.14 -70.00
CA PHE D 152 -79.60 -3.72 -70.14
C PHE D 152 -78.64 -2.90 -70.99
N PRO D 153 -79.03 -2.45 -72.18
CA PRO D 153 -78.03 -1.92 -73.12
C PRO D 153 -77.47 -0.58 -72.68
N GLU D 154 -76.37 -0.65 -71.92
CA GLU D 154 -75.74 0.39 -71.11
C GLU D 154 -75.87 1.81 -71.66
N PRO D 155 -75.49 2.09 -72.91
CA PRO D 155 -75.58 3.49 -73.37
C PRO D 155 -77.02 3.94 -73.55
N VAL D 156 -77.47 4.83 -72.65
CA VAL D 156 -78.81 5.40 -72.69
C VAL D 156 -78.67 6.88 -72.36
N THR D 157 -79.56 7.72 -72.90
CA THR D 157 -79.41 9.15 -72.65
C THR D 157 -80.76 9.74 -72.32
N VAL D 158 -80.75 10.72 -71.43
CA VAL D 158 -81.92 11.51 -71.09
C VAL D 158 -81.51 12.98 -71.15
N SER D 159 -82.22 13.75 -71.97
CA SER D 159 -82.00 15.17 -72.07
C SER D 159 -83.18 15.90 -71.48
N TRP D 160 -83.01 17.20 -71.25
CA TRP D 160 -84.09 18.04 -70.75
C TRP D 160 -84.51 19.04 -71.81
N ASN D 161 -85.77 18.94 -72.21
CA ASN D 161 -86.36 19.84 -73.19
C ASN D 161 -85.55 19.87 -74.47
N SER D 162 -85.36 18.68 -75.04
CA SER D 162 -84.66 18.51 -76.32
C SER D 162 -83.26 19.12 -76.31
N GLY D 163 -82.65 19.20 -75.13
CA GLY D 163 -81.34 19.78 -75.00
C GLY D 163 -81.31 21.24 -74.63
N ALA D 164 -82.43 21.81 -74.20
CA ALA D 164 -82.49 23.23 -73.89
C ALA D 164 -81.85 23.60 -72.56
N LEU D 165 -82.26 22.97 -71.46
CA LEU D 165 -81.80 23.35 -70.13
C LEU D 165 -80.45 22.68 -69.87
N THR D 166 -79.44 23.50 -69.56
CA THR D 166 -78.11 23.01 -69.22
C THR D 166 -77.77 23.42 -67.79
N SER D 167 -78.64 24.22 -67.18
CA SER D 167 -78.45 24.68 -65.81
C SER D 167 -79.13 23.73 -64.84
N GLY D 168 -78.35 23.18 -63.91
CA GLY D 168 -78.87 22.29 -62.90
C GLY D 168 -79.14 20.88 -63.38
N VAL D 169 -79.13 20.64 -64.68
CA VAL D 169 -79.34 19.30 -65.23
C VAL D 169 -78.14 18.43 -64.89
N HIS D 170 -78.37 17.41 -64.07
CA HIS D 170 -77.33 16.45 -63.73
C HIS D 170 -77.91 15.05 -63.85
N THR D 171 -77.26 14.22 -64.67
CA THR D 171 -77.63 12.81 -64.80
C THR D 171 -76.66 12.01 -63.95
N PHE D 172 -77.20 11.18 -63.09
CA PHE D 172 -76.35 10.46 -62.17
C PHE D 172 -75.91 9.14 -62.78
N PRO D 173 -74.77 8.61 -62.38
CA PRO D 173 -74.29 7.35 -62.95
C PRO D 173 -75.34 6.26 -62.79
N ALA D 174 -75.50 5.47 -63.85
CA ALA D 174 -76.45 4.37 -63.80
C ALA D 174 -76.02 3.36 -62.76
N VAL D 175 -77.00 2.70 -62.16
CA VAL D 175 -76.72 1.70 -61.15
C VAL D 175 -77.12 0.34 -61.69
N LEU D 176 -76.33 -0.67 -61.36
CA LEU D 176 -76.55 -2.03 -61.81
C LEU D 176 -77.16 -2.82 -60.66
N GLN D 177 -78.41 -3.26 -60.86
CA GLN D 177 -79.14 -3.95 -59.82
C GLN D 177 -78.76 -5.42 -59.76
N SER D 178 -79.31 -6.12 -58.77
CA SER D 178 -79.13 -7.56 -58.70
C SER D 178 -79.86 -8.26 -59.83
N SER D 179 -80.95 -7.67 -60.32
CA SER D 179 -81.67 -8.25 -61.43
C SER D 179 -80.82 -8.31 -62.70
N GLY D 180 -79.71 -7.58 -62.74
CA GLY D 180 -78.87 -7.54 -63.90
C GLY D 180 -79.12 -6.38 -64.83
N LEU D 181 -80.12 -5.55 -64.54
CA LEU D 181 -80.46 -4.43 -65.40
C LEU D 181 -80.03 -3.12 -64.76
N TYR D 182 -79.74 -2.14 -65.60
CA TYR D 182 -79.29 -0.85 -65.13
C TYR D 182 -80.48 0.04 -64.77
N SER D 183 -80.17 1.14 -64.08
CA SER D 183 -81.16 2.14 -63.74
C SER D 183 -80.44 3.43 -63.39
N LEU D 184 -81.09 4.56 -63.67
CA LEU D 184 -80.54 5.86 -63.34
C LEU D 184 -81.67 6.86 -63.21
N SER D 185 -81.31 8.05 -62.73
CA SER D 185 -82.23 9.15 -62.54
C SER D 185 -81.50 10.48 -62.78
N SER D 186 -82.09 11.35 -63.60
CA SER D 186 -81.49 12.63 -63.92
C SER D 186 -82.38 13.73 -63.37
N VAL D 187 -81.78 14.68 -62.64
CA VAL D 187 -82.55 15.70 -61.93
C VAL D 187 -81.99 17.07 -62.26
N VAL D 188 -82.88 18.07 -62.25
CA VAL D 188 -82.52 19.45 -62.51
C VAL D 188 -83.32 20.34 -61.57
N THR D 189 -82.66 21.37 -61.04
CA THR D 189 -83.30 22.36 -60.19
C THR D 189 -83.71 23.57 -61.04
N VAL D 190 -84.78 24.24 -60.62
CA VAL D 190 -85.39 25.32 -61.36
C VAL D 190 -86.10 26.21 -60.34
N PRO D 191 -86.12 27.53 -60.51
CA PRO D 191 -86.71 28.41 -59.49
C PRO D 191 -88.08 27.95 -59.03
N SER D 192 -88.31 28.02 -57.72
CA SER D 192 -89.56 27.53 -57.16
C SER D 192 -90.75 28.37 -57.62
N SER D 193 -90.51 29.59 -58.10
CA SER D 193 -91.59 30.35 -58.72
C SER D 193 -92.02 29.70 -60.03
N SER D 194 -91.18 28.83 -60.58
CA SER D 194 -91.40 28.21 -61.89
C SER D 194 -91.67 26.71 -61.79
N LEU D 195 -92.48 26.28 -60.82
CA LEU D 195 -92.78 24.86 -60.68
C LEU D 195 -93.38 24.26 -61.94
N GLY D 196 -94.58 24.71 -62.33
CA GLY D 196 -95.21 24.19 -63.52
C GLY D 196 -95.14 25.14 -64.70
N THR D 197 -94.62 26.35 -64.47
CA THR D 197 -94.79 27.45 -65.42
C THR D 197 -94.27 27.12 -66.82
N GLN D 198 -93.02 26.69 -66.94
CA GLN D 198 -92.42 26.48 -68.25
C GLN D 198 -92.40 24.98 -68.57
N THR D 199 -91.77 24.64 -69.70
CA THR D 199 -91.71 23.26 -70.15
C THR D 199 -90.50 22.56 -69.56
N TYR D 200 -90.73 21.39 -68.98
CA TYR D 200 -89.67 20.53 -68.50
C TYR D 200 -90.01 19.11 -68.92
N ILE D 201 -89.58 18.73 -70.11
CA ILE D 201 -89.87 17.41 -70.66
C ILE D 201 -88.55 16.70 -70.88
N CYS D 202 -88.39 15.55 -70.23
CA CYS D 202 -87.22 14.72 -70.38
C CYS D 202 -87.37 13.84 -71.61
N ASN D 203 -86.36 13.89 -72.48
CA ASN D 203 -86.31 13.17 -73.74
C ASN D 203 -85.41 11.96 -73.51
N VAL D 204 -86.02 10.78 -73.48
CA VAL D 204 -85.32 9.54 -73.22
C VAL D 204 -85.06 8.86 -74.55
N ASN D 205 -83.79 8.60 -74.85
CA ASN D 205 -83.38 7.88 -76.05
C ASN D 205 -82.47 6.72 -75.70
N HIS D 206 -82.82 5.55 -76.23
CA HIS D 206 -82.10 4.30 -76.03
C HIS D 206 -81.56 3.87 -77.40
N LYS D 207 -80.26 4.01 -77.59
CA LYS D 207 -79.62 3.86 -78.89
C LYS D 207 -79.44 2.40 -79.35
N PRO D 208 -79.06 1.46 -78.48
CA PRO D 208 -79.05 0.07 -78.94
C PRO D 208 -80.41 -0.42 -79.37
N SER D 209 -81.46 -0.11 -78.62
CA SER D 209 -82.82 -0.24 -79.11
C SER D 209 -83.17 1.03 -79.88
N ASN D 210 -84.44 1.27 -80.14
CA ASN D 210 -84.87 2.49 -80.80
C ASN D 210 -85.98 3.18 -80.00
N THR D 211 -85.77 3.32 -78.70
CA THR D 211 -86.76 3.93 -77.83
C THR D 211 -86.53 5.43 -77.72
N LYS D 212 -87.62 6.18 -77.91
CA LYS D 212 -87.61 7.64 -77.81
C LYS D 212 -88.93 8.08 -77.20
N VAL D 213 -88.90 8.59 -75.98
CA VAL D 213 -90.12 8.98 -75.26
C VAL D 213 -89.86 10.30 -74.53
N ASP D 214 -90.82 11.21 -74.59
CA ASP D 214 -90.75 12.49 -73.88
C ASP D 214 -91.75 12.46 -72.72
N LYS D 215 -91.26 12.72 -71.51
CA LYS D 215 -92.09 12.70 -70.32
C LYS D 215 -92.05 14.05 -69.63
N LYS D 216 -93.22 14.61 -69.33
CA LYS D 216 -93.32 15.90 -68.66
C LYS D 216 -93.37 15.69 -67.15
N VAL D 217 -92.67 16.55 -66.42
CA VAL D 217 -92.63 16.50 -64.96
C VAL D 217 -93.36 17.73 -64.42
N GLU D 218 -94.36 17.50 -63.59
CA GLU D 218 -95.19 18.56 -63.03
C GLU D 218 -95.28 18.36 -61.52
N PRO D 219 -95.55 19.43 -60.77
CA PRO D 219 -95.68 19.29 -59.32
C PRO D 219 -96.73 18.25 -58.94
N LYS D 220 -96.59 17.72 -57.73
CA LYS D 220 -97.48 16.67 -57.27
C LYS D 220 -98.91 17.19 -57.14
N SER D 221 -99.86 16.32 -57.43
CA SER D 221 -101.28 16.66 -57.45
C SER D 221 -101.75 17.23 -56.11
N GLN E 1 -59.78 -19.18 -42.71
CA GLN E 1 -58.71 -18.25 -42.97
C GLN E 1 -59.00 -16.94 -42.29
N PRO E 2 -57.98 -16.30 -41.74
CA PRO E 2 -58.17 -15.03 -41.04
C PRO E 2 -58.69 -13.96 -41.99
N VAL E 3 -59.15 -12.87 -41.38
CA VAL E 3 -59.63 -11.71 -42.12
C VAL E 3 -58.91 -10.49 -41.58
N LEU E 4 -58.39 -9.67 -42.47
CA LEU E 4 -57.55 -8.55 -42.08
C LEU E 4 -58.36 -7.27 -42.24
N THR E 5 -58.83 -6.74 -41.12
CA THR E 5 -59.72 -5.60 -41.15
C THR E 5 -58.94 -4.32 -41.39
N GLN E 6 -59.46 -3.47 -42.27
CA GLN E 6 -58.81 -2.23 -42.64
C GLN E 6 -59.84 -1.11 -42.65
N PRO E 7 -59.59 0.00 -41.98
CA PRO E 7 -60.52 1.10 -42.03
C PRO E 7 -60.52 1.75 -43.40
N PRO E 8 -61.67 1.84 -44.04
CA PRO E 8 -61.74 2.47 -45.35
C PRO E 8 -61.60 3.98 -45.24
N SER E 9 -60.97 4.56 -46.26
CA SER E 9 -61.02 5.99 -46.53
C SER E 9 -60.50 6.82 -45.36
N SER E 10 -59.20 6.72 -45.11
CA SER E 10 -58.54 7.77 -44.37
C SER E 10 -58.32 8.98 -45.28
N SER E 11 -57.75 10.04 -44.71
CA SER E 11 -57.52 11.24 -45.49
C SER E 11 -56.65 12.21 -44.70
N ALA E 12 -56.03 13.13 -45.43
CA ALA E 12 -55.16 14.15 -44.86
C ALA E 12 -54.86 15.17 -45.96
N SER E 13 -54.05 16.18 -45.62
CA SER E 13 -53.73 17.24 -46.55
C SER E 13 -52.22 17.29 -46.78
N PRO E 14 -51.78 17.86 -47.90
CA PRO E 14 -50.36 17.73 -48.29
C PRO E 14 -49.42 18.16 -47.18
N GLY E 15 -48.24 17.57 -47.17
CA GLY E 15 -47.26 17.83 -46.15
C GLY E 15 -47.49 17.11 -44.84
N GLU E 16 -48.69 16.58 -44.62
CA GLU E 16 -48.99 15.90 -43.37
C GLU E 16 -48.43 14.49 -43.38
N SER E 17 -48.84 13.69 -42.42
CA SER E 17 -48.40 12.31 -42.32
C SER E 17 -49.60 11.44 -41.97
N ALA E 18 -49.87 10.46 -42.83
CA ALA E 18 -50.99 9.56 -42.65
C ALA E 18 -50.52 8.27 -42.01
N ARG E 19 -51.42 7.66 -41.24
CA ARG E 19 -51.09 6.47 -40.45
C ARG E 19 -52.20 5.45 -40.67
N LEU E 20 -51.99 4.53 -41.59
CA LEU E 20 -52.95 3.48 -41.87
C LEU E 20 -52.69 2.27 -41.00
N THR E 21 -53.76 1.54 -40.69
CA THR E 21 -53.66 0.40 -39.80
C THR E 21 -54.28 -0.82 -40.48
N CYS E 22 -53.78 -1.99 -40.09
CA CYS E 22 -54.26 -3.26 -40.60
C CYS E 22 -54.28 -4.20 -39.40
N THR E 23 -55.47 -4.55 -38.92
CA THR E 23 -55.58 -5.42 -37.74
C THR E 23 -56.18 -6.78 -38.04
N LEU E 24 -55.63 -7.81 -37.39
CA LEU E 24 -56.11 -9.17 -37.55
C LEU E 24 -57.25 -9.43 -36.59
N PRO E 25 -57.49 -10.69 -36.26
CA PRO E 25 -58.57 -11.05 -35.33
C PRO E 25 -58.08 -11.25 -33.91
N SER E 26 -59.01 -11.23 -32.94
CA SER E 26 -58.65 -11.40 -31.54
C SER E 26 -57.56 -12.46 -31.36
N ASP E 27 -57.47 -13.37 -32.33
CA ASP E 27 -56.46 -14.42 -32.27
C ASP E 27 -55.25 -14.10 -33.15
N ILE E 28 -54.16 -14.81 -32.91
CA ILE E 28 -52.94 -14.59 -33.68
C ILE E 28 -52.21 -13.34 -33.21
N ASN E 29 -50.98 -13.52 -32.73
CA ASN E 29 -50.17 -12.41 -32.24
C ASN E 29 -49.46 -11.67 -33.37
N VAL E 30 -50.14 -10.71 -33.97
CA VAL E 30 -49.56 -9.95 -35.08
C VAL E 30 -48.05 -9.74 -34.94
N SER E 31 -47.52 -9.81 -33.72
CA SER E 31 -46.06 -9.85 -33.61
C SER E 31 -45.58 -11.28 -33.80
N SER E 32 -46.10 -11.96 -34.81
CA SER E 32 -45.65 -13.29 -35.18
C SER E 32 -45.57 -13.43 -36.69
N TYR E 33 -46.03 -12.45 -37.43
CA TYR E 33 -46.10 -12.47 -38.88
C TYR E 33 -45.33 -11.27 -39.40
N ASN E 34 -44.91 -11.32 -40.66
CA ASN E 34 -44.43 -10.13 -41.31
C ASN E 34 -45.54 -9.61 -42.21
N ILE E 35 -45.74 -8.31 -42.22
CA ILE E 35 -46.85 -7.70 -42.93
C ILE E 35 -46.31 -7.07 -44.20
N TYR E 36 -46.98 -7.32 -45.32
CA TYR E 36 -46.60 -6.71 -46.58
C TYR E 36 -47.62 -5.66 -46.97
N TRP E 37 -47.17 -4.63 -47.66
CA TRP E 37 -48.06 -3.54 -48.03
C TRP E 37 -48.00 -3.30 -49.53
N TYR E 38 -49.17 -3.21 -50.15
CA TYR E 38 -49.30 -2.97 -51.58
C TYR E 38 -50.08 -1.70 -51.80
N GLN E 39 -49.81 -1.04 -52.92
CA GLN E 39 -50.51 0.19 -53.26
C GLN E 39 -51.05 0.05 -54.67
N GLN E 40 -52.26 0.54 -54.90
CA GLN E 40 -52.88 0.45 -56.21
C GLN E 40 -53.50 1.78 -56.58
N LYS E 41 -53.00 2.39 -57.64
CA LYS E 41 -53.66 3.54 -58.21
C LYS E 41 -54.87 3.08 -58.99
N PRO E 42 -55.78 3.99 -59.33
CA PRO E 42 -56.88 3.60 -60.22
C PRO E 42 -56.39 3.40 -61.63
N GLY E 43 -57.01 2.45 -62.33
CA GLY E 43 -56.61 2.15 -63.69
C GLY E 43 -55.22 1.57 -63.81
N SER E 44 -54.82 0.71 -62.88
CA SER E 44 -53.47 0.18 -62.85
C SER E 44 -53.44 -0.99 -61.88
N PRO E 45 -52.54 -1.94 -62.08
CA PRO E 45 -52.42 -3.04 -61.14
C PRO E 45 -51.69 -2.61 -59.89
N PRO E 46 -51.78 -3.37 -58.81
CA PRO E 46 -51.09 -3.00 -57.58
C PRO E 46 -49.59 -3.00 -57.74
N ARG E 47 -48.93 -2.74 -56.63
CA ARG E 47 -47.49 -2.53 -56.62
C ARG E 47 -46.96 -2.72 -55.22
N TYR E 48 -45.86 -3.46 -55.09
CA TYR E 48 -45.30 -3.76 -53.79
C TYR E 48 -44.66 -2.53 -53.20
N LEU E 49 -44.76 -2.38 -51.88
CA LEU E 49 -44.18 -1.24 -51.19
C LEU E 49 -43.11 -1.65 -50.18
N LEU E 50 -43.46 -2.45 -49.19
CA LEU E 50 -42.49 -2.84 -48.17
C LEU E 50 -43.10 -3.93 -47.32
N TYR E 51 -42.30 -4.46 -46.40
CA TYR E 51 -42.79 -5.40 -45.43
C TYR E 51 -42.10 -5.12 -44.11
N TYR E 52 -42.78 -5.46 -43.02
CA TYR E 52 -42.22 -5.18 -41.70
C TYR E 52 -42.41 -6.39 -40.81
N TYR E 53 -41.40 -6.65 -40.00
CA TYR E 53 -41.46 -7.63 -38.92
C TYR E 53 -40.34 -7.21 -37.97
N SER E 54 -40.69 -6.65 -36.81
CA SER E 54 -39.71 -6.58 -35.75
C SER E 54 -38.43 -5.85 -36.14
N ASP E 55 -38.46 -4.52 -36.12
CA ASP E 55 -37.37 -3.69 -36.61
C ASP E 55 -36.01 -4.33 -36.40
N SER E 56 -35.17 -4.17 -37.42
CA SER E 56 -34.02 -5.04 -37.72
C SER E 56 -34.45 -6.29 -38.49
N ASP E 57 -35.67 -6.28 -39.01
CA ASP E 57 -36.10 -7.26 -39.99
C ASP E 57 -37.03 -6.60 -41.01
N LYS E 58 -36.74 -5.35 -41.37
CA LYS E 58 -37.55 -4.57 -42.30
C LYS E 58 -37.29 -4.96 -43.74
N GLY E 59 -37.74 -4.14 -44.68
CA GLY E 59 -37.39 -4.30 -46.07
C GLY E 59 -38.18 -3.41 -47.00
N GLN E 60 -37.53 -2.79 -47.98
CA GLN E 60 -38.20 -1.85 -48.87
C GLN E 60 -38.42 -2.47 -50.23
N GLY E 61 -38.95 -1.68 -51.15
CA GLY E 61 -39.50 -2.27 -52.35
C GLY E 61 -39.04 -1.73 -53.70
N SER E 62 -37.76 -1.37 -53.82
CA SER E 62 -37.16 -1.13 -55.13
C SER E 62 -37.88 -0.05 -55.94
N GLY E 63 -37.79 1.19 -55.50
CA GLY E 63 -38.52 2.27 -56.11
C GLY E 63 -39.48 2.94 -55.17
N VAL E 64 -39.41 2.62 -53.90
CA VAL E 64 -40.31 3.14 -52.88
C VAL E 64 -39.52 4.10 -52.00
N PRO E 65 -39.67 5.41 -52.18
CA PRO E 65 -38.88 6.36 -51.41
C PRO E 65 -39.09 6.17 -49.93
N SER E 66 -38.13 6.68 -49.15
CA SER E 66 -38.09 6.41 -47.72
C SER E 66 -39.22 7.09 -46.97
N ARG E 67 -40.15 7.75 -47.63
CA ARG E 67 -41.33 8.26 -46.94
C ARG E 67 -42.10 7.12 -46.30
N PHE E 68 -42.54 6.16 -47.10
CA PHE E 68 -43.29 5.02 -46.62
C PHE E 68 -42.47 4.24 -45.62
N SER E 69 -43.04 3.97 -44.44
CA SER E 69 -42.34 3.17 -43.45
C SER E 69 -43.36 2.34 -42.70
N GLY E 70 -43.01 1.10 -42.40
CA GLY E 70 -43.90 0.21 -41.70
C GLY E 70 -43.50 0.03 -40.26
N SER E 71 -44.48 -0.24 -39.41
CA SER E 71 -44.23 -0.61 -38.04
C SER E 71 -45.34 -1.52 -37.57
N LYS E 72 -45.35 -1.81 -36.29
CA LYS E 72 -46.19 -2.89 -35.79
C LYS E 72 -46.35 -2.69 -34.30
N ASP E 73 -47.58 -2.53 -33.83
CA ASP E 73 -47.80 -2.31 -32.41
C ASP E 73 -48.48 -3.53 -31.82
N ALA E 74 -47.96 -3.99 -30.68
CA ALA E 74 -48.31 -5.31 -30.20
C ALA E 74 -49.71 -5.34 -29.60
N SER E 75 -49.94 -4.56 -28.54
CA SER E 75 -51.19 -4.69 -27.79
C SER E 75 -52.32 -3.93 -28.46
N ALA E 76 -52.41 -4.09 -29.78
CA ALA E 76 -53.62 -3.83 -30.51
C ALA E 76 -53.85 -4.85 -31.61
N ASN E 77 -52.95 -5.81 -31.81
CA ASN E 77 -52.98 -6.70 -32.96
C ASN E 77 -53.09 -5.90 -34.25
N THR E 78 -52.07 -5.08 -34.47
CA THR E 78 -52.15 -4.10 -35.53
C THR E 78 -50.78 -3.88 -36.17
N GLY E 79 -50.76 -3.92 -37.49
CA GLY E 79 -49.62 -3.44 -38.26
C GLY E 79 -49.96 -2.05 -38.77
N ILE E 80 -48.94 -1.23 -38.99
CA ILE E 80 -49.11 0.19 -39.28
C ILE E 80 -48.29 0.53 -40.50
N LEU E 81 -48.91 1.19 -41.46
CA LEU E 81 -48.19 1.85 -42.53
C LEU E 81 -48.17 3.32 -42.21
N LEU E 82 -47.06 3.98 -42.50
CA LEU E 82 -46.88 5.38 -42.14
C LEU E 82 -46.36 6.10 -43.36
N ILE E 83 -47.17 6.95 -43.93
CA ILE E 83 -46.71 7.85 -44.97
C ILE E 83 -46.38 9.17 -44.29
N SER E 84 -45.21 9.71 -44.60
CA SER E 84 -44.76 10.95 -43.99
C SER E 84 -44.43 11.93 -45.09
N GLY E 85 -45.22 12.99 -45.21
CA GLY E 85 -45.01 13.97 -46.24
C GLY E 85 -45.83 13.67 -47.47
N LEU E 86 -47.14 13.51 -47.29
CA LEU E 86 -48.02 13.20 -48.40
C LEU E 86 -47.83 14.20 -49.52
N GLN E 87 -48.11 13.75 -50.74
CA GLN E 87 -48.07 14.61 -51.90
C GLN E 87 -49.31 14.31 -52.73
N SER E 88 -49.38 14.87 -53.93
CA SER E 88 -50.54 14.67 -54.78
C SER E 88 -50.43 13.45 -55.67
N GLU E 89 -49.62 12.47 -55.27
CA GLU E 89 -49.49 11.22 -56.00
C GLU E 89 -49.65 10.02 -55.09
N ASP E 90 -50.40 10.16 -53.99
CA ASP E 90 -50.64 9.05 -53.08
C ASP E 90 -52.10 8.69 -52.98
N GLU E 91 -52.93 9.22 -53.88
CA GLU E 91 -54.33 8.82 -53.95
C GLU E 91 -54.35 7.40 -54.49
N ALA E 92 -54.53 6.44 -53.59
CA ALA E 92 -54.46 5.04 -53.99
C ALA E 92 -55.10 4.21 -52.90
N ASP E 93 -55.25 2.91 -53.17
CA ASP E 93 -55.77 1.97 -52.20
C ASP E 93 -54.62 1.15 -51.67
N TYR E 94 -54.55 0.99 -50.36
CA TYR E 94 -53.40 0.36 -49.74
C TYR E 94 -53.86 -0.91 -49.05
N TYR E 95 -53.35 -2.05 -49.51
CA TYR E 95 -53.75 -3.34 -48.98
C TYR E 95 -52.62 -3.95 -48.16
N CYS E 96 -53.00 -4.64 -47.10
CA CYS E 96 -52.03 -5.36 -46.28
C CYS E 96 -52.19 -6.85 -46.53
N MET E 97 -51.08 -7.55 -46.58
CA MET E 97 -51.08 -8.96 -46.90
C MET E 97 -50.23 -9.72 -45.90
N ILE E 98 -50.59 -10.97 -45.67
CA ILE E 98 -49.78 -11.90 -44.90
C ILE E 98 -49.66 -13.19 -45.70
N TRP E 99 -48.55 -13.90 -45.49
CA TRP E 99 -48.24 -15.10 -46.25
C TRP E 99 -47.76 -16.18 -45.30
N PRO E 100 -48.70 -16.96 -44.77
CA PRO E 100 -48.39 -18.04 -43.86
C PRO E 100 -48.56 -19.37 -44.58
N SER E 101 -47.48 -20.10 -44.80
CA SER E 101 -47.58 -21.38 -45.49
C SER E 101 -47.98 -21.14 -46.94
N ASN E 102 -47.08 -21.49 -47.86
CA ASN E 102 -47.34 -21.30 -49.28
C ASN E 102 -48.59 -22.05 -49.74
N ALA E 103 -49.64 -21.97 -48.94
CA ALA E 103 -50.89 -22.63 -49.27
C ALA E 103 -52.02 -21.61 -49.42
N LEU E 104 -51.90 -20.50 -48.71
CA LEU E 104 -52.91 -19.44 -48.77
C LEU E 104 -52.27 -18.06 -48.70
N TYR E 105 -52.84 -17.10 -49.42
CA TYR E 105 -52.32 -15.75 -49.43
C TYR E 105 -53.47 -14.82 -49.08
N VAL E 106 -53.41 -14.22 -47.90
CA VAL E 106 -54.53 -13.48 -47.35
C VAL E 106 -54.34 -11.99 -47.62
N PHE E 107 -55.33 -11.37 -48.25
CA PHE E 107 -55.31 -9.95 -48.52
C PHE E 107 -56.16 -9.20 -47.52
N GLY E 108 -55.85 -7.93 -47.33
CA GLY E 108 -56.64 -7.05 -46.50
C GLY E 108 -57.95 -6.71 -47.17
N THR E 109 -58.58 -5.64 -46.70
CA THR E 109 -59.87 -5.22 -47.25
C THR E 109 -59.80 -3.88 -47.96
N GLY E 110 -58.63 -3.28 -48.07
CA GLY E 110 -58.56 -2.04 -48.80
C GLY E 110 -58.72 -0.83 -47.92
N THR E 111 -58.11 0.27 -48.34
CA THR E 111 -58.19 1.53 -47.61
C THR E 111 -57.88 2.66 -48.57
N LYS E 112 -58.86 3.52 -48.80
CA LYS E 112 -58.65 4.65 -49.68
C LYS E 112 -57.85 5.72 -48.96
N VAL E 113 -57.10 6.51 -49.70
CA VAL E 113 -56.36 7.63 -49.16
C VAL E 113 -56.44 8.77 -50.16
N THR E 114 -56.79 9.96 -49.68
CA THR E 114 -56.92 11.11 -50.55
C THR E 114 -56.22 12.30 -49.91
N VAL E 115 -55.43 13.02 -50.69
CA VAL E 115 -54.83 14.25 -50.22
C VAL E 115 -55.72 15.42 -50.61
N LEU E 116 -56.23 16.12 -49.61
CA LEU E 116 -57.20 17.18 -49.84
C LEU E 116 -56.58 18.35 -50.57
N GLY E 117 -56.97 18.51 -51.83
CA GLY E 117 -56.48 19.63 -52.62
C GLY E 117 -57.54 20.70 -52.74
N GLN E 118 -58.55 20.60 -51.89
CA GLN E 118 -59.65 21.55 -51.88
C GLN E 118 -60.23 21.58 -50.47
N PRO E 119 -60.96 22.63 -50.10
CA PRO E 119 -61.61 22.62 -48.79
C PRO E 119 -62.75 21.62 -48.77
N LYS E 120 -63.17 21.19 -47.58
CA LYS E 120 -64.23 20.20 -47.48
C LYS E 120 -65.54 20.77 -48.01
N ALA E 121 -66.57 19.94 -48.05
CA ALA E 121 -67.88 20.39 -48.52
C ALA E 121 -68.96 19.61 -47.78
N ALA E 122 -70.20 20.04 -47.99
CA ALA E 122 -71.33 19.45 -47.32
C ALA E 122 -72.10 18.59 -48.30
N PRO E 123 -72.34 17.34 -48.01
CA PRO E 123 -73.09 16.50 -48.96
C PRO E 123 -74.53 16.94 -49.07
N SER E 124 -74.87 17.63 -50.15
CA SER E 124 -76.26 17.99 -50.39
C SER E 124 -77.06 16.75 -50.71
N VAL E 125 -78.12 16.52 -49.94
CA VAL E 125 -78.95 15.33 -50.06
C VAL E 125 -80.30 15.74 -50.61
N THR E 126 -80.92 14.86 -51.41
CA THR E 126 -82.24 15.11 -51.96
C THR E 126 -82.96 13.77 -52.10
N LEU E 127 -84.19 13.71 -51.60
CA LEU E 127 -84.91 12.45 -51.53
C LEU E 127 -86.24 12.59 -52.28
N PHE E 128 -86.62 11.53 -52.99
CA PHE E 128 -87.84 11.50 -53.78
C PHE E 128 -88.62 10.22 -53.51
N PRO E 129 -89.93 10.31 -53.34
CA PRO E 129 -90.75 9.11 -53.16
C PRO E 129 -91.19 8.56 -54.51
N PRO E 130 -91.73 7.34 -54.55
CA PRO E 130 -92.19 6.79 -55.84
C PRO E 130 -93.28 7.64 -56.44
N SER E 131 -93.13 7.94 -57.73
CA SER E 131 -94.10 8.76 -58.43
C SER E 131 -95.43 8.02 -58.57
N SER E 132 -96.45 8.75 -59.02
CA SER E 132 -97.80 8.21 -59.09
C SER E 132 -97.92 7.09 -60.13
N GLU E 133 -97.35 7.30 -61.32
CA GLU E 133 -97.41 6.27 -62.35
C GLU E 133 -96.77 4.98 -61.87
N GLU E 134 -95.70 5.09 -61.08
CA GLU E 134 -95.07 3.90 -60.53
C GLU E 134 -95.97 3.22 -59.51
N LEU E 135 -96.71 4.01 -58.73
CA LEU E 135 -97.71 3.44 -57.83
C LEU E 135 -98.74 2.65 -58.62
N GLN E 136 -99.23 3.22 -59.71
CA GLN E 136 -100.14 2.48 -60.59
C GLN E 136 -99.46 1.29 -61.25
N ALA E 137 -98.13 1.32 -61.34
CA ALA E 137 -97.36 0.25 -61.96
C ALA E 137 -97.06 -0.90 -61.01
N ASN E 138 -97.71 -0.94 -59.86
CA ASN E 138 -97.60 -2.05 -58.91
C ASN E 138 -96.19 -2.18 -58.35
N LYS E 139 -95.46 -1.06 -58.28
CA LYS E 139 -94.13 -1.05 -57.71
C LYS E 139 -93.85 0.32 -57.11
N ALA E 140 -92.70 0.43 -56.47
CA ALA E 140 -92.33 1.64 -55.73
C ALA E 140 -90.83 1.69 -55.57
N THR E 141 -90.25 2.88 -55.73
CA THR E 141 -88.81 3.07 -55.57
C THR E 141 -88.55 4.42 -54.94
N LEU E 142 -87.80 4.41 -53.84
CA LEU E 142 -87.32 5.63 -53.22
C LEU E 142 -85.98 6.00 -53.83
N VAL E 143 -85.74 7.30 -53.99
CA VAL E 143 -84.58 7.81 -54.73
C VAL E 143 -83.84 8.78 -53.82
N CYS E 144 -82.61 8.43 -53.45
CA CYS E 144 -81.78 9.27 -52.59
C CYS E 144 -80.55 9.71 -53.38
N LEU E 145 -80.43 11.01 -53.63
CA LEU E 145 -79.32 11.57 -54.40
C LEU E 145 -78.41 12.35 -53.46
N ILE E 146 -77.11 12.18 -53.63
CA ILE E 146 -76.10 12.88 -52.85
C ILE E 146 -75.20 13.61 -53.82
N SER E 147 -74.81 14.83 -53.49
CA SER E 147 -73.99 15.58 -54.42
C SER E 147 -73.11 16.57 -53.67
N ASP E 148 -72.01 16.94 -54.34
CA ASP E 148 -71.11 17.99 -53.87
C ASP E 148 -70.56 17.73 -52.47
N PHE E 149 -69.78 16.68 -52.30
CA PHE E 149 -69.28 16.33 -50.98
C PHE E 149 -67.81 16.00 -51.00
N TYR E 150 -66.98 16.91 -51.52
CA TYR E 150 -65.67 16.66 -52.11
C TYR E 150 -64.90 15.48 -51.54
N PRO E 151 -64.69 15.34 -50.23
CA PRO E 151 -64.08 14.10 -49.74
C PRO E 151 -65.09 12.96 -49.83
N GLY E 152 -64.73 11.92 -50.58
CA GLY E 152 -65.72 10.97 -51.07
C GLY E 152 -66.16 9.80 -50.22
N ALA E 153 -65.85 9.81 -48.92
CA ALA E 153 -66.14 8.64 -48.09
C ALA E 153 -67.57 8.62 -47.55
N VAL E 154 -68.56 8.79 -48.42
CA VAL E 154 -69.95 8.82 -47.97
C VAL E 154 -70.44 7.40 -47.72
N THR E 155 -71.36 7.24 -46.78
CA THR E 155 -72.15 6.02 -46.66
C THR E 155 -73.59 6.37 -46.34
N VAL E 156 -74.49 5.41 -46.54
CA VAL E 156 -75.92 5.66 -46.52
C VAL E 156 -76.61 4.60 -45.67
N ALA E 157 -77.69 5.00 -45.00
CA ALA E 157 -78.57 4.08 -44.29
C ALA E 157 -80.02 4.47 -44.52
N TRP E 158 -80.89 3.47 -44.64
CA TRP E 158 -82.29 3.68 -44.98
C TRP E 158 -83.19 3.34 -43.80
N LYS E 159 -84.26 4.11 -43.65
CA LYS E 159 -85.11 4.07 -42.48
C LYS E 159 -86.58 3.94 -42.88
N ALA E 160 -87.24 2.91 -42.34
CA ALA E 160 -88.68 2.87 -42.23
C ALA E 160 -89.06 3.52 -40.91
N ASP E 161 -90.36 3.74 -40.69
CA ASP E 161 -90.85 4.75 -39.74
C ASP E 161 -89.95 4.96 -38.54
N SER E 162 -89.44 3.88 -37.95
CA SER E 162 -88.50 3.99 -36.85
C SER E 162 -87.30 3.06 -36.98
N SER E 163 -87.37 2.08 -37.85
CA SER E 163 -86.30 1.09 -37.84
C SER E 163 -85.40 1.24 -39.07
N PRO E 164 -84.18 0.73 -39.01
CA PRO E 164 -83.37 0.67 -40.23
C PRO E 164 -83.77 -0.51 -41.08
N VAL E 165 -83.51 -0.39 -42.38
CA VAL E 165 -83.81 -1.45 -43.35
C VAL E 165 -82.54 -1.77 -44.12
N LYS E 166 -82.38 -3.03 -44.53
CA LYS E 166 -81.20 -3.46 -45.27
C LYS E 166 -81.52 -4.34 -46.47
N ALA E 167 -82.73 -4.24 -47.03
CA ALA E 167 -83.13 -5.06 -48.17
C ALA E 167 -83.79 -4.17 -49.22
N GLY E 168 -83.41 -4.38 -50.48
CA GLY E 168 -83.98 -3.63 -51.59
C GLY E 168 -83.29 -2.32 -51.89
N VAL E 169 -82.06 -2.12 -51.42
CA VAL E 169 -81.37 -0.86 -51.60
C VAL E 169 -80.13 -1.09 -52.45
N GLU E 170 -79.88 -0.19 -53.39
CA GLU E 170 -78.70 -0.22 -54.25
C GLU E 170 -77.99 1.13 -54.15
N THR E 171 -76.67 1.10 -54.10
CA THR E 171 -75.88 2.30 -53.82
C THR E 171 -74.78 2.44 -54.85
N THR E 172 -74.78 3.55 -55.57
CA THR E 172 -73.72 3.84 -56.52
C THR E 172 -72.43 4.15 -55.78
N THR E 173 -71.31 3.80 -56.37
CA THR E 173 -70.04 4.28 -55.89
C THR E 173 -69.91 5.76 -56.23
N PRO E 174 -69.18 6.54 -55.44
CA PRO E 174 -69.08 7.97 -55.74
C PRO E 174 -68.39 8.22 -57.07
N SER E 175 -68.91 9.21 -57.79
CA SER E 175 -68.41 9.55 -59.11
C SER E 175 -68.03 11.02 -59.14
N LYS E 176 -66.90 11.32 -59.79
CA LYS E 176 -66.40 12.69 -59.82
C LYS E 176 -67.11 13.50 -60.88
N GLN E 177 -67.49 14.72 -60.52
CA GLN E 177 -68.16 15.64 -61.42
C GLN E 177 -67.14 16.52 -62.12
N SER E 178 -67.62 17.57 -62.78
CA SER E 178 -66.73 18.55 -63.40
C SER E 178 -65.99 19.36 -62.37
N ASN E 179 -66.69 19.87 -61.36
CA ASN E 179 -66.09 20.66 -60.29
C ASN E 179 -65.18 19.82 -59.40
N ASN E 180 -64.92 18.58 -59.77
CA ASN E 180 -63.96 17.72 -59.09
C ASN E 180 -64.40 17.42 -57.66
N LYS E 181 -65.69 17.55 -57.39
CA LYS E 181 -66.25 16.88 -56.24
C LYS E 181 -67.10 15.70 -56.71
N TYR E 182 -67.76 15.04 -55.77
CA TYR E 182 -68.36 13.75 -56.03
C TYR E 182 -69.88 13.81 -56.00
N ALA E 183 -70.49 12.70 -56.40
CA ALA E 183 -71.93 12.52 -56.44
C ALA E 183 -72.22 11.04 -56.32
N ALA E 184 -73.39 10.71 -55.78
CA ALA E 184 -73.78 9.32 -55.60
C ALA E 184 -75.29 9.24 -55.57
N SER E 185 -75.79 8.01 -55.59
CA SER E 185 -77.23 7.77 -55.63
C SER E 185 -77.54 6.41 -55.05
N SER E 186 -78.73 6.28 -54.48
CA SER E 186 -79.20 5.02 -53.92
C SER E 186 -80.68 4.87 -54.17
N TYR E 187 -81.10 3.63 -54.35
CA TYR E 187 -82.46 3.29 -54.72
C TYR E 187 -83.01 2.30 -53.72
N LEU E 188 -84.28 2.44 -53.39
CA LEU E 188 -84.96 1.56 -52.44
C LEU E 188 -86.16 0.93 -53.16
N SER E 189 -86.20 -0.39 -53.16
CA SER E 189 -87.28 -1.13 -53.80
C SER E 189 -88.38 -1.43 -52.79
N LEU E 190 -89.63 -1.18 -53.18
CA LEU E 190 -90.77 -1.34 -52.28
C LEU E 190 -91.99 -1.74 -53.08
N THR E 191 -92.79 -2.62 -52.52
CA THR E 191 -94.13 -2.78 -53.05
C THR E 191 -95.03 -1.66 -52.51
N PRO E 192 -95.93 -1.12 -53.34
CA PRO E 192 -96.73 0.03 -52.89
C PRO E 192 -97.50 -0.23 -51.61
N GLU E 193 -97.87 -1.48 -51.34
CA GLU E 193 -98.54 -1.77 -50.07
C GLU E 193 -97.59 -1.59 -48.90
N GLN E 194 -96.30 -1.89 -49.09
CA GLN E 194 -95.32 -1.54 -48.06
C GLN E 194 -95.05 -0.05 -48.05
N TRP E 195 -95.19 0.60 -49.20
CA TRP E 195 -95.02 2.05 -49.27
C TRP E 195 -96.04 2.76 -48.39
N LYS E 196 -97.30 2.32 -48.44
CA LYS E 196 -98.32 2.90 -47.57
C LYS E 196 -98.38 2.22 -46.21
N SER E 197 -97.73 1.07 -46.05
CA SER E 197 -97.68 0.41 -44.75
C SER E 197 -97.02 1.31 -43.72
N HIS E 198 -95.78 1.69 -43.94
CA HIS E 198 -95.08 2.56 -43.02
C HIS E 198 -95.39 4.02 -43.31
N ARG E 199 -95.53 4.81 -42.25
CA ARG E 199 -96.02 6.17 -42.40
C ARG E 199 -94.98 7.09 -43.03
N SER E 200 -93.70 6.75 -42.92
CA SER E 200 -92.69 7.59 -43.56
C SER E 200 -91.37 6.84 -43.61
N TYR E 201 -90.56 7.18 -44.60
CA TYR E 201 -89.22 6.64 -44.73
C TYR E 201 -88.22 7.78 -44.78
N SER E 202 -86.95 7.44 -44.69
CA SER E 202 -85.90 8.45 -44.76
C SER E 202 -84.61 7.84 -45.26
N CYS E 203 -83.77 8.70 -45.85
CA CYS E 203 -82.42 8.36 -46.26
C CYS E 203 -81.47 9.22 -45.45
N GLN E 204 -80.53 8.59 -44.75
CA GLN E 204 -79.51 9.30 -44.00
C GLN E 204 -78.16 9.00 -44.63
N VAL E 205 -77.27 9.99 -44.61
CA VAL E 205 -75.93 9.85 -45.17
C VAL E 205 -74.95 10.31 -44.09
N THR E 206 -73.90 9.53 -43.89
CA THR E 206 -72.84 9.89 -42.96
C THR E 206 -71.56 10.13 -43.74
N HIS E 207 -70.79 11.11 -43.28
CA HIS E 207 -69.68 11.68 -44.04
C HIS E 207 -68.77 12.37 -43.04
N GLU E 208 -67.58 11.82 -42.81
CA GLU E 208 -66.61 12.36 -41.86
C GLU E 208 -67.21 12.53 -40.46
N GLY E 209 -67.89 11.51 -39.96
CA GLY E 209 -68.52 11.61 -38.66
C GLY E 209 -69.85 12.33 -38.74
N SER E 210 -69.87 13.47 -39.43
CA SER E 210 -71.09 14.23 -39.63
C SER E 210 -72.15 13.39 -40.31
N THR E 211 -73.40 13.80 -40.16
CA THR E 211 -74.53 13.09 -40.74
C THR E 211 -75.60 14.10 -41.13
N VAL E 212 -76.22 13.87 -42.28
CA VAL E 212 -77.42 14.61 -42.66
C VAL E 212 -78.42 13.61 -43.19
N GLU E 213 -79.69 13.80 -42.82
CA GLU E 213 -80.75 12.89 -43.21
C GLU E 213 -81.91 13.69 -43.79
N LYS E 214 -82.59 13.12 -44.76
CA LYS E 214 -83.86 13.66 -45.25
C LYS E 214 -84.93 12.58 -45.14
N THR E 215 -86.19 13.02 -45.12
CA THR E 215 -87.31 12.15 -44.79
C THR E 215 -88.51 12.52 -45.65
N VAL E 216 -89.27 11.52 -46.07
CA VAL E 216 -90.52 11.74 -46.80
C VAL E 216 -91.57 10.77 -46.27
N ALA E 217 -92.80 11.27 -46.20
CA ALA E 217 -93.94 10.48 -45.77
C ALA E 217 -94.89 10.31 -46.95
N PRO E 218 -95.49 9.13 -47.10
CA PRO E 218 -96.49 8.94 -48.16
C PRO E 218 -97.64 9.94 -48.01
N THR E 219 -97.73 10.84 -48.98
CA THR E 219 -98.77 11.87 -49.06
C THR E 219 -99.05 12.55 -47.73
N GLN F 1 -55.72 60.64 -3.54
CA GLN F 1 -54.50 60.37 -4.29
C GLN F 1 -54.81 59.94 -5.71
N VAL F 2 -53.86 59.26 -6.35
CA VAL F 2 -53.85 59.07 -7.79
C VAL F 2 -55.22 58.65 -8.28
N GLN F 3 -55.75 59.40 -9.24
CA GLN F 3 -57.04 59.11 -9.81
C GLN F 3 -57.18 59.86 -11.12
N LEU F 4 -57.70 59.16 -12.12
CA LEU F 4 -57.78 59.67 -13.48
C LEU F 4 -59.24 59.81 -13.86
N VAL F 5 -59.66 61.00 -14.26
CA VAL F 5 -61.03 61.23 -14.70
C VAL F 5 -60.98 61.47 -16.21
N GLU F 6 -62.07 61.14 -16.89
CA GLU F 6 -62.12 61.28 -18.34
C GLU F 6 -63.40 61.97 -18.78
N SER F 7 -63.38 62.53 -19.97
CA SER F 7 -64.56 63.18 -20.51
C SER F 7 -64.41 63.31 -22.01
N GLY F 8 -65.51 63.71 -22.65
CA GLY F 8 -65.56 63.89 -24.08
C GLY F 8 -66.49 62.94 -24.80
N GLY F 9 -67.00 61.92 -24.12
CA GLY F 9 -67.86 60.95 -24.75
C GLY F 9 -69.16 61.57 -25.26
N GLY F 10 -69.93 60.73 -25.95
CA GLY F 10 -71.20 61.19 -26.49
C GLY F 10 -71.64 60.40 -27.70
N VAL F 11 -72.48 60.99 -28.54
CA VAL F 11 -73.05 60.31 -29.69
C VAL F 11 -72.85 61.18 -30.92
N VAL F 12 -72.29 60.60 -31.97
CA VAL F 12 -72.06 61.29 -33.22
C VAL F 12 -72.41 60.36 -34.37
N GLN F 13 -72.58 60.94 -35.54
CA GLN F 13 -72.78 60.14 -36.72
C GLN F 13 -71.44 59.89 -37.40
N PRO F 14 -71.31 58.81 -38.17
CA PRO F 14 -70.00 58.47 -38.72
C PRO F 14 -69.45 59.58 -39.60
N GLY F 15 -68.13 59.56 -39.78
CA GLY F 15 -67.45 60.53 -40.59
C GLY F 15 -67.04 61.79 -39.87
N ARG F 16 -67.69 62.13 -38.77
CA ARG F 16 -67.35 63.33 -38.03
C ARG F 16 -66.09 63.06 -37.21
N SER F 17 -65.79 63.95 -36.26
CA SER F 17 -64.60 63.82 -35.46
C SER F 17 -64.89 64.21 -34.02
N LEU F 18 -64.05 63.71 -33.12
CA LEU F 18 -64.28 63.82 -31.69
C LEU F 18 -62.94 63.86 -31.00
N ARG F 19 -62.92 64.37 -29.78
CA ARG F 19 -61.70 64.30 -28.98
C ARG F 19 -62.05 64.06 -27.53
N LEU F 20 -61.20 63.26 -26.89
CA LEU F 20 -61.38 62.82 -25.52
C LEU F 20 -60.26 63.37 -24.66
N SER F 21 -60.60 63.68 -23.41
CA SER F 21 -59.67 64.31 -22.49
C SER F 21 -59.61 63.48 -21.22
N CYS F 22 -58.42 63.02 -20.86
CA CYS F 22 -58.21 62.28 -19.62
C CYS F 22 -57.37 63.19 -18.73
N ALA F 23 -57.99 63.71 -17.68
CA ALA F 23 -57.33 64.59 -16.73
C ALA F 23 -56.84 63.76 -15.55
N ALA F 24 -55.54 63.85 -15.26
CA ALA F 24 -54.99 63.11 -14.15
C ALA F 24 -54.97 63.97 -12.90
N SER F 25 -54.42 63.40 -11.83
CA SER F 25 -54.22 64.10 -10.56
C SER F 25 -53.42 63.18 -9.65
N GLY F 26 -53.05 63.67 -8.48
CA GLY F 26 -52.36 62.81 -7.56
C GLY F 26 -50.88 62.74 -7.84
N PHE F 27 -50.47 61.71 -8.56
CA PHE F 27 -49.09 61.46 -8.90
C PHE F 27 -48.55 62.61 -9.78
N THR F 28 -47.26 62.55 -10.09
CA THR F 28 -46.67 63.53 -10.99
C THR F 28 -46.81 63.07 -12.43
N PHE F 29 -47.69 63.74 -13.17
CA PHE F 29 -48.14 63.24 -14.47
C PHE F 29 -47.01 62.93 -15.42
N SER F 30 -46.00 63.77 -15.49
CA SER F 30 -45.06 63.73 -16.61
C SER F 30 -43.94 62.74 -16.41
N SER F 31 -44.13 61.74 -15.55
CA SER F 31 -43.11 60.74 -15.33
C SER F 31 -43.52 59.36 -15.82
N TYR F 32 -44.67 59.22 -16.47
CA TYR F 32 -45.20 57.91 -16.76
C TYR F 32 -45.68 57.84 -18.20
N GLY F 33 -45.85 56.62 -18.69
CA GLY F 33 -46.41 56.38 -20.00
C GLY F 33 -47.90 56.10 -19.87
N MET F 34 -48.65 56.56 -20.86
CA MET F 34 -50.11 56.51 -20.78
C MET F 34 -50.70 55.83 -22.00
N HIS F 35 -51.75 55.05 -21.78
CA HIS F 35 -52.39 54.31 -22.85
C HIS F 35 -53.87 54.67 -22.92
N TRP F 36 -54.42 54.50 -24.12
CA TRP F 36 -55.85 54.48 -24.33
C TRP F 36 -56.24 53.07 -24.72
N VAL F 37 -57.21 52.50 -24.01
CA VAL F 37 -57.67 51.14 -24.22
C VAL F 37 -59.18 51.17 -24.29
N ARG F 38 -59.76 50.50 -25.28
CA ARG F 38 -61.20 50.53 -25.47
C ARG F 38 -61.77 49.13 -25.33
N GLN F 39 -63.08 49.07 -25.07
CA GLN F 39 -63.78 47.80 -25.12
C GLN F 39 -65.20 48.04 -25.60
N ALA F 40 -65.65 47.20 -26.51
CA ALA F 40 -66.98 47.35 -27.08
C ALA F 40 -68.03 46.92 -26.06
N PRO F 41 -69.27 47.35 -26.22
CA PRO F 41 -70.29 46.94 -25.26
C PRO F 41 -70.63 45.47 -25.43
N GLY F 42 -70.18 44.65 -24.48
CA GLY F 42 -70.37 43.23 -24.56
C GLY F 42 -69.28 42.45 -25.26
N LYS F 43 -68.07 42.98 -25.33
CA LYS F 43 -66.95 42.29 -25.95
C LYS F 43 -65.74 42.37 -25.04
N GLY F 44 -64.59 41.95 -25.57
CA GLY F 44 -63.36 41.95 -24.81
C GLY F 44 -62.62 43.26 -24.89
N LEU F 45 -61.54 43.34 -24.12
CA LEU F 45 -60.71 44.52 -24.12
C LEU F 45 -59.90 44.59 -25.40
N GLU F 46 -59.46 45.80 -25.74
CA GLU F 46 -58.64 46.00 -26.92
C GLU F 46 -57.79 47.23 -26.73
N TRP F 47 -56.48 47.08 -26.94
CA TRP F 47 -55.55 48.18 -26.81
C TRP F 47 -55.65 49.08 -28.02
N VAL F 48 -55.55 50.38 -27.80
CA VAL F 48 -55.71 51.37 -28.86
C VAL F 48 -54.43 52.14 -29.11
N ALA F 49 -53.89 52.80 -28.10
CA ALA F 49 -52.74 53.64 -28.38
C ALA F 49 -51.91 53.84 -27.12
N VAL F 50 -50.65 54.21 -27.32
CA VAL F 50 -49.70 54.41 -26.24
C VAL F 50 -48.98 55.72 -26.47
N ILE F 51 -48.46 56.32 -25.42
CA ILE F 51 -47.57 57.47 -25.55
C ILE F 51 -46.62 57.49 -24.37
N TRP F 52 -45.33 57.62 -24.67
CA TRP F 52 -44.27 57.63 -23.68
C TRP F 52 -44.38 58.87 -22.82
N TYR F 53 -43.45 59.05 -21.90
CA TYR F 53 -43.39 60.32 -21.19
C TYR F 53 -42.82 61.33 -22.17
N ASP F 54 -43.70 61.85 -23.03
CA ASP F 54 -43.40 62.74 -24.15
C ASP F 54 -42.29 62.20 -25.04
N GLY F 55 -41.94 60.94 -24.86
CA GLY F 55 -40.87 60.34 -25.62
C GLY F 55 -41.18 60.10 -27.06
N SER F 56 -42.34 60.57 -27.52
CA SER F 56 -42.68 60.52 -28.93
C SER F 56 -42.60 59.10 -29.48
N ASN F 57 -43.17 58.16 -28.74
CA ASN F 57 -43.41 56.82 -29.27
C ASN F 57 -44.92 56.67 -29.35
N LYS F 58 -45.46 56.84 -30.54
CA LYS F 58 -46.91 56.87 -30.66
C LYS F 58 -47.49 55.46 -30.75
N TYR F 59 -47.14 54.71 -31.79
CA TYR F 59 -47.42 53.28 -31.83
C TYR F 59 -48.92 53.00 -31.69
N TYR F 60 -49.68 53.34 -32.72
CA TYR F 60 -51.12 53.10 -32.70
C TYR F 60 -51.44 51.63 -32.87
N ALA F 61 -52.71 51.32 -33.11
CA ALA F 61 -53.13 49.93 -33.28
C ALA F 61 -53.65 49.67 -34.70
N ASP F 62 -53.30 48.51 -35.24
CA ASP F 62 -53.72 48.13 -36.59
C ASP F 62 -55.23 48.05 -36.72
N SER F 63 -55.86 49.21 -36.89
CA SER F 63 -57.31 49.33 -37.03
C SER F 63 -57.67 50.76 -36.70
N VAL F 64 -56.68 51.49 -36.20
CA VAL F 64 -56.83 52.88 -35.82
C VAL F 64 -55.83 53.76 -36.52
N LYS F 65 -54.83 53.18 -37.17
CA LYS F 65 -53.78 53.96 -37.81
C LYS F 65 -54.37 54.91 -38.83
N GLY F 66 -53.79 56.08 -38.95
CA GLY F 66 -54.27 57.05 -39.90
C GLY F 66 -55.61 57.66 -39.57
N ARG F 67 -56.18 57.35 -38.40
CA ARG F 67 -57.44 57.95 -38.00
C ARG F 67 -57.44 58.47 -36.57
N PHE F 68 -56.51 58.06 -35.74
CA PHE F 68 -56.44 58.49 -34.34
C PHE F 68 -55.12 59.18 -34.10
N THR F 69 -55.15 60.26 -33.32
CA THR F 69 -53.93 60.95 -32.92
C THR F 69 -53.91 61.06 -31.41
N ILE F 70 -52.82 60.60 -30.83
CA ILE F 70 -52.64 60.61 -29.38
C ILE F 70 -51.63 61.70 -29.04
N SER F 71 -51.84 62.38 -27.94
CA SER F 71 -50.99 63.49 -27.55
C SER F 71 -51.18 63.77 -26.07
N ARG F 72 -50.29 64.57 -25.50
CA ARG F 72 -50.39 64.91 -24.08
C ARG F 72 -49.96 66.34 -23.86
N ASP F 73 -50.22 66.82 -22.65
CA ASP F 73 -49.86 68.16 -22.22
C ASP F 73 -49.62 68.08 -20.72
N ASN F 74 -48.36 67.98 -20.33
CA ASN F 74 -48.05 67.88 -18.92
C ASN F 74 -48.11 69.22 -18.22
N SER F 75 -48.20 70.32 -18.97
CA SER F 75 -48.43 71.61 -18.34
C SER F 75 -49.79 71.69 -17.68
N LYS F 76 -50.75 70.88 -18.12
CA LYS F 76 -52.06 70.82 -17.51
C LYS F 76 -52.40 69.41 -17.01
N ASN F 77 -51.44 68.49 -17.10
CA ASN F 77 -51.66 67.09 -16.71
C ASN F 77 -52.85 66.52 -17.46
N THR F 78 -52.75 66.47 -18.78
CA THR F 78 -53.87 66.09 -19.61
C THR F 78 -53.39 65.16 -20.72
N LEU F 79 -54.17 64.13 -21.00
CA LEU F 79 -53.93 63.25 -22.13
C LEU F 79 -55.10 63.42 -23.09
N TYR F 80 -54.81 63.44 -24.38
CA TYR F 80 -55.85 63.67 -25.37
C TYR F 80 -55.94 62.48 -26.30
N LEU F 81 -57.08 62.39 -26.99
CA LEU F 81 -57.22 61.44 -28.09
C LEU F 81 -58.14 62.07 -29.12
N GLN F 82 -57.64 62.24 -30.34
CA GLN F 82 -58.42 62.84 -31.41
C GLN F 82 -58.77 61.78 -32.42
N MET F 83 -60.06 61.49 -32.54
CA MET F 83 -60.57 60.53 -33.50
C MET F 83 -61.23 61.29 -34.65
N ASN F 84 -61.06 60.80 -35.87
CA ASN F 84 -61.72 61.42 -37.01
C ASN F 84 -62.03 60.34 -38.03
N SER F 85 -63.10 60.56 -38.78
CA SER F 85 -63.64 59.58 -39.71
C SER F 85 -64.04 58.31 -38.97
N LEU F 86 -65.03 58.46 -38.10
CA LEU F 86 -65.45 57.37 -37.24
C LEU F 86 -66.15 56.28 -38.04
N ARG F 87 -65.69 55.05 -37.88
CA ARG F 87 -66.13 53.94 -38.71
C ARG F 87 -67.51 53.43 -38.36
N ALA F 88 -68.26 54.14 -37.52
CA ALA F 88 -69.58 53.68 -37.07
C ALA F 88 -69.49 52.31 -36.42
N GLU F 89 -68.29 51.90 -36.07
CA GLU F 89 -68.04 50.68 -35.34
C GLU F 89 -67.18 50.93 -34.12
N ASP F 90 -66.37 51.99 -34.12
CA ASP F 90 -65.63 52.41 -32.94
C ASP F 90 -66.61 53.05 -31.97
N THR F 91 -67.55 52.25 -31.51
CA THR F 91 -68.48 52.65 -30.46
C THR F 91 -68.23 51.76 -29.26
N ALA F 92 -67.81 52.35 -28.16
CA ALA F 92 -67.27 51.55 -27.08
C ALA F 92 -67.14 52.40 -25.83
N VAL F 93 -66.45 51.84 -24.84
CA VAL F 93 -66.05 52.56 -23.64
C VAL F 93 -64.54 52.66 -23.69
N TYR F 94 -64.03 53.84 -23.39
CA TYR F 94 -62.60 54.13 -23.50
C TYR F 94 -62.04 54.44 -22.12
N TYR F 95 -60.90 53.84 -21.80
CA TYR F 95 -60.20 54.10 -20.55
C TYR F 95 -58.81 54.62 -20.85
N CYS F 96 -58.30 55.46 -19.97
CA CYS F 96 -56.89 55.81 -19.95
C CYS F 96 -56.22 55.04 -18.83
N ALA F 97 -55.10 54.41 -19.12
CA ALA F 97 -54.39 53.59 -18.17
C ALA F 97 -52.98 54.11 -17.98
N ARG F 98 -52.42 53.89 -16.80
CA ARG F 98 -51.04 54.25 -16.53
C ARG F 98 -50.18 53.01 -16.67
N TRP F 99 -48.98 53.16 -17.18
CA TRP F 99 -48.15 52.01 -17.50
C TRP F 99 -46.98 51.93 -16.54
N PHE F 100 -46.98 50.95 -15.66
CA PHE F 100 -45.84 50.70 -14.80
C PHE F 100 -44.86 49.84 -15.57
N HIS F 101 -43.74 50.43 -15.96
CA HIS F 101 -42.86 49.85 -16.97
C HIS F 101 -41.91 48.80 -16.43
N THR F 102 -41.20 49.08 -15.34
CA THR F 102 -40.26 48.09 -14.86
C THR F 102 -40.92 46.86 -14.28
N GLY F 103 -42.23 46.84 -14.18
CA GLY F 103 -42.93 45.64 -13.79
C GLY F 103 -43.64 45.10 -15.00
N GLY F 104 -44.11 46.02 -15.83
CA GLY F 104 -44.65 45.67 -17.12
C GLY F 104 -46.14 45.47 -17.13
N TYR F 105 -46.89 46.35 -16.50
CA TYR F 105 -48.33 46.15 -16.51
C TYR F 105 -49.05 47.47 -16.27
N PHE F 106 -50.34 47.46 -16.52
CA PHE F 106 -51.15 48.64 -16.32
C PHE F 106 -51.47 48.79 -14.84
N ASP F 107 -51.77 50.02 -14.45
CA ASP F 107 -52.44 50.26 -13.19
C ASP F 107 -53.13 51.62 -13.25
N TYR F 108 -54.02 51.84 -12.30
CA TYR F 108 -54.73 53.09 -12.18
C TYR F 108 -55.49 53.42 -13.46
N TRP F 109 -56.49 52.61 -13.72
CA TRP F 109 -57.41 52.88 -14.81
C TRP F 109 -58.36 54.01 -14.43
N GLY F 110 -59.15 54.44 -15.39
CA GLY F 110 -59.87 55.69 -15.17
C GLY F 110 -61.35 55.71 -15.46
N GLN F 111 -62.05 54.61 -15.17
CA GLN F 111 -63.51 54.58 -15.13
C GLN F 111 -64.16 54.69 -16.50
N GLY F 112 -63.39 55.00 -17.53
CA GLY F 112 -63.89 54.99 -18.88
C GLY F 112 -64.96 56.01 -19.20
N THR F 113 -65.22 56.21 -20.49
CA THR F 113 -66.34 57.01 -20.95
C THR F 113 -66.87 56.39 -22.23
N LEU F 114 -68.16 56.55 -22.46
CA LEU F 114 -68.85 55.85 -23.54
C LEU F 114 -69.05 56.76 -24.72
N VAL F 115 -68.69 56.29 -25.91
CA VAL F 115 -68.96 57.02 -27.15
C VAL F 115 -69.63 56.06 -28.12
N THR F 116 -70.75 56.52 -28.68
CA THR F 116 -71.61 55.70 -29.54
C THR F 116 -71.69 56.36 -30.90
N VAL F 117 -71.28 55.64 -31.94
CA VAL F 117 -71.33 56.20 -33.28
C VAL F 117 -72.65 55.84 -33.93
N SER F 118 -73.68 56.65 -33.71
CA SER F 118 -75.00 56.33 -34.23
C SER F 118 -75.19 56.84 -35.65
N SER F 119 -76.34 56.52 -36.25
CA SER F 119 -76.73 57.13 -37.51
C SER F 119 -78.21 57.43 -37.52
N ALA F 120 -78.90 57.04 -36.45
CA ALA F 120 -80.35 57.22 -36.36
C ALA F 120 -80.68 58.52 -35.65
N SER F 121 -81.89 59.04 -35.86
CA SER F 121 -82.26 60.28 -35.22
C SER F 121 -83.41 60.08 -34.23
N THR F 122 -84.56 59.62 -34.72
CA THR F 122 -85.72 59.32 -33.89
C THR F 122 -86.78 58.66 -34.75
N LYS F 123 -87.45 57.64 -34.24
CA LYS F 123 -88.46 56.95 -35.01
C LYS F 123 -89.43 56.21 -34.10
N GLY F 124 -90.65 56.04 -34.58
CA GLY F 124 -91.69 55.40 -33.82
C GLY F 124 -91.69 53.90 -34.00
N PRO F 125 -92.29 53.18 -33.06
CA PRO F 125 -92.24 51.72 -33.10
C PRO F 125 -93.28 51.15 -34.05
N SER F 126 -92.96 50.00 -34.64
CA SER F 126 -93.90 49.21 -35.39
C SER F 126 -94.29 47.99 -34.57
N VAL F 127 -95.59 47.75 -34.43
CA VAL F 127 -96.11 46.75 -33.50
C VAL F 127 -96.79 45.63 -34.29
N PHE F 128 -96.54 44.40 -33.87
CA PHE F 128 -97.26 43.21 -34.31
C PHE F 128 -97.70 42.40 -33.10
N PRO F 129 -98.85 41.72 -33.16
CA PRO F 129 -99.20 40.79 -32.09
C PRO F 129 -98.73 39.38 -32.41
N LEU F 130 -98.00 38.77 -31.47
CA LEU F 130 -97.60 37.36 -31.59
C LEU F 130 -98.67 36.54 -30.91
N ALA F 131 -99.47 35.87 -31.71
CA ALA F 131 -100.68 35.14 -31.35
C ALA F 131 -100.34 33.95 -30.46
N PRO F 132 -101.24 33.59 -29.55
CA PRO F 132 -101.08 32.32 -28.84
C PRO F 132 -101.34 31.16 -29.79
N SER F 133 -100.49 30.15 -29.72
CA SER F 133 -100.59 29.02 -30.64
C SER F 133 -100.32 27.72 -29.89
N SER F 134 -100.72 26.61 -30.52
CA SER F 134 -100.46 25.30 -29.94
C SER F 134 -98.97 25.02 -29.85
N LYS F 135 -98.17 25.60 -30.75
CA LYS F 135 -96.71 25.50 -30.63
C LYS F 135 -96.19 26.26 -29.43
N SER F 136 -96.94 27.26 -28.97
CA SER F 136 -96.66 27.89 -27.69
C SER F 136 -97.46 27.28 -26.55
N THR F 137 -98.54 26.58 -26.86
CA THR F 137 -99.37 25.98 -25.82
C THR F 137 -98.74 24.69 -25.31
N SER F 138 -98.85 24.46 -23.99
CA SER F 138 -98.37 23.24 -23.36
C SER F 138 -99.22 22.98 -22.12
N GLY F 139 -100.16 22.05 -22.23
CA GLY F 139 -100.94 21.65 -21.07
C GLY F 139 -101.89 22.74 -20.63
N GLY F 140 -101.64 23.28 -19.44
CA GLY F 140 -102.57 24.19 -18.81
C GLY F 140 -102.45 25.65 -19.24
N THR F 141 -101.33 26.01 -19.87
CA THR F 141 -101.06 27.40 -20.18
C THR F 141 -100.60 27.57 -21.63
N ALA F 142 -100.76 28.79 -22.14
CA ALA F 142 -100.31 29.16 -23.47
C ALA F 142 -99.89 30.63 -23.43
N ALA F 143 -98.88 30.97 -24.25
CA ALA F 143 -98.25 32.28 -24.20
C ALA F 143 -98.62 33.11 -25.42
N LEU F 144 -98.81 34.41 -25.22
CA LEU F 144 -99.06 35.37 -26.28
C LEU F 144 -98.36 36.67 -25.96
N GLY F 145 -98.09 37.49 -26.98
CA GLY F 145 -97.34 38.69 -26.71
C GLY F 145 -97.43 39.72 -27.82
N CYS F 146 -96.58 40.73 -27.71
CA CYS F 146 -96.55 41.83 -28.66
C CYS F 146 -95.10 42.16 -29.00
N LEU F 147 -94.81 42.29 -30.28
CA LEU F 147 -93.49 42.61 -30.80
C LEU F 147 -93.48 44.06 -31.23
N VAL F 148 -92.67 44.87 -30.57
CA VAL F 148 -92.56 46.29 -30.86
C VAL F 148 -91.13 46.54 -31.32
N LYS F 149 -90.96 46.92 -32.58
CA LYS F 149 -89.64 46.92 -33.20
C LYS F 149 -89.35 48.25 -33.89
N ASP F 150 -88.11 48.39 -34.34
CA ASP F 150 -87.63 49.52 -35.14
C ASP F 150 -87.97 50.88 -34.55
N TYR F 151 -87.34 51.21 -33.43
CA TYR F 151 -87.43 52.55 -32.87
C TYR F 151 -86.07 52.98 -32.35
N PHE F 152 -85.70 54.24 -32.54
CA PHE F 152 -84.48 54.76 -31.94
C PHE F 152 -84.63 55.19 -30.48
N PRO F 153 -85.65 55.99 -30.13
CA PRO F 153 -85.62 56.64 -28.81
C PRO F 153 -85.85 55.68 -27.67
N GLU F 154 -84.75 55.13 -27.16
CA GLU F 154 -84.60 53.99 -26.27
C GLU F 154 -85.75 53.77 -25.28
N PRO F 155 -86.14 54.77 -24.47
CA PRO F 155 -87.21 54.50 -23.50
C PRO F 155 -88.55 54.30 -24.17
N VAL F 156 -89.04 53.06 -24.16
CA VAL F 156 -90.34 52.70 -24.73
C VAL F 156 -90.99 51.72 -23.76
N THR F 157 -92.32 51.71 -23.69
CA THR F 157 -92.96 50.83 -22.74
C THR F 157 -94.13 50.14 -23.39
N VAL F 158 -94.35 48.88 -23.00
CA VAL F 158 -95.51 48.10 -23.41
C VAL F 158 -96.12 47.50 -22.15
N SER F 159 -97.40 47.79 -21.93
CA SER F 159 -98.12 47.21 -20.82
C SER F 159 -99.15 46.23 -21.35
N TRP F 160 -99.71 45.44 -20.45
CA TRP F 160 -100.75 44.50 -20.81
C TRP F 160 -102.07 44.91 -20.15
N ASN F 161 -103.05 45.20 -20.99
CA ASN F 161 -104.40 45.56 -20.55
C ASN F 161 -104.35 46.75 -19.59
N SER F 162 -103.73 47.83 -20.06
CA SER F 162 -103.65 49.10 -19.32
C SER F 162 -103.03 48.92 -17.94
N GLY F 163 -102.16 47.91 -17.80
CA GLY F 163 -101.53 47.63 -16.52
C GLY F 163 -102.23 46.61 -15.66
N ALA F 164 -103.19 45.86 -16.21
CA ALA F 164 -103.96 44.91 -15.41
C ALA F 164 -103.19 43.63 -15.10
N LEU F 165 -102.68 42.93 -16.11
CA LEU F 165 -102.05 41.63 -15.91
C LEU F 165 -100.61 41.84 -15.47
N THR F 166 -100.26 41.27 -14.31
CA THR F 166 -98.90 41.32 -13.80
C THR F 166 -98.34 39.90 -13.69
N SER F 167 -99.18 38.91 -13.95
CA SER F 167 -98.78 37.51 -13.90
C SER F 167 -98.32 37.06 -15.28
N GLY F 168 -97.08 36.58 -15.35
CA GLY F 168 -96.52 36.07 -16.59
C GLY F 168 -96.06 37.14 -17.56
N VAL F 169 -96.43 38.40 -17.34
CA VAL F 169 -96.00 39.49 -18.20
C VAL F 169 -94.51 39.71 -18.01
N HIS F 170 -93.74 39.47 -19.06
CA HIS F 170 -92.30 39.73 -19.05
C HIS F 170 -91.93 40.45 -20.34
N THR F 171 -91.30 41.61 -20.19
CA THR F 171 -90.79 42.37 -21.32
C THR F 171 -89.30 42.09 -21.40
N PHE F 172 -88.85 41.69 -22.56
CA PHE F 172 -87.45 41.31 -22.69
C PHE F 172 -86.61 42.52 -23.07
N PRO F 173 -85.32 42.51 -22.72
CA PRO F 173 -84.48 43.66 -23.04
C PRO F 173 -84.50 43.95 -24.53
N ALA F 174 -84.57 45.24 -24.86
CA ALA F 174 -84.57 45.63 -26.25
C ALA F 174 -83.25 45.24 -26.90
N VAL F 175 -83.31 44.95 -28.19
CA VAL F 175 -82.13 44.56 -28.93
C VAL F 175 -81.82 45.65 -29.94
N LEU F 176 -80.54 45.91 -30.13
CA LEU F 176 -80.06 46.93 -31.04
C LEU F 176 -79.58 46.27 -32.32
N GLN F 177 -80.27 46.52 -33.42
CA GLN F 177 -79.97 45.88 -34.68
C GLN F 177 -78.80 46.57 -35.38
N SER F 178 -78.38 45.99 -36.51
CA SER F 178 -77.37 46.64 -37.33
C SER F 178 -77.91 47.89 -37.99
N SER F 179 -79.22 47.94 -38.24
CA SER F 179 -79.83 49.13 -38.80
C SER F 179 -79.69 50.35 -37.89
N GLY F 180 -79.37 50.13 -36.62
CA GLY F 180 -79.25 51.20 -35.65
C GLY F 180 -80.49 51.43 -34.82
N LEU F 181 -81.56 50.69 -35.07
CA LEU F 181 -82.81 50.87 -34.34
C LEU F 181 -83.03 49.74 -33.37
N TYR F 182 -83.74 50.03 -32.29
CA TYR F 182 -83.99 49.04 -31.27
C TYR F 182 -85.21 48.19 -31.64
N SER F 183 -85.38 47.10 -30.90
CA SER F 183 -86.53 46.22 -31.04
C SER F 183 -86.65 45.37 -29.79
N LEU F 184 -87.89 45.02 -29.45
CA LEU F 184 -88.14 44.16 -28.30
C LEU F 184 -89.48 43.45 -28.49
N SER F 185 -89.74 42.51 -27.59
CA SER F 185 -90.97 41.73 -27.59
C SER F 185 -91.33 41.38 -26.14
N SER F 186 -92.58 41.63 -25.76
CA SER F 186 -93.05 41.34 -24.41
C SER F 186 -94.10 40.25 -24.48
N VAL F 187 -93.95 39.22 -23.66
CA VAL F 187 -94.81 38.05 -23.74
C VAL F 187 -95.38 37.73 -22.36
N VAL F 188 -96.57 37.17 -22.34
CA VAL F 188 -97.24 36.76 -21.12
C VAL F 188 -97.96 35.44 -21.37
N THR F 189 -97.90 34.55 -20.38
CA THR F 189 -98.60 33.28 -20.43
C THR F 189 -99.93 33.41 -19.70
N VAL F 190 -100.91 32.62 -20.13
CA VAL F 190 -102.29 32.70 -19.65
C VAL F 190 -102.90 31.32 -19.87
N PRO F 191 -103.77 30.84 -18.97
CA PRO F 191 -104.30 29.48 -19.11
C PRO F 191 -104.81 29.17 -20.51
N SER F 192 -104.50 27.97 -20.99
CA SER F 192 -104.87 27.60 -22.36
C SER F 192 -106.38 27.50 -22.52
N SER F 193 -107.12 27.36 -21.42
CA SER F 193 -108.57 27.45 -21.51
C SER F 193 -109.01 28.86 -21.85
N SER F 194 -108.12 29.84 -21.67
CA SER F 194 -108.42 31.25 -21.87
C SER F 194 -107.70 31.85 -23.06
N LEU F 195 -107.63 31.14 -24.19
CA LEU F 195 -106.94 31.67 -25.36
C LEU F 195 -107.51 33.01 -25.81
N GLY F 196 -108.77 33.03 -26.26
CA GLY F 196 -109.37 34.26 -26.70
C GLY F 196 -110.35 34.84 -25.71
N THR F 197 -110.62 34.12 -24.61
CA THR F 197 -111.75 34.40 -23.75
C THR F 197 -111.75 35.82 -23.20
N GLN F 198 -110.66 36.25 -22.56
CA GLN F 198 -110.63 37.54 -21.92
C GLN F 198 -109.86 38.54 -22.77
N THR F 199 -109.66 39.74 -22.24
CA THR F 199 -108.98 40.81 -22.96
C THR F 199 -107.48 40.74 -22.73
N TYR F 200 -106.73 40.77 -23.82
CA TYR F 200 -105.27 40.85 -23.76
C TYR F 200 -104.83 41.87 -24.81
N ILE F 201 -104.78 43.13 -24.42
CA ILE F 201 -104.43 44.21 -25.31
C ILE F 201 -103.15 44.86 -24.78
N CYS F 202 -102.11 44.85 -25.61
CA CYS F 202 -100.85 45.49 -25.26
C CYS F 202 -100.92 46.97 -25.60
N ASN F 203 -100.59 47.79 -24.61
CA ASN F 203 -100.62 49.24 -24.68
C ASN F 203 -99.19 49.70 -24.90
N VAL F 204 -98.91 50.19 -26.10
CA VAL F 204 -97.57 50.62 -26.49
C VAL F 204 -97.51 52.14 -26.37
N ASN F 205 -96.58 52.62 -25.55
CA ASN F 205 -96.35 54.05 -25.40
C ASN F 205 -94.88 54.37 -25.61
N HIS F 206 -94.64 55.37 -26.46
CA HIS F 206 -93.32 55.86 -26.82
C HIS F 206 -93.23 57.30 -26.33
N LYS F 207 -92.46 57.52 -25.26
CA LYS F 207 -92.45 58.79 -24.55
C LYS F 207 -91.64 59.90 -25.23
N PRO F 208 -90.48 59.62 -25.83
CA PRO F 208 -89.82 60.69 -26.59
C PRO F 208 -90.66 61.18 -27.75
N SER F 209 -91.28 60.28 -28.50
CA SER F 209 -92.36 60.65 -29.41
C SER F 209 -93.65 60.68 -28.60
N ASN F 210 -94.79 60.69 -29.27
CA ASN F 210 -96.08 60.64 -28.59
C ASN F 210 -96.95 59.52 -29.15
N THR F 211 -96.37 58.33 -29.30
CA THR F 211 -97.08 57.18 -29.84
C THR F 211 -97.77 56.40 -28.74
N LYS F 212 -99.05 56.11 -28.96
CA LYS F 212 -99.86 55.32 -28.04
C LYS F 212 -100.82 54.47 -28.86
N VAL F 213 -100.61 53.16 -28.85
CA VAL F 213 -101.42 52.24 -29.65
C VAL F 213 -101.72 50.99 -28.83
N ASP F 214 -102.97 50.53 -28.89
CA ASP F 214 -103.39 49.30 -28.22
C ASP F 214 -103.63 48.22 -29.27
N LYS F 215 -102.96 47.08 -29.10
CA LYS F 215 -103.06 45.96 -30.04
C LYS F 215 -103.56 44.71 -29.32
N LYS F 216 -104.60 44.09 -29.87
CA LYS F 216 -105.17 42.88 -29.30
C LYS F 216 -104.47 41.66 -29.90
N VAL F 217 -104.21 40.66 -29.05
CA VAL F 217 -103.58 39.42 -29.47
C VAL F 217 -104.60 38.30 -29.34
N GLU F 218 -104.84 37.59 -30.43
CA GLU F 218 -105.83 36.52 -30.49
C GLU F 218 -105.18 35.30 -31.11
N PRO F 219 -105.70 34.10 -30.81
CA PRO F 219 -105.14 32.88 -31.41
C PRO F 219 -105.12 32.96 -32.93
N LYS F 220 -104.23 32.17 -33.52
CA LYS F 220 -104.05 32.19 -34.96
C LYS F 220 -105.31 31.69 -35.67
N SER F 221 -105.58 32.29 -36.82
CA SER F 221 -106.78 32.02 -37.60
C SER F 221 -106.92 30.54 -37.94
N GLN G 1 -50.58 39.91 -35.76
CA GLN G 1 -50.50 39.79 -34.31
C GLN G 1 -51.21 38.54 -33.87
N PRO G 2 -50.64 37.86 -32.88
CA PRO G 2 -51.26 36.61 -32.40
C PRO G 2 -52.63 36.88 -31.80
N VAL G 3 -53.36 35.81 -31.59
CA VAL G 3 -54.67 35.85 -30.97
C VAL G 3 -54.67 34.86 -29.82
N LEU G 4 -55.14 35.29 -28.66
CA LEU G 4 -55.06 34.49 -27.45
C LEU G 4 -56.45 33.94 -27.15
N THR G 5 -56.66 32.67 -27.46
CA THR G 5 -57.97 32.08 -27.34
C THR G 5 -58.27 31.75 -25.88
N GLN G 6 -59.49 32.05 -25.46
CA GLN G 6 -59.90 31.84 -24.08
C GLN G 6 -61.30 31.23 -24.09
N PRO G 7 -61.52 30.14 -23.38
CA PRO G 7 -62.84 29.57 -23.30
C PRO G 7 -63.77 30.46 -22.50
N PRO G 8 -64.89 30.87 -23.06
CA PRO G 8 -65.82 31.71 -22.33
C PRO G 8 -66.58 30.90 -21.28
N SER G 9 -66.87 31.57 -20.18
CA SER G 9 -67.86 31.12 -19.22
C SER G 9 -67.53 29.75 -18.64
N SER G 10 -66.47 29.70 -17.85
CA SER G 10 -66.32 28.59 -16.91
C SER G 10 -67.24 28.84 -15.72
N SER G 11 -67.24 27.89 -14.80
CA SER G 11 -68.11 28.01 -13.62
C SER G 11 -67.76 26.94 -12.60
N ALA G 12 -68.16 27.19 -11.35
CA ALA G 12 -67.91 26.28 -10.25
C ALA G 12 -68.73 26.78 -9.06
N SER G 13 -68.64 26.07 -7.93
CA SER G 13 -69.41 26.41 -6.75
C SER G 13 -68.47 26.72 -5.59
N PRO G 14 -68.93 27.48 -4.59
CA PRO G 14 -68.02 27.99 -3.56
C PRO G 14 -67.18 26.90 -2.93
N GLY G 15 -65.99 27.29 -2.50
CA GLY G 15 -65.05 26.35 -1.91
C GLY G 15 -64.27 25.53 -2.91
N GLU G 16 -64.71 25.49 -4.17
CA GLU G 16 -64.03 24.69 -5.18
C GLU G 16 -62.80 25.42 -5.69
N SER G 17 -62.23 24.93 -6.77
CA SER G 17 -61.07 25.54 -7.39
C SER G 17 -61.26 25.54 -8.91
N ALA G 18 -61.21 26.74 -9.49
CA ALA G 18 -61.40 26.92 -10.91
C ALA G 18 -60.06 27.01 -11.61
N ARG G 19 -60.01 26.55 -12.84
CA ARG G 19 -58.78 26.47 -13.60
C ARG G 19 -59.02 27.03 -15.00
N LEU G 20 -58.70 28.31 -15.18
CA LEU G 20 -58.88 28.96 -16.46
C LEU G 20 -57.63 28.81 -17.31
N THR G 21 -57.82 28.79 -18.62
CA THR G 21 -56.73 28.57 -19.54
C THR G 21 -56.71 29.68 -20.58
N CYS G 22 -55.51 29.94 -21.10
CA CYS G 22 -55.29 30.96 -22.13
C CYS G 22 -54.28 30.36 -23.09
N THR G 23 -54.72 30.00 -24.29
CA THR G 23 -53.82 29.37 -25.26
C THR G 23 -53.56 30.23 -26.49
N LEU G 24 -52.31 30.20 -26.95
CA LEU G 24 -51.90 30.95 -28.12
C LEU G 24 -52.16 30.13 -29.38
N PRO G 25 -51.47 30.43 -30.46
CA PRO G 25 -51.65 29.70 -31.71
C PRO G 25 -50.62 28.58 -31.91
N SER G 26 -50.90 27.65 -32.82
CA SER G 26 -49.99 26.54 -33.07
C SER G 26 -48.53 26.98 -33.04
N ASP G 27 -48.30 28.26 -33.29
CA ASP G 27 -46.96 28.82 -33.29
C ASP G 27 -46.64 29.53 -31.97
N ILE G 28 -45.35 29.76 -31.72
CA ILE G 28 -44.93 30.43 -30.50
C ILE G 28 -44.97 29.49 -29.31
N ASN G 29 -43.82 29.26 -28.70
CA ASN G 29 -43.71 28.38 -27.54
C ASN G 29 -44.09 29.07 -26.24
N VAL G 30 -45.39 29.09 -25.93
CA VAL G 30 -45.86 29.74 -24.70
C VAL G 30 -44.86 29.66 -23.55
N SER G 31 -43.97 28.68 -23.57
CA SER G 31 -42.88 28.72 -22.60
C SER G 31 -41.76 29.61 -23.12
N SER G 32 -42.13 30.76 -23.65
CA SER G 32 -41.17 31.77 -24.09
C SER G 32 -41.63 33.17 -23.70
N TYR G 33 -42.83 33.31 -23.17
CA TYR G 33 -43.43 34.57 -22.83
C TYR G 33 -43.81 34.53 -21.36
N ASN G 34 -43.98 35.68 -20.75
CA ASN G 34 -44.61 35.73 -19.44
C ASN G 34 -46.04 36.18 -19.63
N ILE G 35 -46.96 35.53 -18.93
CA ILE G 35 -48.39 35.77 -19.12
C ILE G 35 -48.87 36.62 -17.97
N TYR G 36 -49.64 37.66 -18.28
CA TYR G 36 -50.22 38.52 -17.25
C TYR G 36 -51.72 38.25 -17.18
N TRP G 37 -52.29 38.41 -16.00
CA TRP G 37 -53.70 38.14 -15.81
C TRP G 37 -54.40 39.33 -15.20
N TYR G 38 -55.51 39.74 -15.79
CA TYR G 38 -56.31 40.86 -15.32
C TYR G 38 -57.71 40.37 -14.99
N GLN G 39 -58.34 41.05 -14.05
CA GLN G 39 -59.70 40.72 -13.64
C GLN G 39 -60.56 41.96 -13.72
N GLN G 40 -61.78 41.82 -14.20
CA GLN G 40 -62.67 42.95 -14.32
C GLN G 40 -64.05 42.58 -13.79
N LYS G 41 -64.48 43.27 -12.73
CA LYS G 41 -65.84 43.16 -12.29
C LYS G 41 -66.73 43.96 -13.22
N PRO G 42 -68.04 43.73 -13.18
CA PRO G 42 -68.94 44.59 -13.95
C PRO G 42 -69.03 45.97 -13.34
N GLY G 43 -69.18 46.98 -14.19
CA GLY G 43 -69.26 48.34 -13.72
C GLY G 43 -67.99 48.85 -13.09
N SER G 44 -66.83 48.48 -13.63
CA SER G 44 -65.56 48.84 -13.03
C SER G 44 -64.46 48.56 -14.04
N PRO G 45 -63.34 49.25 -13.96
CA PRO G 45 -62.24 48.98 -14.86
C PRO G 45 -61.49 47.74 -14.42
N PRO G 46 -60.67 47.15 -15.28
CA PRO G 46 -59.93 45.95 -14.91
C PRO G 46 -58.93 46.22 -13.80
N ARG G 47 -58.17 45.20 -13.48
CA ARG G 47 -57.30 45.22 -12.33
C ARG G 47 -56.25 44.13 -12.48
N TYR G 48 -55.00 44.47 -12.21
CA TYR G 48 -53.91 43.52 -12.38
C TYR G 48 -53.94 42.47 -11.30
N LEU G 49 -53.60 41.23 -11.65
CA LEU G 49 -53.59 40.14 -10.69
C LEU G 49 -52.20 39.55 -10.49
N LEU G 50 -51.56 39.04 -11.54
CA LEU G 50 -50.26 38.42 -11.39
C LEU G 50 -49.70 38.13 -12.78
N TYR G 51 -48.47 37.65 -12.81
CA TYR G 51 -47.87 37.21 -14.04
C TYR G 51 -47.03 35.99 -13.75
N TYR G 52 -46.88 35.14 -14.75
CA TYR G 52 -46.14 33.91 -14.56
C TYR G 52 -45.21 33.68 -15.73
N TYR G 53 -44.01 33.19 -15.41
CA TYR G 53 -43.05 32.70 -16.40
C TYR G 53 -42.13 31.78 -15.61
N SER G 54 -42.26 30.47 -15.83
CA SER G 54 -41.19 29.59 -15.38
C SER G 54 -40.88 29.69 -13.89
N ASP G 55 -41.68 29.03 -13.06
CA ASP G 55 -41.61 29.16 -11.61
C ASP G 55 -40.19 29.40 -11.13
N SER G 56 -40.07 30.31 -10.14
CA SER G 56 -38.88 31.08 -9.81
C SER G 56 -38.75 32.31 -10.70
N ASP G 57 -39.81 32.65 -11.42
CA ASP G 57 -39.94 33.94 -12.08
C ASP G 57 -41.37 34.43 -12.01
N LYS G 58 -42.05 34.18 -10.90
CA LYS G 58 -43.44 34.54 -10.69
C LYS G 58 -43.60 36.02 -10.36
N GLY G 59 -44.77 36.39 -9.87
CA GLY G 59 -44.98 37.73 -9.33
C GLY G 59 -46.44 38.05 -9.06
N GLN G 60 -46.72 38.67 -7.92
CA GLN G 60 -48.10 38.92 -7.53
C GLN G 60 -48.43 40.40 -7.70
N GLY G 61 -49.64 40.78 -7.31
CA GLY G 61 -50.15 42.07 -7.72
C GLY G 61 -50.67 43.02 -6.67
N SER G 62 -50.04 43.07 -5.50
CA SER G 62 -50.27 44.16 -4.55
C SER G 62 -51.73 44.28 -4.13
N GLY G 63 -52.23 43.31 -3.38
CA GLY G 63 -53.63 43.27 -3.03
C GLY G 63 -54.33 42.03 -3.54
N VAL G 64 -53.58 41.09 -4.06
CA VAL G 64 -54.13 39.86 -4.64
C VAL G 64 -53.79 38.71 -3.70
N PRO G 65 -54.75 38.23 -2.92
CA PRO G 65 -54.46 37.17 -1.95
C PRO G 65 -53.89 35.94 -2.64
N SER G 66 -53.22 35.11 -1.85
CA SER G 66 -52.48 33.99 -2.41
C SER G 66 -53.36 32.90 -2.98
N ARG G 67 -54.67 33.09 -3.02
CA ARG G 67 -55.52 32.14 -3.73
C ARG G 67 -55.15 32.05 -5.19
N PHE G 68 -55.20 33.17 -5.89
CA PHE G 68 -54.87 33.23 -7.30
C PHE G 68 -53.43 32.81 -7.52
N SER G 69 -53.21 31.86 -8.41
CA SER G 69 -51.85 31.43 -8.73
C SER G 69 -51.78 31.08 -10.20
N GLY G 70 -50.69 31.44 -10.84
CA GLY G 70 -50.51 31.18 -12.25
C GLY G 70 -49.56 30.04 -12.48
N SER G 71 -49.75 29.34 -13.60
CA SER G 71 -48.80 28.34 -14.04
C SER G 71 -48.87 28.28 -15.55
N LYS G 72 -48.19 27.28 -16.12
CA LYS G 72 -47.94 27.29 -17.54
C LYS G 72 -47.59 25.88 -17.95
N ASP G 73 -48.36 25.28 -18.86
CA ASP G 73 -48.08 23.91 -19.27
C ASP G 73 -47.61 23.91 -20.71
N ALA G 74 -46.52 23.19 -20.96
CA ALA G 74 -45.79 23.37 -22.20
C ALA G 74 -46.53 22.74 -23.37
N SER G 75 -46.73 21.42 -23.33
CA SER G 75 -47.24 20.72 -24.52
C SER G 75 -48.75 20.85 -24.63
N ALA G 76 -49.23 22.06 -24.43
CA ALA G 76 -50.54 22.46 -24.90
C ALA G 76 -50.53 23.90 -25.40
N ASN G 77 -49.40 24.61 -25.34
CA ASN G 77 -49.35 26.03 -25.62
C ASN G 77 -50.41 26.77 -24.80
N THR G 78 -50.27 26.67 -23.50
CA THR G 78 -51.33 27.11 -22.61
C THR G 78 -50.74 27.69 -21.33
N GLY G 79 -51.22 28.87 -20.96
CA GLY G 79 -51.01 29.40 -19.62
C GLY G 79 -52.28 29.16 -18.82
N ILE G 80 -52.12 29.06 -17.50
CA ILE G 80 -53.20 28.62 -16.63
C ILE G 80 -53.31 29.58 -15.47
N LEU G 81 -54.51 30.06 -15.22
CA LEU G 81 -54.82 30.75 -13.98
C LEU G 81 -55.55 29.76 -13.10
N LEU G 82 -55.28 29.79 -11.80
CA LEU G 82 -55.83 28.82 -10.87
C LEU G 82 -56.36 29.59 -9.69
N ILE G 83 -57.67 29.62 -9.54
CA ILE G 83 -58.29 30.13 -8.33
C ILE G 83 -58.57 28.95 -7.44
N SER G 84 -58.19 29.06 -6.17
CA SER G 84 -58.37 27.96 -5.23
C SER G 84 -59.16 28.49 -4.04
N GLY G 85 -60.38 28.02 -3.89
CA GLY G 85 -61.22 28.48 -2.81
C GLY G 85 -62.10 29.63 -3.24
N LEU G 86 -62.86 29.43 -4.31
CA LEU G 86 -63.73 30.46 -4.82
C LEU G 86 -64.63 30.98 -3.72
N GLN G 87 -65.05 32.24 -3.86
CA GLN G 87 -65.99 32.85 -2.95
C GLN G 87 -67.01 33.61 -3.78
N SER G 88 -67.86 34.39 -3.13
CA SER G 88 -68.90 35.12 -3.83
C SER G 88 -68.44 36.49 -4.29
N GLU G 89 -67.14 36.67 -4.48
CA GLU G 89 -66.59 37.93 -4.99
C GLU G 89 -65.64 37.69 -6.15
N ASP G 90 -65.81 36.60 -6.88
CA ASP G 90 -64.96 36.30 -8.04
C ASP G 90 -65.74 36.27 -9.33
N GLU G 91 -66.99 36.72 -9.32
CA GLU G 91 -67.76 36.84 -10.55
C GLU G 91 -67.16 38.00 -11.34
N ALA G 92 -66.35 37.66 -12.33
CA ALA G 92 -65.63 38.67 -13.08
C ALA G 92 -65.16 38.06 -14.38
N ASP G 93 -64.61 38.90 -15.24
CA ASP G 93 -64.03 38.47 -16.51
C ASP G 93 -62.52 38.50 -16.37
N TYR G 94 -61.87 37.44 -16.81
CA TYR G 94 -60.44 37.29 -16.58
C TYR G 94 -59.74 37.26 -17.93
N TYR G 95 -58.89 38.24 -18.17
CA TYR G 95 -58.19 38.37 -19.44
C TYR G 95 -56.73 38.03 -19.27
N CYS G 96 -56.16 37.41 -20.28
CA CYS G 96 -54.73 37.12 -20.30
C CYS G 96 -54.07 38.03 -21.31
N MET G 97 -52.88 38.52 -20.96
CA MET G 97 -52.17 39.47 -21.79
C MET G 97 -50.73 39.03 -21.96
N ILE G 98 -50.15 39.40 -23.10
CA ILE G 98 -48.73 39.25 -23.35
C ILE G 98 -48.19 40.57 -23.87
N TRP G 99 -46.92 40.82 -23.61
CA TRP G 99 -46.29 42.09 -23.96
C TRP G 99 -44.93 41.80 -24.59
N PRO G 100 -44.93 41.63 -25.91
CA PRO G 100 -43.70 41.39 -26.65
C PRO G 100 -43.33 42.64 -27.43
N SER G 101 -42.23 43.27 -27.08
CA SER G 101 -41.81 44.48 -27.78
C SER G 101 -42.79 45.60 -27.50
N ASN G 102 -42.33 46.65 -26.83
CA ASN G 102 -43.18 47.78 -26.49
C ASN G 102 -43.80 48.42 -27.73
N ALA G 103 -44.27 47.59 -28.64
CA ALA G 103 -44.88 48.08 -29.87
C ALA G 103 -46.34 47.63 -29.95
N LEU G 104 -46.64 46.49 -29.35
CA LEU G 104 -48.00 45.95 -29.36
C LEU G 104 -48.33 45.28 -28.03
N TYR G 105 -49.58 45.39 -27.61
CA TYR G 105 -50.03 44.81 -26.36
C TYR G 105 -51.24 43.96 -26.67
N VAL G 106 -51.09 42.65 -26.56
CA VAL G 106 -52.11 41.71 -27.02
C VAL G 106 -52.96 41.26 -25.86
N PHE G 107 -54.26 41.43 -25.97
CA PHE G 107 -55.19 40.99 -24.95
C PHE G 107 -55.85 39.67 -25.36
N GLY G 108 -56.31 38.94 -24.36
CA GLY G 108 -57.07 37.72 -24.59
C GLY G 108 -58.45 38.03 -25.10
N THR G 109 -59.34 37.05 -24.99
CA THR G 109 -60.70 37.21 -25.46
C THR G 109 -61.72 37.20 -24.35
N GLY G 110 -61.30 37.11 -23.10
CA GLY G 110 -62.28 37.17 -22.04
C GLY G 110 -62.76 35.80 -21.62
N THR G 111 -63.14 35.70 -20.35
CA THR G 111 -63.66 34.45 -19.80
C THR G 111 -64.49 34.78 -18.58
N LYS G 112 -65.77 34.47 -18.64
CA LYS G 112 -66.65 34.73 -17.50
C LYS G 112 -66.43 33.66 -16.45
N VAL G 113 -66.66 34.00 -15.20
CA VAL G 113 -66.59 33.05 -14.10
C VAL G 113 -67.72 33.37 -13.15
N THR G 114 -68.48 32.36 -12.75
CA THR G 114 -69.60 32.56 -11.85
C THR G 114 -69.55 31.48 -10.76
N VAL G 115 -69.75 31.90 -9.53
CA VAL G 115 -69.86 30.95 -8.43
C VAL G 115 -71.33 30.66 -8.19
N LEU G 116 -71.71 29.40 -8.37
CA LEU G 116 -73.11 29.01 -8.31
C LEU G 116 -73.65 29.15 -6.89
N GLY G 117 -74.51 30.14 -6.71
CA GLY G 117 -75.14 30.34 -5.42
C GLY G 117 -76.58 29.84 -5.44
N GLN G 118 -76.89 29.05 -6.45
CA GLN G 118 -78.22 28.49 -6.63
C GLN G 118 -78.10 27.20 -7.42
N PRO G 119 -79.08 26.31 -7.35
CA PRO G 119 -79.01 25.10 -8.19
C PRO G 119 -79.21 25.46 -9.64
N LYS G 120 -78.79 24.59 -10.55
CA LYS G 120 -78.91 24.89 -11.98
C LYS G 120 -80.37 24.96 -12.38
N ALA G 121 -80.63 25.30 -13.64
CA ALA G 121 -81.99 25.38 -14.14
C ALA G 121 -82.00 25.02 -15.61
N ALA G 122 -83.21 24.88 -16.14
CA ALA G 122 -83.39 24.47 -17.52
C ALA G 122 -83.81 25.68 -18.35
N PRO G 123 -83.12 26.00 -19.41
CA PRO G 123 -83.53 27.16 -20.21
C PRO G 123 -84.84 26.92 -20.91
N SER G 124 -85.92 27.50 -20.40
CA SER G 124 -87.20 27.42 -21.07
C SER G 124 -87.16 28.22 -22.35
N VAL G 125 -87.46 27.57 -23.47
CA VAL G 125 -87.39 28.17 -24.80
C VAL G 125 -88.80 28.33 -25.33
N THR G 126 -89.02 29.38 -26.10
CA THR G 126 -90.31 29.64 -26.72
C THR G 126 -90.09 30.34 -28.06
N LEU G 127 -90.72 29.83 -29.11
CA LEU G 127 -90.46 30.31 -30.46
C LEU G 127 -91.76 30.78 -31.09
N PHE G 128 -91.69 31.86 -31.84
CA PHE G 128 -92.85 32.45 -32.51
C PHE G 128 -92.52 32.77 -33.96
N PRO G 129 -93.42 32.46 -34.88
CA PRO G 129 -93.22 32.81 -36.29
C PRO G 129 -93.75 34.21 -36.57
N PRO G 130 -93.41 34.77 -37.73
CA PRO G 130 -93.91 36.12 -38.05
C PRO G 130 -95.43 36.15 -38.10
N SER G 131 -96.01 37.14 -37.43
CA SER G 131 -97.45 37.28 -37.38
C SER G 131 -98.00 37.64 -38.77
N SER G 132 -99.33 37.59 -38.87
CA SER G 132 -99.99 37.80 -40.16
C SER G 132 -99.82 39.22 -40.67
N GLU G 133 -100.02 40.22 -39.81
CA GLU G 133 -99.85 41.61 -40.23
C GLU G 133 -98.44 41.86 -40.74
N GLU G 134 -97.44 41.21 -40.14
CA GLU G 134 -96.08 41.35 -40.62
C GLU G 134 -95.91 40.71 -41.99
N LEU G 135 -96.60 39.57 -42.22
CA LEU G 135 -96.60 38.99 -43.55
C LEU G 135 -97.17 39.96 -44.58
N GLN G 136 -98.28 40.60 -44.24
CA GLN G 136 -98.83 41.64 -45.11
C GLN G 136 -97.91 42.84 -45.20
N ALA G 137 -97.02 43.02 -44.23
CA ALA G 137 -96.09 44.14 -44.20
C ALA G 137 -94.83 43.89 -45.00
N ASN G 138 -94.81 42.84 -45.82
CA ASN G 138 -93.71 42.55 -46.74
C ASN G 138 -92.41 42.25 -45.98
N LYS G 139 -92.53 41.72 -44.77
CA LYS G 139 -91.38 41.33 -43.98
C LYS G 139 -91.76 40.18 -43.06
N ALA G 140 -90.76 39.67 -42.35
CA ALA G 140 -90.94 38.48 -41.52
C ALA G 140 -89.84 38.45 -40.47
N THR G 141 -90.20 38.07 -39.25
CA THR G 141 -89.23 37.97 -38.16
C THR G 141 -89.60 36.80 -37.28
N LEU G 142 -88.63 35.91 -37.06
CA LEU G 142 -88.77 34.82 -36.10
C LEU G 142 -88.29 35.30 -34.74
N VAL G 143 -88.96 34.84 -33.69
CA VAL G 143 -88.74 35.34 -32.33
C VAL G 143 -88.43 34.16 -31.43
N CYS G 144 -87.22 34.10 -30.89
CA CYS G 144 -86.79 33.02 -30.00
C CYS G 144 -86.49 33.61 -28.63
N LEU G 145 -87.28 33.23 -27.63
CA LEU G 145 -87.14 33.72 -26.27
C LEU G 145 -86.59 32.62 -25.38
N ILE G 146 -85.64 32.95 -24.53
CA ILE G 146 -85.03 32.02 -23.59
C ILE G 146 -85.22 32.61 -22.20
N SER G 147 -85.54 31.76 -21.22
CA SER G 147 -85.77 32.29 -19.89
C SER G 147 -85.44 31.26 -18.84
N ASP G 148 -85.14 31.75 -17.64
CA ASP G 148 -84.95 30.92 -16.45
C ASP G 148 -83.86 29.87 -16.63
N PHE G 149 -82.62 30.29 -16.82
CA PHE G 149 -81.54 29.35 -17.07
C PHE G 149 -80.32 29.65 -16.23
N TYR G 150 -80.49 29.74 -14.91
CA TYR G 150 -79.65 30.50 -13.98
C TYR G 150 -78.18 30.63 -14.37
N PRO G 151 -77.44 29.57 -14.68
CA PRO G 151 -76.08 29.80 -15.19
C PRO G 151 -76.15 30.32 -16.62
N GLY G 152 -75.58 31.50 -16.83
CA GLY G 152 -75.91 32.31 -18.00
C GLY G 152 -75.18 32.08 -19.32
N ALA G 153 -74.45 30.97 -19.46
CA ALA G 153 -73.65 30.77 -20.66
C ALA G 153 -74.43 30.18 -21.83
N VAL G 154 -75.57 30.77 -22.17
CA VAL G 154 -76.39 30.25 -23.26
C VAL G 154 -75.79 30.66 -24.60
N THR G 155 -75.97 29.82 -25.63
CA THR G 155 -75.75 30.24 -27.00
C THR G 155 -76.85 29.66 -27.88
N VAL G 156 -76.99 30.22 -29.08
CA VAL G 156 -78.14 29.96 -29.94
C VAL G 156 -77.66 29.65 -31.35
N ALA G 157 -78.39 28.79 -32.05
CA ALA G 157 -78.18 28.53 -33.47
C ALA G 157 -79.53 28.41 -34.17
N TRP G 158 -79.60 28.92 -35.39
CA TRP G 158 -80.84 28.99 -36.15
C TRP G 158 -80.80 28.03 -37.34
N LYS G 159 -81.96 27.46 -37.64
CA LYS G 159 -82.06 26.38 -38.60
C LYS G 159 -83.18 26.65 -39.61
N ALA G 160 -82.81 26.61 -40.90
CA ALA G 160 -83.76 26.41 -41.98
C ALA G 160 -83.89 24.91 -42.19
N ASP G 161 -84.84 24.50 -43.03
CA ASP G 161 -85.42 23.15 -43.00
C ASP G 161 -84.44 22.07 -42.55
N SER G 162 -83.21 22.11 -43.07
CA SER G 162 -82.17 21.18 -42.64
C SER G 162 -80.84 21.86 -42.37
N SER G 163 -80.65 23.08 -42.80
CA SER G 163 -79.31 23.63 -42.69
C SER G 163 -79.25 24.72 -41.61
N PRO G 164 -78.06 25.02 -41.10
CA PRO G 164 -77.94 26.18 -40.22
C PRO G 164 -77.86 27.46 -41.03
N VAL G 165 -78.26 28.56 -40.40
CA VAL G 165 -78.22 29.88 -41.03
C VAL G 165 -77.44 30.82 -40.11
N LYS G 166 -76.75 31.80 -40.70
CA LYS G 166 -75.96 32.75 -39.93
C LYS G 166 -76.14 34.20 -40.41
N ALA G 167 -77.27 34.53 -41.03
CA ALA G 167 -77.51 35.88 -41.52
C ALA G 167 -78.92 36.33 -41.12
N GLY G 168 -79.02 37.56 -40.63
CA GLY G 168 -80.30 38.11 -40.23
C GLY G 168 -80.71 37.81 -38.80
N VAL G 169 -79.78 37.41 -37.95
CA VAL G 169 -80.11 37.04 -36.58
C VAL G 169 -79.43 38.00 -35.61
N GLU G 170 -80.17 38.41 -34.58
CA GLU G 170 -79.66 39.28 -33.53
C GLU G 170 -79.93 38.60 -32.18
N THR G 171 -78.95 38.69 -31.28
CA THR G 171 -79.01 37.95 -30.02
C THR G 171 -78.71 38.88 -28.86
N THR G 172 -79.67 38.98 -27.94
CA THR G 172 -79.46 39.76 -26.73
C THR G 172 -78.44 39.08 -25.83
N THR G 173 -77.69 39.87 -25.10
CA THR G 173 -76.88 39.33 -24.03
C THR G 173 -77.80 38.94 -22.88
N PRO G 174 -77.45 37.94 -22.09
CA PRO G 174 -78.32 37.52 -20.99
C PRO G 174 -78.52 38.62 -19.97
N SER G 175 -79.76 38.73 -19.50
CA SER G 175 -80.13 39.76 -18.54
C SER G 175 -80.74 39.13 -17.31
N LYS G 176 -80.39 39.65 -16.15
CA LYS G 176 -80.85 39.07 -14.89
C LYS G 176 -82.25 39.54 -14.56
N GLN G 177 -83.10 38.61 -14.14
CA GLN G 177 -84.47 38.90 -13.77
C GLN G 177 -84.56 39.18 -12.26
N SER G 178 -85.78 39.21 -11.74
CA SER G 178 -85.96 39.37 -10.30
C SER G 178 -85.52 38.14 -9.54
N ASN G 179 -85.91 36.96 -9.99
CA ASN G 179 -85.53 35.70 -9.36
C ASN G 179 -84.05 35.40 -9.51
N ASN G 180 -83.28 36.34 -10.03
CA ASN G 180 -81.83 36.24 -10.10
C ASN G 180 -81.39 35.10 -11.01
N LYS G 181 -82.27 34.69 -11.92
CA LYS G 181 -81.82 33.96 -13.08
C LYS G 181 -81.90 34.85 -14.31
N TYR G 182 -81.61 34.28 -15.47
CA TYR G 182 -81.37 35.07 -16.66
C TYR G 182 -82.46 34.89 -17.70
N ALA G 183 -82.38 35.72 -18.74
CA ALA G 183 -83.31 35.71 -19.86
C ALA G 183 -82.59 36.28 -21.06
N ALA G 184 -83.00 35.87 -22.25
CA ALA G 184 -82.38 36.33 -23.47
C ALA G 184 -83.38 36.21 -24.61
N SER G 185 -83.01 36.77 -25.75
CA SER G 185 -83.91 36.79 -26.90
C SER G 185 -83.08 36.91 -28.17
N SER G 186 -83.62 36.38 -29.26
CA SER G 186 -82.98 36.44 -30.57
C SER G 186 -84.04 36.60 -31.64
N TYR G 187 -83.68 37.32 -32.69
CA TYR G 187 -84.57 37.68 -33.78
C TYR G 187 -83.97 37.23 -35.08
N LEU G 188 -84.82 36.76 -35.99
CA LEU G 188 -84.41 36.30 -37.30
C LEU G 188 -85.15 37.11 -38.35
N SER G 189 -84.40 37.75 -39.24
CA SER G 189 -84.98 38.57 -40.30
C SER G 189 -85.17 37.72 -41.55
N LEU G 190 -86.35 37.83 -42.17
CA LEU G 190 -86.71 37.02 -43.33
C LEU G 190 -87.65 37.81 -44.22
N THR G 191 -87.46 37.67 -45.52
CA THR G 191 -88.53 38.09 -46.41
C THR G 191 -89.60 37.00 -46.48
N PRO G 192 -90.88 37.40 -46.53
CA PRO G 192 -91.95 36.37 -46.48
C PRO G 192 -91.83 35.32 -47.55
N GLU G 193 -91.24 35.65 -48.70
CA GLU G 193 -91.04 34.61 -49.73
C GLU G 193 -90.02 33.58 -49.27
N GLN G 194 -89.01 34.00 -48.50
CA GLN G 194 -88.12 33.03 -47.87
C GLN G 194 -88.81 32.33 -46.71
N TRP G 195 -89.75 33.02 -46.06
CA TRP G 195 -90.52 32.39 -44.99
C TRP G 195 -91.30 31.20 -45.49
N LYS G 196 -91.95 31.34 -46.65
CA LYS G 196 -92.66 30.21 -47.23
C LYS G 196 -91.78 29.34 -48.11
N SER G 197 -90.56 29.81 -48.40
CA SER G 197 -89.62 29.04 -49.20
C SER G 197 -89.28 27.74 -48.47
N HIS G 198 -88.73 27.85 -47.25
CA HIS G 198 -88.38 26.69 -46.47
C HIS G 198 -89.59 26.22 -45.65
N ARG G 199 -89.73 24.89 -45.54
CA ARG G 199 -90.95 24.33 -44.96
C ARG G 199 -91.01 24.53 -43.46
N SER G 200 -89.87 24.72 -42.80
CA SER G 200 -89.90 24.96 -41.37
C SER G 200 -88.55 25.48 -40.90
N TYR G 201 -88.57 26.26 -39.84
CA TYR G 201 -87.37 26.76 -39.19
C TYR G 201 -87.36 26.33 -37.74
N SER G 202 -86.22 26.53 -37.09
CA SER G 202 -86.11 26.21 -35.67
C SER G 202 -85.04 27.04 -35.01
N CYS G 203 -85.19 27.22 -33.70
CA CYS G 203 -84.20 27.86 -32.84
C CYS G 203 -83.73 26.82 -31.85
N GLN G 204 -82.41 26.60 -31.80
CA GLN G 204 -81.83 25.70 -30.83
C GLN G 204 -80.95 26.51 -29.89
N VAL G 205 -80.89 26.10 -28.62
CA VAL G 205 -80.09 26.77 -27.61
C VAL G 205 -79.25 25.70 -26.92
N THR G 206 -77.97 25.98 -26.74
CA THR G 206 -77.07 25.09 -26.02
C THR G 206 -76.62 25.78 -24.74
N HIS G 207 -76.49 24.97 -23.69
CA HIS G 207 -76.34 25.46 -22.33
C HIS G 207 -75.72 24.34 -21.52
N GLU G 208 -74.46 24.51 -21.10
CA GLU G 208 -73.72 23.50 -20.34
C GLU G 208 -73.69 22.16 -21.04
N GLY G 209 -73.36 22.14 -22.33
CA GLY G 209 -73.36 20.90 -23.09
C GLY G 209 -74.75 20.51 -23.52
N SER G 210 -75.71 20.57 -22.61
CA SER G 210 -77.09 20.27 -22.92
C SER G 210 -77.61 21.17 -24.02
N THR G 211 -78.68 20.73 -24.68
CA THR G 211 -79.28 21.47 -25.78
C THR G 211 -80.77 21.25 -25.76
N VAL G 212 -81.54 22.30 -26.02
CA VAL G 212 -82.96 22.17 -26.28
C VAL G 212 -83.29 23.02 -27.49
N GLU G 213 -84.14 22.51 -28.36
CA GLU G 213 -84.51 23.18 -29.59
C GLU G 213 -86.02 23.20 -29.73
N LYS G 214 -86.56 24.27 -30.31
CA LYS G 214 -87.95 24.33 -30.70
C LYS G 214 -88.02 24.65 -32.20
N THR G 215 -89.15 24.30 -32.80
CA THR G 215 -89.30 24.34 -34.26
C THR G 215 -90.71 24.81 -34.61
N VAL G 216 -90.82 25.59 -35.69
CA VAL G 216 -92.10 26.01 -36.21
C VAL G 216 -92.07 25.92 -37.73
N ALA G 217 -93.20 25.51 -38.31
CA ALA G 217 -93.36 25.41 -39.74
C ALA G 217 -94.39 26.44 -40.18
N PRO G 218 -94.17 27.09 -41.33
CA PRO G 218 -95.19 28.00 -41.86
C PRO G 218 -96.52 27.31 -42.07
N THR G 219 -97.50 27.70 -41.26
CA THR G 219 -98.88 27.20 -41.32
C THR G 219 -98.95 25.68 -41.45
#